data_6Y3X
#
_entry.id   6Y3X
#
_cell.length_a   165.271
_cell.length_b   318.247
_cell.length_c   184.022
_cell.angle_alpha   90.000
_cell.angle_beta   90.000
_cell.angle_gamma   90.000
#
_symmetry.space_group_name_H-M   'C 2 2 21'
#
_entity_poly.entity_id   1
_entity_poly.type   'polypeptide(L)'
_entity_poly.pdbx_seq_one_letter_code
;ENLYFQGKTVVFVYKDTLKSYKEKFLLKIEKDLKNHHEYYTLKLDDLSEVVEILEENSRICCIVLDRASFNIEAFHNIAH
LNTKLPIFVASDYSQSIKLNLRDFNLNINFLQYDALAGEDSDFIHKTITNYFNDILPPLTYELFKYSKSFNSAFCTPGHQ
GGYGFQRSAVGALFYDFYGENIFKTDLSISMKELGSLLDHSEAHKDAEEYISKVFKSDRSLIVTNGTSTANKIVGMYSVA
DGDTILVDRNCHKSVTHLMMMVDVNPIYLKPTRNAYGIIGGIPKKEFKRETIQEKIDNSNIADKWPEYAVVTNSTYDGIL
YNTDTIHRELDVKKLHFDSAWIPYAIFHPIYKHKSAMQIEPRPEHIIFETQSTH(LLP)LLAAFSQSSMLHIKGDYNEEV
LNEAFMLHTSTSPFYPIVASVETAAAMMEGEQGYNLIDKTINLAIDFRRELIKLRSEANGWFFDVWQPDNISNKEAWLLR
NADKWHGFKNVDGDFLSLDPIKITILTPGIKDNDVQDWGVPADVVAKFLDEHDIVVEKSGPYSLLFIFSLGTTKAKSVRL
ISVLNKFKQMYDENTLVEKMLPTLYAEDPKFYEDMRIQEVSERLHQYMKEANLPNLMYHAFNVLPEQQLNPHRAFQKLLK
GKVKKVPLAELYEHTSAVMILPYPPGIPVIFPGEKITEESKVILDFLLMLEKIGSMLPGFDTDIHGPERAKDGKLYIKVI
D
;
_entity_poly.pdbx_strand_id   A,B,C,D,E
#
# COMPACT_ATOMS: atom_id res chain seq x y z
N GLU A 1 -33.62 -15.06 9.45
CA GLU A 1 -33.97 -13.83 10.15
C GLU A 1 -33.38 -13.81 11.56
N ASN A 2 -32.28 -13.07 11.70
CA ASN A 2 -31.58 -12.78 12.96
C ASN A 2 -31.20 -14.05 13.74
N LEU A 3 -31.23 -15.22 13.11
CA LEU A 3 -30.76 -16.46 13.71
C LEU A 3 -29.71 -17.05 12.78
N TYR A 4 -28.48 -17.11 13.26
CA TYR A 4 -27.36 -17.48 12.39
C TYR A 4 -26.13 -17.78 13.26
N PHE A 5 -25.09 -18.28 12.58
CA PHE A 5 -23.82 -18.55 13.23
C PHE A 5 -23.23 -17.27 13.82
N GLN A 6 -22.21 -17.44 14.66
CA GLN A 6 -21.46 -16.28 15.12
C GLN A 6 -20.52 -15.77 14.03
N GLY A 7 -19.58 -16.61 13.60
CA GLY A 7 -18.74 -16.28 12.48
C GLY A 7 -19.34 -16.74 11.17
N LYS A 8 -20.37 -16.04 10.69
CA LYS A 8 -20.96 -16.37 9.39
C LYS A 8 -19.94 -16.07 8.30
N THR A 9 -19.31 -17.11 7.76
CA THR A 9 -18.37 -16.93 6.67
C THR A 9 -18.91 -17.56 5.39
N VAL A 10 -18.58 -16.93 4.27
CA VAL A 10 -18.91 -17.41 2.95
C VAL A 10 -17.61 -17.52 2.16
N VAL A 11 -17.33 -18.70 1.64
CA VAL A 11 -16.05 -18.98 0.99
C VAL A 11 -16.17 -18.68 -0.50
N PHE A 12 -15.44 -17.66 -0.95
CA PHE A 12 -15.22 -17.43 -2.37
C PHE A 12 -14.01 -18.24 -2.80
N VAL A 13 -14.17 -19.08 -3.82
CA VAL A 13 -13.06 -19.84 -4.38
C VAL A 13 -13.12 -19.74 -5.91
N TYR A 14 -12.36 -18.80 -6.44
CA TYR A 14 -12.17 -18.65 -7.88
C TYR A 14 -10.70 -18.80 -8.21
N LYS A 15 -10.42 -19.51 -9.29
CA LYS A 15 -9.04 -19.78 -9.70
C LYS A 15 -8.28 -18.47 -9.87
N ASP A 16 -7.17 -18.34 -9.14
CA ASP A 16 -6.27 -17.22 -9.33
C ASP A 16 -5.94 -17.07 -10.81
N THR A 17 -5.68 -15.81 -11.22
CA THR A 17 -5.62 -15.42 -12.63
C THR A 17 -6.98 -15.57 -13.31
N LEU A 18 -8.03 -15.05 -12.67
CA LEU A 18 -9.33 -14.92 -13.30
C LEU A 18 -9.29 -13.83 -14.37
N LYS A 19 -10.42 -13.67 -15.06
CA LYS A 19 -10.60 -12.54 -15.95
C LYS A 19 -10.91 -11.28 -15.13
N SER A 20 -10.56 -10.12 -15.70
CA SER A 20 -10.69 -8.88 -14.96
C SER A 20 -12.13 -8.61 -14.55
N TYR A 21 -13.08 -8.81 -15.47
CA TYR A 21 -14.47 -8.49 -15.17
C TYR A 21 -15.11 -9.54 -14.27
N LYS A 22 -14.61 -10.77 -14.28
CA LYS A 22 -15.11 -11.78 -13.36
C LYS A 22 -14.57 -11.54 -11.95
N GLU A 23 -13.31 -11.10 -11.85
CA GLU A 23 -12.77 -10.69 -10.56
C GLU A 23 -13.64 -9.62 -9.91
N LYS A 24 -13.93 -8.54 -10.65
CA LYS A 24 -14.72 -7.45 -10.10
C LYS A 24 -16.13 -7.92 -9.74
N PHE A 25 -16.67 -8.88 -10.48
CA PHE A 25 -18.00 -9.39 -10.16
C PHE A 25 -18.03 -10.06 -8.80
N LEU A 26 -17.16 -11.05 -8.59
CA LEU A 26 -17.15 -11.79 -7.33
C LEU A 26 -16.79 -10.90 -6.15
N LEU A 27 -15.98 -9.86 -6.39
CA LEU A 27 -15.63 -8.94 -5.31
C LEU A 27 -16.77 -7.96 -5.00
N LYS A 28 -17.55 -7.58 -6.01
CA LYS A 28 -18.67 -6.69 -5.77
C LYS A 28 -19.73 -7.36 -4.88
N ILE A 29 -19.94 -8.66 -5.08
CA ILE A 29 -20.87 -9.41 -4.23
C ILE A 29 -20.21 -9.91 -2.96
N GLU A 30 -18.88 -9.85 -2.86
CA GLU A 30 -18.21 -10.11 -1.59
C GLU A 30 -18.37 -8.91 -0.66
N LYS A 31 -18.06 -7.71 -1.16
CA LYS A 31 -18.29 -6.49 -0.38
C LYS A 31 -19.77 -6.34 -0.01
N ASP A 32 -20.66 -6.56 -0.99
CA ASP A 32 -22.09 -6.47 -0.71
C ASP A 32 -22.50 -7.44 0.40
N LEU A 33 -21.96 -8.65 0.38
CA LEU A 33 -22.26 -9.61 1.44
C LEU A 33 -21.69 -9.17 2.77
N LYS A 34 -20.55 -8.47 2.77
CA LYS A 34 -19.96 -7.99 4.01
C LYS A 34 -20.76 -6.81 4.58
N ASN A 35 -20.95 -5.77 3.77
CA ASN A 35 -21.51 -4.51 4.28
C ASN A 35 -23.01 -4.59 4.53
N HIS A 36 -23.71 -5.49 3.85
CA HIS A 36 -25.09 -5.83 4.20
C HIS A 36 -25.11 -7.17 4.93
N HIS A 37 -25.84 -7.23 6.03
CA HIS A 37 -26.00 -8.43 6.86
C HIS A 37 -24.68 -9.11 7.20
N GLU A 38 -23.65 -8.29 7.44
CA GLU A 38 -22.47 -8.62 8.24
C GLU A 38 -21.96 -10.06 8.04
N TYR A 39 -21.50 -10.34 6.83
CA TYR A 39 -20.89 -11.64 6.56
C TYR A 39 -19.37 -11.57 6.70
N TYR A 40 -18.76 -12.74 6.82
CA TYR A 40 -17.32 -12.91 6.79
C TYR A 40 -16.94 -13.69 5.54
N THR A 41 -15.70 -13.52 5.06
CA THR A 41 -15.34 -14.06 3.75
C THR A 41 -13.96 -14.70 3.77
N LEU A 42 -13.87 -15.86 3.12
CA LEU A 42 -12.62 -16.48 2.73
C LEU A 42 -12.47 -16.45 1.22
N LYS A 43 -11.23 -16.28 0.75
CA LYS A 43 -10.87 -16.50 -0.64
C LYS A 43 -9.86 -17.63 -0.72
N LEU A 44 -10.10 -18.58 -1.61
CA LEU A 44 -9.24 -19.75 -1.76
C LEU A 44 -8.91 -19.95 -3.23
N ASP A 45 -7.97 -20.86 -3.49
CA ASP A 45 -7.50 -21.12 -4.85
C ASP A 45 -8.13 -22.34 -5.50
N ASP A 46 -8.70 -23.26 -4.73
CA ASP A 46 -9.35 -24.43 -5.29
C ASP A 46 -10.28 -25.03 -4.25
N LEU A 47 -11.23 -25.83 -4.74
CA LEU A 47 -12.23 -26.42 -3.86
C LEU A 47 -11.64 -27.44 -2.91
N SER A 48 -10.52 -28.07 -3.29
CA SER A 48 -9.85 -29.04 -2.42
C SER A 48 -9.57 -28.46 -1.04
N GLU A 49 -9.24 -27.17 -0.97
CA GLU A 49 -9.05 -26.52 0.31
C GLU A 49 -10.34 -26.50 1.13
N VAL A 50 -11.48 -26.32 0.46
CA VAL A 50 -12.75 -26.17 1.17
C VAL A 50 -13.10 -27.44 1.94
N VAL A 51 -12.98 -28.59 1.28
CA VAL A 51 -13.29 -29.85 1.95
C VAL A 51 -12.39 -30.06 3.17
N GLU A 52 -11.15 -29.59 3.09
CA GLU A 52 -10.28 -29.58 4.27
C GLU A 52 -10.89 -28.74 5.38
N ILE A 53 -11.33 -27.51 5.06
CA ILE A 53 -11.82 -26.60 6.06
C ILE A 53 -13.14 -27.10 6.65
N LEU A 54 -14.03 -27.62 5.81
CA LEU A 54 -15.35 -28.05 6.28
C LEU A 54 -15.24 -29.14 7.34
N GLU A 55 -14.19 -29.96 7.30
CA GLU A 55 -14.02 -31.02 8.28
C GLU A 55 -13.44 -30.51 9.60
N GLU A 56 -13.19 -29.21 9.71
CA GLU A 56 -12.70 -28.56 10.92
C GLU A 56 -13.57 -27.40 11.36
N ASN A 57 -14.10 -26.62 10.41
CA ASN A 57 -14.93 -25.46 10.72
C ASN A 57 -16.25 -25.63 9.98
N SER A 58 -17.36 -25.56 10.73
CA SER A 58 -18.68 -25.73 10.15
C SER A 58 -19.50 -24.45 10.21
N ARG A 59 -18.87 -23.32 10.51
CA ARG A 59 -19.54 -22.03 10.42
C ARG A 59 -19.34 -21.33 9.09
N ILE A 60 -18.78 -22.03 8.10
CA ILE A 60 -18.91 -21.57 6.72
C ILE A 60 -20.31 -21.95 6.25
N CYS A 61 -21.00 -21.00 5.62
CA CYS A 61 -22.42 -21.18 5.34
C CYS A 61 -22.78 -20.89 3.89
N CYS A 62 -21.79 -20.86 3.00
CA CYS A 62 -22.01 -20.71 1.57
C CYS A 62 -20.68 -20.86 0.85
N ILE A 63 -20.74 -21.41 -0.37
CA ILE A 63 -19.59 -21.52 -1.25
C ILE A 63 -19.99 -20.96 -2.61
N VAL A 64 -19.37 -19.87 -3.02
CA VAL A 64 -19.57 -19.29 -4.34
C VAL A 64 -18.25 -19.37 -5.09
N LEU A 65 -18.25 -20.12 -6.20
CA LEU A 65 -17.03 -20.40 -6.95
C LEU A 65 -17.22 -20.04 -8.41
N ASP A 66 -16.14 -19.53 -9.02
CA ASP A 66 -16.11 -19.39 -10.46
C ASP A 66 -16.03 -20.77 -11.10
N ARG A 67 -16.59 -20.89 -12.30
CA ARG A 67 -16.73 -22.22 -12.92
C ARG A 67 -15.37 -22.87 -13.19
N ALA A 68 -14.33 -22.07 -13.37
CA ALA A 68 -12.98 -22.64 -13.52
C ALA A 68 -12.64 -23.56 -12.35
N SER A 69 -12.96 -23.14 -11.13
CA SER A 69 -12.60 -23.89 -9.93
C SER A 69 -13.54 -25.05 -9.64
N PHE A 70 -14.48 -25.33 -10.54
CA PHE A 70 -15.39 -26.47 -10.37
C PHE A 70 -14.56 -27.75 -10.32
N ASN A 71 -14.87 -28.61 -9.35
CA ASN A 71 -14.13 -29.85 -9.16
C ASN A 71 -15.09 -30.98 -8.87
N ILE A 72 -14.99 -32.05 -9.66
CA ILE A 72 -15.87 -33.21 -9.49
C ILE A 72 -15.67 -33.84 -8.12
N GLU A 73 -14.41 -33.98 -7.70
CA GLU A 73 -14.10 -34.68 -6.46
C GLU A 73 -14.68 -33.93 -5.25
N ALA A 74 -14.32 -32.65 -5.10
CA ALA A 74 -14.78 -31.86 -3.96
C ALA A 74 -16.29 -31.88 -3.82
N PHE A 75 -17.02 -31.87 -4.93
CA PHE A 75 -18.47 -31.86 -4.85
C PHE A 75 -19.02 -33.19 -4.35
N HIS A 76 -18.36 -34.31 -4.68
CA HIS A 76 -18.73 -35.57 -4.06
C HIS A 76 -18.45 -35.56 -2.56
N ASN A 77 -17.31 -34.98 -2.16
CA ASN A 77 -16.96 -34.93 -0.74
C ASN A 77 -17.86 -33.96 0.02
N ILE A 78 -18.12 -32.78 -0.56
CA ILE A 78 -19.04 -31.83 0.05
C ILE A 78 -20.43 -32.45 0.20
N ALA A 79 -20.83 -33.27 -0.78
CA ALA A 79 -22.10 -33.98 -0.69
C ALA A 79 -22.18 -34.81 0.57
N HIS A 80 -21.14 -35.59 0.86
CA HIS A 80 -21.13 -36.47 2.02
C HIS A 80 -20.86 -35.73 3.32
N LEU A 81 -20.66 -34.42 3.28
CA LEU A 81 -20.48 -33.61 4.48
C LEU A 81 -21.70 -32.75 4.81
N ASN A 82 -22.28 -32.08 3.82
CA ASN A 82 -23.42 -31.20 4.07
C ASN A 82 -24.19 -31.04 2.76
N THR A 83 -25.31 -31.75 2.63
CA THR A 83 -26.12 -31.62 1.43
C THR A 83 -26.84 -30.29 1.37
N LYS A 84 -27.23 -29.73 2.51
CA LYS A 84 -27.98 -28.49 2.56
C LYS A 84 -27.13 -27.24 2.37
N LEU A 85 -25.80 -27.38 2.36
CA LEU A 85 -24.92 -26.22 2.32
C LEU A 85 -25.08 -25.47 0.99
N PRO A 86 -25.41 -24.19 1.01
CA PRO A 86 -25.58 -23.44 -0.24
C PRO A 86 -24.28 -23.39 -1.06
N ILE A 87 -24.40 -23.71 -2.34
CA ILE A 87 -23.30 -23.63 -3.29
C ILE A 87 -23.73 -22.77 -4.47
N PHE A 88 -22.81 -21.95 -4.98
CA PHE A 88 -23.09 -21.06 -6.10
C PHE A 88 -21.95 -21.16 -7.11
N VAL A 89 -22.28 -21.40 -8.37
CA VAL A 89 -21.30 -21.50 -9.45
C VAL A 89 -21.53 -20.34 -10.39
N ALA A 90 -20.58 -19.41 -10.45
CA ALA A 90 -20.65 -18.28 -11.35
C ALA A 90 -19.95 -18.64 -12.66
N SER A 91 -20.66 -18.50 -13.78
CA SER A 91 -20.10 -18.81 -15.08
C SER A 91 -20.71 -17.90 -16.14
N ASP A 92 -19.96 -17.67 -17.21
CA ASP A 92 -20.48 -16.92 -18.34
C ASP A 92 -21.25 -17.84 -19.27
N TYR A 93 -21.69 -17.29 -20.41
CA TYR A 93 -22.44 -18.03 -21.42
C TYR A 93 -21.53 -18.92 -22.28
N SER A 94 -20.85 -19.87 -21.63
CA SER A 94 -19.87 -20.67 -22.36
C SER A 94 -19.87 -22.16 -22.08
N GLN A 95 -20.37 -22.64 -20.94
CA GLN A 95 -20.03 -24.01 -20.50
C GLN A 95 -21.24 -24.69 -19.87
N SER A 96 -21.47 -25.95 -20.25
CA SER A 96 -22.54 -26.77 -19.71
C SER A 96 -22.02 -27.67 -18.59
N ILE A 97 -22.95 -28.41 -17.98
CA ILE A 97 -22.73 -28.97 -16.65
C ILE A 97 -21.86 -30.23 -16.72
N LYS A 98 -21.24 -30.55 -15.59
CA LYS A 98 -20.63 -31.86 -15.38
C LYS A 98 -21.68 -32.84 -14.87
N LEU A 99 -21.70 -34.04 -15.44
CA LEU A 99 -22.81 -34.97 -15.25
C LEU A 99 -22.85 -35.58 -13.86
N ASN A 100 -21.71 -35.61 -13.14
CA ASN A 100 -21.68 -36.15 -11.78
C ASN A 100 -22.81 -35.60 -10.91
N LEU A 101 -23.20 -34.34 -11.13
CA LEU A 101 -24.10 -33.66 -10.21
C LEU A 101 -25.57 -34.01 -10.45
N ARG A 102 -25.91 -34.56 -11.62
CA ARG A 102 -27.21 -35.18 -11.85
C ARG A 102 -27.66 -36.00 -10.65
N ASP A 103 -26.79 -36.90 -10.17
CA ASP A 103 -27.14 -37.73 -9.02
C ASP A 103 -26.96 -36.97 -7.71
N PHE A 104 -25.85 -36.24 -7.58
CA PHE A 104 -25.54 -35.58 -6.31
C PHE A 104 -26.57 -34.51 -6.00
N ASN A 105 -27.01 -34.46 -4.74
CA ASN A 105 -27.99 -33.48 -4.31
C ASN A 105 -27.30 -32.50 -3.37
N LEU A 106 -26.77 -31.43 -3.95
CA LEU A 106 -26.27 -30.30 -3.19
C LEU A 106 -27.28 -29.17 -3.26
N ASN A 107 -26.98 -28.07 -2.57
CA ASN A 107 -27.79 -26.86 -2.66
C ASN A 107 -27.18 -25.90 -3.67
N ILE A 108 -27.01 -26.39 -4.89
CA ILE A 108 -26.34 -25.63 -5.93
C ILE A 108 -27.35 -24.73 -6.63
N ASN A 109 -27.00 -23.46 -6.77
CA ASN A 109 -27.60 -22.55 -7.72
C ASN A 109 -26.50 -22.03 -8.62
N PHE A 110 -26.89 -21.42 -9.73
CA PHE A 110 -25.91 -20.97 -10.72
C PHE A 110 -26.11 -19.49 -11.01
N LEU A 111 -25.03 -18.74 -10.94
CA LEU A 111 -25.01 -17.33 -11.29
C LEU A 111 -24.36 -17.17 -12.65
N GLN A 112 -24.76 -16.11 -13.36
CA GLN A 112 -24.17 -15.77 -14.64
C GLN A 112 -23.49 -14.42 -14.53
N TYR A 113 -22.32 -14.29 -15.15
CA TYR A 113 -21.62 -13.02 -15.12
C TYR A 113 -22.38 -11.99 -15.94
N ASP A 114 -22.69 -10.86 -15.33
CA ASP A 114 -23.61 -9.89 -15.91
C ASP A 114 -23.51 -8.59 -15.10
N ALA A 115 -24.38 -7.64 -15.42
CA ALA A 115 -24.46 -6.41 -14.63
C ALA A 115 -24.93 -6.68 -13.21
N LEU A 116 -26.04 -7.39 -13.06
CA LEU A 116 -26.71 -7.53 -11.77
C LEU A 116 -25.86 -8.38 -10.83
N ALA A 117 -25.11 -7.71 -9.95
CA ALA A 117 -24.28 -8.36 -8.96
C ALA A 117 -24.89 -8.27 -7.56
N GLY A 118 -25.25 -7.06 -7.12
CA GLY A 118 -25.90 -6.91 -5.82
C GLY A 118 -27.20 -7.67 -5.73
N GLU A 119 -27.89 -7.83 -6.86
CA GLU A 119 -29.04 -8.73 -6.92
C GLU A 119 -28.65 -10.14 -6.47
N ASP A 120 -27.60 -10.69 -7.07
CA ASP A 120 -27.11 -12.01 -6.67
C ASP A 120 -26.72 -12.02 -5.20
N SER A 121 -26.10 -10.94 -4.72
CA SER A 121 -25.77 -10.83 -3.30
C SER A 121 -27.01 -10.99 -2.43
N ASP A 122 -28.14 -10.40 -2.86
CA ASP A 122 -29.38 -10.58 -2.14
C ASP A 122 -29.91 -12.01 -2.33
N PHE A 123 -29.75 -12.56 -3.53
CA PHE A 123 -30.17 -13.93 -3.79
C PHE A 123 -29.36 -14.91 -2.93
N ILE A 124 -28.07 -14.65 -2.78
CA ILE A 124 -27.23 -15.51 -1.94
C ILE A 124 -27.66 -15.42 -0.48
N HIS A 125 -27.90 -14.20 0.00
CA HIS A 125 -28.30 -14.01 1.39
C HIS A 125 -29.58 -14.77 1.73
N LYS A 126 -30.54 -14.80 0.80
CA LYS A 126 -31.79 -15.51 1.06
C LYS A 126 -31.56 -17.01 1.20
N THR A 127 -30.85 -17.60 0.23
CA THR A 127 -30.60 -19.03 0.29
C THR A 127 -29.72 -19.42 1.47
N ILE A 128 -29.00 -18.47 2.06
CA ILE A 128 -28.28 -18.74 3.29
C ILE A 128 -29.22 -18.73 4.49
N THR A 129 -30.04 -17.68 4.60
CA THR A 129 -30.97 -17.59 5.73
C THR A 129 -31.99 -18.72 5.68
N ASN A 130 -32.29 -19.25 4.49
CA ASN A 130 -33.06 -20.47 4.39
C ASN A 130 -32.30 -21.64 5.02
N TYR A 131 -31.02 -21.77 4.67
CA TYR A 131 -30.19 -22.81 5.27
C TYR A 131 -30.15 -22.70 6.79
N PHE A 132 -30.12 -21.47 7.31
CA PHE A 132 -30.04 -21.30 8.76
C PHE A 132 -31.34 -21.71 9.43
N ASN A 133 -32.47 -21.45 8.78
CA ASN A 133 -33.76 -21.85 9.34
C ASN A 133 -33.98 -23.36 9.24
N ASP A 134 -33.49 -23.98 8.16
CA ASP A 134 -33.81 -25.36 7.83
C ASP A 134 -32.81 -26.37 8.41
N ILE A 135 -32.12 -26.05 9.50
CA ILE A 135 -31.19 -26.99 10.12
C ILE A 135 -31.50 -27.25 11.59
N LEU A 136 -32.33 -26.44 12.23
CA LEU A 136 -32.72 -26.75 13.59
C LEU A 136 -33.87 -27.75 13.62
N PRO A 137 -33.90 -28.64 14.61
CA PRO A 137 -35.05 -29.53 14.78
C PRO A 137 -36.26 -28.75 15.27
N PRO A 138 -37.49 -29.33 15.16
CA PRO A 138 -38.70 -28.52 15.34
C PRO A 138 -38.82 -27.78 16.67
N LEU A 139 -38.77 -28.48 17.80
CA LEU A 139 -38.98 -27.80 19.08
C LEU A 139 -37.88 -26.78 19.37
N THR A 140 -36.62 -27.14 19.11
CA THR A 140 -35.51 -26.21 19.30
C THR A 140 -35.75 -24.92 18.51
N TYR A 141 -36.09 -25.06 17.23
CA TYR A 141 -36.38 -23.90 16.39
C TYR A 141 -37.54 -23.09 16.97
N GLU A 142 -38.64 -23.77 17.32
CA GLU A 142 -39.78 -23.08 17.93
C GLU A 142 -39.37 -22.35 19.20
N LEU A 143 -38.63 -23.02 20.07
CA LEU A 143 -38.15 -22.39 21.29
C LEU A 143 -37.29 -21.17 21.00
N PHE A 144 -36.35 -21.31 20.05
CA PHE A 144 -35.47 -20.20 19.70
C PHE A 144 -36.27 -19.02 19.16
N LYS A 145 -37.27 -19.29 18.33
CA LYS A 145 -38.07 -18.23 17.74
C LYS A 145 -38.82 -17.43 18.80
N TYR A 146 -39.44 -18.13 19.76
CA TYR A 146 -40.16 -17.47 20.85
C TYR A 146 -39.29 -16.43 21.55
N SER A 147 -38.01 -16.74 21.74
CA SER A 147 -37.09 -15.82 22.42
C SER A 147 -37.14 -14.41 21.82
N LYS A 148 -37.34 -14.32 20.50
CA LYS A 148 -37.31 -13.04 19.82
C LYS A 148 -38.58 -12.22 20.02
N SER A 149 -39.64 -12.81 20.56
CA SER A 149 -40.85 -12.06 20.88
C SER A 149 -40.64 -11.22 22.14
N PHE A 150 -41.57 -10.28 22.33
CA PHE A 150 -41.63 -9.44 23.53
C PHE A 150 -43.03 -9.58 24.10
N ASN A 151 -43.14 -10.23 25.26
CA ASN A 151 -44.41 -10.81 25.68
C ASN A 151 -45.06 -10.14 26.89
N SER A 152 -44.28 -9.52 27.79
CA SER A 152 -44.85 -8.82 28.95
C SER A 152 -45.72 -9.76 29.79
N ALA A 153 -45.08 -10.76 30.36
CA ALA A 153 -45.75 -11.87 31.00
C ALA A 153 -45.92 -11.63 32.50
N PHE A 154 -46.96 -12.24 33.07
CA PHE A 154 -47.24 -12.18 34.49
C PHE A 154 -47.37 -13.60 35.05
N CYS A 155 -46.41 -14.46 34.73
CA CYS A 155 -46.53 -15.90 34.95
C CYS A 155 -45.17 -16.43 35.40
N THR A 156 -45.03 -17.79 35.39
CA THR A 156 -43.79 -18.47 35.73
C THR A 156 -42.94 -18.70 34.49
N PRO A 157 -41.60 -18.73 34.61
CA PRO A 157 -40.80 -18.55 35.84
C PRO A 157 -40.80 -17.14 36.38
N GLY A 158 -40.46 -16.99 37.66
CA GLY A 158 -40.52 -15.70 38.31
C GLY A 158 -39.54 -14.69 37.77
N HIS A 159 -38.43 -15.14 37.19
CA HIS A 159 -37.49 -14.21 36.57
C HIS A 159 -38.07 -13.58 35.31
N GLN A 160 -39.09 -14.19 34.73
CA GLN A 160 -39.87 -13.62 33.62
C GLN A 160 -38.96 -13.11 32.50
N GLY A 161 -38.19 -14.05 31.95
CA GLY A 161 -37.32 -13.75 30.83
C GLY A 161 -36.07 -12.97 31.16
N GLY A 162 -35.65 -12.96 32.43
CA GLY A 162 -34.44 -12.30 32.84
C GLY A 162 -34.65 -11.04 33.66
N TYR A 163 -35.82 -10.40 33.52
CA TYR A 163 -36.08 -9.12 34.16
C TYR A 163 -35.90 -9.17 35.68
N GLY A 164 -36.01 -10.35 36.28
CA GLY A 164 -35.87 -10.44 37.72
C GLY A 164 -34.42 -10.44 38.17
N PHE A 165 -33.51 -10.96 37.35
CA PHE A 165 -32.10 -10.91 37.67
C PHE A 165 -31.53 -9.50 37.63
N GLN A 166 -32.18 -8.58 36.93
CA GLN A 166 -31.65 -7.23 36.79
C GLN A 166 -31.81 -6.39 38.04
N ARG A 167 -32.78 -6.72 38.90
CA ARG A 167 -33.08 -5.88 40.05
C ARG A 167 -31.98 -5.93 41.11
N SER A 168 -31.16 -6.99 41.12
CA SER A 168 -30.11 -7.14 42.12
C SER A 168 -28.76 -7.24 41.44
N ALA A 169 -27.70 -7.00 42.23
CA ALA A 169 -26.35 -6.97 41.69
C ALA A 169 -25.84 -8.37 41.37
N VAL A 170 -25.86 -9.26 42.37
CA VAL A 170 -25.45 -10.64 42.14
C VAL A 170 -26.28 -11.28 41.04
N GLY A 171 -27.57 -10.94 40.99
CA GLY A 171 -28.40 -11.36 39.86
C GLY A 171 -27.83 -10.91 38.53
N ALA A 172 -27.42 -9.65 38.44
CA ALA A 172 -26.89 -9.12 37.19
C ALA A 172 -25.60 -9.81 36.79
N LEU A 173 -24.73 -10.11 37.75
CA LEU A 173 -23.50 -10.83 37.44
C LEU A 173 -23.79 -12.24 36.94
N PHE A 174 -24.77 -12.89 37.54
CA PHE A 174 -25.19 -14.21 37.05
C PHE A 174 -25.79 -14.10 35.66
N TYR A 175 -26.68 -13.12 35.47
CA TYR A 175 -27.32 -12.92 34.16
C TYR A 175 -26.29 -12.68 33.08
N ASP A 176 -25.35 -11.76 33.33
CA ASP A 176 -24.34 -11.42 32.32
C ASP A 176 -23.44 -12.61 32.00
N PHE A 177 -23.00 -13.33 33.03
CA PHE A 177 -22.15 -14.51 32.83
C PHE A 177 -22.77 -15.49 31.84
N TYR A 178 -24.05 -15.81 31.99
CA TYR A 178 -24.63 -16.92 31.26
C TYR A 178 -25.27 -16.51 29.94
N GLY A 179 -25.75 -15.28 29.83
CA GLY A 179 -26.24 -14.81 28.55
C GLY A 179 -27.75 -14.72 28.41
N GLU A 180 -28.19 -13.60 27.81
CA GLU A 180 -29.59 -13.28 27.58
C GLU A 180 -30.46 -14.46 27.17
N ASN A 181 -30.00 -15.24 26.19
CA ASN A 181 -30.87 -16.21 25.52
C ASN A 181 -31.26 -17.37 26.42
N ILE A 182 -30.37 -17.82 27.31
CA ILE A 182 -30.72 -18.94 28.19
C ILE A 182 -31.91 -18.60 29.07
N PHE A 183 -32.10 -17.31 29.38
CA PHE A 183 -33.25 -16.90 30.17
C PHE A 183 -34.49 -16.64 29.32
N LYS A 184 -34.32 -16.11 28.10
CA LYS A 184 -35.46 -15.89 27.23
C LYS A 184 -36.06 -17.19 26.70
N THR A 185 -35.33 -18.29 26.77
CA THR A 185 -35.85 -19.60 26.39
C THR A 185 -36.17 -20.45 27.61
N ASP A 186 -36.29 -19.84 28.77
CA ASP A 186 -36.67 -20.53 30.00
C ASP A 186 -38.17 -20.34 30.17
N LEU A 187 -38.95 -21.19 29.52
CA LEU A 187 -40.39 -21.04 29.43
C LEU A 187 -41.09 -22.05 30.35
N SER A 188 -42.41 -21.93 30.41
CA SER A 188 -43.27 -22.85 31.13
C SER A 188 -44.45 -23.21 30.25
N ILE A 189 -45.27 -24.16 30.74
CA ILE A 189 -46.50 -24.51 30.04
C ILE A 189 -47.46 -23.33 29.96
N SER A 190 -47.25 -22.30 30.78
CA SER A 190 -48.12 -21.13 30.75
C SER A 190 -48.04 -20.37 29.44
N MET A 191 -47.01 -20.62 28.63
CA MET A 191 -46.92 -20.08 27.27
C MET A 191 -47.33 -21.21 26.34
N LYS A 192 -48.62 -21.23 25.99
CA LYS A 192 -49.27 -22.40 25.41
C LYS A 192 -48.81 -22.74 24.00
N GLU A 193 -48.00 -21.88 23.36
CA GLU A 193 -47.60 -22.14 21.98
C GLU A 193 -46.72 -23.37 21.83
N LEU A 194 -46.03 -23.79 22.90
CA LEU A 194 -45.17 -24.97 22.85
C LEU A 194 -45.82 -26.21 23.42
N GLY A 195 -46.97 -26.08 24.07
CA GLY A 195 -47.57 -27.21 24.76
C GLY A 195 -46.75 -27.64 25.97
N SER A 196 -46.87 -28.92 26.31
CA SER A 196 -46.25 -29.47 27.51
C SER A 196 -45.38 -30.67 27.16
N LEU A 197 -44.39 -30.91 28.03
CA LEU A 197 -43.59 -32.14 27.90
C LEU A 197 -44.36 -33.35 28.39
N LEU A 198 -44.93 -33.28 29.60
CA LEU A 198 -45.64 -34.41 30.17
C LEU A 198 -46.91 -34.73 29.40
N ASP A 199 -47.47 -33.77 28.67
CA ASP A 199 -48.60 -34.00 27.79
C ASP A 199 -48.17 -34.49 26.41
N HIS A 200 -46.92 -34.25 26.02
CA HIS A 200 -46.44 -34.52 24.67
C HIS A 200 -47.31 -33.81 23.63
N SER A 201 -47.32 -32.49 23.71
CA SER A 201 -48.18 -31.64 22.92
C SER A 201 -47.41 -31.06 21.74
N GLU A 202 -48.02 -30.06 21.07
CA GLU A 202 -47.72 -29.67 19.70
C GLU A 202 -46.24 -29.65 19.37
N ALA A 203 -45.48 -28.78 20.04
CA ALA A 203 -44.04 -28.72 19.80
C ALA A 203 -43.34 -29.97 20.32
N HIS A 204 -43.59 -30.31 21.59
CA HIS A 204 -42.92 -31.45 22.22
C HIS A 204 -43.11 -32.75 21.43
N LYS A 205 -44.37 -33.06 21.09
CA LYS A 205 -44.64 -34.25 20.29
C LYS A 205 -43.78 -34.29 19.03
N ASP A 206 -43.72 -33.18 18.30
CA ASP A 206 -42.89 -33.13 17.09
C ASP A 206 -41.44 -33.47 17.41
N ALA A 207 -40.93 -32.98 18.53
CA ALA A 207 -39.57 -33.30 18.94
C ALA A 207 -39.44 -34.78 19.31
N GLU A 208 -40.38 -35.28 20.12
CA GLU A 208 -40.35 -36.68 20.53
C GLU A 208 -40.40 -37.62 19.33
N GLU A 209 -41.26 -37.31 18.36
CA GLU A 209 -41.35 -38.13 17.16
C GLU A 209 -40.07 -38.05 16.33
N TYR A 210 -39.52 -36.84 16.19
CA TYR A 210 -38.26 -36.66 15.47
C TYR A 210 -37.17 -37.57 16.02
N ILE A 211 -36.97 -37.55 17.35
CA ILE A 211 -35.94 -38.37 17.97
C ILE A 211 -36.17 -39.85 17.70
N SER A 212 -37.42 -40.30 17.91
CA SER A 212 -37.75 -41.71 17.67
C SER A 212 -37.38 -42.13 16.24
N LYS A 213 -37.74 -41.30 15.26
CA LYS A 213 -37.37 -41.57 13.88
C LYS A 213 -35.87 -41.58 13.68
N VAL A 214 -35.14 -40.73 14.42
CA VAL A 214 -33.70 -40.59 14.19
C VAL A 214 -32.95 -41.82 14.69
N PHE A 215 -33.30 -42.31 15.87
CA PHE A 215 -32.61 -43.43 16.49
C PHE A 215 -33.19 -44.78 16.11
N LYS A 216 -34.08 -44.82 15.11
CA LYS A 216 -34.70 -46.06 14.65
C LYS A 216 -35.45 -46.74 15.79
N SER A 217 -36.29 -45.96 16.46
CA SER A 217 -37.02 -46.40 17.63
C SER A 217 -38.51 -46.37 17.37
N ASP A 218 -39.24 -47.35 17.93
CA ASP A 218 -40.69 -47.35 17.81
C ASP A 218 -41.30 -46.13 18.47
N ARG A 219 -40.78 -45.74 19.63
CA ARG A 219 -41.28 -44.58 20.37
C ARG A 219 -40.17 -44.11 21.28
N SER A 220 -40.01 -42.79 21.39
CA SER A 220 -38.94 -42.21 22.18
C SER A 220 -39.47 -41.12 23.09
N LEU A 221 -38.85 -41.01 24.26
CA LEU A 221 -39.22 -40.06 25.30
C LEU A 221 -37.97 -39.29 25.72
N ILE A 222 -38.13 -38.01 26.00
CA ILE A 222 -37.01 -37.17 26.41
C ILE A 222 -37.11 -36.98 27.92
N VAL A 223 -35.97 -37.02 28.60
CA VAL A 223 -35.90 -37.03 30.04
C VAL A 223 -34.92 -35.95 30.47
N THR A 224 -35.35 -35.11 31.43
CA THR A 224 -34.58 -33.94 31.82
C THR A 224 -33.99 -34.07 33.22
N ASN A 225 -33.91 -35.28 33.75
CA ASN A 225 -33.25 -35.53 35.02
C ASN A 225 -32.37 -36.76 34.92
N GLY A 226 -31.61 -36.85 33.82
CA GLY A 226 -30.62 -37.90 33.67
C GLY A 226 -31.23 -39.25 33.34
N THR A 227 -30.35 -40.15 32.88
CA THR A 227 -30.76 -41.54 32.69
C THR A 227 -31.21 -42.17 34.00
N SER A 228 -30.61 -41.77 35.12
CA SER A 228 -31.05 -42.21 36.44
C SER A 228 -32.57 -42.13 36.58
N THR A 229 -33.17 -41.07 36.04
CA THR A 229 -34.61 -40.94 36.05
C THR A 229 -35.25 -41.82 34.98
N ALA A 230 -34.65 -41.86 33.79
CA ALA A 230 -35.17 -42.72 32.72
C ALA A 230 -35.24 -44.17 33.15
N ASN A 231 -34.18 -44.66 33.82
CA ASN A 231 -34.20 -46.03 34.33
C ASN A 231 -35.38 -46.28 35.24
N LYS A 232 -35.67 -45.33 36.14
CA LYS A 232 -36.77 -45.50 37.07
C LYS A 232 -38.12 -45.47 36.37
N ILE A 233 -38.25 -44.66 35.31
CA ILE A 233 -39.47 -44.67 34.50
C ILE A 233 -39.70 -46.06 33.92
N VAL A 234 -38.66 -46.63 33.29
CA VAL A 234 -38.77 -47.96 32.69
C VAL A 234 -39.24 -48.99 33.72
N GLY A 235 -38.51 -49.08 34.84
CA GLY A 235 -38.86 -49.99 35.92
C GLY A 235 -40.30 -49.91 36.37
N MET A 236 -40.71 -48.74 36.88
CA MET A 236 -42.06 -48.59 37.41
C MET A 236 -43.13 -48.83 36.35
N TYR A 237 -42.78 -48.80 35.07
CA TYR A 237 -43.69 -49.25 34.02
C TYR A 237 -43.72 -50.77 33.94
N SER A 238 -42.55 -51.40 33.95
CA SER A 238 -42.45 -52.83 33.68
C SER A 238 -42.74 -53.68 34.90
N VAL A 239 -42.65 -53.13 36.10
CA VAL A 239 -42.57 -53.93 37.32
C VAL A 239 -43.63 -53.48 38.31
N ALA A 240 -44.39 -54.43 38.82
CA ALA A 240 -45.31 -54.24 39.93
C ALA A 240 -44.82 -55.06 41.11
N ASP A 241 -45.01 -54.55 42.32
CA ASP A 241 -44.34 -55.14 43.48
C ASP A 241 -44.81 -56.57 43.70
N GLY A 242 -43.86 -57.50 43.74
CA GLY A 242 -44.19 -58.90 43.91
C GLY A 242 -43.48 -59.83 42.96
N ASP A 243 -43.34 -59.44 41.70
CA ASP A 243 -42.70 -60.34 40.76
C ASP A 243 -41.19 -60.10 40.75
N THR A 244 -40.47 -61.05 40.17
CA THR A 244 -39.01 -61.07 40.23
C THR A 244 -38.43 -60.30 39.05
N ILE A 245 -37.24 -59.74 39.25
CA ILE A 245 -36.54 -58.99 38.21
C ILE A 245 -35.15 -59.57 38.01
N LEU A 246 -34.69 -59.57 36.75
CA LEU A 246 -33.34 -59.99 36.41
C LEU A 246 -32.45 -58.74 36.35
N VAL A 247 -31.35 -58.76 37.11
CA VAL A 247 -30.48 -57.60 37.25
C VAL A 247 -29.07 -57.97 36.85
N ASP A 248 -28.44 -57.10 36.08
CA ASP A 248 -26.99 -57.15 35.92
C ASP A 248 -26.35 -56.80 37.25
N ARG A 249 -25.52 -57.71 37.79
CA ARG A 249 -24.88 -57.44 39.06
C ARG A 249 -24.10 -56.13 39.03
N ASN A 250 -23.40 -55.88 37.93
CA ASN A 250 -22.68 -54.62 37.72
C ASN A 250 -23.61 -53.60 37.07
N CYS A 251 -24.62 -53.19 37.84
CA CYS A 251 -25.59 -52.20 37.39
C CYS A 251 -25.29 -50.83 37.99
N HIS A 252 -26.03 -49.84 37.50
CA HIS A 252 -25.88 -48.48 38.01
C HIS A 252 -26.47 -48.35 39.41
N LYS A 253 -25.96 -47.36 40.14
CA LYS A 253 -26.55 -46.90 41.40
C LYS A 253 -28.05 -46.73 41.30
N SER A 254 -28.54 -46.32 40.12
CA SER A 254 -29.95 -46.01 39.95
C SER A 254 -30.82 -47.25 39.85
N VAL A 255 -30.29 -48.35 39.31
CA VAL A 255 -31.04 -49.60 39.26
C VAL A 255 -31.46 -50.02 40.66
N THR A 256 -30.49 -50.10 41.58
CA THR A 256 -30.81 -50.36 42.98
C THR A 256 -31.81 -49.35 43.52
N HIS A 257 -31.59 -48.06 43.23
CA HIS A 257 -32.52 -47.02 43.66
C HIS A 257 -33.96 -47.34 43.25
N LEU A 258 -34.13 -47.89 42.05
CA LEU A 258 -35.46 -48.31 41.62
C LEU A 258 -35.96 -49.47 42.47
N MET A 259 -35.13 -50.51 42.63
CA MET A 259 -35.49 -51.66 43.46
C MET A 259 -35.89 -51.27 44.88
N MET A 260 -35.36 -50.14 45.38
CA MET A 260 -35.52 -49.80 46.79
C MET A 260 -36.90 -49.23 47.13
N MET A 261 -37.73 -48.93 46.13
CA MET A 261 -39.07 -48.39 46.40
C MET A 261 -40.17 -49.21 45.75
N VAL A 262 -39.85 -50.38 45.20
CA VAL A 262 -40.81 -51.34 44.70
C VAL A 262 -40.47 -52.68 45.32
N ASP A 263 -41.47 -53.34 45.90
CA ASP A 263 -41.19 -54.58 46.61
C ASP A 263 -40.90 -55.69 45.61
N VAL A 264 -39.65 -55.80 45.18
CA VAL A 264 -39.27 -56.69 44.09
C VAL A 264 -37.98 -57.41 44.46
N ASN A 265 -37.88 -58.66 44.03
CA ASN A 265 -36.73 -59.49 44.37
C ASN A 265 -35.84 -59.67 43.16
N PRO A 266 -34.55 -59.37 43.27
CA PRO A 266 -33.65 -59.56 42.14
C PRO A 266 -32.86 -60.87 42.19
N ILE A 267 -32.56 -61.44 41.02
CA ILE A 267 -31.42 -62.35 40.88
C ILE A 267 -30.41 -61.65 39.98
N TYR A 268 -29.16 -61.62 40.41
CA TYR A 268 -28.14 -60.90 39.68
C TYR A 268 -27.42 -61.83 38.71
N LEU A 269 -27.06 -61.29 37.54
CA LEU A 269 -26.32 -62.02 36.52
C LEU A 269 -24.84 -61.78 36.76
N LYS A 270 -24.13 -62.81 37.24
CA LYS A 270 -22.72 -62.73 37.59
C LYS A 270 -21.85 -62.40 36.38
N PRO A 271 -21.28 -61.19 36.33
CA PRO A 271 -20.39 -60.85 35.22
C PRO A 271 -18.93 -61.09 35.59
N THR A 272 -18.10 -61.14 34.54
CA THR A 272 -16.68 -61.38 34.72
C THR A 272 -15.94 -60.08 34.98
N ARG A 273 -14.67 -60.21 35.34
CA ARG A 273 -13.76 -59.08 35.52
C ARG A 273 -12.34 -59.62 35.60
N ASN A 274 -11.37 -58.71 35.69
CA ASN A 274 -9.96 -59.04 35.79
C ASN A 274 -9.37 -58.38 37.04
N ALA A 275 -8.09 -58.66 37.29
CA ALA A 275 -7.41 -58.09 38.44
C ALA A 275 -7.43 -56.56 38.43
N TYR A 276 -7.39 -55.96 37.24
CA TYR A 276 -7.46 -54.50 37.13
C TYR A 276 -8.74 -53.93 37.74
N GLY A 277 -9.77 -54.75 37.88
CA GLY A 277 -11.07 -54.23 38.27
C GLY A 277 -11.82 -53.60 37.12
N ILE A 278 -11.71 -54.18 35.93
CA ILE A 278 -12.47 -53.74 34.77
C ILE A 278 -13.73 -54.59 34.66
N ILE A 279 -14.87 -53.93 34.47
CA ILE A 279 -16.13 -54.65 34.37
C ILE A 279 -16.16 -55.45 33.08
N GLY A 280 -16.53 -56.72 33.18
CA GLY A 280 -16.61 -57.61 32.04
C GLY A 280 -18.04 -57.87 31.60
N GLY A 281 -18.16 -58.80 30.67
CA GLY A 281 -19.46 -59.19 30.16
C GLY A 281 -20.08 -60.34 30.94
N ILE A 282 -21.41 -60.37 30.93
CA ILE A 282 -22.16 -61.51 31.48
C ILE A 282 -22.10 -62.64 30.45
N PRO A 283 -21.49 -63.78 30.79
CA PRO A 283 -21.40 -64.87 29.81
C PRO A 283 -22.78 -65.35 29.37
N LYS A 284 -22.84 -65.79 28.10
CA LYS A 284 -24.10 -66.26 27.52
C LYS A 284 -24.80 -67.29 28.40
N LYS A 285 -24.03 -68.19 29.02
CA LYS A 285 -24.60 -69.20 29.91
C LYS A 285 -25.59 -68.60 30.91
N GLU A 286 -25.24 -67.44 31.50
CA GLU A 286 -26.10 -66.84 32.51
C GLU A 286 -27.48 -66.47 31.97
N PHE A 287 -27.57 -66.13 30.67
CA PHE A 287 -28.84 -65.76 30.08
C PHE A 287 -29.74 -66.95 29.74
N LYS A 288 -29.20 -68.17 29.78
CA LYS A 288 -29.96 -69.33 29.34
C LYS A 288 -31.12 -69.61 30.27
N ARG A 289 -32.18 -70.20 29.70
CA ARG A 289 -33.39 -70.52 30.46
C ARG A 289 -33.09 -71.36 31.70
N GLU A 290 -32.17 -72.33 31.58
CA GLU A 290 -31.91 -73.24 32.69
C GLU A 290 -31.19 -72.54 33.83
N THR A 291 -30.23 -71.67 33.50
CA THR A 291 -29.53 -70.91 34.54
C THR A 291 -30.48 -70.02 35.31
N ILE A 292 -31.44 -69.40 34.60
CA ILE A 292 -32.40 -68.50 35.24
C ILE A 292 -33.32 -69.30 36.17
N GLN A 293 -33.99 -70.32 35.63
CA GLN A 293 -34.89 -71.15 36.41
C GLN A 293 -34.19 -71.71 37.65
N GLU A 294 -32.93 -72.13 37.51
CA GLU A 294 -32.19 -72.68 38.65
C GLU A 294 -31.92 -71.61 39.70
N LYS A 295 -31.38 -70.46 39.26
CA LYS A 295 -31.10 -69.38 40.20
C LYS A 295 -32.36 -68.88 40.90
N ILE A 296 -33.52 -68.99 40.24
CA ILE A 296 -34.78 -68.64 40.89
C ILE A 296 -35.04 -69.58 42.06
N ASP A 297 -35.02 -70.89 41.79
CA ASP A 297 -35.17 -71.89 42.85
C ASP A 297 -34.22 -71.62 44.02
N ASN A 298 -33.01 -71.14 43.74
CA ASN A 298 -32.01 -70.97 44.78
C ASN A 298 -32.15 -69.65 45.53
N SER A 299 -32.79 -68.64 44.94
CA SER A 299 -33.00 -67.38 45.64
C SER A 299 -33.94 -67.58 46.83
N ASN A 300 -33.97 -66.58 47.71
CA ASN A 300 -34.79 -66.67 48.91
C ASN A 300 -36.27 -66.43 48.60
N ILE A 301 -36.59 -65.26 48.04
CA ILE A 301 -37.99 -64.94 47.73
C ILE A 301 -38.39 -65.52 46.40
N ALA A 302 -37.79 -65.01 45.31
CA ALA A 302 -37.91 -65.60 43.98
C ALA A 302 -39.33 -66.00 43.58
N ASP A 303 -40.21 -65.02 43.38
CA ASP A 303 -41.58 -65.30 42.96
C ASP A 303 -41.63 -66.29 41.79
N LYS A 304 -41.09 -65.92 40.65
CA LYS A 304 -41.28 -66.67 39.40
C LYS A 304 -40.29 -66.15 38.37
N TRP A 305 -40.48 -66.54 37.12
CA TRP A 305 -39.65 -66.04 36.03
C TRP A 305 -39.70 -64.51 35.99
N PRO A 306 -38.56 -63.85 35.83
CA PRO A 306 -38.56 -62.39 35.86
C PRO A 306 -39.36 -61.78 34.71
N GLU A 307 -40.22 -60.82 35.04
CA GLU A 307 -40.89 -60.02 34.03
C GLU A 307 -39.99 -58.92 33.49
N TYR A 308 -38.95 -58.55 34.23
CA TYR A 308 -38.11 -57.42 33.91
C TYR A 308 -36.65 -57.84 33.88
N ALA A 309 -35.92 -57.36 32.88
CA ALA A 309 -34.49 -57.57 32.78
C ALA A 309 -33.79 -56.24 32.59
N VAL A 310 -32.66 -56.06 33.26
CA VAL A 310 -31.86 -54.85 33.14
C VAL A 310 -30.40 -55.30 33.03
N VAL A 311 -29.81 -55.08 31.86
CA VAL A 311 -28.40 -55.36 31.61
C VAL A 311 -27.73 -54.08 31.14
N THR A 312 -26.58 -53.76 31.72
CA THR A 312 -25.84 -52.56 31.35
C THR A 312 -24.97 -52.86 30.15
N ASN A 313 -25.25 -52.17 29.03
CA ASN A 313 -24.50 -52.35 27.79
C ASN A 313 -24.39 -51.00 27.11
N SER A 314 -23.16 -50.51 26.93
CA SER A 314 -21.95 -51.26 27.22
C SER A 314 -21.53 -51.14 28.67
N THR A 315 -20.44 -51.82 29.03
CA THR A 315 -19.82 -51.61 30.33
C THR A 315 -19.19 -50.22 30.38
N TYR A 316 -18.90 -49.78 31.60
CA TYR A 316 -18.20 -48.51 31.79
C TYR A 316 -16.92 -48.47 30.96
N ASP A 317 -16.18 -49.58 30.91
CA ASP A 317 -14.91 -49.66 30.22
C ASP A 317 -15.03 -50.15 28.78
N GLY A 318 -16.25 -50.17 28.23
CA GLY A 318 -16.42 -50.35 26.79
C GLY A 318 -16.39 -51.76 26.25
N ILE A 319 -17.06 -52.71 26.93
CA ILE A 319 -17.33 -54.02 26.35
C ILE A 319 -18.79 -54.08 25.93
N LEU A 320 -19.04 -54.60 24.73
CA LEU A 320 -20.37 -54.58 24.11
C LEU A 320 -20.93 -56.00 24.00
N TYR A 321 -22.20 -56.14 24.36
CA TYR A 321 -22.94 -57.38 24.15
C TYR A 321 -23.55 -57.42 22.75
N ASN A 322 -23.65 -58.63 22.21
CA ASN A 322 -24.45 -58.87 21.01
C ASN A 322 -25.92 -58.87 21.43
N THR A 323 -26.66 -57.83 21.05
CA THR A 323 -28.05 -57.72 21.48
C THR A 323 -28.94 -58.77 20.82
N ASP A 324 -28.58 -59.21 19.61
CA ASP A 324 -29.35 -60.27 18.96
C ASP A 324 -29.22 -61.58 19.72
N THR A 325 -27.98 -61.97 20.06
CA THR A 325 -27.76 -63.21 20.78
C THR A 325 -28.43 -63.21 22.15
N ILE A 326 -28.58 -62.04 22.77
CA ILE A 326 -29.20 -61.97 24.08
C ILE A 326 -30.71 -62.14 23.99
N HIS A 327 -31.36 -61.38 23.10
CA HIS A 327 -32.81 -61.46 22.97
C HIS A 327 -33.27 -62.86 22.60
N ARG A 328 -32.49 -63.56 21.77
CA ARG A 328 -32.80 -64.94 21.43
C ARG A 328 -32.85 -65.84 22.65
N GLU A 329 -32.03 -65.55 23.67
CA GLU A 329 -31.88 -66.43 24.81
C GLU A 329 -32.70 -66.01 26.03
N LEU A 330 -33.05 -64.73 26.15
CA LEU A 330 -33.74 -64.21 27.33
C LEU A 330 -35.23 -64.09 27.02
N ASP A 331 -36.01 -65.02 27.55
CA ASP A 331 -37.47 -64.98 27.39
C ASP A 331 -38.12 -64.12 28.47
N VAL A 332 -37.66 -62.88 28.59
CA VAL A 332 -38.24 -61.87 29.46
C VAL A 332 -38.85 -60.79 28.58
N LYS A 333 -40.13 -60.50 28.80
CA LYS A 333 -40.84 -59.63 27.85
C LYS A 333 -40.42 -58.18 27.98
N LYS A 334 -40.14 -57.72 29.21
CA LYS A 334 -39.68 -56.35 29.44
C LYS A 334 -38.20 -56.40 29.77
N LEU A 335 -37.36 -56.34 28.74
CA LEU A 335 -35.92 -56.37 28.89
C LEU A 335 -35.35 -55.01 28.47
N HIS A 336 -34.45 -54.48 29.29
CA HIS A 336 -34.10 -53.06 29.27
C HIS A 336 -32.58 -52.94 29.31
N PHE A 337 -31.99 -52.52 28.19
CA PHE A 337 -30.56 -52.20 28.16
C PHE A 337 -30.33 -50.81 28.73
N ASP A 338 -29.39 -50.70 29.66
CA ASP A 338 -28.99 -49.41 30.22
C ASP A 338 -27.86 -48.83 29.39
N SER A 339 -28.20 -48.46 28.16
CA SER A 339 -27.21 -48.01 27.19
C SER A 339 -26.84 -46.55 27.38
N ALA A 340 -26.43 -46.18 28.60
CA ALA A 340 -26.01 -44.81 28.85
C ALA A 340 -24.72 -44.47 28.12
N TRP A 341 -23.82 -45.44 27.98
CA TRP A 341 -22.50 -45.20 27.42
C TRP A 341 -22.43 -45.37 25.91
N ILE A 342 -23.54 -45.61 25.25
CA ILE A 342 -23.54 -45.80 23.79
C ILE A 342 -24.78 -45.21 23.14
N PRO A 343 -25.06 -43.90 23.29
CA PRO A 343 -26.16 -43.32 22.52
C PRO A 343 -25.82 -43.23 21.03
N TYR A 344 -24.53 -43.20 20.69
CA TYR A 344 -24.05 -43.18 19.32
C TYR A 344 -24.09 -44.55 18.66
N ALA A 345 -24.34 -45.62 19.42
CA ALA A 345 -24.24 -46.99 18.92
C ALA A 345 -24.92 -47.17 17.57
N ILE A 346 -26.15 -46.67 17.42
CA ILE A 346 -26.97 -46.99 16.26
C ILE A 346 -26.49 -46.31 14.99
N PHE A 347 -25.51 -45.43 15.07
CA PHE A 347 -25.12 -44.59 13.93
C PHE A 347 -23.87 -45.07 13.21
N HIS A 348 -23.17 -46.09 13.73
CA HIS A 348 -21.98 -46.56 13.04
C HIS A 348 -22.07 -48.05 12.75
N PRO A 349 -21.58 -48.49 11.59
CA PRO A 349 -21.67 -49.92 11.26
C PRO A 349 -20.96 -50.85 12.23
N ILE A 350 -19.85 -50.42 12.84
CA ILE A 350 -19.07 -51.33 13.69
C ILE A 350 -19.88 -51.80 14.90
N TYR A 351 -20.97 -51.12 15.23
CA TYR A 351 -21.85 -51.51 16.33
C TYR A 351 -23.04 -52.32 15.87
N LYS A 352 -22.93 -52.99 14.71
CA LYS A 352 -23.97 -53.86 14.21
C LYS A 352 -24.38 -54.90 15.24
N HIS A 353 -25.66 -54.87 15.61
CA HIS A 353 -26.24 -55.81 16.58
C HIS A 353 -25.63 -55.66 17.97
N LYS A 354 -25.26 -54.43 18.32
CA LYS A 354 -24.73 -54.13 19.65
C LYS A 354 -25.53 -53.05 20.36
N SER A 355 -26.63 -52.61 19.78
CA SER A 355 -27.54 -51.65 20.40
C SER A 355 -28.94 -52.27 20.47
N ALA A 356 -29.70 -51.86 21.48
CA ALA A 356 -31.03 -52.42 21.70
C ALA A 356 -31.93 -52.19 20.50
N MET A 357 -32.02 -50.95 20.02
CA MET A 357 -32.99 -50.60 18.99
C MET A 357 -32.79 -51.35 17.68
N GLN A 358 -31.70 -52.11 17.53
CA GLN A 358 -31.44 -52.83 16.29
C GLN A 358 -32.20 -54.14 16.16
N ILE A 359 -32.80 -54.62 17.24
CA ILE A 359 -33.47 -55.92 17.25
C ILE A 359 -34.98 -55.72 17.14
N GLU A 360 -35.64 -56.60 16.40
CA GLU A 360 -37.09 -56.59 16.33
C GLU A 360 -37.65 -57.15 17.63
N PRO A 361 -38.46 -56.41 18.37
CA PRO A 361 -39.14 -56.97 19.55
C PRO A 361 -39.85 -58.28 19.21
N ARG A 362 -39.57 -59.30 20.01
CA ARG A 362 -40.27 -60.56 19.87
C ARG A 362 -41.76 -60.33 20.18
N PRO A 363 -42.66 -61.09 19.52
CA PRO A 363 -44.11 -60.89 19.73
C PRO A 363 -44.52 -60.62 21.17
N GLU A 364 -45.18 -59.48 21.38
CA GLU A 364 -45.67 -59.02 22.67
C GLU A 364 -44.56 -58.82 23.71
N HIS A 365 -43.30 -58.71 23.26
CA HIS A 365 -42.20 -58.38 24.14
C HIS A 365 -41.75 -56.95 23.89
N ILE A 366 -41.40 -56.25 24.97
CA ILE A 366 -41.04 -54.83 24.92
C ILE A 366 -39.55 -54.67 25.16
N ILE A 367 -38.90 -53.84 24.35
CA ILE A 367 -37.49 -53.54 24.50
C ILE A 367 -37.35 -52.11 25.00
N PHE A 368 -36.40 -51.88 25.89
CA PHE A 368 -36.10 -50.55 26.42
C PHE A 368 -34.62 -50.26 26.27
N GLU A 369 -34.31 -49.10 25.68
CA GLU A 369 -32.96 -48.55 25.68
C GLU A 369 -32.99 -47.18 26.33
N THR A 370 -32.31 -47.04 27.46
CA THR A 370 -32.12 -45.76 28.12
C THR A 370 -30.72 -45.26 27.83
N GLN A 371 -30.62 -44.06 27.26
CA GLN A 371 -29.35 -43.50 26.84
C GLN A 371 -29.11 -42.18 27.55
N SER A 372 -27.88 -41.98 28.01
CA SER A 372 -27.46 -40.69 28.57
C SER A 372 -26.88 -39.88 27.42
N THR A 373 -27.72 -39.01 26.85
CA THR A 373 -27.31 -38.27 25.66
C THR A 373 -26.13 -37.36 25.96
N HIS A 374 -26.09 -36.80 27.16
CA HIS A 374 -25.00 -35.92 27.57
C HIS A 374 -23.69 -36.66 27.79
N1 LLP A 375 -26.62 -45.67 33.90
C2 LLP A 375 -25.37 -46.07 33.58
C2' LLP A 375 -25.12 -47.49 33.11
C3 LLP A 375 -24.31 -45.18 33.68
O3 LLP A 375 -23.02 -45.60 33.36
C4 LLP A 375 -24.53 -43.90 34.10
C4' LLP A 375 -23.34 -42.92 34.23
C5 LLP A 375 -25.79 -43.51 34.43
C6 LLP A 375 -26.84 -44.40 34.32
C5' LLP A 375 -26.03 -42.09 34.90
OP4 LLP A 375 -27.07 -41.52 34.18
P LLP A 375 -27.36 -39.92 34.47
OP1 LLP A 375 -28.44 -39.78 35.52
OP2 LLP A 375 -27.79 -39.25 33.19
OP3 LLP A 375 -26.09 -39.30 34.97
N LLP A 375 -23.78 -37.94 28.13
CA LLP A 375 -22.62 -38.71 28.52
CB LLP A 375 -23.05 -40.08 29.07
CG LLP A 375 -22.43 -40.30 30.45
CD LLP A 375 -23.49 -40.66 31.52
CE LLP A 375 -23.40 -42.13 31.94
NZ LLP A 375 -22.89 -42.19 33.31
C LLP A 375 -21.63 -38.86 27.36
O LLP A 375 -20.40 -38.72 27.58
N LEU A 376 -22.11 -39.11 26.14
CA LEU A 376 -21.21 -39.27 25.00
C LEU A 376 -21.70 -38.67 23.68
N LEU A 377 -22.74 -37.83 23.75
CA LEU A 377 -23.08 -36.94 22.65
C LEU A 377 -22.98 -35.49 23.14
N ALA A 378 -23.31 -34.57 22.25
CA ALA A 378 -23.25 -33.14 22.56
C ALA A 378 -24.61 -32.70 23.09
N ALA A 379 -24.74 -32.72 24.42
CA ALA A 379 -25.96 -32.24 25.06
C ALA A 379 -25.66 -31.79 26.48
N PHE A 380 -26.58 -31.03 27.05
CA PHE A 380 -26.45 -30.57 28.43
C PHE A 380 -26.58 -31.75 29.38
N SER A 381 -25.92 -31.64 30.53
CA SER A 381 -26.09 -32.64 31.56
C SER A 381 -27.56 -32.72 31.97
N GLN A 382 -27.93 -33.85 32.59
CA GLN A 382 -29.28 -34.22 32.99
C GLN A 382 -30.18 -34.56 31.81
N SER A 383 -29.68 -34.51 30.58
CA SER A 383 -30.48 -34.77 29.40
C SER A 383 -30.29 -36.21 28.97
N SER A 384 -31.40 -36.92 28.77
CA SER A 384 -31.36 -38.34 28.50
C SER A 384 -32.54 -38.71 27.60
N MET A 385 -32.38 -39.80 26.87
CA MET A 385 -33.42 -40.33 26.01
C MET A 385 -33.91 -41.67 26.53
N LEU A 386 -35.19 -41.95 26.26
CA LEU A 386 -35.79 -43.24 26.57
C LEU A 386 -36.38 -43.79 25.28
N HIS A 387 -35.74 -44.79 24.71
CA HIS A 387 -36.21 -45.45 23.49
C HIS A 387 -36.85 -46.78 23.85
N ILE A 388 -38.05 -47.02 23.31
CA ILE A 388 -38.79 -48.25 23.55
C ILE A 388 -39.11 -48.87 22.20
N LYS A 389 -39.49 -50.15 22.24
CA LYS A 389 -39.73 -50.91 21.01
C LYS A 389 -40.80 -51.96 21.25
N GLY A 390 -41.74 -52.06 20.32
CA GLY A 390 -42.77 -53.07 20.36
C GLY A 390 -44.10 -52.54 20.86
N ASP A 391 -44.99 -53.48 21.16
CA ASP A 391 -46.27 -53.12 21.74
C ASP A 391 -46.07 -52.57 23.15
N TYR A 392 -46.64 -51.40 23.40
CA TYR A 392 -46.53 -50.74 24.69
C TYR A 392 -47.84 -50.01 24.98
N ASN A 393 -47.96 -49.54 26.22
CA ASN A 393 -49.18 -48.90 26.70
C ASN A 393 -48.83 -47.46 27.06
N GLU A 394 -49.20 -46.52 26.18
CA GLU A 394 -49.00 -45.10 26.46
C GLU A 394 -49.75 -44.68 27.71
N GLU A 395 -50.99 -45.16 27.87
CA GLU A 395 -51.83 -44.76 29.00
C GLU A 395 -51.13 -44.99 30.35
N VAL A 396 -50.30 -46.02 30.45
CA VAL A 396 -49.66 -46.35 31.71
C VAL A 396 -48.23 -45.82 31.79
N LEU A 397 -47.47 -45.86 30.68
CA LEU A 397 -46.12 -45.30 30.73
C LEU A 397 -46.15 -43.79 30.87
N ASN A 398 -47.16 -43.13 30.31
CA ASN A 398 -47.34 -41.70 30.54
C ASN A 398 -47.42 -41.41 32.03
N GLU A 399 -48.05 -42.30 32.80
CA GLU A 399 -48.03 -42.18 34.25
C GLU A 399 -46.65 -42.44 34.81
N ALA A 400 -45.97 -43.47 34.30
CA ALA A 400 -44.59 -43.75 34.72
C ALA A 400 -43.67 -42.58 34.38
N PHE A 401 -43.84 -41.99 33.20
CA PHE A 401 -43.12 -40.77 32.85
C PHE A 401 -43.44 -39.65 33.83
N MET A 402 -44.74 -39.40 34.07
CA MET A 402 -45.14 -38.34 34.99
C MET A 402 -44.70 -38.60 36.42
N LEU A 403 -44.49 -39.88 36.80
CA LEU A 403 -44.06 -40.19 38.16
C LEU A 403 -42.72 -39.54 38.49
N HIS A 404 -41.83 -39.40 37.50
CA HIS A 404 -40.49 -38.90 37.75
C HIS A 404 -40.18 -37.57 37.07
N THR A 405 -40.86 -37.23 35.99
CA THR A 405 -40.61 -35.97 35.30
C THR A 405 -41.23 -34.82 36.08
N SER A 406 -40.48 -33.72 36.19
CA SER A 406 -40.99 -32.55 36.90
C SER A 406 -42.07 -31.86 36.07
N THR A 407 -42.91 -31.09 36.77
CA THR A 407 -43.99 -30.38 36.10
C THR A 407 -43.52 -29.12 35.39
N SER A 408 -42.32 -28.63 35.71
CA SER A 408 -41.75 -27.44 35.09
C SER A 408 -40.38 -27.78 34.51
N PRO A 409 -40.34 -28.52 33.41
CA PRO A 409 -39.05 -28.92 32.85
C PRO A 409 -38.31 -27.73 32.26
N PHE A 410 -36.99 -27.82 32.29
CA PHE A 410 -36.12 -26.72 31.87
C PHE A 410 -35.95 -26.81 30.36
N TYR A 411 -36.62 -25.92 29.63
CA TYR A 411 -36.75 -26.08 28.18
C TYR A 411 -35.43 -26.16 27.43
N PRO A 412 -34.38 -25.39 27.77
CA PRO A 412 -33.09 -25.58 27.07
C PRO A 412 -32.57 -27.01 27.11
N ILE A 413 -32.83 -27.76 28.18
CA ILE A 413 -32.38 -29.14 28.22
C ILE A 413 -33.23 -30.00 27.28
N VAL A 414 -34.54 -29.80 27.29
CA VAL A 414 -35.43 -30.41 26.30
C VAL A 414 -34.90 -30.16 24.89
N ALA A 415 -34.64 -28.90 24.57
CA ALA A 415 -34.08 -28.56 23.26
C ALA A 415 -32.75 -29.27 23.03
N SER A 416 -31.89 -29.30 24.05
CA SER A 416 -30.54 -29.82 23.87
C SER A 416 -30.54 -31.27 23.41
N VAL A 417 -31.40 -32.10 24.00
CA VAL A 417 -31.41 -33.52 23.64
C VAL A 417 -31.98 -33.71 22.25
N GLU A 418 -33.04 -32.97 21.90
CA GLU A 418 -33.56 -33.00 20.53
C GLU A 418 -32.50 -32.55 19.54
N THR A 419 -31.77 -31.47 19.87
CA THR A 419 -30.71 -30.99 18.98
C THR A 419 -29.62 -32.04 18.81
N ALA A 420 -29.31 -32.78 19.88
CA ALA A 420 -28.32 -33.85 19.77
C ALA A 420 -28.79 -34.96 18.83
N ALA A 421 -30.09 -35.23 18.80
CA ALA A 421 -30.65 -36.12 17.79
C ALA A 421 -30.42 -35.57 16.39
N ALA A 422 -30.70 -34.28 16.20
CA ALA A 422 -30.51 -33.66 14.89
C ALA A 422 -29.05 -33.68 14.46
N MET A 423 -28.13 -33.63 15.42
CA MET A 423 -26.71 -33.75 15.08
C MET A 423 -26.39 -35.11 14.48
N MET A 424 -27.04 -36.16 15.00
CA MET A 424 -26.79 -37.51 14.52
C MET A 424 -27.61 -37.87 13.29
N GLU A 425 -28.69 -37.14 13.02
CA GLU A 425 -29.55 -37.41 11.87
C GLU A 425 -28.74 -37.51 10.57
N GLY A 426 -29.04 -38.54 9.79
CA GLY A 426 -28.42 -38.69 8.49
C GLY A 426 -26.95 -39.09 8.61
N GLU A 427 -26.27 -39.04 7.46
CA GLU A 427 -24.86 -39.41 7.42
C GLU A 427 -23.98 -38.38 8.12
N GLN A 428 -24.53 -37.20 8.44
CA GLN A 428 -23.94 -36.31 9.43
C GLN A 428 -23.48 -37.08 10.66
N GLY A 429 -24.38 -37.87 11.26
CA GLY A 429 -24.02 -38.62 12.45
C GLY A 429 -22.93 -39.65 12.20
N TYR A 430 -23.02 -40.38 11.08
CA TYR A 430 -22.00 -41.37 10.75
C TYR A 430 -20.60 -40.76 10.76
N ASN A 431 -20.43 -39.65 10.02
CA ASN A 431 -19.11 -39.01 9.97
C ASN A 431 -18.68 -38.53 11.35
N LEU A 432 -19.62 -38.05 12.18
CA LEU A 432 -19.26 -37.59 13.51
C LEU A 432 -18.68 -38.72 14.36
N ILE A 433 -19.31 -39.89 14.32
CA ILE A 433 -18.78 -41.03 15.08
C ILE A 433 -17.54 -41.59 14.42
N ASP A 434 -17.54 -41.68 13.08
CA ASP A 434 -16.37 -42.17 12.36
C ASP A 434 -15.11 -41.40 12.73
N LYS A 435 -15.23 -40.09 12.92
CA LYS A 435 -14.08 -39.28 13.33
C LYS A 435 -13.55 -39.72 14.69
N THR A 436 -14.41 -39.69 15.71
CA THR A 436 -13.99 -40.08 17.05
C THR A 436 -13.48 -41.52 17.10
N ILE A 437 -13.99 -42.39 16.22
CA ILE A 437 -13.50 -43.76 16.16
C ILE A 437 -12.10 -43.79 15.58
N ASN A 438 -11.92 -43.19 14.40
CA ASN A 438 -10.61 -43.17 13.75
C ASN A 438 -9.56 -42.51 14.64
N LEU A 439 -9.95 -41.46 15.36
CA LEU A 439 -9.03 -40.79 16.27
C LEU A 439 -8.59 -41.73 17.38
N ALA A 440 -9.56 -42.43 18.00
CA ALA A 440 -9.25 -43.39 19.05
C ALA A 440 -8.25 -44.44 18.59
N ILE A 441 -8.54 -45.08 17.46
CA ILE A 441 -7.65 -46.12 16.93
C ILE A 441 -6.25 -45.56 16.69
N ASP A 442 -6.17 -44.33 16.16
CA ASP A 442 -4.88 -43.68 15.96
C ASP A 442 -4.12 -43.55 17.27
N PHE A 443 -4.80 -43.09 18.32
CA PHE A 443 -4.16 -42.96 19.63
C PHE A 443 -3.70 -44.32 20.14
N ARG A 444 -4.53 -45.35 19.97
CA ARG A 444 -4.14 -46.70 20.37
C ARG A 444 -2.88 -47.15 19.64
N ARG A 445 -2.89 -47.07 18.31
CA ARG A 445 -1.76 -47.55 17.52
C ARG A 445 -0.50 -46.74 17.78
N GLU A 446 -0.63 -45.42 17.87
CA GLU A 446 0.53 -44.58 18.13
C GLU A 446 1.11 -44.80 19.53
N LEU A 447 0.30 -45.28 20.46
CA LEU A 447 0.80 -45.49 21.82
C LEU A 447 1.57 -46.79 21.93
N ILE A 448 1.11 -47.85 21.26
CA ILE A 448 1.88 -49.09 21.24
C ILE A 448 3.11 -48.93 20.35
N LYS A 449 3.03 -48.09 19.31
CA LYS A 449 4.22 -47.77 18.53
C LYS A 449 5.26 -47.06 19.38
N LEU A 450 4.81 -46.30 20.38
CA LEU A 450 5.74 -45.69 21.32
C LEU A 450 6.27 -46.73 22.31
N ARG A 451 5.43 -47.69 22.70
CA ARG A 451 5.88 -48.77 23.58
C ARG A 451 7.00 -49.58 22.94
N SER A 452 6.90 -49.83 21.64
CA SER A 452 7.96 -50.56 20.93
C SER A 452 9.30 -49.85 21.06
N GLU A 453 9.34 -48.57 20.67
CA GLU A 453 10.57 -47.79 20.76
C GLU A 453 11.02 -47.57 22.20
N ALA A 454 10.08 -47.57 23.15
CA ALA A 454 10.36 -47.14 24.51
C ALA A 454 11.46 -47.97 25.16
N ASN A 455 12.34 -47.28 25.90
CA ASN A 455 13.36 -47.95 26.68
C ASN A 455 12.78 -48.37 28.03
N GLY A 456 13.10 -49.60 28.43
CA GLY A 456 12.58 -50.11 29.69
C GLY A 456 11.06 -50.19 29.69
N TRP A 457 10.47 -49.76 30.81
CA TRP A 457 9.03 -49.82 30.96
C TRP A 457 8.35 -48.75 30.11
N PHE A 458 7.04 -48.93 29.94
CA PHE A 458 6.18 -47.94 29.28
C PHE A 458 4.73 -48.34 29.55
N PHE A 459 3.82 -47.41 29.27
CA PHE A 459 2.40 -47.69 29.40
C PHE A 459 1.98 -48.76 28.41
N ASP A 460 0.74 -49.23 28.56
CA ASP A 460 0.14 -50.15 27.62
C ASP A 460 -1.33 -49.82 27.45
N VAL A 461 -1.96 -50.46 26.46
CA VAL A 461 -3.37 -50.27 26.16
C VAL A 461 -4.10 -51.59 26.39
N TRP A 462 -5.28 -51.51 26.98
CA TRP A 462 -6.14 -52.66 27.19
C TRP A 462 -6.87 -52.95 25.89
N GLN A 463 -6.23 -53.73 25.02
CA GLN A 463 -6.76 -53.98 23.68
C GLN A 463 -6.12 -55.27 23.16
N PRO A 464 -6.70 -55.86 22.11
CA PRO A 464 -6.05 -56.98 21.43
C PRO A 464 -4.67 -56.61 20.90
N ASP A 465 -3.93 -57.64 20.48
CA ASP A 465 -2.65 -57.41 19.84
C ASP A 465 -2.84 -56.86 18.43
N ASN A 466 -3.52 -57.63 17.58
CA ASN A 466 -3.79 -57.21 16.20
C ASN A 466 -5.05 -56.34 16.18
N ILE A 467 -4.87 -55.05 15.92
CA ILE A 467 -6.00 -54.13 15.77
C ILE A 467 -5.90 -53.46 14.40
N SER A 468 -5.36 -54.21 13.43
CA SER A 468 -5.12 -53.63 12.10
C SER A 468 -6.40 -53.11 11.46
N ASN A 469 -7.44 -53.94 11.45
CA ASN A 469 -8.69 -53.55 10.81
C ASN A 469 -9.61 -52.83 11.79
N LYS A 470 -10.42 -51.93 11.24
CA LYS A 470 -11.19 -50.96 12.02
C LYS A 470 -12.53 -51.58 12.38
N GLU A 471 -12.56 -52.30 13.51
CA GLU A 471 -13.78 -52.93 13.99
C GLU A 471 -13.86 -52.79 15.49
N ALA A 472 -15.06 -53.03 16.03
CA ALA A 472 -15.23 -53.27 17.46
C ALA A 472 -14.71 -54.69 17.74
N TRP A 473 -13.46 -54.79 18.20
CA TRP A 473 -12.78 -56.07 18.23
C TRP A 473 -13.48 -57.03 19.19
N LEU A 474 -13.54 -58.31 18.79
CA LEU A 474 -14.26 -59.32 19.55
C LEU A 474 -13.32 -60.03 20.51
N LEU A 475 -13.75 -60.16 21.76
CA LEU A 475 -12.96 -60.87 22.75
C LEU A 475 -12.97 -62.37 22.47
N ARG A 476 -11.85 -63.02 22.79
CA ARG A 476 -11.64 -64.44 22.52
C ARG A 476 -11.07 -65.11 23.75
N ASN A 477 -11.58 -66.32 24.04
CA ASN A 477 -11.04 -67.15 25.11
C ASN A 477 -9.51 -67.24 25.05
N ALA A 478 -8.99 -67.58 23.87
CA ALA A 478 -7.55 -67.74 23.65
C ALA A 478 -6.71 -66.62 24.25
N ASP A 479 -6.99 -65.38 23.86
CA ASP A 479 -6.08 -64.27 24.14
C ASP A 479 -6.20 -63.82 25.59
N LYS A 480 -5.06 -63.67 26.26
CA LYS A 480 -5.01 -63.31 27.67
C LYS A 480 -4.99 -61.80 27.89
N TRP A 481 -5.32 -61.00 26.88
CA TRP A 481 -5.22 -59.55 27.03
C TRP A 481 -6.35 -59.01 27.91
N HIS A 482 -7.56 -59.53 27.75
CA HIS A 482 -8.70 -59.03 28.53
C HIS A 482 -8.74 -59.60 29.94
N GLY A 483 -8.08 -60.72 30.19
CA GLY A 483 -8.03 -61.29 31.53
C GLY A 483 -9.37 -61.74 32.07
N PHE A 484 -10.31 -62.09 31.19
CA PHE A 484 -11.62 -62.56 31.60
C PHE A 484 -11.70 -64.07 31.49
N LYS A 485 -12.55 -64.67 32.32
CA LYS A 485 -12.78 -66.11 32.31
C LYS A 485 -14.03 -66.44 31.50
N ASN A 486 -13.95 -67.53 30.74
CA ASN A 486 -15.08 -68.11 30.02
C ASN A 486 -15.90 -67.07 29.24
N VAL A 487 -15.26 -66.51 28.21
CA VAL A 487 -15.93 -65.62 27.28
C VAL A 487 -16.37 -66.42 26.06
N ASP A 488 -17.57 -66.13 25.57
CA ASP A 488 -18.14 -66.89 24.47
C ASP A 488 -17.67 -66.39 23.12
N GLY A 489 -17.68 -67.29 22.14
CA GLY A 489 -17.34 -66.93 20.78
C GLY A 489 -18.34 -65.95 20.20
N ASP A 490 -17.86 -64.80 19.72
CA ASP A 490 -18.69 -63.74 19.15
C ASP A 490 -19.81 -63.32 20.13
N PHE A 491 -19.40 -62.85 21.30
CA PHE A 491 -20.37 -62.25 22.20
C PHE A 491 -19.94 -60.89 22.74
N LEU A 492 -18.65 -60.72 23.04
CA LEU A 492 -18.15 -59.49 23.64
C LEU A 492 -17.27 -58.75 22.65
N SER A 493 -17.57 -57.48 22.43
CA SER A 493 -16.76 -56.60 21.61
C SER A 493 -16.18 -55.47 22.47
N LEU A 494 -15.06 -54.91 22.01
CA LEU A 494 -14.42 -53.79 22.67
C LEU A 494 -14.73 -52.50 21.91
N ASP A 495 -15.26 -51.52 22.61
CA ASP A 495 -15.56 -50.22 22.01
C ASP A 495 -14.27 -49.44 21.79
N PRO A 496 -13.85 -49.19 20.55
CA PRO A 496 -12.56 -48.51 20.32
C PRO A 496 -12.40 -47.19 21.05
N ILE A 497 -13.46 -46.37 21.11
CA ILE A 497 -13.34 -44.99 21.59
C ILE A 497 -13.10 -44.90 23.09
N LYS A 498 -13.22 -46.01 23.82
CA LYS A 498 -12.98 -46.02 25.26
C LYS A 498 -11.59 -46.59 25.51
N ILE A 499 -10.62 -45.71 25.76
CA ILE A 499 -9.22 -46.08 25.86
C ILE A 499 -8.90 -46.29 27.33
N THR A 500 -8.50 -47.52 27.68
CA THR A 500 -8.00 -47.83 29.03
C THR A 500 -6.48 -47.99 28.95
N ILE A 501 -5.77 -47.08 29.60
CA ILE A 501 -4.31 -47.12 29.65
C ILE A 501 -3.90 -47.94 30.86
N LEU A 502 -2.84 -48.75 30.71
CA LEU A 502 -2.40 -49.65 31.75
C LEU A 502 -0.96 -49.32 32.14
N THR A 503 -0.72 -49.18 33.43
CA THR A 503 0.58 -48.92 34.04
C THR A 503 1.15 -50.22 34.60
N PRO A 504 2.47 -50.40 34.46
CA PRO A 504 3.11 -51.63 34.94
C PRO A 504 2.72 -51.95 36.39
N GLY A 505 2.53 -53.25 36.65
CA GLY A 505 2.14 -53.69 37.97
C GLY A 505 1.21 -54.89 38.00
N ILE A 506 0.70 -55.32 36.85
CA ILE A 506 -0.16 -56.49 36.76
C ILE A 506 0.38 -57.39 35.63
N LYS A 507 0.94 -58.54 36.01
CA LYS A 507 1.56 -59.47 35.04
C LYS A 507 0.53 -60.41 34.41
N ASP A 508 -0.05 -61.28 35.23
CA ASP A 508 -0.95 -62.35 34.82
C ASP A 508 -2.23 -62.29 35.63
N ASN A 509 -2.85 -61.11 35.65
CA ASN A 509 -3.94 -60.76 36.57
C ASN A 509 -3.62 -61.18 38.00
N ASP A 510 -2.46 -60.74 38.47
CA ASP A 510 -2.08 -60.82 39.88
C ASP A 510 -1.03 -59.75 40.15
N VAL A 511 -0.52 -59.75 41.39
CA VAL A 511 0.42 -58.73 41.86
C VAL A 511 1.73 -58.79 41.09
N GLN A 512 2.54 -57.74 41.22
CA GLN A 512 3.84 -57.67 40.57
C GLN A 512 4.92 -57.20 41.53
N ASP A 513 6.15 -57.63 41.25
CA ASP A 513 7.31 -57.27 42.05
C ASP A 513 7.53 -55.76 42.02
N TRP A 514 7.83 -55.21 40.84
CA TRP A 514 7.96 -53.78 40.65
C TRP A 514 6.78 -53.26 39.83
N GLY A 515 6.36 -52.04 40.15
CA GLY A 515 5.30 -51.42 39.38
C GLY A 515 5.29 -49.91 39.61
N VAL A 516 4.29 -49.28 39.02
CA VAL A 516 4.08 -47.84 39.15
C VAL A 516 2.58 -47.58 39.21
N PRO A 517 2.01 -47.40 40.41
CA PRO A 517 0.56 -47.30 40.55
C PRO A 517 -0.02 -46.15 39.72
N ALA A 518 -1.24 -46.36 39.24
CA ALA A 518 -1.89 -45.37 38.39
C ALA A 518 -2.13 -44.05 39.12
N ASP A 519 -2.26 -44.08 40.44
CA ASP A 519 -2.56 -42.87 41.19
C ASP A 519 -1.48 -41.82 40.99
N VAL A 520 -0.21 -42.24 40.93
CA VAL A 520 0.87 -41.28 40.71
C VAL A 520 0.96 -40.81 39.28
N VAL A 521 0.22 -41.44 38.35
CA VAL A 521 0.10 -40.94 37.00
C VAL A 521 -1.08 -39.98 36.87
N ALA A 522 -2.23 -40.36 37.43
CA ALA A 522 -3.40 -39.49 37.46
C ALA A 522 -3.05 -38.12 38.03
N LYS A 523 -2.35 -38.08 39.17
CA LYS A 523 -1.94 -36.81 39.74
C LYS A 523 -1.04 -36.03 38.80
N PHE A 524 -0.18 -36.72 38.05
CA PHE A 524 0.70 -36.03 37.13
C PHE A 524 -0.07 -35.50 35.92
N LEU A 525 -1.06 -36.26 35.46
CA LEU A 525 -1.97 -35.74 34.45
C LEU A 525 -2.77 -34.56 34.97
N ASP A 526 -3.13 -34.59 36.26
CA ASP A 526 -3.88 -33.48 36.84
C ASP A 526 -3.01 -32.23 36.98
N GLU A 527 -1.77 -32.41 37.43
CA GLU A 527 -0.83 -31.29 37.48
C GLU A 527 -0.70 -30.60 36.13
N HIS A 528 -0.71 -31.39 35.05
CA HIS A 528 -0.60 -30.86 33.70
C HIS A 528 -1.97 -30.61 33.06
N ASP A 529 -3.00 -30.40 33.88
CA ASP A 529 -4.34 -30.00 33.41
C ASP A 529 -4.89 -31.00 32.39
N ILE A 530 -5.16 -32.21 32.88
CA ILE A 530 -5.83 -33.25 32.09
C ILE A 530 -6.78 -34.02 33.00
N VAL A 531 -8.04 -34.09 32.60
CA VAL A 531 -9.09 -34.71 33.39
C VAL A 531 -9.34 -36.12 32.85
N VAL A 532 -9.20 -37.11 33.73
CA VAL A 532 -9.44 -38.51 33.39
C VAL A 532 -10.86 -38.88 33.80
N GLU A 533 -11.49 -39.76 33.00
CA GLU A 533 -12.83 -40.23 33.34
C GLU A 533 -12.82 -41.08 34.60
N LYS A 534 -11.87 -42.00 34.69
CA LYS A 534 -11.82 -42.94 35.80
C LYS A 534 -10.39 -43.43 35.95
N SER A 535 -10.00 -43.71 37.18
CA SER A 535 -8.64 -44.16 37.50
C SER A 535 -8.72 -45.42 38.33
N GLY A 536 -8.17 -46.51 37.81
CA GLY A 536 -8.05 -47.73 38.55
C GLY A 536 -6.76 -47.78 39.35
N PRO A 537 -6.54 -48.88 40.06
CA PRO A 537 -5.27 -49.02 40.79
C PRO A 537 -4.07 -49.14 39.86
N TYR A 538 -4.26 -49.69 38.66
CA TYR A 538 -3.20 -49.75 37.66
C TYR A 538 -3.70 -49.42 36.27
N SER A 539 -4.91 -48.89 36.13
CA SER A 539 -5.49 -48.53 34.84
C SER A 539 -5.91 -47.06 34.86
N LEU A 540 -6.29 -46.57 33.68
CA LEU A 540 -6.69 -45.18 33.48
C LEU A 540 -7.59 -45.13 32.26
N LEU A 541 -8.77 -44.54 32.41
CA LEU A 541 -9.79 -44.55 31.37
C LEU A 541 -9.94 -43.15 30.77
N PHE A 542 -9.62 -43.03 29.48
CA PHE A 542 -9.90 -41.85 28.70
C PHE A 542 -10.98 -42.20 27.68
N ILE A 543 -12.01 -41.37 27.58
CA ILE A 543 -13.12 -41.60 26.66
C ILE A 543 -13.04 -40.57 25.54
N PHE A 544 -12.69 -41.03 24.34
CA PHE A 544 -12.62 -40.17 23.16
C PHE A 544 -14.04 -39.97 22.63
N SER A 545 -14.57 -38.78 22.82
CA SER A 545 -15.91 -38.43 22.34
C SER A 545 -15.80 -37.51 21.13
N LEU A 546 -16.96 -37.10 20.61
CA LEU A 546 -17.00 -36.11 19.54
C LEU A 546 -16.53 -34.73 20.01
N GLY A 547 -16.17 -34.59 21.27
CA GLY A 547 -15.61 -33.34 21.77
C GLY A 547 -14.13 -33.47 22.02
N THR A 548 -13.48 -34.40 21.31
CA THR A 548 -12.07 -34.72 21.51
C THR A 548 -11.35 -34.55 20.18
N THR A 549 -10.60 -33.45 20.05
CA THR A 549 -9.80 -33.21 18.86
C THR A 549 -8.47 -33.96 18.94
N LYS A 550 -7.84 -34.10 17.77
CA LYS A 550 -6.52 -34.73 17.74
C LYS A 550 -5.52 -33.98 18.62
N ALA A 551 -5.65 -32.64 18.68
CA ALA A 551 -4.75 -31.85 19.51
C ALA A 551 -4.79 -32.31 20.97
N LYS A 552 -5.99 -32.56 21.50
CA LYS A 552 -6.12 -33.12 22.84
C LYS A 552 -5.31 -34.40 23.00
N SER A 553 -5.43 -35.31 22.03
CA SER A 553 -4.74 -36.59 22.13
C SER A 553 -3.23 -36.44 22.01
N VAL A 554 -2.76 -35.47 21.21
CA VAL A 554 -1.33 -35.20 21.16
C VAL A 554 -0.86 -34.61 22.49
N ARG A 555 -1.66 -33.73 23.08
CA ARG A 555 -1.39 -33.25 24.44
C ARG A 555 -1.31 -34.42 25.41
N LEU A 556 -2.25 -35.36 25.31
CA LEU A 556 -2.24 -36.53 26.20
C LEU A 556 -1.00 -37.39 25.96
N ILE A 557 -0.64 -37.61 24.68
CA ILE A 557 0.57 -38.36 24.37
C ILE A 557 1.80 -37.66 24.97
N SER A 558 1.92 -36.35 24.72
CA SER A 558 3.15 -35.64 25.08
C SER A 558 3.37 -35.63 26.59
N VAL A 559 2.29 -35.45 27.36
CA VAL A 559 2.42 -35.48 28.82
C VAL A 559 2.68 -36.90 29.32
N LEU A 560 2.16 -37.91 28.62
CA LEU A 560 2.28 -39.28 29.09
C LEU A 560 3.75 -39.73 29.10
N ASN A 561 4.38 -39.73 27.93
CA ASN A 561 5.80 -40.09 27.89
C ASN A 561 6.67 -39.07 28.58
N LYS A 562 6.16 -37.87 28.87
CA LYS A 562 6.88 -36.96 29.75
C LYS A 562 6.89 -37.49 31.17
N PHE A 563 5.76 -38.07 31.62
CA PHE A 563 5.72 -38.69 32.93
C PHE A 563 6.78 -39.77 33.05
N LYS A 564 6.94 -40.60 32.01
CA LYS A 564 8.01 -41.59 32.00
C LYS A 564 9.36 -40.91 32.09
N GLN A 565 9.57 -39.84 31.30
CA GLN A 565 10.80 -39.07 31.39
C GLN A 565 11.08 -38.62 32.81
N MET A 566 10.09 -38.01 33.47
CA MET A 566 10.32 -37.48 34.81
C MET A 566 10.33 -38.59 35.86
N TYR A 567 9.76 -39.76 35.55
CA TYR A 567 9.83 -40.89 36.48
C TYR A 567 11.17 -41.60 36.35
N ASP A 568 11.63 -41.83 35.12
CA ASP A 568 12.98 -42.32 34.92
C ASP A 568 14.01 -41.29 35.38
N GLU A 569 13.67 -40.00 35.29
CA GLU A 569 14.53 -38.96 35.86
C GLU A 569 14.61 -39.08 37.38
N ASN A 570 13.56 -39.58 38.01
CA ASN A 570 13.44 -39.63 39.47
C ASN A 570 13.51 -38.22 40.06
N THR A 571 12.68 -37.33 39.51
CA THR A 571 12.62 -35.97 40.02
C THR A 571 11.93 -35.92 41.38
N LEU A 572 12.22 -34.87 42.13
CA LEU A 572 11.62 -34.68 43.43
C LEU A 572 10.10 -34.60 43.32
N VAL A 573 9.43 -35.12 44.35
CA VAL A 573 7.98 -35.00 44.41
C VAL A 573 7.57 -33.54 44.45
N GLU A 574 8.41 -32.69 45.04
CA GLU A 574 8.19 -31.25 45.03
C GLU A 574 8.09 -30.71 43.61
N LYS A 575 9.15 -30.92 42.81
CA LYS A 575 9.20 -30.35 41.47
C LYS A 575 8.29 -31.09 40.49
N MET A 576 7.92 -32.33 40.75
CA MET A 576 7.12 -33.11 39.82
C MET A 576 5.63 -33.13 40.15
N LEU A 577 5.28 -33.25 41.43
CA LEU A 577 3.89 -33.26 41.88
C LEU A 577 3.70 -32.23 42.98
N PRO A 578 3.84 -30.94 42.66
CA PRO A 578 3.79 -29.91 43.71
C PRO A 578 2.53 -29.94 44.58
N THR A 579 1.37 -30.28 44.00
CA THR A 579 0.15 -30.34 44.78
C THR A 579 0.22 -31.43 45.85
N LEU A 580 0.63 -32.64 45.44
CA LEU A 580 0.87 -33.70 46.41
C LEU A 580 1.90 -33.28 47.45
N TYR A 581 3.00 -32.69 47.00
CA TYR A 581 4.04 -32.21 47.91
C TYR A 581 3.48 -31.20 48.90
N ALA A 582 2.59 -30.30 48.45
CA ALA A 582 2.09 -29.24 49.31
C ALA A 582 1.18 -29.78 50.40
N GLU A 583 0.47 -30.89 50.13
CA GLU A 583 -0.40 -31.50 51.13
C GLU A 583 0.37 -31.83 52.41
N ASP A 584 1.62 -32.26 52.29
CA ASP A 584 2.45 -32.51 53.45
C ASP A 584 3.92 -32.40 53.07
N PRO A 585 4.48 -31.18 53.09
CA PRO A 585 5.91 -31.04 52.76
C PRO A 585 6.81 -31.63 53.83
N LYS A 586 6.38 -31.65 55.08
CA LYS A 586 7.12 -32.34 56.14
C LYS A 586 7.39 -33.79 55.76
N PHE A 587 6.40 -34.46 55.15
CA PHE A 587 6.56 -35.87 54.81
C PHE A 587 7.36 -36.07 53.52
N TYR A 588 7.09 -35.25 52.51
CA TYR A 588 7.77 -35.35 51.22
C TYR A 588 9.00 -34.44 51.14
N GLU A 589 9.68 -34.22 52.27
CA GLU A 589 10.73 -33.21 52.39
C GLU A 589 11.71 -33.25 51.23
N ASP A 590 12.42 -34.37 51.07
CA ASP A 590 13.34 -34.58 49.96
C ASP A 590 12.99 -35.82 49.16
N MET A 591 11.76 -36.32 49.32
CA MET A 591 11.32 -37.52 48.63
C MET A 591 11.28 -37.30 47.12
N ARG A 592 11.66 -38.34 46.37
CA ARG A 592 11.59 -38.33 44.92
C ARG A 592 10.44 -39.21 44.46
N ILE A 593 10.07 -39.04 43.18
CA ILE A 593 8.86 -39.66 42.65
C ILE A 593 8.93 -41.19 42.77
N GLN A 594 10.11 -41.77 42.53
CA GLN A 594 10.22 -43.23 42.57
C GLN A 594 9.96 -43.77 43.97
N GLU A 595 10.47 -43.11 45.00
CA GLU A 595 10.21 -43.54 46.37
C GLU A 595 8.72 -43.53 46.67
N VAL A 596 8.04 -42.43 46.34
CA VAL A 596 6.60 -42.33 46.60
C VAL A 596 5.85 -43.43 45.86
N SER A 597 6.15 -43.60 44.58
CA SER A 597 5.46 -44.62 43.78
C SER A 597 5.73 -46.02 44.30
N GLU A 598 7.01 -46.37 44.47
CA GLU A 598 7.36 -47.73 44.90
C GLU A 598 6.79 -48.06 46.27
N ARG A 599 6.72 -47.08 47.17
CA ARG A 599 6.13 -47.33 48.48
C ARG A 599 4.63 -47.63 48.35
N LEU A 600 3.95 -46.95 47.43
CA LEU A 600 2.53 -47.25 47.19
C LEU A 600 2.38 -48.63 46.56
N HIS A 601 3.22 -48.94 45.55
CA HIS A 601 3.19 -50.27 44.94
C HIS A 601 3.50 -51.35 45.97
N GLN A 602 4.43 -51.09 46.89
CA GLN A 602 4.77 -52.06 47.91
C GLN A 602 3.59 -52.34 48.83
N TYR A 603 2.86 -51.30 49.21
CA TYR A 603 1.73 -51.48 50.13
C TYR A 603 0.57 -52.20 49.45
N MET A 604 0.45 -52.07 48.14
CA MET A 604 -0.54 -52.87 47.42
C MET A 604 -0.08 -54.32 47.28
N LYS A 605 1.21 -54.51 47.04
CA LYS A 605 1.78 -55.87 47.04
C LYS A 605 1.67 -56.52 48.40
N GLU A 606 1.84 -55.73 49.47
CA GLU A 606 1.73 -56.28 50.82
C GLU A 606 0.28 -56.58 51.17
N ALA A 607 -0.63 -55.67 50.84
CA ALA A 607 -2.05 -55.91 51.06
C ALA A 607 -2.61 -56.96 50.11
N ASN A 608 -1.90 -57.28 49.04
CA ASN A 608 -2.35 -58.25 48.04
C ASN A 608 -3.66 -57.78 47.40
N LEU A 609 -3.71 -56.48 47.07
CA LEU A 609 -4.98 -55.83 46.71
C LEU A 609 -5.57 -56.36 45.41
N PRO A 610 -4.83 -56.50 44.28
CA PRO A 610 -5.48 -56.85 43.01
C PRO A 610 -6.35 -58.09 43.05
N ASN A 611 -5.78 -59.24 43.45
CA ASN A 611 -6.59 -60.46 43.53
C ASN A 611 -7.57 -60.41 44.69
N LEU A 612 -7.34 -59.54 45.69
CA LEU A 612 -8.37 -59.29 46.70
C LEU A 612 -9.60 -58.66 46.07
N MET A 613 -9.40 -57.61 45.27
CA MET A 613 -10.51 -57.03 44.52
C MET A 613 -11.11 -58.02 43.54
N TYR A 614 -10.29 -58.93 43.00
CA TYR A 614 -10.79 -59.97 42.11
C TYR A 614 -11.82 -60.85 42.82
N HIS A 615 -11.39 -61.57 43.86
CA HIS A 615 -12.28 -62.51 44.54
C HIS A 615 -13.39 -61.81 45.32
N ALA A 616 -13.27 -60.52 45.58
CA ALA A 616 -14.34 -59.80 46.26
C ALA A 616 -15.58 -59.72 45.39
N PHE A 617 -15.45 -59.18 44.19
CA PHE A 617 -16.60 -59.00 43.32
C PHE A 617 -16.99 -60.26 42.55
N ASN A 618 -16.19 -61.33 42.63
CA ASN A 618 -16.52 -62.58 41.98
C ASN A 618 -17.37 -63.50 42.86
N VAL A 619 -17.57 -63.13 44.12
CA VAL A 619 -18.53 -63.83 44.98
C VAL A 619 -19.75 -62.94 45.15
N LEU A 620 -20.87 -63.58 45.44
CA LEU A 620 -22.14 -62.89 45.59
C LEU A 620 -22.73 -63.21 46.95
N PRO A 621 -22.98 -62.23 47.81
CA PRO A 621 -23.33 -62.53 49.19
C PRO A 621 -24.78 -62.95 49.35
N GLU A 622 -25.01 -63.83 50.32
CA GLU A 622 -26.33 -64.30 50.66
C GLU A 622 -27.32 -63.14 50.81
N GLN A 623 -28.30 -63.08 49.93
CA GLN A 623 -29.30 -62.03 49.97
C GLN A 623 -30.35 -62.40 51.02
N GLN A 624 -30.37 -61.65 52.12
CA GLN A 624 -31.27 -61.93 53.24
C GLN A 624 -32.63 -61.28 53.06
N LEU A 625 -32.67 -60.06 52.53
CA LEU A 625 -33.90 -59.29 52.45
C LEU A 625 -33.90 -58.42 51.22
N ASN A 626 -35.09 -58.24 50.64
CA ASN A 626 -35.39 -57.33 49.55
C ASN A 626 -34.70 -55.97 49.77
N PRO A 627 -34.01 -55.44 48.75
CA PRO A 627 -33.49 -54.07 48.87
C PRO A 627 -34.55 -53.06 49.28
N HIS A 628 -35.74 -53.19 48.71
CA HIS A 628 -36.87 -52.35 49.11
C HIS A 628 -37.12 -52.42 50.61
N ARG A 629 -37.31 -53.63 51.12
CA ARG A 629 -37.67 -53.80 52.53
C ARG A 629 -36.52 -53.43 53.46
N ALA A 630 -35.28 -53.61 53.00
CA ALA A 630 -34.13 -53.18 53.79
C ALA A 630 -34.16 -51.67 54.02
N PHE A 631 -34.36 -50.90 52.95
CA PHE A 631 -34.48 -49.45 53.08
C PHE A 631 -35.67 -49.08 53.96
N GLN A 632 -36.80 -49.77 53.77
CA GLN A 632 -37.97 -49.51 54.60
C GLN A 632 -37.66 -49.66 56.08
N LYS A 633 -36.75 -50.58 56.44
CA LYS A 633 -36.39 -50.74 57.84
C LYS A 633 -35.64 -49.53 58.39
N LEU A 634 -34.90 -48.82 57.53
CA LEU A 634 -34.29 -47.57 57.95
C LEU A 634 -35.35 -46.56 58.36
N LEU A 635 -36.35 -46.38 57.50
CA LEU A 635 -37.48 -45.50 57.81
C LEU A 635 -38.15 -45.91 59.11
N LYS A 636 -38.63 -47.16 59.17
CA LYS A 636 -39.30 -47.66 60.37
C LYS A 636 -38.40 -47.63 61.60
N GLY A 637 -37.08 -47.62 61.43
CA GLY A 637 -36.15 -47.41 62.52
C GLY A 637 -35.42 -48.66 62.99
N LYS A 638 -35.91 -49.86 62.65
CA LYS A 638 -35.31 -51.08 63.18
C LYS A 638 -33.95 -51.34 62.54
N VAL A 639 -32.91 -50.74 63.12
CA VAL A 639 -31.55 -50.84 62.58
C VAL A 639 -30.58 -50.33 63.64
N LYS A 640 -29.40 -50.97 63.75
CA LYS A 640 -28.37 -50.57 64.70
C LYS A 640 -27.04 -50.41 63.99
N LYS A 641 -26.21 -49.52 64.53
CA LYS A 641 -24.93 -49.16 63.92
C LYS A 641 -23.80 -49.92 64.62
N VAL A 642 -23.06 -50.71 63.85
CA VAL A 642 -21.94 -51.52 64.36
C VAL A 642 -20.75 -51.30 63.43
N PRO A 643 -19.51 -51.46 63.91
CA PRO A 643 -18.34 -51.16 63.07
C PRO A 643 -18.19 -52.11 61.89
N LEU A 644 -17.35 -51.70 60.93
CA LEU A 644 -17.14 -52.48 59.70
C LEU A 644 -16.73 -53.91 59.98
N ALA A 645 -15.77 -54.11 60.89
CA ALA A 645 -15.41 -55.45 61.32
C ALA A 645 -16.64 -56.29 61.66
N GLU A 646 -17.54 -55.73 62.47
CA GLU A 646 -18.70 -56.45 62.97
C GLU A 646 -19.83 -56.56 61.93
N LEU A 647 -19.58 -56.17 60.68
CA LEU A 647 -20.55 -56.41 59.61
C LEU A 647 -20.68 -57.90 59.32
N TYR A 648 -19.64 -58.67 59.61
CA TYR A 648 -19.66 -60.12 59.44
C TYR A 648 -20.90 -60.73 60.08
N GLU A 649 -21.53 -61.67 59.35
CA GLU A 649 -22.70 -62.41 59.79
C GLU A 649 -23.93 -61.55 60.01
N HIS A 650 -23.89 -60.28 59.63
CA HIS A 650 -25.03 -59.39 59.78
C HIS A 650 -25.58 -58.98 58.42
N THR A 651 -26.77 -58.39 58.44
CA THR A 651 -27.48 -58.01 57.22
C THR A 651 -27.32 -56.51 57.03
N SER A 652 -26.71 -56.12 55.92
CA SER A 652 -26.46 -54.71 55.66
C SER A 652 -27.76 -53.98 55.38
N ALA A 653 -27.88 -52.79 55.97
CA ALA A 653 -29.05 -51.95 55.79
C ALA A 653 -28.92 -50.98 54.63
N VAL A 654 -27.70 -50.73 54.16
CA VAL A 654 -27.44 -49.74 53.12
C VAL A 654 -26.43 -50.31 52.13
N MET A 655 -26.35 -49.67 50.96
CA MET A 655 -25.40 -50.10 49.95
C MET A 655 -23.98 -49.71 50.33
N ILE A 656 -23.03 -50.61 50.06
CA ILE A 656 -21.61 -50.35 50.23
C ILE A 656 -20.99 -50.17 48.86
N LEU A 657 -20.18 -49.12 48.71
CA LEU A 657 -19.67 -48.70 47.41
C LEU A 657 -18.21 -48.29 47.55
N PRO A 658 -17.28 -49.21 47.36
CA PRO A 658 -15.86 -48.88 47.50
C PRO A 658 -15.28 -48.24 46.25
N TYR A 659 -14.41 -47.25 46.48
CA TYR A 659 -13.57 -46.67 45.43
C TYR A 659 -12.11 -46.88 45.81
N PRO A 660 -11.34 -47.70 45.09
CA PRO A 660 -11.68 -48.45 43.87
C PRO A 660 -12.59 -49.65 44.15
N PRO A 661 -13.20 -50.23 43.11
CA PRO A 661 -13.14 -49.87 41.69
C PRO A 661 -14.31 -48.98 41.25
N GLY A 662 -15.10 -48.51 42.22
CA GLY A 662 -16.29 -47.75 41.92
C GLY A 662 -17.42 -48.65 41.45
N ILE A 663 -17.69 -49.68 42.22
CA ILE A 663 -18.70 -50.69 41.90
C ILE A 663 -19.41 -51.10 43.19
N PRO A 664 -20.73 -51.24 43.18
CA PRO A 664 -21.42 -51.76 44.36
C PRO A 664 -20.89 -53.13 44.74
N VAL A 665 -20.49 -53.26 46.01
CA VAL A 665 -20.03 -54.53 46.54
C VAL A 665 -21.19 -55.35 47.09
N ILE A 666 -22.05 -54.69 47.88
CA ILE A 666 -23.24 -55.31 48.46
C ILE A 666 -24.40 -54.31 48.36
N PHE A 667 -25.59 -54.84 48.17
CA PHE A 667 -26.80 -54.04 48.14
C PHE A 667 -27.49 -54.08 49.50
N PRO A 668 -28.41 -53.15 49.77
CA PRO A 668 -29.20 -53.24 51.01
C PRO A 668 -29.93 -54.55 51.13
N GLY A 669 -29.90 -55.12 52.34
CA GLY A 669 -30.58 -56.36 52.63
C GLY A 669 -29.74 -57.61 52.48
N GLU A 670 -28.58 -57.52 51.85
CA GLU A 670 -27.72 -58.68 51.70
C GLU A 670 -26.87 -58.89 52.95
N LYS A 671 -26.40 -60.12 53.13
CA LYS A 671 -25.68 -60.51 54.34
C LYS A 671 -24.36 -61.18 53.96
N ILE A 672 -23.32 -60.86 54.70
CA ILE A 672 -22.00 -61.47 54.53
C ILE A 672 -21.93 -62.74 55.36
N THR A 673 -21.35 -63.80 54.80
CA THR A 673 -21.11 -65.03 55.53
C THR A 673 -19.68 -65.50 55.32
N GLU A 674 -19.36 -66.72 55.75
CA GLU A 674 -18.08 -67.32 55.42
C GLU A 674 -17.84 -67.32 53.92
N GLU A 675 -18.86 -67.75 53.15
CA GLU A 675 -18.75 -67.76 51.68
C GLU A 675 -18.36 -66.40 51.13
N SER A 676 -18.96 -65.32 51.66
CA SER A 676 -18.72 -63.97 51.17
C SER A 676 -17.81 -63.18 52.10
N LYS A 677 -16.96 -63.86 52.88
CA LYS A 677 -15.99 -63.17 53.72
C LYS A 677 -15.03 -62.32 52.90
N VAL A 678 -14.70 -62.76 51.68
CA VAL A 678 -13.76 -62.11 50.79
C VAL A 678 -14.00 -60.61 50.71
N ILE A 679 -15.25 -60.20 50.55
CA ILE A 679 -15.57 -58.80 50.34
C ILE A 679 -15.26 -57.96 51.59
N LEU A 680 -15.53 -58.51 52.78
CA LEU A 680 -15.27 -57.75 53.99
C LEU A 680 -13.78 -57.66 54.28
N ASP A 681 -13.03 -58.71 53.94
CA ASP A 681 -11.57 -58.64 54.01
C ASP A 681 -11.04 -57.52 53.11
N PHE A 682 -11.51 -57.49 51.86
CA PHE A 682 -11.13 -56.42 50.94
C PHE A 682 -11.47 -55.04 51.51
N LEU A 683 -12.66 -54.90 52.09
CA LEU A 683 -13.05 -53.63 52.69
C LEU A 683 -12.10 -53.22 53.81
N LEU A 684 -11.95 -54.08 54.82
CA LEU A 684 -11.08 -53.75 55.95
C LEU A 684 -9.66 -53.46 55.49
N MET A 685 -9.21 -54.10 54.41
CA MET A 685 -7.91 -53.79 53.84
C MET A 685 -7.87 -52.36 53.29
N LEU A 686 -8.94 -51.95 52.59
CA LEU A 686 -9.02 -50.60 52.05
C LEU A 686 -8.83 -49.53 53.12
N GLU A 687 -9.23 -49.83 54.36
CA GLU A 687 -9.01 -48.89 55.46
C GLU A 687 -7.52 -48.69 55.72
N LYS A 688 -6.83 -49.76 56.13
CA LYS A 688 -5.40 -49.69 56.40
C LYS A 688 -4.63 -49.06 55.24
N ILE A 689 -4.92 -49.50 54.01
CA ILE A 689 -4.17 -49.02 52.85
C ILE A 689 -4.54 -47.58 52.54
N GLY A 690 -5.78 -47.16 52.83
CA GLY A 690 -6.18 -45.80 52.52
C GLY A 690 -5.56 -44.77 53.43
N SER A 691 -5.26 -45.16 54.67
CA SER A 691 -4.59 -44.25 55.60
C SER A 691 -3.15 -43.97 55.18
N MET A 692 -2.34 -45.03 55.07
CA MET A 692 -0.89 -44.95 55.19
C MET A 692 -0.26 -43.79 54.42
N LEU A 693 -0.35 -43.80 53.09
CA LEU A 693 0.44 -42.79 52.40
C LEU A 693 -0.38 -41.52 52.20
N PRO A 694 0.18 -40.35 52.54
CA PRO A 694 -0.59 -39.10 52.43
C PRO A 694 -0.79 -38.69 50.99
N GLY A 695 -1.98 -38.17 50.69
CA GLY A 695 -2.35 -37.76 49.35
C GLY A 695 -2.97 -38.85 48.51
N PHE A 696 -2.72 -40.11 48.84
CA PHE A 696 -3.35 -41.25 48.18
C PHE A 696 -4.39 -41.81 49.16
N ASP A 697 -5.66 -41.71 48.80
CA ASP A 697 -6.73 -42.02 49.72
C ASP A 697 -7.62 -43.13 49.16
N THR A 698 -8.51 -43.62 50.02
CA THR A 698 -9.54 -44.58 49.64
C THR A 698 -10.87 -44.09 50.21
N ASP A 699 -11.96 -44.49 49.54
CA ASP A 699 -13.29 -44.10 49.98
C ASP A 699 -14.22 -45.29 49.85
N ILE A 700 -15.14 -45.42 50.80
CA ILE A 700 -16.17 -46.45 50.77
C ILE A 700 -17.50 -45.82 51.15
N HIS A 701 -18.37 -45.62 50.16
CA HIS A 701 -19.68 -45.04 50.42
C HIS A 701 -20.57 -46.05 51.13
N GLY A 702 -21.24 -45.60 52.20
CA GLY A 702 -22.15 -46.44 52.93
C GLY A 702 -21.88 -46.53 54.43
N PRO A 703 -20.61 -46.70 54.82
CA PRO A 703 -20.26 -46.61 56.24
C PRO A 703 -20.16 -45.15 56.67
N GLU A 704 -19.83 -44.96 57.94
CA GLU A 704 -19.77 -43.62 58.53
C GLU A 704 -18.52 -43.50 59.39
N ARG A 705 -17.69 -42.51 59.10
CA ARG A 705 -16.52 -42.23 59.92
C ARG A 705 -16.96 -41.42 61.14
N ALA A 706 -16.74 -41.97 62.33
CA ALA A 706 -17.23 -41.37 63.56
C ALA A 706 -16.22 -40.36 64.11
N LYS A 707 -16.56 -39.80 65.27
CA LYS A 707 -15.59 -39.02 66.05
C LYS A 707 -14.26 -39.75 66.18
N ASP A 708 -14.29 -40.95 66.75
CA ASP A 708 -13.08 -41.74 66.96
C ASP A 708 -12.42 -42.20 65.67
N GLY A 709 -13.02 -41.93 64.51
CA GLY A 709 -12.48 -42.38 63.24
C GLY A 709 -13.01 -43.71 62.75
N LYS A 710 -13.22 -44.66 63.67
CA LYS A 710 -13.78 -45.97 63.32
C LYS A 710 -15.08 -45.81 62.52
N LEU A 711 -15.28 -46.73 61.58
CA LEU A 711 -16.36 -46.66 60.61
C LEU A 711 -17.42 -47.70 60.94
N TYR A 712 -18.60 -47.25 61.37
CA TYR A 712 -19.72 -48.15 61.63
C TYR A 712 -20.65 -48.24 60.43
N ILE A 713 -21.18 -49.43 60.20
CA ILE A 713 -22.28 -49.63 59.27
C ILE A 713 -23.54 -49.91 60.08
N LYS A 714 -24.66 -49.43 59.57
CA LYS A 714 -25.96 -49.71 60.20
C LYS A 714 -26.47 -51.04 59.66
N VAL A 715 -26.77 -51.96 60.58
CA VAL A 715 -27.28 -53.29 60.21
C VAL A 715 -28.69 -53.42 60.76
N ILE A 716 -29.43 -54.36 60.18
CA ILE A 716 -30.88 -54.33 60.28
C ILE A 716 -31.35 -54.91 61.60
N ASP A 717 -32.54 -54.51 62.02
CA ASP A 717 -33.21 -54.96 63.24
C ASP A 717 -32.30 -54.97 64.46
N GLU B 1 6.26 35.58 -11.64
CA GLU B 1 5.34 36.16 -10.67
C GLU B 1 3.89 36.06 -11.15
N ASN B 2 3.19 35.04 -10.68
CA ASN B 2 1.76 34.79 -10.89
C ASN B 2 1.37 34.72 -12.36
N LEU B 3 2.32 34.68 -13.28
CA LEU B 3 2.06 34.52 -14.70
C LEU B 3 2.74 33.22 -15.15
N TYR B 4 1.93 32.22 -15.49
CA TYR B 4 2.47 30.90 -15.80
C TYR B 4 1.37 30.06 -16.46
N PHE B 5 1.77 28.86 -16.89
CA PHE B 5 0.86 27.91 -17.50
C PHE B 5 -0.24 27.51 -16.51
N GLN B 6 -1.30 26.91 -17.05
CA GLN B 6 -2.30 26.33 -16.16
C GLN B 6 -1.81 25.02 -15.55
N GLY B 7 -1.50 24.04 -16.39
CA GLY B 7 -0.89 22.82 -15.91
C GLY B 7 0.61 22.91 -15.88
N LYS B 8 1.17 23.68 -14.93
CA LYS B 8 2.62 23.77 -14.82
C LYS B 8 3.19 22.42 -14.42
N THR B 9 3.77 21.70 -15.36
CA THR B 9 4.38 20.41 -15.08
C THR B 9 5.89 20.49 -15.25
N VAL B 10 6.61 19.84 -14.36
CA VAL B 10 8.05 19.69 -14.44
C VAL B 10 8.36 18.21 -14.54
N VAL B 11 9.06 17.82 -15.60
CA VAL B 11 9.29 16.42 -15.92
C VAL B 11 10.57 15.97 -15.22
N PHE B 12 10.43 15.13 -14.21
CA PHE B 12 11.55 14.39 -13.65
C PHE B 12 11.74 13.13 -14.48
N VAL B 13 12.93 12.95 -15.04
CA VAL B 13 13.27 11.75 -15.81
C VAL B 13 14.63 11.24 -15.33
N TYR B 14 14.60 10.30 -14.39
CA TYR B 14 15.79 9.60 -13.93
C TYR B 14 15.62 8.11 -14.18
N LYS B 15 16.72 7.46 -14.59
CA LYS B 15 16.68 6.05 -14.91
C LYS B 15 16.22 5.24 -13.71
N ASP B 16 15.14 4.48 -13.88
CA ASP B 16 14.68 3.57 -12.85
C ASP B 16 15.85 2.71 -12.37
N THR B 17 15.79 2.31 -11.09
CA THR B 17 16.92 1.70 -10.37
C THR B 17 18.07 2.69 -10.20
N LEU B 18 17.75 3.89 -9.73
CA LEU B 18 18.76 4.85 -9.29
C LEU B 18 19.38 4.38 -7.97
N LYS B 19 20.38 5.13 -7.51
CA LYS B 19 20.86 4.95 -6.15
C LYS B 19 19.86 5.52 -5.17
N SER B 20 19.90 5.00 -3.93
CA SER B 20 18.91 5.40 -2.94
C SER B 20 19.01 6.87 -2.61
N TYR B 21 20.23 7.39 -2.42
CA TYR B 21 20.39 8.78 -2.01
C TYR B 21 20.09 9.74 -3.14
N LYS B 22 20.26 9.32 -4.40
CA LYS B 22 19.89 10.18 -5.52
C LYS B 22 18.38 10.20 -5.75
N GLU B 23 17.71 9.08 -5.47
CA GLU B 23 16.24 9.07 -5.53
C GLU B 23 15.65 10.02 -4.50
N LYS B 24 16.12 9.92 -3.25
CA LYS B 24 15.64 10.82 -2.20
C LYS B 24 15.88 12.27 -2.56
N PHE B 25 16.99 12.57 -3.23
CA PHE B 25 17.30 13.94 -3.62
C PHE B 25 16.28 14.46 -4.63
N LEU B 26 16.08 13.74 -5.73
CA LEU B 26 15.16 14.20 -6.76
C LEU B 26 13.72 14.24 -6.26
N LEU B 27 13.38 13.40 -5.28
CA LEU B 27 12.03 13.43 -4.72
C LEU B 27 11.85 14.56 -3.73
N LYS B 28 12.89 14.89 -2.96
CA LYS B 28 12.81 16.03 -2.05
C LYS B 28 12.52 17.32 -2.81
N ILE B 29 13.21 17.52 -3.93
CA ILE B 29 12.96 18.71 -4.75
C ILE B 29 11.72 18.56 -5.61
N GLU B 30 11.19 17.34 -5.78
CA GLU B 30 9.89 17.18 -6.42
C GLU B 30 8.77 17.60 -5.48
N LYS B 31 8.78 17.09 -4.25
CA LYS B 31 7.81 17.53 -3.25
C LYS B 31 7.93 19.04 -3.02
N ASP B 32 9.16 19.53 -2.87
CA ASP B 32 9.37 20.96 -2.68
C ASP B 32 8.79 21.77 -3.83
N LEU B 33 8.95 21.29 -5.07
CA LEU B 33 8.37 21.99 -6.20
C LEU B 33 6.85 21.93 -6.17
N LYS B 34 6.27 20.86 -5.65
CA LYS B 34 4.81 20.77 -5.55
C LYS B 34 4.29 21.70 -4.46
N ASN B 35 4.79 21.55 -3.23
CA ASN B 35 4.19 22.21 -2.08
C ASN B 35 4.51 23.70 -2.03
N HIS B 36 5.59 24.14 -2.65
CA HIS B 36 5.83 25.55 -2.90
C HIS B 36 5.57 25.84 -4.37
N HIS B 37 4.81 26.90 -4.62
CA HIS B 37 4.46 27.35 -5.98
C HIS B 37 3.86 26.24 -6.85
N GLU B 38 3.05 25.38 -6.22
CA GLU B 38 2.02 24.57 -6.88
C GLU B 38 2.41 24.07 -8.27
N TYR B 39 3.43 23.24 -8.31
CA TYR B 39 3.82 22.64 -9.58
C TYR B 39 3.16 21.27 -9.77
N TYR B 40 3.18 20.79 -11.01
CA TYR B 40 2.78 19.44 -11.34
C TYR B 40 4.02 18.69 -11.82
N THR B 41 4.01 17.36 -11.69
CA THR B 41 5.21 16.59 -11.95
C THR B 41 4.90 15.34 -12.76
N LEU B 42 5.74 15.05 -13.74
CA LEU B 42 5.80 13.76 -14.40
C LEU B 42 7.09 13.06 -14.02
N LYS B 43 7.03 11.74 -13.89
CA LYS B 43 8.22 10.92 -13.78
C LYS B 43 8.26 9.99 -14.99
N LEU B 44 9.40 9.93 -15.66
CA LEU B 44 9.56 9.13 -16.86
C LEU B 44 10.84 8.32 -16.75
N ASP B 45 11.01 7.39 -17.70
CA ASP B 45 12.15 6.48 -17.69
C ASP B 45 13.28 6.90 -18.61
N ASP B 46 13.00 7.74 -19.60
CA ASP B 46 14.06 8.20 -20.51
C ASP B 46 13.60 9.47 -21.20
N LEU B 47 14.57 10.23 -21.72
CA LEU B 47 14.29 11.51 -22.35
C LEU B 47 13.51 11.34 -23.65
N SER B 48 13.65 10.18 -24.31
CA SER B 48 12.92 9.91 -25.55
C SER B 48 11.41 10.12 -25.37
N GLU B 49 10.89 9.78 -24.18
CA GLU B 49 9.47 10.04 -23.92
C GLU B 49 9.16 11.53 -23.94
N VAL B 50 10.07 12.35 -23.43
CA VAL B 50 9.80 13.78 -23.30
C VAL B 50 9.62 14.42 -24.66
N VAL B 51 10.53 14.13 -25.60
CA VAL B 51 10.41 14.71 -26.94
C VAL B 51 9.11 14.29 -27.61
N GLU B 52 8.63 13.07 -27.33
CA GLU B 52 7.30 12.68 -27.77
C GLU B 52 6.24 13.60 -27.19
N ILE B 53 6.31 13.85 -25.87
CA ILE B 53 5.30 14.65 -25.20
C ILE B 53 5.36 16.10 -25.67
N LEU B 54 6.58 16.63 -25.83
CA LEU B 54 6.74 18.03 -26.21
C LEU B 54 6.08 18.35 -27.54
N GLU B 55 6.00 17.38 -28.45
CA GLU B 55 5.36 17.62 -29.74
C GLU B 55 3.84 17.57 -29.66
N GLU B 56 3.28 17.36 -28.48
CA GLU B 56 1.85 17.34 -28.23
C GLU B 56 1.43 18.27 -27.10
N ASN B 57 2.25 18.36 -26.05
CA ASN B 57 1.95 19.18 -24.88
C ASN B 57 3.12 20.13 -24.66
N SER B 58 2.83 21.42 -24.59
CA SER B 58 3.85 22.44 -24.38
C SER B 58 3.70 23.14 -23.04
N ARG B 59 2.90 22.59 -22.13
CA ARG B 59 2.80 23.10 -20.77
C ARG B 59 3.76 22.39 -19.80
N ILE B 60 4.68 21.57 -20.31
CA ILE B 60 5.83 21.19 -19.51
C ILE B 60 6.81 22.36 -19.54
N CYS B 61 7.35 22.72 -18.37
CA CYS B 61 8.10 23.97 -18.29
C CYS B 61 9.47 23.80 -17.65
N CYS B 62 9.95 22.56 -17.51
CA CYS B 62 11.29 22.27 -17.03
C CYS B 62 11.55 20.77 -17.12
N ILE B 63 12.82 20.40 -17.34
CA ILE B 63 13.23 19.00 -17.37
C ILE B 63 14.42 18.86 -16.43
N VAL B 64 14.23 18.13 -15.33
CA VAL B 64 15.31 17.79 -14.41
C VAL B 64 15.55 16.29 -14.51
N LEU B 65 16.74 15.92 -14.95
CA LEU B 65 17.09 14.52 -15.20
C LEU B 65 18.36 14.15 -14.47
N ASP B 66 18.41 12.92 -13.97
CA ASP B 66 19.66 12.37 -13.49
C ASP B 66 20.59 12.12 -14.68
N ARG B 67 21.90 12.20 -14.42
CA ARG B 67 22.87 12.15 -15.52
C ARG B 67 22.83 10.82 -16.26
N ALA B 68 22.40 9.75 -15.59
CA ALA B 68 22.23 8.47 -16.27
C ALA B 68 21.34 8.60 -17.50
N SER B 69 20.23 9.33 -17.38
CA SER B 69 19.24 9.44 -18.44
C SER B 69 19.63 10.45 -19.52
N PHE B 70 20.83 11.01 -19.43
CA PHE B 70 21.31 11.94 -20.45
C PHE B 70 21.37 11.23 -21.80
N ASN B 71 20.84 11.88 -22.84
CA ASN B 71 20.79 11.30 -24.17
C ASN B 71 21.15 12.35 -25.21
N ILE B 72 22.14 12.04 -26.04
CA ILE B 72 22.59 12.97 -27.07
C ILE B 72 21.45 13.28 -28.05
N GLU B 73 20.70 12.25 -28.45
CA GLU B 73 19.67 12.42 -29.46
C GLU B 73 18.55 13.34 -28.97
N ALA B 74 17.96 13.01 -27.82
CA ALA B 74 16.86 13.81 -27.28
C ALA B 74 17.24 15.28 -27.14
N PHE B 75 18.49 15.56 -26.77
CA PHE B 75 18.90 16.95 -26.62
C PHE B 75 18.99 17.66 -27.97
N HIS B 76 19.36 16.94 -29.03
CA HIS B 76 19.27 17.52 -30.37
C HIS B 76 17.82 17.81 -30.75
N ASN B 77 16.91 16.90 -30.41
CA ASN B 77 15.50 17.10 -30.73
C ASN B 77 14.88 18.19 -29.87
N ILE B 78 15.18 18.18 -28.57
CA ILE B 78 14.70 19.24 -27.67
C ILE B 78 15.21 20.60 -28.14
N ALA B 79 16.45 20.64 -28.65
CA ALA B 79 16.99 21.88 -29.21
C ALA B 79 16.08 22.43 -30.30
N HIS B 80 15.67 21.59 -31.24
CA HIS B 80 14.84 22.02 -32.36
C HIS B 80 13.39 22.25 -31.98
N LEU B 81 13.01 22.00 -30.73
CA LEU B 81 11.65 22.26 -30.25
C LEU B 81 11.54 23.47 -29.35
N ASN B 82 12.44 23.62 -28.38
CA ASN B 82 12.36 24.73 -27.44
C ASN B 82 13.77 24.96 -26.87
N THR B 83 14.44 26.00 -27.37
CA THR B 83 15.78 26.31 -26.87
C THR B 83 15.73 26.92 -25.48
N LYS B 84 14.67 27.68 -25.17
CA LYS B 84 14.56 28.37 -23.89
C LYS B 84 14.11 27.47 -22.76
N LEU B 85 13.69 26.25 -23.04
CA LEU B 85 13.11 25.37 -22.01
C LEU B 85 14.14 25.03 -20.95
N PRO B 86 13.88 25.31 -19.67
CA PRO B 86 14.85 25.00 -18.62
C PRO B 86 15.13 23.50 -18.53
N ILE B 87 16.42 23.15 -18.49
CA ILE B 87 16.86 21.78 -18.32
C ILE B 87 17.82 21.73 -17.15
N PHE B 88 17.75 20.66 -16.35
CA PHE B 88 18.60 20.47 -15.19
C PHE B 88 19.13 19.05 -15.19
N VAL B 89 20.45 18.92 -15.08
CA VAL B 89 21.12 17.62 -15.05
C VAL B 89 21.72 17.44 -13.66
N ALA B 90 21.19 16.50 -12.89
CA ALA B 90 21.70 16.19 -11.56
C ALA B 90 22.76 15.10 -11.68
N SER B 91 23.96 15.37 -11.18
CA SER B 91 25.05 14.41 -11.23
C SER B 91 25.94 14.58 -10.01
N ASP B 92 26.60 13.50 -9.63
CA ASP B 92 27.60 13.57 -8.57
C ASP B 92 28.95 14.02 -9.14
N TYR B 93 29.97 14.02 -8.28
CA TYR B 93 31.32 14.44 -8.66
C TYR B 93 32.05 13.33 -9.44
N SER B 94 31.49 12.96 -10.59
CA SER B 94 32.07 11.82 -11.32
C SER B 94 32.20 11.98 -12.83
N GLN B 95 31.42 12.83 -13.50
CA GLN B 95 31.29 12.72 -14.95
C GLN B 95 31.24 14.09 -15.61
N SER B 96 32.00 14.24 -16.70
CA SER B 96 32.05 15.47 -17.49
C SER B 96 31.15 15.36 -18.72
N ILE B 97 31.10 16.45 -19.48
CA ILE B 97 29.99 16.70 -20.41
C ILE B 97 30.18 15.88 -21.69
N LYS B 98 29.06 15.68 -22.40
CA LYS B 98 29.08 15.22 -23.78
C LYS B 98 29.24 16.41 -24.72
N LEU B 99 30.10 16.24 -25.73
CA LEU B 99 30.56 17.37 -26.52
C LEU B 99 29.49 17.96 -27.43
N ASN B 100 28.45 17.19 -27.78
CA ASN B 100 27.39 17.71 -28.64
C ASN B 100 26.86 19.04 -28.13
N LEU B 101 26.83 19.24 -26.81
CA LEU B 101 26.15 20.38 -26.22
C LEU B 101 27.00 21.64 -26.21
N ARG B 102 28.31 21.51 -26.38
CA ARG B 102 29.18 22.65 -26.66
C ARG B 102 28.53 23.62 -27.64
N ASP B 103 28.08 23.09 -28.78
CA ASP B 103 27.43 23.94 -29.78
C ASP B 103 25.96 24.19 -29.44
N PHE B 104 25.25 23.16 -28.99
CA PHE B 104 23.82 23.28 -28.77
C PHE B 104 23.54 24.28 -27.66
N ASN B 105 22.54 25.12 -27.87
CA ASN B 105 22.15 26.15 -26.90
C ASN B 105 20.79 25.77 -26.32
N LEU B 106 20.82 25.02 -25.23
CA LEU B 106 19.64 24.76 -24.41
C LEU B 106 19.72 25.63 -23.16
N ASN B 107 18.69 25.55 -22.33
CA ASN B 107 18.71 26.23 -21.04
C ASN B 107 19.14 25.26 -19.94
N ILE B 108 20.32 24.68 -20.15
CA ILE B 108 20.82 23.65 -19.24
C ILE B 108 21.56 24.31 -18.08
N ASN B 109 21.21 23.89 -16.87
CA ASN B 109 22.03 24.08 -15.69
C ASN B 109 22.34 22.71 -15.11
N PHE B 110 23.31 22.66 -14.20
CA PHE B 110 23.76 21.39 -13.64
C PHE B 110 23.68 21.44 -12.13
N LEU B 111 23.03 20.44 -11.56
CA LEU B 111 22.96 20.27 -10.11
C LEU B 111 23.93 19.18 -9.69
N GLN B 112 24.39 19.27 -8.45
CA GLN B 112 25.25 18.25 -7.88
C GLN B 112 24.54 17.62 -6.69
N TYR B 113 24.67 16.30 -6.57
CA TYR B 113 24.05 15.61 -5.44
C TYR B 113 24.79 15.99 -4.17
N ASP B 114 24.04 16.48 -3.18
CA ASP B 114 24.63 17.11 -2.01
C ASP B 114 23.53 17.28 -0.96
N ALA B 115 23.87 17.99 0.12
CA ALA B 115 22.86 18.31 1.13
C ALA B 115 21.79 19.23 0.56
N LEU B 116 22.21 20.33 -0.07
CA LEU B 116 21.30 21.40 -0.46
C LEU B 116 20.36 20.91 -1.56
N ALA B 117 19.14 20.53 -1.18
CA ALA B 117 18.11 20.10 -2.11
C ALA B 117 17.02 21.14 -2.29
N GLY B 118 16.43 21.61 -1.19
CA GLY B 118 15.45 22.68 -1.28
C GLY B 118 16.02 23.95 -1.87
N GLU B 119 17.32 24.18 -1.67
CA GLU B 119 18.01 25.26 -2.37
C GLU B 119 17.84 25.12 -3.88
N ASP B 120 18.18 23.95 -4.42
CA ASP B 120 18.01 23.69 -5.85
C ASP B 120 16.54 23.84 -6.25
N SER B 121 15.62 23.39 -5.41
CA SER B 121 14.20 23.57 -5.69
C SER B 121 13.85 25.04 -5.89
N ASP B 122 14.43 25.93 -5.08
CA ASP B 122 14.24 27.35 -5.30
C ASP B 122 14.97 27.82 -6.55
N PHE B 123 16.16 27.28 -6.80
CA PHE B 123 16.91 27.63 -8.00
C PHE B 123 16.14 27.22 -9.25
N ILE B 124 15.50 26.05 -9.22
CA ILE B 124 14.70 25.60 -10.35
C ILE B 124 13.51 26.52 -10.57
N HIS B 125 12.81 26.86 -9.48
CA HIS B 125 11.64 27.73 -9.60
C HIS B 125 11.98 29.08 -10.22
N LYS B 126 13.14 29.63 -9.86
CA LYS B 126 13.53 30.93 -10.41
C LYS B 126 13.75 30.84 -11.92
N THR B 127 14.56 29.89 -12.37
CA THR B 127 14.83 29.74 -13.79
C THR B 127 13.58 29.36 -14.58
N ILE B 128 12.55 28.84 -13.91
CA ILE B 128 11.27 28.61 -14.58
C ILE B 128 10.50 29.91 -14.75
N THR B 129 10.37 30.68 -13.67
CA THR B 129 9.65 31.94 -13.75
C THR B 129 10.32 32.92 -14.69
N ASN B 130 11.64 32.80 -14.85
CA ASN B 130 12.32 33.55 -15.91
C ASN B 130 11.85 33.09 -17.28
N TYR B 131 11.78 31.77 -17.49
CA TYR B 131 11.26 31.24 -18.74
C TYR B 131 9.83 31.72 -19.01
N PHE B 132 9.02 31.82 -17.96
CA PHE B 132 7.64 32.24 -18.16
C PHE B 132 7.55 33.71 -18.54
N ASN B 133 8.44 34.53 -17.96
CA ASN B 133 8.44 35.95 -18.30
C ASN B 133 9.01 36.19 -19.69
N ASP B 134 10.00 35.39 -20.10
CA ASP B 134 10.79 35.65 -21.29
C ASP B 134 10.21 34.97 -22.54
N ILE B 135 8.92 34.68 -22.58
CA ILE B 135 8.30 34.09 -23.76
C ILE B 135 7.13 34.91 -24.31
N LEU B 136 6.61 35.88 -23.56
CA LEU B 136 5.60 36.75 -24.14
C LEU B 136 6.24 37.88 -24.93
N PRO B 137 5.60 38.30 -26.02
CA PRO B 137 6.09 39.47 -26.77
C PRO B 137 5.83 40.74 -25.98
N PRO B 138 6.51 41.86 -26.33
CA PRO B 138 6.51 43.05 -25.44
C PRO B 138 5.14 43.58 -25.04
N LEU B 139 4.29 43.95 -26.01
CA LEU B 139 3.01 44.55 -25.66
C LEU B 139 2.12 43.57 -24.91
N THR B 140 2.05 42.32 -25.37
CA THR B 140 1.27 41.30 -24.68
C THR B 140 1.72 41.18 -23.22
N TYR B 141 3.03 41.06 -23.00
CA TYR B 141 3.56 41.00 -21.64
C TYR B 141 3.17 42.24 -20.84
N GLU B 142 3.37 43.42 -21.42
CA GLU B 142 2.98 44.66 -20.75
C GLU B 142 1.51 44.65 -20.39
N LEU B 143 0.65 44.29 -21.36
CA LEU B 143 -0.78 44.24 -21.11
C LEU B 143 -1.11 43.26 -19.99
N PHE B 144 -0.55 42.05 -20.06
CA PHE B 144 -0.82 41.03 -19.05
C PHE B 144 -0.41 41.50 -17.66
N LYS B 145 0.75 42.16 -17.57
CA LYS B 145 1.24 42.65 -16.29
C LYS B 145 0.29 43.68 -15.70
N TYR B 146 -0.17 44.63 -16.53
CA TYR B 146 -1.11 45.65 -16.09
C TYR B 146 -2.34 45.04 -15.41
N SER B 147 -2.84 43.93 -15.96
CA SER B 147 -4.03 43.29 -15.41
C SER B 147 -3.92 43.06 -13.91
N LYS B 148 -2.71 42.77 -13.43
CA LYS B 148 -2.52 42.42 -12.03
C LYS B 148 -2.54 43.65 -11.11
N SER B 149 -2.48 44.86 -11.66
CA SER B 149 -2.58 46.05 -10.84
C SER B 149 -4.03 46.28 -10.40
N PHE B 150 -4.18 47.16 -9.40
CA PHE B 150 -5.49 47.59 -8.91
C PHE B 150 -5.51 49.10 -8.96
N ASN B 151 -6.31 49.67 -9.86
CA ASN B 151 -6.11 51.04 -10.32
C ASN B 151 -7.16 52.03 -9.88
N SER B 152 -8.41 51.61 -9.63
CA SER B 152 -9.46 52.51 -9.15
C SER B 152 -9.66 53.67 -10.13
N ALA B 153 -10.12 53.32 -11.33
CA ALA B 153 -10.18 54.25 -12.45
C ALA B 153 -11.55 54.89 -12.55
N PHE B 154 -11.56 56.10 -13.10
CA PHE B 154 -12.77 56.87 -13.36
C PHE B 154 -12.81 57.28 -14.83
N CYS B 155 -12.59 56.32 -15.72
CA CYS B 155 -12.33 56.59 -17.12
C CYS B 155 -13.01 55.51 -17.95
N THR B 156 -12.64 55.46 -19.27
CA THR B 156 -13.13 54.46 -20.20
C THR B 156 -12.20 53.25 -20.23
N PRO B 157 -12.72 52.05 -20.52
CA PRO B 157 -14.12 51.71 -20.79
C PRO B 157 -15.04 51.82 -19.57
N GLY B 158 -16.34 51.93 -19.82
CA GLY B 158 -17.30 52.16 -18.76
C GLY B 158 -17.44 51.01 -17.78
N HIS B 159 -17.12 49.78 -18.22
CA HIS B 159 -17.15 48.66 -17.29
C HIS B 159 -16.05 48.73 -16.25
N GLN B 160 -15.01 49.52 -16.52
CA GLN B 160 -13.95 49.83 -15.54
C GLN B 160 -13.38 48.56 -14.91
N GLY B 161 -12.85 47.69 -15.77
CA GLY B 161 -12.20 46.49 -15.31
C GLY B 161 -13.12 45.38 -14.84
N GLY B 162 -14.40 45.42 -15.22
CA GLY B 162 -15.35 44.39 -14.87
C GLY B 162 -16.39 44.82 -13.86
N TYR B 163 -16.10 45.86 -13.06
CA TYR B 163 -17.00 46.25 -11.98
C TYR B 163 -18.40 46.59 -12.46
N GLY B 164 -18.56 46.95 -13.74
CA GLY B 164 -19.88 47.29 -14.24
C GLY B 164 -20.72 46.09 -14.57
N PHE B 165 -20.09 44.98 -14.97
CA PHE B 165 -20.81 43.74 -15.21
C PHE B 165 -21.34 43.12 -13.92
N GLN B 166 -20.76 43.46 -12.77
CA GLN B 166 -21.17 42.84 -11.51
C GLN B 166 -22.48 43.40 -10.97
N ARG B 167 -22.85 44.62 -11.36
CA ARG B 167 -24.04 45.25 -10.80
C ARG B 167 -25.33 44.58 -11.24
N SER B 168 -25.34 43.89 -12.38
CA SER B 168 -26.53 43.27 -12.91
C SER B 168 -26.33 41.76 -13.05
N ALA B 169 -27.46 41.05 -13.18
CA ALA B 169 -27.42 39.59 -13.22
C ALA B 169 -26.89 39.09 -14.56
N VAL B 170 -27.54 39.51 -15.66
CA VAL B 170 -27.06 39.13 -16.99
C VAL B 170 -25.60 39.55 -17.19
N GLY B 171 -25.24 40.72 -16.65
CA GLY B 171 -23.84 41.11 -16.66
C GLY B 171 -22.95 40.08 -15.99
N ALA B 172 -23.36 39.61 -14.82
CA ALA B 172 -22.54 38.65 -14.08
C ALA B 172 -22.39 37.33 -14.83
N LEU B 173 -23.47 36.87 -15.47
CA LEU B 173 -23.39 35.64 -16.25
C LEU B 173 -22.45 35.81 -17.44
N PHE B 174 -22.48 36.98 -18.08
CA PHE B 174 -21.55 37.27 -19.16
C PHE B 174 -20.12 37.34 -18.64
N TYR B 175 -19.92 38.02 -17.51
CA TYR B 175 -18.59 38.17 -16.91
C TYR B 175 -18.00 36.80 -16.57
N ASP B 176 -18.78 35.96 -15.88
CA ASP B 176 -18.28 34.65 -15.47
C ASP B 176 -17.95 33.77 -16.66
N PHE B 177 -18.84 33.76 -17.66
CA PHE B 177 -18.62 32.97 -18.87
C PHE B 177 -17.24 33.27 -19.50
N TYR B 178 -16.91 34.55 -19.63
CA TYR B 178 -15.76 34.92 -20.44
C TYR B 178 -14.47 35.03 -19.64
N GLY B 179 -14.55 35.36 -18.35
CA GLY B 179 -13.37 35.34 -17.53
C GLY B 179 -12.77 36.69 -17.16
N GLU B 180 -12.42 36.83 -15.88
CA GLU B 180 -11.83 38.04 -15.32
C GLU B 180 -10.84 38.75 -16.23
N ASN B 181 -9.90 37.99 -16.81
CA ASN B 181 -8.74 38.60 -17.44
C ASN B 181 -9.07 39.37 -18.70
N ILE B 182 -10.07 38.93 -19.48
CA ILE B 182 -10.42 39.65 -20.70
C ILE B 182 -10.93 41.05 -20.40
N PHE B 183 -11.51 41.26 -19.22
CA PHE B 183 -11.97 42.59 -18.84
C PHE B 183 -10.86 43.42 -18.20
N LYS B 184 -9.99 42.79 -17.42
CA LYS B 184 -8.89 43.53 -16.80
C LYS B 184 -7.83 43.97 -17.80
N THR B 185 -7.79 43.37 -19.00
CA THR B 185 -6.90 43.81 -20.06
C THR B 185 -7.64 44.58 -21.14
N ASP B 186 -8.84 45.06 -20.83
CA ASP B 186 -9.63 45.90 -21.75
C ASP B 186 -9.36 47.35 -21.36
N LEU B 187 -8.27 47.89 -21.89
CA LEU B 187 -7.78 49.20 -21.49
C LEU B 187 -8.09 50.23 -22.57
N SER B 188 -7.75 51.49 -22.26
CA SER B 188 -7.86 52.60 -23.19
C SER B 188 -6.58 53.41 -23.15
N ILE B 189 -6.48 54.38 -24.05
CA ILE B 189 -5.35 55.31 -24.04
C ILE B 189 -5.31 56.11 -22.75
N SER B 190 -6.41 56.16 -21.99
CA SER B 190 -6.44 56.89 -20.74
C SER B 190 -5.49 56.29 -19.71
N MET B 191 -5.04 55.05 -19.92
CA MET B 191 -3.99 54.44 -19.10
C MET B 191 -2.71 54.54 -19.92
N LYS B 192 -1.96 55.62 -19.69
CA LYS B 192 -0.91 56.05 -20.61
C LYS B 192 0.31 55.14 -20.64
N GLU B 193 0.40 54.15 -19.76
CA GLU B 193 1.61 53.33 -19.71
C GLU B 193 1.84 52.50 -20.97
N LEU B 194 0.79 52.22 -21.75
CA LEU B 194 0.93 51.46 -22.98
C LEU B 194 0.97 52.34 -24.23
N GLY B 195 0.70 53.64 -24.09
CA GLY B 195 0.60 54.51 -25.24
C GLY B 195 -0.63 54.18 -26.09
N SER B 196 -0.53 54.48 -27.37
CA SER B 196 -1.65 54.36 -28.30
C SER B 196 -1.29 53.49 -29.48
N LEU B 197 -2.32 52.88 -30.08
CA LEU B 197 -2.14 52.14 -31.32
C LEU B 197 -2.00 53.10 -32.50
N LEU B 198 -2.92 54.05 -32.65
CA LEU B 198 -2.89 54.96 -33.78
C LEU B 198 -1.69 55.90 -33.72
N ASP B 199 -1.13 56.12 -32.54
CA ASP B 199 0.11 56.87 -32.40
C ASP B 199 1.35 56.01 -32.58
N HIS B 200 1.23 54.69 -32.41
CA HIS B 200 2.37 53.78 -32.38
C HIS B 200 3.37 54.20 -31.29
N SER B 201 2.89 54.16 -30.06
CA SER B 201 3.60 54.63 -28.88
C SER B 201 4.23 53.46 -28.12
N GLU B 202 4.66 53.73 -26.89
CA GLU B 202 5.69 52.99 -26.15
C GLU B 202 5.59 51.48 -26.30
N ALA B 203 4.50 50.90 -25.82
CA ALA B 203 4.30 49.46 -25.95
C ALA B 203 4.00 49.07 -27.40
N HIS B 204 3.03 49.75 -28.00
CA HIS B 204 2.60 49.43 -29.37
C HIS B 204 3.76 49.47 -30.35
N LYS B 205 4.55 50.55 -30.32
CA LYS B 205 5.73 50.65 -31.19
C LYS B 205 6.60 49.40 -31.07
N ASP B 206 6.92 48.99 -29.85
CA ASP B 206 7.73 47.79 -29.65
C ASP B 206 7.06 46.57 -30.29
N ALA B 207 5.74 46.45 -30.15
CA ALA B 207 5.04 45.34 -30.76
C ALA B 207 5.07 45.42 -32.28
N GLU B 208 4.77 46.59 -32.84
CA GLU B 208 4.77 46.76 -34.29
C GLU B 208 6.14 46.43 -34.88
N GLU B 209 7.21 46.90 -34.25
CA GLU B 209 8.56 46.60 -34.75
C GLU B 209 8.88 45.12 -34.63
N TYR B 210 8.50 44.50 -33.51
CA TYR B 210 8.69 43.06 -33.34
C TYR B 210 8.09 42.27 -34.49
N ILE B 211 6.83 42.55 -34.83
CA ILE B 211 6.15 41.84 -35.92
C ILE B 211 6.89 42.05 -37.24
N SER B 212 7.23 43.29 -37.55
CA SER B 212 7.96 43.59 -38.77
C SER B 212 9.24 42.76 -38.88
N LYS B 213 10.00 42.69 -37.79
CA LYS B 213 11.20 41.85 -37.76
C LYS B 213 10.86 40.38 -37.95
N VAL B 214 9.72 39.93 -37.43
CA VAL B 214 9.39 38.51 -37.46
C VAL B 214 9.04 38.06 -38.88
N PHE B 215 8.23 38.85 -39.57
CA PHE B 215 7.75 38.51 -40.91
C PHE B 215 8.67 38.99 -42.03
N LYS B 216 9.89 39.44 -41.70
CA LYS B 216 10.85 39.92 -42.70
C LYS B 216 10.23 41.08 -43.48
N SER B 217 9.72 42.06 -42.74
CA SER B 217 9.02 43.20 -43.32
C SER B 217 9.78 44.48 -43.01
N ASP B 218 9.77 45.41 -43.98
CA ASP B 218 10.36 46.72 -43.75
C ASP B 218 9.63 47.46 -42.64
N ARG B 219 8.30 47.38 -42.64
CA ARG B 219 7.48 48.05 -41.64
C ARG B 219 6.15 47.31 -41.59
N SER B 220 5.62 47.11 -40.38
CA SER B 220 4.40 46.35 -40.20
C SER B 220 3.44 47.10 -39.29
N LEU B 221 2.15 46.94 -39.58
CA LEU B 221 1.07 47.60 -38.86
C LEU B 221 0.04 46.56 -38.45
N ILE B 222 -0.52 46.71 -37.26
CA ILE B 222 -1.51 45.76 -36.74
C ILE B 222 -2.89 46.38 -36.90
N VAL B 223 -3.86 45.56 -37.29
CA VAL B 223 -5.18 46.03 -37.66
C VAL B 223 -6.19 45.20 -36.87
N THR B 224 -7.15 45.88 -36.24
CA THR B 224 -8.09 45.24 -35.33
C THR B 224 -9.51 45.19 -35.88
N ASN B 225 -9.67 45.39 -37.19
CA ASN B 225 -10.98 45.24 -37.83
C ASN B 225 -10.82 44.45 -39.13
N GLY B 226 -10.07 43.36 -39.07
CA GLY B 226 -9.97 42.45 -40.18
C GLY B 226 -9.07 42.97 -41.29
N THR B 227 -8.69 42.04 -42.17
CA THR B 227 -7.97 42.42 -43.38
C THR B 227 -8.80 43.36 -44.26
N SER B 228 -10.13 43.18 -44.25
CA SER B 228 -11.02 44.10 -44.94
C SER B 228 -10.66 45.56 -44.66
N THR B 229 -10.29 45.86 -43.42
CA THR B 229 -9.85 47.20 -43.07
C THR B 229 -8.42 47.46 -43.54
N ALA B 230 -7.54 46.47 -43.38
CA ALA B 230 -6.17 46.62 -43.86
C ALA B 230 -6.12 46.92 -45.35
N ASN B 231 -6.92 46.20 -46.14
CA ASN B 231 -6.99 46.46 -47.57
C ASN B 231 -7.35 47.91 -47.86
N LYS B 232 -8.34 48.44 -47.13
CA LYS B 232 -8.78 49.82 -47.37
C LYS B 232 -7.71 50.82 -46.97
N ILE B 233 -6.96 50.53 -45.90
CA ILE B 233 -5.84 51.38 -45.52
C ILE B 233 -4.83 51.47 -46.67
N VAL B 234 -4.44 50.31 -47.21
CA VAL B 234 -3.47 50.28 -48.31
C VAL B 234 -3.95 51.13 -49.47
N GLY B 235 -5.15 50.87 -49.96
CA GLY B 235 -5.76 51.62 -51.04
C GLY B 235 -5.74 53.12 -50.85
N MET B 236 -6.40 53.60 -49.79
CA MET B 236 -6.50 55.04 -49.55
C MET B 236 -5.13 55.69 -49.35
N TYR B 237 -4.09 54.90 -49.07
CA TYR B 237 -2.73 55.42 -49.12
C TYR B 237 -2.22 55.51 -50.55
N SER B 238 -2.42 54.46 -51.33
CA SER B 238 -1.80 54.35 -52.65
C SER B 238 -2.55 55.12 -53.73
N VAL B 239 -3.84 55.41 -53.52
CA VAL B 239 -4.72 55.82 -54.60
C VAL B 239 -5.41 57.13 -54.25
N ALA B 240 -5.34 58.09 -55.17
CA ALA B 240 -6.11 59.33 -55.10
C ALA B 240 -7.11 59.35 -56.24
N ASP B 241 -8.29 59.93 -56.01
CA ASP B 241 -9.39 59.75 -56.94
C ASP B 241 -9.03 60.34 -58.31
N GLY B 242 -9.11 59.51 -59.35
CA GLY B 242 -8.77 59.96 -60.68
C GLY B 242 -7.87 59.01 -61.45
N ASP B 243 -6.87 58.42 -60.79
CA ASP B 243 -5.96 57.55 -61.51
C ASP B 243 -6.48 56.12 -61.52
N THR B 244 -5.91 55.31 -62.39
CA THR B 244 -6.40 53.97 -62.65
C THR B 244 -5.74 52.96 -61.72
N ILE B 245 -6.46 51.89 -61.41
CA ILE B 245 -5.98 50.83 -60.53
C ILE B 245 -6.09 49.48 -61.24
N LEU B 246 -5.10 48.61 -60.99
CA LEU B 246 -5.11 47.24 -61.50
C LEU B 246 -5.70 46.33 -60.43
N VAL B 247 -6.74 45.58 -60.79
CA VAL B 247 -7.48 44.77 -59.83
C VAL B 247 -7.48 43.32 -60.28
N ASP B 248 -7.28 42.41 -59.33
CA ASP B 248 -7.59 41.01 -59.55
C ASP B 248 -9.10 40.87 -59.71
N ARG B 249 -9.54 40.31 -60.84
CA ARG B 249 -10.97 40.11 -61.04
C ARG B 249 -11.56 39.27 -59.92
N ASN B 250 -10.86 38.21 -59.53
CA ASN B 250 -11.27 37.39 -58.39
C ASN B 250 -10.66 37.95 -57.11
N CYS B 251 -11.14 39.14 -56.74
CA CYS B 251 -10.69 39.83 -55.54
C CYS B 251 -11.73 39.70 -54.43
N HIS B 252 -11.34 40.16 -53.25
CA HIS B 252 -12.22 40.12 -52.08
C HIS B 252 -13.32 41.17 -52.19
N LYS B 253 -14.41 40.90 -51.48
CA LYS B 253 -15.49 41.85 -51.22
C LYS B 253 -14.95 43.22 -50.81
N SER B 254 -13.84 43.24 -50.07
CA SER B 254 -13.32 44.48 -49.52
C SER B 254 -12.62 45.34 -50.56
N VAL B 255 -12.00 44.72 -51.57
CA VAL B 255 -11.36 45.49 -52.65
C VAL B 255 -12.39 46.41 -53.31
N THR B 256 -13.51 45.83 -53.76
CA THR B 256 -14.61 46.62 -54.29
C THR B 256 -15.06 47.69 -53.31
N HIS B 257 -15.22 47.31 -52.03
CA HIS B 257 -15.62 48.26 -51.00
C HIS B 257 -14.71 49.48 -51.00
N LEU B 258 -13.41 49.27 -51.19
CA LEU B 258 -12.47 50.39 -51.31
C LEU B 258 -12.74 51.22 -52.56
N MET B 259 -12.84 50.54 -53.71
CA MET B 259 -13.14 51.23 -54.96
C MET B 259 -14.42 52.05 -54.88
N MET B 260 -15.36 51.65 -54.03
CA MET B 260 -16.68 52.28 -54.03
C MET B 260 -16.73 53.66 -53.36
N MET B 261 -15.64 54.12 -52.73
CA MET B 261 -15.68 55.44 -52.10
C MET B 261 -14.54 56.34 -52.57
N VAL B 262 -13.76 55.92 -53.56
CA VAL B 262 -12.76 56.78 -54.21
C VAL B 262 -12.99 56.68 -55.70
N ASP B 263 -13.02 57.83 -56.37
CA ASP B 263 -13.36 57.88 -57.78
C ASP B 263 -12.21 57.32 -58.60
N VAL B 264 -12.18 56.00 -58.75
CA VAL B 264 -11.03 55.30 -59.31
C VAL B 264 -11.54 54.27 -60.32
N ASN B 265 -10.78 54.09 -61.40
CA ASN B 265 -11.23 53.19 -62.45
C ASN B 265 -10.39 51.92 -62.47
N PRO B 266 -11.03 50.75 -62.43
CA PRO B 266 -10.26 49.50 -62.46
C PRO B 266 -10.16 48.87 -63.85
N ILE B 267 -9.05 48.20 -64.14
CA ILE B 267 -9.00 47.14 -65.15
C ILE B 267 -8.73 45.84 -64.40
N TYR B 268 -9.53 44.82 -64.70
CA TYR B 268 -9.42 43.56 -63.98
C TYR B 268 -8.50 42.59 -64.71
N LEU B 269 -7.75 41.81 -63.94
CA LEU B 269 -6.85 40.79 -64.49
C LEU B 269 -7.62 39.49 -64.58
N LYS B 270 -7.95 39.07 -65.80
CA LYS B 270 -8.75 37.88 -66.08
C LYS B 270 -8.07 36.60 -65.59
N PRO B 271 -8.59 35.97 -64.53
CA PRO B 271 -8.01 34.71 -64.07
C PRO B 271 -8.72 33.49 -64.65
N THR B 272 -8.07 32.33 -64.59
CA THR B 272 -8.64 31.10 -65.09
C THR B 272 -9.50 30.41 -64.02
N ARG B 273 -10.21 29.38 -64.44
CA ARG B 273 -10.98 28.53 -63.53
C ARG B 273 -11.38 27.26 -64.27
N ASN B 274 -12.03 26.35 -63.55
CA ASN B 274 -12.51 25.09 -64.10
C ASN B 274 -14.00 24.95 -63.85
N ALA B 275 -14.58 23.87 -64.37
CA ALA B 275 -16.01 23.62 -64.20
C ALA B 275 -16.40 23.53 -62.73
N TYR B 276 -15.51 23.03 -61.88
CA TYR B 276 -15.79 22.96 -60.44
C TYR B 276 -16.10 24.33 -59.84
N GLY B 277 -15.68 25.41 -60.49
CA GLY B 277 -15.75 26.73 -59.89
C GLY B 277 -14.64 26.99 -58.92
N ILE B 278 -13.44 26.49 -59.20
CA ILE B 278 -12.26 26.76 -58.39
C ILE B 278 -11.51 27.94 -58.99
N ILE B 279 -11.14 28.89 -58.14
CA ILE B 279 -10.43 30.07 -58.62
C ILE B 279 -9.04 29.67 -59.08
N GLY B 280 -8.66 30.13 -60.27
CA GLY B 280 -7.35 29.84 -60.84
C GLY B 280 -6.42 31.02 -60.76
N GLY B 281 -5.27 30.87 -61.41
CA GLY B 281 -4.26 31.92 -61.44
C GLY B 281 -4.44 32.86 -62.62
N ILE B 282 -3.99 34.09 -62.42
CA ILE B 282 -3.91 35.07 -63.51
C ILE B 282 -2.69 34.72 -64.36
N PRO B 283 -2.86 34.38 -65.64
CA PRO B 283 -1.71 34.02 -66.47
C PRO B 283 -0.72 35.17 -66.59
N LYS B 284 0.56 34.81 -66.70
CA LYS B 284 1.63 35.80 -66.80
C LYS B 284 1.35 36.84 -67.88
N LYS B 285 0.79 36.41 -69.02
CA LYS B 285 0.46 37.33 -70.10
C LYS B 285 -0.29 38.56 -69.60
N GLU B 286 -1.26 38.37 -68.70
CA GLU B 286 -2.06 39.49 -68.23
C GLU B 286 -1.22 40.55 -67.53
N PHE B 287 -0.12 40.15 -66.89
CA PHE B 287 0.75 41.09 -66.19
C PHE B 287 1.68 41.87 -67.12
N LYS B 288 1.77 41.46 -68.39
CA LYS B 288 2.74 42.06 -69.29
C LYS B 288 2.39 43.51 -69.60
N ARG B 289 3.42 44.31 -69.87
CA ARG B 289 3.24 45.73 -70.18
C ARG B 289 2.25 45.94 -71.33
N GLU B 290 2.35 45.13 -72.38
CA GLU B 290 1.50 45.34 -73.55
C GLU B 290 0.05 45.03 -73.24
N THR B 291 -0.21 43.98 -72.46
CA THR B 291 -1.59 43.66 -72.08
C THR B 291 -2.22 44.79 -71.27
N ILE B 292 -1.44 45.42 -70.39
CA ILE B 292 -1.94 46.50 -69.55
C ILE B 292 -2.26 47.73 -70.40
N GLN B 293 -1.27 48.21 -71.17
CA GLN B 293 -1.46 49.37 -72.03
C GLN B 293 -2.67 49.19 -72.95
N GLU B 294 -2.84 47.99 -73.50
CA GLU B 294 -3.97 47.73 -74.39
C GLU B 294 -5.29 47.79 -73.62
N LYS B 295 -5.36 47.09 -72.49
CA LYS B 295 -6.57 47.11 -71.67
C LYS B 295 -6.92 48.51 -71.19
N ILE B 296 -5.90 49.37 -71.01
CA ILE B 296 -6.17 50.77 -70.67
C ILE B 296 -6.89 51.46 -71.81
N ASP B 297 -6.33 51.38 -73.03
CA ASP B 297 -6.98 51.95 -74.21
C ASP B 297 -8.44 51.49 -74.32
N ASN B 298 -8.71 50.24 -73.96
CA ASN B 298 -10.05 49.68 -74.16
C ASN B 298 -11.02 50.00 -73.04
N SER B 299 -10.53 50.32 -71.84
CA SER B 299 -11.42 50.72 -70.77
C SER B 299 -12.12 52.03 -71.10
N ASN B 300 -13.19 52.33 -70.36
CA ASN B 300 -13.96 53.54 -70.62
C ASN B 300 -13.25 54.79 -70.09
N ILE B 301 -12.96 54.83 -68.79
CA ILE B 301 -12.31 55.99 -68.21
C ILE B 301 -10.80 55.90 -68.38
N ALA B 302 -10.18 54.91 -67.73
CA ALA B 302 -8.78 54.57 -67.96
C ALA B 302 -7.82 55.77 -68.02
N ASP B 303 -7.62 56.46 -66.89
CA ASP B 303 -6.70 57.60 -66.85
C ASP B 303 -5.37 57.30 -67.52
N LYS B 304 -4.61 56.35 -66.98
CA LYS B 304 -3.22 56.12 -67.38
C LYS B 304 -2.78 54.79 -66.79
N TRP B 305 -1.47 54.53 -66.84
CA TRP B 305 -0.91 53.33 -66.23
C TRP B 305 -1.29 53.27 -64.75
N PRO B 306 -1.72 52.11 -64.25
CA PRO B 306 -2.18 52.04 -62.85
C PRO B 306 -1.06 52.33 -61.87
N GLU B 307 -1.35 53.20 -60.90
CA GLU B 307 -0.46 53.42 -59.77
C GLU B 307 -0.59 52.33 -58.72
N TYR B 308 -1.70 51.59 -58.73
CA TYR B 308 -2.02 50.63 -57.69
C TYR B 308 -2.34 49.28 -58.32
N ALA B 309 -1.81 48.22 -57.71
CA ALA B 309 -2.11 46.85 -58.11
C ALA B 309 -2.56 46.06 -56.90
N VAL B 310 -3.59 45.23 -57.09
CA VAL B 310 -4.11 44.36 -56.04
C VAL B 310 -4.33 42.99 -56.67
N VAL B 311 -3.54 42.00 -56.25
CA VAL B 311 -3.69 40.62 -56.69
C VAL B 311 -3.87 39.75 -55.45
N THR B 312 -4.86 38.87 -55.48
CA THR B 312 -5.13 37.98 -54.36
C THR B 312 -4.25 36.74 -54.47
N ASN B 313 -3.35 36.56 -53.50
CA ASN B 313 -2.44 35.41 -53.47
C ASN B 313 -2.25 34.99 -52.03
N SER B 314 -2.64 33.76 -51.69
CA SER B 314 -3.09 32.79 -52.68
C SER B 314 -4.59 32.90 -52.98
N THR B 315 -5.07 32.04 -53.87
CA THR B 315 -6.50 31.90 -54.09
C THR B 315 -7.15 31.26 -52.86
N TYR B 316 -8.48 31.39 -52.80
CA TYR B 316 -9.23 30.72 -51.74
C TYR B 316 -8.90 29.23 -51.69
N ASP B 317 -8.78 28.60 -52.85
CA ASP B 317 -8.54 27.17 -52.95
C ASP B 317 -7.05 26.80 -53.05
N GLY B 318 -6.16 27.74 -52.74
CA GLY B 318 -4.76 27.42 -52.53
C GLY B 318 -3.88 27.27 -53.75
N ILE B 319 -4.00 28.19 -54.72
CA ILE B 319 -3.02 28.31 -55.79
C ILE B 319 -2.14 29.53 -55.52
N LEU B 320 -0.84 29.37 -55.69
CA LEU B 320 0.15 30.37 -55.31
C LEU B 320 0.83 30.93 -56.55
N TYR B 321 0.98 32.26 -56.60
CA TYR B 321 1.77 32.93 -57.62
C TYR B 321 3.23 33.00 -57.22
N ASN B 322 4.10 32.95 -58.22
CA ASN B 322 5.51 33.30 -58.02
C ASN B 322 5.62 34.81 -57.90
N THR B 323 5.88 35.31 -56.69
CA THR B 323 5.91 36.75 -56.48
C THR B 323 7.10 37.41 -57.17
N ASP B 324 8.21 36.68 -57.34
CA ASP B 324 9.34 37.24 -58.05
C ASP B 324 9.02 37.45 -59.52
N THR B 325 8.43 36.44 -60.16
CA THR B 325 8.06 36.56 -61.58
C THR B 325 7.04 37.68 -61.82
N ILE B 326 6.20 37.97 -60.83
CA ILE B 326 5.19 39.01 -61.00
C ILE B 326 5.82 40.39 -60.92
N HIS B 327 6.60 40.65 -59.88
CA HIS B 327 7.23 41.96 -59.72
C HIS B 327 8.14 42.29 -60.89
N ARG B 328 8.81 41.28 -61.45
CA ARG B 328 9.63 41.49 -62.63
C ARG B 328 8.81 42.05 -63.80
N GLU B 329 7.54 41.66 -63.90
CA GLU B 329 6.70 42.01 -65.04
C GLU B 329 5.78 43.19 -64.78
N LEU B 330 5.45 43.49 -63.53
CA LEU B 330 4.46 44.51 -63.19
C LEU B 330 5.18 45.80 -62.83
N ASP B 331 5.17 46.76 -63.76
CA ASP B 331 5.75 48.08 -63.52
C ASP B 331 4.77 49.00 -62.82
N VAL B 332 4.22 48.55 -61.70
CA VAL B 332 3.33 49.36 -60.86
C VAL B 332 4.01 49.56 -59.52
N LYS B 333 4.10 50.81 -59.08
CA LYS B 333 4.93 51.12 -57.91
C LYS B 333 4.25 50.70 -56.61
N LYS B 334 2.94 50.85 -56.51
CA LYS B 334 2.18 50.43 -55.33
C LYS B 334 1.42 49.16 -55.68
N LEU B 335 2.07 48.02 -55.49
CA LEU B 335 1.49 46.72 -55.77
C LEU B 335 1.28 45.96 -54.47
N HIS B 336 0.09 45.38 -54.30
CA HIS B 336 -0.42 44.95 -53.01
C HIS B 336 -0.97 43.54 -53.13
N PHE B 337 -0.28 42.57 -52.54
CA PHE B 337 -0.81 41.22 -52.43
C PHE B 337 -1.80 41.12 -51.29
N ASP B 338 -2.98 40.57 -51.57
CA ASP B 338 -3.99 40.31 -50.54
C ASP B 338 -3.78 38.91 -49.97
N SER B 339 -2.67 38.76 -49.24
CA SER B 339 -2.26 37.47 -48.74
C SER B 339 -2.99 37.09 -47.45
N ALA B 340 -4.31 37.13 -47.48
CA ALA B 340 -5.08 36.77 -46.29
C ALA B 340 -4.95 35.28 -45.99
N TRP B 341 -4.87 34.44 -47.02
CA TRP B 341 -4.88 33.00 -46.85
C TRP B 341 -3.50 32.40 -46.66
N ILE B 342 -2.45 33.22 -46.57
CA ILE B 342 -1.08 32.71 -46.40
C ILE B 342 -0.26 33.61 -45.49
N PRO B 343 -0.68 33.88 -44.26
CA PRO B 343 0.21 34.60 -43.33
C PRO B 343 1.42 33.77 -42.93
N TYR B 344 1.31 32.45 -43.00
CA TYR B 344 2.40 31.52 -42.71
C TYR B 344 3.40 31.40 -43.86
N ALA B 345 3.08 31.95 -45.03
CA ALA B 345 3.90 31.77 -46.23
C ALA B 345 5.39 31.95 -45.96
N ILE B 346 5.76 33.03 -45.26
CA ILE B 346 7.16 33.40 -45.16
C ILE B 346 7.97 32.48 -44.25
N PHE B 347 7.32 31.53 -43.58
CA PHE B 347 7.97 30.74 -42.54
C PHE B 347 8.36 29.33 -42.99
N HIS B 348 7.98 28.91 -44.20
CA HIS B 348 8.35 27.57 -44.63
C HIS B 348 9.07 27.64 -45.98
N PRO B 349 10.08 26.78 -46.18
CA PRO B 349 10.82 26.81 -47.46
C PRO B 349 9.98 26.54 -48.69
N ILE B 350 8.95 25.69 -48.61
CA ILE B 350 8.19 25.32 -49.80
C ILE B 350 7.51 26.52 -50.43
N TYR B 351 7.37 27.63 -49.70
CA TYR B 351 6.76 28.84 -50.21
C TYR B 351 7.81 29.84 -50.69
N LYS B 352 9.01 29.37 -51.04
CA LYS B 352 10.06 30.22 -51.59
C LYS B 352 9.56 31.02 -52.77
N HIS B 353 9.62 32.34 -52.66
CA HIS B 353 9.21 33.28 -53.71
C HIS B 353 7.71 33.18 -54.02
N LYS B 354 6.92 32.90 -53.00
CA LYS B 354 5.46 32.85 -53.13
C LYS B 354 4.77 33.78 -52.14
N SER B 355 5.52 34.59 -51.41
CA SER B 355 4.99 35.61 -50.52
C SER B 355 5.55 36.97 -50.91
N ALA B 356 4.76 38.02 -50.64
CA ALA B 356 5.16 39.37 -51.02
C ALA B 356 6.49 39.77 -50.39
N MET B 357 6.59 39.61 -49.06
CA MET B 357 7.74 40.12 -48.32
C MET B 357 9.07 39.52 -48.75
N GLN B 358 9.06 38.49 -49.60
CA GLN B 358 10.30 37.84 -50.03
C GLN B 358 11.02 38.59 -51.13
N ILE B 359 10.39 39.56 -51.77
CA ILE B 359 10.96 40.26 -52.92
C ILE B 359 11.51 41.60 -52.46
N GLU B 360 12.64 42.01 -53.03
CA GLU B 360 13.16 43.34 -52.77
C GLU B 360 12.34 44.36 -53.55
N PRO B 361 11.71 45.34 -52.89
CA PRO B 361 11.05 46.42 -53.62
C PRO B 361 11.96 47.05 -54.68
N ARG B 362 11.44 47.13 -55.89
CA ARG B 362 12.16 47.82 -56.96
C ARG B 362 12.30 49.29 -56.59
N PRO B 363 13.40 49.94 -57.02
CA PRO B 363 13.63 51.36 -56.68
C PRO B 363 12.39 52.24 -56.71
N GLU B 364 12.10 52.87 -55.58
CA GLU B 364 10.97 53.78 -55.39
C GLU B 364 9.61 53.09 -55.60
N HIS B 365 9.56 51.76 -55.58
CA HIS B 365 8.31 51.02 -55.63
C HIS B 365 8.00 50.43 -54.27
N ILE B 366 6.71 50.44 -53.91
CA ILE B 366 6.24 50.02 -52.59
C ILE B 366 5.50 48.70 -52.73
N ILE B 367 5.77 47.76 -51.83
CA ILE B 367 5.09 46.48 -51.79
C ILE B 367 4.18 46.44 -50.56
N PHE B 368 3.00 45.86 -50.72
CA PHE B 368 2.05 45.70 -49.63
C PHE B 368 1.62 44.24 -49.53
N GLU B 369 1.70 43.68 -48.33
CA GLU B 369 1.11 42.39 -48.02
C GLU B 369 0.13 42.55 -46.88
N THR B 370 -1.15 42.29 -47.15
CA THR B 370 -2.18 42.29 -46.13
C THR B 370 -2.51 40.84 -45.79
N GLN B 371 -2.40 40.49 -44.52
CA GLN B 371 -2.59 39.12 -44.06
C GLN B 371 -3.69 39.07 -43.01
N SER B 372 -4.56 38.07 -43.12
CA SER B 372 -5.57 37.80 -42.11
C SER B 372 -4.96 36.83 -41.10
N THR B 373 -4.43 37.37 -40.01
CA THR B 373 -3.71 36.55 -39.04
C THR B 373 -4.63 35.50 -38.43
N HIS B 374 -5.88 35.85 -38.20
CA HIS B 374 -6.84 34.92 -37.61
C HIS B 374 -7.26 33.81 -38.57
N1 LLP B 375 -9.13 39.19 -48.20
C2 LLP B 375 -9.14 37.94 -48.71
C2' LLP B 375 -8.37 37.63 -49.98
C3 LLP B 375 -9.85 36.94 -48.07
O3 LLP B 375 -9.86 35.65 -48.60
C4 LLP B 375 -10.54 37.22 -46.93
C4' LLP B 375 -11.34 36.11 -46.23
C5 LLP B 375 -10.53 38.47 -46.43
C6 LLP B 375 -9.81 39.47 -47.08
C5' LLP B 375 -11.31 38.79 -45.16
OP4 LLP B 375 -10.49 39.46 -44.24
P LLP B 375 -11.14 39.74 -42.76
OP1 LLP B 375 -11.77 41.11 -42.72
OP2 LLP B 375 -10.06 39.64 -41.70
OP3 LLP B 375 -12.20 38.70 -42.51
N LLP B 375 -7.19 34.09 -39.87
CA LLP B 375 -7.70 33.18 -40.88
CB LLP B 375 -7.66 33.85 -42.25
CG LLP B 375 -9.04 33.75 -42.91
CD LLP B 375 -9.55 35.14 -43.35
CE LLP B 375 -9.51 35.30 -44.87
NZ LLP B 375 -10.89 35.31 -45.37
C LLP B 375 -6.94 31.84 -40.88
O LLP B 375 -7.58 30.77 -41.01
N LEU B 376 -5.61 31.88 -40.73
CA LEU B 376 -4.84 30.64 -40.74
C LEU B 376 -3.65 30.61 -39.76
N LEU B 377 -3.59 31.56 -38.84
CA LEU B 377 -2.74 31.45 -37.67
C LEU B 377 -3.60 31.46 -36.40
N ALA B 378 -2.95 31.41 -35.25
CA ALA B 378 -3.65 31.38 -33.97
C ALA B 378 -3.81 32.81 -33.47
N ALA B 379 -4.96 33.41 -33.78
CA ALA B 379 -5.28 34.74 -33.30
C ALA B 379 -6.78 34.93 -33.27
N PHE B 380 -7.22 35.96 -32.56
CA PHE B 380 -8.63 36.30 -32.49
C PHE B 380 -9.11 36.81 -33.84
N SER B 381 -10.40 36.59 -34.12
CA SER B 381 -11.00 37.16 -35.32
C SER B 381 -10.87 38.68 -35.30
N GLN B 382 -10.98 39.28 -36.49
CA GLN B 382 -10.80 40.70 -36.75
C GLN B 382 -9.36 41.15 -36.66
N SER B 383 -8.42 40.25 -36.37
CA SER B 383 -7.02 40.60 -36.21
C SER B 383 -6.28 40.36 -37.51
N SER B 384 -5.56 41.37 -37.97
CA SER B 384 -4.90 41.31 -39.27
C SER B 384 -3.63 42.12 -39.22
N MET B 385 -2.70 41.78 -40.11
CA MET B 385 -1.43 42.48 -40.23
C MET B 385 -1.35 43.20 -41.58
N LEU B 386 -0.63 44.30 -41.59
CA LEU B 386 -0.33 45.04 -42.81
C LEU B 386 1.18 45.19 -42.90
N HIS B 387 1.80 44.44 -43.80
CA HIS B 387 3.23 44.49 -44.03
C HIS B 387 3.52 45.29 -45.29
N ILE B 388 4.47 46.22 -45.20
CA ILE B 388 4.87 47.06 -46.32
C ILE B 388 6.37 46.91 -46.52
N LYS B 389 6.82 47.33 -47.69
CA LYS B 389 8.23 47.16 -48.06
C LYS B 389 8.66 48.30 -48.98
N GLY B 390 9.84 48.84 -48.70
CA GLY B 390 10.43 49.87 -49.54
C GLY B 390 10.26 51.26 -48.96
N ASP B 391 10.55 52.24 -49.80
CA ASP B 391 10.35 53.64 -49.44
C ASP B 391 8.87 53.93 -49.27
N TYR B 392 8.50 54.49 -48.12
CA TYR B 392 7.11 54.80 -47.83
C TYR B 392 7.06 56.08 -47.02
N ASN B 393 5.86 56.60 -46.83
CA ASN B 393 5.63 57.87 -46.14
C ASN B 393 4.80 57.57 -44.90
N GLU B 394 5.45 57.55 -43.74
CA GLU B 394 4.75 57.38 -42.47
C GLU B 394 3.74 58.50 -42.24
N GLU B 395 4.14 59.74 -42.55
CA GLU B 395 3.30 60.91 -42.31
C GLU B 395 1.91 60.77 -42.94
N VAL B 396 1.81 60.10 -44.09
CA VAL B 396 0.54 59.97 -44.79
C VAL B 396 -0.14 58.63 -44.53
N LEU B 397 0.62 57.53 -44.46
CA LEU B 397 -0.01 56.24 -44.17
C LEU B 397 -0.56 56.19 -42.75
N ASN B 398 0.09 56.87 -41.81
CA ASN B 398 -0.48 57.00 -40.47
C ASN B 398 -1.87 57.59 -40.53
N GLU B 399 -2.09 58.53 -41.45
CA GLU B 399 -3.44 59.07 -41.66
C GLU B 399 -4.34 58.03 -42.30
N ALA B 400 -3.83 57.30 -43.31
CA ALA B 400 -4.62 56.23 -43.91
C ALA B 400 -4.96 55.17 -42.87
N PHE B 401 -4.02 54.85 -41.99
CA PHE B 401 -4.30 53.98 -40.86
C PHE B 401 -5.38 54.58 -39.97
N MET B 402 -5.24 55.86 -39.61
CA MET B 402 -6.22 56.51 -38.74
C MET B 402 -7.59 56.62 -39.40
N LEU B 403 -7.63 56.63 -40.73
CA LEU B 403 -8.91 56.73 -41.43
C LEU B 403 -9.84 55.57 -41.09
N HIS B 404 -9.28 54.37 -40.86
CA HIS B 404 -10.10 53.18 -40.64
C HIS B 404 -9.97 52.58 -39.25
N THR B 405 -8.86 52.81 -38.55
CA THR B 405 -8.70 52.27 -37.21
C THR B 405 -9.54 53.05 -36.21
N SER B 406 -10.20 52.34 -35.31
CA SER B 406 -11.02 52.98 -34.30
C SER B 406 -10.13 53.66 -33.25
N THR B 407 -10.72 54.64 -32.56
CA THR B 407 -10.00 55.37 -31.53
C THR B 407 -9.90 54.59 -30.22
N SER B 408 -10.70 53.55 -30.05
CA SER B 408 -10.69 52.72 -28.84
C SER B 408 -10.49 51.27 -29.24
N PRO B 409 -9.29 50.90 -29.67
CA PRO B 409 -9.06 49.52 -30.10
C PRO B 409 -9.11 48.57 -28.93
N PHE B 410 -9.53 47.34 -29.22
CA PHE B 410 -9.75 46.33 -28.18
C PHE B 410 -8.41 45.65 -27.93
N TYR B 411 -7.80 45.97 -26.79
CA TYR B 411 -6.40 45.60 -26.56
C TYR B 411 -6.13 44.09 -26.65
N PRO B 412 -7.00 43.19 -26.18
CA PRO B 412 -6.73 41.75 -26.39
C PRO B 412 -6.53 41.36 -27.84
N ILE B 413 -7.19 42.02 -28.79
CA ILE B 413 -6.97 41.70 -30.19
C ILE B 413 -5.61 42.21 -30.65
N VAL B 414 -5.25 43.43 -30.26
CA VAL B 414 -3.88 43.92 -30.47
C VAL B 414 -2.86 42.92 -29.95
N ALA B 415 -3.03 42.50 -28.69
CA ALA B 415 -2.12 41.49 -28.12
C ALA B 415 -2.13 40.21 -28.94
N SER B 416 -3.33 39.75 -29.34
CA SER B 416 -3.46 38.45 -29.99
C SER B 416 -2.63 38.36 -31.26
N VAL B 417 -2.66 39.42 -32.08
CA VAL B 417 -1.94 39.38 -33.35
C VAL B 417 -0.43 39.42 -33.10
N GLU B 418 0.01 40.26 -32.15
CA GLU B 418 1.41 40.25 -31.76
C GLU B 418 1.83 38.89 -31.24
N THR B 419 1.00 38.26 -30.41
CA THR B 419 1.32 36.94 -29.89
C THR B 419 1.42 35.92 -31.01
N ALA B 420 0.57 36.04 -32.03
CA ALA B 420 0.65 35.13 -33.17
C ALA B 420 1.96 35.30 -33.93
N ALA B 421 2.48 36.53 -33.99
CA ALA B 421 3.82 36.75 -34.53
C ALA B 421 4.86 36.00 -33.68
N ALA B 422 4.76 36.12 -32.35
CA ALA B 422 5.70 35.45 -31.47
C ALA B 422 5.62 33.94 -31.61
N MET B 423 4.44 33.41 -31.95
CA MET B 423 4.31 31.98 -32.20
C MET B 423 5.14 31.55 -33.40
N MET B 424 5.20 32.40 -34.42
CA MET B 424 5.93 32.08 -35.64
C MET B 424 7.41 32.40 -35.54
N GLU B 425 7.80 33.27 -34.60
CA GLU B 425 9.20 33.66 -34.43
C GLU B 425 10.12 32.45 -34.33
N GLY B 426 11.23 32.51 -35.06
CA GLY B 426 12.24 31.47 -35.00
C GLY B 426 11.76 30.17 -35.64
N GLU B 427 12.57 29.12 -35.43
CA GLU B 427 12.24 27.82 -35.99
C GLU B 427 11.03 27.19 -35.31
N GLN B 428 10.57 27.75 -34.18
CA GLN B 428 9.24 27.50 -33.66
C GLN B 428 8.19 27.54 -34.78
N GLY B 429 8.18 28.64 -35.53
CA GLY B 429 7.19 28.79 -36.60
C GLY B 429 7.37 27.73 -37.69
N TYR B 430 8.61 27.46 -38.09
CA TYR B 430 8.87 26.45 -39.11
C TYR B 430 8.23 25.12 -38.75
N ASN B 431 8.51 24.63 -37.53
CA ASN B 431 7.94 23.36 -37.09
C ASN B 431 6.42 23.42 -37.05
N LEU B 432 5.87 24.58 -36.66
CA LEU B 432 4.41 24.72 -36.59
C LEU B 432 3.78 24.54 -37.97
N ILE B 433 4.37 25.14 -39.00
CA ILE B 433 3.84 24.98 -40.35
C ILE B 433 4.19 23.61 -40.91
N ASP B 434 5.40 23.13 -40.65
CA ASP B 434 5.82 21.81 -41.12
C ASP B 434 4.85 20.72 -40.67
N LYS B 435 4.34 20.83 -39.44
CA LYS B 435 3.38 19.85 -38.94
C LYS B 435 2.10 19.86 -39.77
N THR B 436 1.46 21.03 -39.88
CA THR B 436 0.22 21.12 -40.66
C THR B 436 0.44 20.75 -42.12
N ILE B 437 1.64 20.97 -42.64
CA ILE B 437 1.94 20.57 -44.01
C ILE B 437 2.03 19.05 -44.12
N ASN B 438 2.85 18.44 -43.26
CA ASN B 438 3.00 16.98 -43.28
C ASN B 438 1.67 16.29 -43.03
N LEU B 439 0.85 16.85 -42.13
CA LEU B 439 -0.46 16.27 -41.86
C LEU B 439 -1.35 16.32 -43.10
N ALA B 440 -1.41 17.47 -43.76
CA ALA B 440 -2.19 17.60 -44.98
C ALA B 440 -1.76 16.59 -46.03
N ILE B 441 -0.46 16.54 -46.33
CA ILE B 441 0.04 15.62 -47.35
C ILE B 441 -0.30 14.18 -46.98
N ASP B 442 -0.18 13.83 -45.70
CA ASP B 442 -0.58 12.50 -45.25
C ASP B 442 -2.04 12.22 -45.55
N PHE B 443 -2.92 13.19 -45.24
CA PHE B 443 -4.33 13.03 -45.53
C PHE B 443 -4.59 12.85 -47.02
N ARG B 444 -3.89 13.63 -47.85
CA ARG B 444 -4.01 13.48 -49.30
C ARG B 444 -3.64 12.07 -49.74
N ARG B 445 -2.44 11.61 -49.36
CA ARG B 445 -1.98 10.29 -49.77
C ARG B 445 -2.85 9.19 -49.17
N GLU B 446 -3.25 9.34 -47.90
CA GLU B 446 -4.08 8.34 -47.25
C GLU B 446 -5.45 8.24 -47.89
N LEU B 447 -5.92 9.30 -48.55
CA LEU B 447 -7.24 9.29 -49.17
C LEU B 447 -7.20 8.64 -50.55
N ILE B 448 -6.15 8.90 -51.34
CA ILE B 448 -6.03 8.24 -52.63
C ILE B 448 -5.66 6.78 -52.46
N LYS B 449 -4.93 6.44 -51.39
CA LYS B 449 -4.68 5.04 -51.07
C LYS B 449 -5.99 4.32 -50.75
N LEU B 450 -6.97 5.04 -50.21
CA LEU B 450 -8.30 4.47 -50.01
C LEU B 450 -9.07 4.39 -51.32
N ARG B 451 -8.87 5.37 -52.21
CA ARG B 451 -9.51 5.32 -53.52
C ARG B 451 -9.07 4.09 -54.30
N SER B 452 -7.80 3.72 -54.20
CA SER B 452 -7.32 2.50 -54.85
C SER B 452 -8.07 1.28 -54.36
N GLU B 453 -8.09 1.08 -53.04
CA GLU B 453 -8.79 -0.06 -52.45
C GLU B 453 -10.30 0.00 -52.68
N ALA B 454 -10.85 1.21 -52.81
CA ALA B 454 -12.29 1.40 -52.80
C ALA B 454 -12.98 0.63 -53.93
N ASN B 455 -14.13 0.04 -53.60
CA ASN B 455 -14.96 -0.62 -54.59
C ASN B 455 -15.85 0.40 -55.28
N GLY B 456 -15.96 0.29 -56.61
CA GLY B 456 -16.77 1.23 -57.35
C GLY B 456 -16.27 2.66 -57.20
N TRP B 457 -17.21 3.57 -57.01
CA TRP B 457 -16.87 4.98 -56.89
C TRP B 457 -16.20 5.28 -55.55
N PHE B 458 -15.57 6.46 -55.49
CA PHE B 458 -15.00 6.98 -54.25
C PHE B 458 -14.67 8.45 -54.49
N PHE B 459 -14.40 9.16 -53.39
CA PHE B 459 -13.99 10.54 -53.48
C PHE B 459 -12.63 10.66 -54.17
N ASP B 460 -12.25 11.89 -54.48
CA ASP B 460 -10.93 12.18 -55.03
C ASP B 460 -10.43 13.50 -54.46
N VAL B 461 -9.16 13.78 -54.73
CA VAL B 461 -8.49 15.00 -54.26
C VAL B 461 -8.09 15.82 -55.47
N TRP B 462 -8.27 17.14 -55.37
CA TRP B 462 -7.85 18.08 -56.41
C TRP B 462 -6.35 18.32 -56.25
N GLN B 463 -5.55 17.46 -56.88
CA GLN B 463 -4.11 17.48 -56.71
C GLN B 463 -3.47 16.76 -57.89
N PRO B 464 -2.17 16.94 -58.11
CA PRO B 464 -1.46 16.12 -59.10
C PRO B 464 -1.54 14.64 -58.75
N ASP B 465 -1.13 13.81 -59.70
CA ASP B 465 -1.05 12.38 -59.46
C ASP B 465 0.15 12.03 -58.58
N ASN B 466 1.35 12.39 -59.03
CA ASN B 466 2.57 12.12 -58.27
C ASN B 466 2.78 13.24 -57.26
N ILE B 467 2.61 12.92 -55.97
CA ILE B 467 2.86 13.86 -54.90
C ILE B 467 3.89 13.28 -53.94
N SER B 468 4.82 12.49 -54.49
CA SER B 468 5.80 11.77 -53.67
C SER B 468 6.63 12.73 -52.82
N ASN B 469 7.20 13.76 -53.45
CA ASN B 469 8.06 14.69 -52.73
C ASN B 469 7.25 15.85 -52.16
N LYS B 470 7.72 16.37 -51.03
CA LYS B 470 6.98 17.32 -50.20
C LYS B 470 7.28 18.73 -50.67
N GLU B 471 6.50 19.20 -51.64
CA GLU B 471 6.64 20.54 -52.17
C GLU B 471 5.26 21.14 -52.42
N ALA B 472 5.24 22.46 -52.60
CA ALA B 472 4.09 23.14 -53.17
C ALA B 472 4.06 22.84 -54.67
N TRP B 473 3.27 21.84 -55.05
CA TRP B 473 3.38 21.28 -56.40
C TRP B 473 3.02 22.32 -57.45
N LEU B 474 3.76 22.31 -58.56
CA LEU B 474 3.60 23.31 -59.61
C LEU B 474 2.65 22.81 -60.67
N LEU B 475 1.68 23.65 -61.04
CA LEU B 475 0.74 23.31 -62.10
C LEU B 475 1.43 23.32 -63.46
N ARG B 476 0.96 22.44 -64.34
CA ARG B 476 1.56 22.25 -65.66
C ARG B 476 0.46 22.18 -66.71
N ASN B 477 0.71 22.82 -67.85
CA ASN B 477 -0.19 22.72 -69.00
C ASN B 477 -0.56 21.28 -69.30
N ALA B 478 0.45 20.41 -69.40
CA ALA B 478 0.25 18.99 -69.70
C ALA B 478 -0.88 18.35 -68.91
N ASP B 479 -0.82 18.43 -67.59
CA ASP B 479 -1.68 17.62 -66.75
C ASP B 479 -3.09 18.21 -66.68
N LYS B 480 -4.10 17.36 -66.89
CA LYS B 480 -5.50 17.77 -66.91
C LYS B 480 -6.15 17.74 -65.54
N TRP B 481 -5.37 17.65 -64.46
CA TRP B 481 -5.96 17.53 -63.13
C TRP B 481 -6.56 18.85 -62.66
N HIS B 482 -5.88 19.98 -62.92
CA HIS B 482 -6.37 21.26 -62.45
C HIS B 482 -7.47 21.84 -63.34
N GLY B 483 -7.59 21.36 -64.57
CA GLY B 483 -8.65 21.82 -65.44
C GLY B 483 -8.59 23.29 -65.80
N PHE B 484 -7.40 23.88 -65.78
CA PHE B 484 -7.22 25.28 -66.15
C PHE B 484 -6.64 25.37 -67.56
N LYS B 485 -6.96 26.46 -68.24
CA LYS B 485 -6.45 26.72 -69.57
C LYS B 485 -5.27 27.69 -69.53
N ASN B 486 -4.27 27.42 -70.37
CA ASN B 486 -3.10 28.29 -70.58
C ASN B 486 -2.48 28.75 -69.26
N VAL B 487 -1.91 27.78 -68.55
CA VAL B 487 -1.11 28.04 -67.36
C VAL B 487 0.36 28.05 -67.76
N ASP B 488 1.11 28.97 -67.17
CA ASP B 488 2.51 29.16 -67.56
C ASP B 488 3.42 28.18 -66.81
N GLY B 489 4.55 27.87 -67.44
CA GLY B 489 5.55 27.02 -66.81
C GLY B 489 6.17 27.68 -65.59
N ASP B 490 6.12 26.99 -64.45
CA ASP B 490 6.64 27.50 -63.18
C ASP B 490 6.04 28.87 -62.85
N PHE B 491 4.72 28.90 -62.73
CA PHE B 491 4.07 30.11 -62.22
C PHE B 491 3.06 29.82 -61.12
N LEU B 492 2.31 28.73 -61.21
CA LEU B 492 1.25 28.40 -60.26
C LEU B 492 1.66 27.19 -59.42
N SER B 493 1.58 27.33 -58.10
CA SER B 493 1.81 26.24 -57.17
C SER B 493 0.52 25.94 -56.40
N LEU B 494 0.42 24.70 -55.92
CA LEU B 494 -0.71 24.27 -55.10
C LEU B 494 -0.29 24.21 -53.63
N ASP B 495 -1.02 24.91 -52.79
CA ASP B 495 -0.77 24.90 -51.35
C ASP B 495 -1.24 23.57 -50.75
N PRO B 496 -0.33 22.72 -50.26
CA PRO B 496 -0.75 21.40 -49.75
C PRO B 496 -1.84 21.44 -48.69
N ILE B 497 -1.76 22.39 -47.75
CA ILE B 497 -2.62 22.35 -46.57
C ILE B 497 -4.08 22.64 -46.85
N LYS B 498 -4.41 23.10 -48.05
CA LYS B 498 -5.80 23.39 -48.43
C LYS B 498 -6.31 22.24 -49.29
N ILE B 499 -7.10 21.36 -48.68
CA ILE B 499 -7.54 20.12 -49.32
C ILE B 499 -8.91 20.35 -49.92
N THR B 500 -9.01 20.18 -51.24
CA THR B 500 -10.29 20.22 -51.94
C THR B 500 -10.67 18.79 -52.31
N ILE B 501 -11.74 18.28 -51.71
CA ILE B 501 -12.24 16.94 -52.00
C ILE B 501 -13.24 17.03 -53.14
N LEU B 502 -13.21 16.05 -54.03
CA LEU B 502 -14.04 16.04 -55.23
C LEU B 502 -14.93 14.80 -55.22
N THR B 503 -16.22 15.01 -55.43
CA THR B 503 -17.23 13.96 -55.53
C THR B 503 -17.55 13.69 -57.00
N PRO B 504 -17.76 12.41 -57.35
CA PRO B 504 -18.07 12.06 -58.75
C PRO B 504 -19.17 12.95 -59.34
N GLY B 505 -19.00 13.31 -60.61
CA GLY B 505 -19.96 14.16 -61.28
C GLY B 505 -19.37 15.11 -62.29
N ILE B 506 -18.04 15.21 -62.36
CA ILE B 506 -17.36 16.06 -63.33
C ILE B 506 -16.32 15.21 -64.04
N LYS B 507 -16.55 14.92 -65.32
CA LYS B 507 -15.66 14.05 -66.10
C LYS B 507 -14.47 14.81 -66.70
N ASP B 508 -14.76 15.72 -67.62
CA ASP B 508 -13.78 16.47 -68.40
C ASP B 508 -14.07 17.96 -68.33
N ASN B 509 -14.19 18.47 -67.10
CA ASN B 509 -14.73 19.79 -66.78
C ASN B 509 -15.99 20.08 -67.60
N ASP B 510 -16.93 19.14 -67.49
CA ASP B 510 -18.31 19.32 -67.97
C ASP B 510 -19.20 18.35 -67.20
N VAL B 511 -20.47 18.29 -67.59
CA VAL B 511 -21.47 17.50 -66.89
C VAL B 511 -21.13 16.01 -66.96
N GLN B 512 -21.79 15.22 -66.12
CA GLN B 512 -21.60 13.76 -66.11
C GLN B 512 -22.93 13.05 -66.07
N ASP B 513 -22.95 11.83 -66.61
CA ASP B 513 -24.14 11.01 -66.63
C ASP B 513 -24.61 10.68 -65.22
N TRP B 514 -23.79 9.96 -64.46
CA TRP B 514 -24.06 9.66 -63.07
C TRP B 514 -23.12 10.45 -62.17
N GLY B 515 -23.62 10.84 -61.01
CA GLY B 515 -22.79 11.54 -60.05
C GLY B 515 -23.42 11.52 -58.67
N VAL B 516 -22.75 12.21 -57.75
CA VAL B 516 -23.22 12.35 -56.37
C VAL B 516 -22.88 13.76 -55.90
N PRO B 517 -23.84 14.68 -55.93
CA PRO B 517 -23.54 16.09 -55.64
C PRO B 517 -22.93 16.27 -54.26
N ALA B 518 -22.05 17.27 -54.15
CA ALA B 518 -21.35 17.53 -52.90
C ALA B 518 -22.29 17.94 -51.78
N ASP B 519 -23.43 18.55 -52.12
CA ASP B 519 -24.35 19.03 -51.09
C ASP B 519 -24.83 17.88 -50.20
N VAL B 520 -25.07 16.71 -50.79
CA VAL B 520 -25.52 15.57 -49.99
C VAL B 520 -24.38 14.94 -49.19
N VAL B 521 -23.14 15.33 -49.46
CA VAL B 521 -22.01 14.93 -48.63
C VAL B 521 -21.78 15.91 -47.49
N ALA B 522 -21.79 17.21 -47.83
CA ALA B 522 -21.66 18.26 -46.82
C ALA B 522 -22.67 18.08 -45.69
N LYS B 523 -23.94 17.86 -46.05
CA LYS B 523 -24.98 17.64 -45.03
C LYS B 523 -24.66 16.41 -44.18
N PHE B 524 -24.09 15.36 -44.79
CA PHE B 524 -23.76 14.17 -44.02
C PHE B 524 -22.57 14.43 -43.11
N LEU B 525 -21.60 15.20 -43.58
CA LEU B 525 -20.52 15.66 -42.70
C LEU B 525 -21.07 16.54 -41.59
N ASP B 526 -22.10 17.33 -41.89
CA ASP B 526 -22.70 18.20 -40.88
C ASP B 526 -23.49 17.40 -39.86
N GLU B 527 -24.25 16.40 -40.31
CA GLU B 527 -24.93 15.50 -39.39
C GLU B 527 -23.97 14.87 -38.41
N HIS B 528 -22.77 14.51 -38.87
CA HIS B 528 -21.74 13.91 -38.03
C HIS B 528 -20.78 14.93 -37.44
N ASP B 529 -21.23 16.18 -37.29
CA ASP B 529 -20.48 17.23 -36.60
C ASP B 529 -19.08 17.42 -37.22
N ILE B 530 -19.09 17.94 -38.46
CA ILE B 530 -17.87 18.34 -39.15
C ILE B 530 -18.16 19.59 -39.96
N VAL B 531 -17.36 20.64 -39.73
CA VAL B 531 -17.56 21.95 -40.35
C VAL B 531 -16.62 22.08 -41.54
N VAL B 532 -17.19 22.33 -42.71
CA VAL B 532 -16.43 22.52 -43.94
C VAL B 532 -16.24 24.01 -44.19
N GLU B 533 -15.08 24.36 -44.76
CA GLU B 533 -14.80 25.76 -45.08
C GLU B 533 -15.69 26.25 -46.21
N LYS B 534 -15.82 25.45 -47.27
CA LYS B 534 -16.54 25.86 -48.46
C LYS B 534 -17.03 24.61 -49.18
N SER B 535 -18.19 24.71 -49.81
CA SER B 535 -18.79 23.59 -50.51
C SER B 535 -19.16 24.02 -51.92
N GLY B 536 -18.56 23.36 -52.90
CA GLY B 536 -18.90 23.57 -54.29
C GLY B 536 -20.02 22.65 -54.72
N PRO B 537 -20.42 22.72 -55.99
CA PRO B 537 -21.44 21.79 -56.49
C PRO B 537 -20.96 20.35 -56.54
N TYR B 538 -19.65 20.14 -56.71
CA TYR B 538 -19.07 18.81 -56.68
C TYR B 538 -17.75 18.77 -55.93
N SER B 539 -17.39 19.84 -55.22
CA SER B 539 -16.15 19.91 -54.46
C SER B 539 -16.44 20.24 -53.01
N LEU B 540 -15.40 20.15 -52.19
CA LEU B 540 -15.49 20.38 -50.75
C LEU B 540 -14.11 20.78 -50.25
N LEU B 541 -14.03 21.91 -49.55
CA LEU B 541 -12.76 22.49 -49.14
C LEU B 541 -12.57 22.35 -47.64
N PHE B 542 -11.54 21.59 -47.25
CA PHE B 542 -11.08 21.52 -45.87
C PHE B 542 -9.71 22.18 -45.79
N ILE B 543 -9.52 23.07 -44.82
CA ILE B 543 -8.26 23.78 -44.63
C ILE B 543 -7.59 23.24 -43.38
N PHE B 544 -6.50 22.51 -43.57
CA PHE B 544 -5.71 21.99 -42.46
C PHE B 544 -4.82 23.10 -41.92
N SER B 545 -5.16 23.62 -40.75
CA SER B 545 -4.39 24.69 -40.11
C SER B 545 -3.59 24.12 -38.95
N LEU B 546 -2.86 25.02 -38.27
CA LEU B 546 -2.16 24.65 -37.05
C LEU B 546 -3.10 24.30 -35.90
N GLY B 547 -4.41 24.39 -36.12
CA GLY B 547 -5.38 23.98 -35.12
C GLY B 547 -6.06 22.69 -35.51
N THR B 548 -5.39 21.88 -36.30
CA THR B 548 -5.95 20.65 -36.87
C THR B 548 -5.04 19.49 -36.47
N THR B 549 -5.48 18.69 -35.51
CA THR B 549 -4.73 17.50 -35.11
C THR B 549 -5.02 16.35 -36.06
N LYS B 550 -4.13 15.35 -36.04
CA LYS B 550 -4.36 14.16 -36.86
C LYS B 550 -5.66 13.46 -36.49
N ALA B 551 -6.04 13.51 -35.21
CA ALA B 551 -7.29 12.88 -34.77
C ALA B 551 -8.47 13.46 -35.53
N LYS B 552 -8.52 14.78 -35.69
CA LYS B 552 -9.56 15.41 -36.50
C LYS B 552 -9.61 14.79 -37.90
N SER B 553 -8.44 14.64 -38.53
CA SER B 553 -8.40 14.13 -39.90
C SER B 553 -8.80 12.66 -39.96
N VAL B 554 -8.50 11.88 -38.92
CA VAL B 554 -8.97 10.49 -38.89
C VAL B 554 -10.49 10.46 -38.75
N ARG B 555 -11.05 11.35 -37.92
CA ARG B 555 -12.49 11.51 -37.85
C ARG B 555 -13.06 11.83 -39.23
N LEU B 556 -12.42 12.75 -39.95
CA LEU B 556 -12.89 13.11 -41.28
C LEU B 556 -12.80 11.94 -42.24
N ILE B 557 -11.70 11.18 -42.19
CA ILE B 557 -11.58 9.99 -43.03
C ILE B 557 -12.71 9.00 -42.71
N SER B 558 -12.89 8.71 -41.42
CA SER B 558 -13.81 7.63 -41.03
C SER B 558 -15.25 7.95 -41.41
N VAL B 559 -15.66 9.20 -41.23
CA VAL B 559 -17.01 9.59 -41.63
C VAL B 559 -17.15 9.63 -43.15
N LEU B 560 -16.07 9.95 -43.87
CA LEU B 560 -16.15 10.08 -45.32
C LEU B 560 -16.48 8.73 -45.97
N ASN B 561 -15.61 7.73 -45.78
CA ASN B 561 -15.90 6.42 -46.35
C ASN B 561 -17.10 5.76 -45.69
N LYS B 562 -17.54 6.27 -44.54
CA LYS B 562 -18.84 5.84 -44.00
C LYS B 562 -19.98 6.37 -44.88
N PHE B 563 -19.86 7.61 -45.36
CA PHE B 563 -20.85 8.13 -46.29
C PHE B 563 -20.98 7.24 -47.50
N LYS B 564 -19.86 6.79 -48.06
CA LYS B 564 -19.90 5.83 -49.15
C LYS B 564 -20.59 4.54 -48.73
N GLN B 565 -20.25 4.04 -47.55
CA GLN B 565 -20.93 2.86 -47.01
C GLN B 565 -22.44 3.05 -46.98
N MET B 566 -22.90 4.17 -46.40
CA MET B 566 -24.35 4.39 -46.29
C MET B 566 -24.97 4.82 -47.61
N TYR B 567 -24.18 5.31 -48.55
CA TYR B 567 -24.72 5.64 -49.87
C TYR B 567 -24.82 4.39 -50.74
N ASP B 568 -23.79 3.54 -50.71
CA ASP B 568 -23.90 2.24 -51.35
C ASP B 568 -24.93 1.37 -50.65
N GLU B 569 -25.13 1.58 -49.34
CA GLU B 569 -26.20 0.92 -48.62
C GLU B 569 -27.57 1.37 -49.12
N ASN B 570 -27.66 2.62 -49.60
CA ASN B 570 -28.93 3.24 -49.98
C ASN B 570 -29.89 3.29 -48.79
N THR B 571 -29.39 3.82 -47.68
CA THR B 571 -30.21 3.97 -46.49
C THR B 571 -31.22 5.11 -46.68
N LEU B 572 -32.30 5.03 -45.89
CA LEU B 572 -33.34 6.05 -45.95
C LEU B 572 -32.78 7.42 -45.61
N VAL B 573 -33.32 8.44 -46.27
CA VAL B 573 -32.94 9.82 -45.96
C VAL B 573 -33.26 10.13 -44.50
N GLU B 574 -34.32 9.52 -43.97
CA GLU B 574 -34.65 9.65 -42.55
C GLU B 574 -33.49 9.19 -41.66
N LYS B 575 -33.06 7.94 -41.84
CA LYS B 575 -32.04 7.36 -40.97
C LYS B 575 -30.65 7.91 -41.25
N MET B 576 -30.40 8.43 -42.45
CA MET B 576 -29.07 8.89 -42.83
C MET B 576 -28.89 10.39 -42.71
N LEU B 577 -29.87 11.18 -43.11
CA LEU B 577 -29.82 12.64 -43.05
C LEU B 577 -31.05 13.17 -42.32
N PRO B 578 -31.17 12.89 -41.01
CA PRO B 578 -32.40 13.29 -40.29
C PRO B 578 -32.74 14.76 -40.40
N THR B 579 -31.75 15.65 -40.42
CA THR B 579 -32.03 17.08 -40.53
C THR B 579 -32.72 17.40 -41.85
N LEU B 580 -32.14 16.92 -42.96
CA LEU B 580 -32.78 17.06 -44.26
C LEU B 580 -34.18 16.45 -44.26
N TYR B 581 -34.31 15.24 -43.72
CA TYR B 581 -35.61 14.59 -43.62
C TYR B 581 -36.60 15.43 -42.83
N ALA B 582 -36.15 16.06 -41.73
CA ALA B 582 -37.05 16.81 -40.88
C ALA B 582 -37.55 18.08 -41.55
N GLU B 583 -36.76 18.66 -42.44
CA GLU B 583 -37.17 19.86 -43.18
C GLU B 583 -38.49 19.64 -43.90
N ASP B 584 -38.70 18.44 -44.44
CA ASP B 584 -39.97 18.11 -45.08
C ASP B 584 -40.17 16.60 -45.09
N PRO B 585 -40.69 16.02 -44.00
CA PRO B 585 -40.91 14.58 -43.98
C PRO B 585 -42.00 14.13 -44.94
N LYS B 586 -42.98 14.99 -45.22
CA LYS B 586 -43.97 14.68 -46.25
C LYS B 586 -43.31 14.38 -47.59
N PHE B 587 -42.25 15.13 -47.93
CA PHE B 587 -41.60 14.94 -49.21
C PHE B 587 -40.65 13.75 -49.20
N TYR B 588 -39.88 13.58 -48.12
CA TYR B 588 -38.92 12.50 -47.99
C TYR B 588 -39.52 11.28 -47.32
N GLU B 589 -40.82 11.04 -47.53
CA GLU B 589 -41.59 10.04 -46.77
C GLU B 589 -40.85 8.72 -46.65
N ASP B 590 -40.59 8.07 -47.78
CA ASP B 590 -39.83 6.82 -47.82
C ASP B 590 -38.61 6.94 -48.72
N MET B 591 -38.19 8.17 -49.03
CA MET B 591 -37.06 8.39 -49.93
C MET B 591 -35.76 7.86 -49.32
N ARG B 592 -34.92 7.30 -50.18
CA ARG B 592 -33.59 6.84 -49.79
C ARG B 592 -32.53 7.79 -50.34
N ILE B 593 -31.31 7.66 -49.81
CA ILE B 593 -30.25 8.62 -50.10
C ILE B 593 -29.96 8.69 -51.59
N GLN B 594 -29.98 7.54 -52.29
CA GLN B 594 -29.63 7.53 -53.71
C GLN B 594 -30.66 8.31 -54.53
N GLU B 595 -31.95 8.16 -54.21
CA GLU B 595 -32.98 8.91 -54.93
C GLU B 595 -32.76 10.42 -54.78
N VAL B 596 -32.55 10.87 -53.55
CA VAL B 596 -32.33 12.30 -53.29
C VAL B 596 -31.11 12.79 -54.05
N SER B 597 -30.00 12.07 -53.96
CA SER B 597 -28.78 12.47 -54.63
C SER B 597 -28.94 12.49 -56.15
N GLU B 598 -29.41 11.38 -56.72
CA GLU B 598 -29.52 11.28 -58.17
C GLU B 598 -30.48 12.31 -58.75
N ARG B 599 -31.56 12.64 -58.02
CA ARG B 599 -32.47 13.67 -58.49
C ARG B 599 -31.79 15.04 -58.53
N LEU B 600 -30.93 15.32 -57.55
CA LEU B 600 -30.18 16.56 -57.56
C LEU B 600 -29.16 16.57 -58.70
N HIS B 601 -28.44 15.46 -58.87
CA HIS B 601 -27.50 15.35 -59.98
C HIS B 601 -28.21 15.48 -61.32
N GLN B 602 -29.43 14.93 -61.44
CA GLN B 602 -30.17 15.03 -62.68
C GLN B 602 -30.52 16.48 -63.00
N TYR B 603 -30.94 17.25 -62.00
CA TYR B 603 -31.33 18.63 -62.23
C TYR B 603 -30.13 19.51 -62.57
N MET B 604 -28.95 19.16 -62.09
CA MET B 604 -27.75 19.89 -62.52
C MET B 604 -27.36 19.49 -63.95
N LYS B 605 -27.48 18.20 -64.27
CA LYS B 605 -27.26 17.77 -65.65
C LYS B 605 -28.30 18.38 -66.59
N GLU B 606 -29.54 18.53 -66.11
CA GLU B 606 -30.57 19.13 -66.94
C GLU B 606 -30.35 20.62 -67.10
N ALA B 607 -30.00 21.32 -66.00
CA ALA B 607 -29.68 22.72 -66.10
C ALA B 607 -28.37 22.98 -66.81
N ASN B 608 -27.51 21.95 -66.92
CA ASN B 608 -26.18 22.08 -67.53
C ASN B 608 -25.32 23.08 -66.77
N LEU B 609 -25.38 23.00 -65.44
CA LEU B 609 -24.83 24.04 -64.57
C LEU B 609 -23.31 24.19 -64.66
N PRO B 610 -22.48 23.11 -64.61
CA PRO B 610 -21.02 23.31 -64.52
C PRO B 610 -20.43 24.21 -65.59
N ASN B 611 -20.65 23.88 -66.87
CA ASN B 611 -20.12 24.74 -67.92
C ASN B 611 -20.85 26.07 -68.03
N LEU B 612 -22.06 26.19 -67.49
CA LEU B 612 -22.66 27.51 -67.36
C LEU B 612 -21.86 28.38 -66.40
N MET B 613 -21.55 27.85 -65.21
CA MET B 613 -20.69 28.56 -64.28
C MET B 613 -19.32 28.82 -64.89
N TYR B 614 -18.85 27.92 -65.76
CA TYR B 614 -17.58 28.12 -66.46
C TYR B 614 -17.64 29.39 -67.32
N HIS B 615 -18.51 29.39 -68.33
CA HIS B 615 -18.57 30.51 -69.27
C HIS B 615 -19.10 31.78 -68.64
N ALA B 616 -19.76 31.69 -67.48
CA ALA B 616 -20.24 32.89 -66.80
C ALA B 616 -19.08 33.73 -66.31
N PHE B 617 -18.20 33.15 -65.50
CA PHE B 617 -17.09 33.90 -64.92
C PHE B 617 -15.90 34.05 -65.86
N ASN B 618 -15.92 33.40 -67.02
CA ASN B 618 -14.85 33.56 -68.00
C ASN B 618 -15.09 34.70 -68.96
N VAL B 619 -16.25 35.34 -68.92
CA VAL B 619 -16.49 36.57 -69.65
C VAL B 619 -16.51 37.71 -68.64
N LEU B 620 -16.19 38.90 -69.11
CA LEU B 620 -16.11 40.10 -68.27
C LEU B 620 -17.03 41.15 -68.86
N PRO B 621 -18.01 41.65 -68.11
CA PRO B 621 -19.03 42.50 -68.72
C PRO B 621 -18.56 43.92 -68.93
N GLU B 622 -19.10 44.53 -69.98
CA GLU B 622 -18.83 45.92 -70.31
C GLU B 622 -18.97 46.83 -69.10
N GLN B 623 -17.87 47.42 -68.65
CA GLN B 623 -17.89 48.32 -67.50
C GLN B 623 -18.38 49.69 -67.96
N GLN B 624 -19.58 50.06 -67.53
CA GLN B 624 -20.21 51.31 -67.93
C GLN B 624 -19.80 52.48 -67.03
N LEU B 625 -19.68 52.25 -65.73
CA LEU B 625 -19.46 53.33 -64.80
C LEU B 625 -18.61 52.85 -63.63
N ASN B 626 -17.78 53.75 -63.12
CA ASN B 626 -16.99 53.60 -61.91
C ASN B 626 -17.81 52.94 -60.79
N PRO B 627 -17.28 51.92 -60.14
CA PRO B 627 -17.96 51.37 -58.94
C PRO B 627 -18.30 52.45 -57.93
N HIS B 628 -17.37 53.37 -57.70
CA HIS B 628 -17.62 54.52 -56.82
C HIS B 628 -18.87 55.29 -57.27
N ARG B 629 -18.90 55.71 -58.54
CA ARG B 629 -19.99 56.55 -59.02
C ARG B 629 -21.31 55.77 -59.10
N ALA B 630 -21.24 54.47 -59.34
CA ALA B 630 -22.45 53.65 -59.31
C ALA B 630 -23.08 53.67 -57.91
N PHE B 631 -22.28 53.46 -56.87
CA PHE B 631 -22.78 53.56 -55.50
C PHE B 631 -23.29 54.96 -55.21
N GLN B 632 -22.57 55.99 -55.67
CA GLN B 632 -23.02 57.37 -55.50
C GLN B 632 -24.42 57.60 -56.06
N LYS B 633 -24.76 56.91 -57.16
CA LYS B 633 -26.10 57.06 -57.72
C LYS B 633 -27.17 56.48 -56.81
N LEU B 634 -26.81 55.46 -56.02
CA LEU B 634 -27.74 54.95 -55.02
C LEU B 634 -28.07 56.03 -53.99
N LEU B 635 -27.02 56.66 -53.46
CA LEU B 635 -27.18 57.77 -52.53
C LEU B 635 -28.02 58.88 -53.15
N LYS B 636 -27.55 59.44 -54.27
CA LYS B 636 -28.26 60.53 -54.94
C LYS B 636 -29.67 60.14 -55.36
N GLY B 637 -29.95 58.84 -55.53
CA GLY B 637 -31.29 58.36 -55.79
C GLY B 637 -31.56 57.92 -57.21
N LYS B 638 -30.74 58.34 -58.17
CA LYS B 638 -31.03 58.05 -59.57
C LYS B 638 -30.81 56.58 -59.87
N VAL B 639 -31.83 55.76 -59.59
CA VAL B 639 -31.75 54.31 -59.77
C VAL B 639 -33.17 53.75 -59.69
N LYS B 640 -33.47 52.73 -60.51
CA LYS B 640 -34.78 52.11 -60.52
C LYS B 640 -34.64 50.60 -60.41
N LYS B 641 -35.65 49.96 -59.82
CA LYS B 641 -35.63 48.54 -59.53
C LYS B 641 -36.43 47.79 -60.60
N VAL B 642 -35.75 46.88 -61.31
CA VAL B 642 -36.35 46.11 -62.39
C VAL B 642 -35.99 44.63 -62.19
N PRO B 643 -36.78 43.68 -62.69
CA PRO B 643 -36.51 42.27 -62.40
C PRO B 643 -35.20 41.78 -63.01
N LEU B 644 -34.77 40.61 -62.52
CA LEU B 644 -33.48 40.04 -62.92
C LEU B 644 -33.40 39.86 -64.44
N ALA B 645 -34.45 39.32 -65.04
CA ALA B 645 -34.54 39.24 -66.50
C ALA B 645 -34.19 40.57 -67.16
N GLU B 646 -34.79 41.66 -66.68
CA GLU B 646 -34.63 42.97 -67.29
C GLU B 646 -33.31 43.64 -66.93
N LEU B 647 -32.40 42.93 -66.25
CA LEU B 647 -31.05 43.45 -66.05
C LEU B 647 -30.29 43.53 -67.37
N TYR B 648 -30.67 42.70 -68.34
CA TYR B 648 -30.08 42.71 -69.67
C TYR B 648 -30.02 44.11 -70.24
N GLU B 649 -28.86 44.45 -70.83
CA GLU B 649 -28.60 45.72 -71.50
C GLU B 649 -28.69 46.92 -70.57
N HIS B 650 -28.79 46.71 -69.27
CA HIS B 650 -28.84 47.79 -68.29
C HIS B 650 -27.59 47.77 -67.43
N THR B 651 -27.41 48.84 -66.66
CA THR B 651 -26.21 49.04 -65.85
C THR B 651 -26.54 48.72 -64.39
N SER B 652 -25.86 47.72 -63.83
CA SER B 652 -26.14 47.30 -62.48
C SER B 652 -25.68 48.36 -61.48
N ALA B 653 -26.52 48.59 -60.48
CA ALA B 653 -26.22 49.57 -59.44
C ALA B 653 -25.51 48.98 -58.24
N VAL B 654 -25.55 47.65 -58.06
CA VAL B 654 -24.96 46.99 -56.91
C VAL B 654 -24.24 45.73 -57.35
N MET B 655 -23.41 45.19 -56.47
CA MET B 655 -22.67 43.98 -56.75
C MET B 655 -23.60 42.76 -56.70
N ILE B 656 -23.40 41.84 -57.64
CA ILE B 656 -24.11 40.56 -57.66
C ILE B 656 -23.14 39.48 -57.23
N LEU B 657 -23.59 38.61 -56.33
CA LEU B 657 -22.72 37.64 -55.67
C LEU B 657 -23.47 36.32 -55.54
N PRO B 658 -23.33 35.43 -56.52
CA PRO B 658 -24.04 34.15 -56.46
C PRO B 658 -23.31 33.11 -55.60
N TYR B 659 -24.10 32.35 -54.86
CA TYR B 659 -23.62 31.15 -54.16
C TYR B 659 -24.39 29.95 -54.69
N PRO B 660 -23.75 29.00 -55.39
CA PRO B 660 -22.32 28.91 -55.73
C PRO B 660 -21.92 29.91 -56.82
N PRO B 661 -20.61 30.12 -57.02
CA PRO B 661 -19.46 29.53 -56.31
C PRO B 661 -18.94 30.41 -55.17
N GLY B 662 -19.66 31.47 -54.85
CA GLY B 662 -19.20 32.43 -53.86
C GLY B 662 -18.15 33.35 -54.42
N ILE B 663 -18.45 33.95 -55.58
CA ILE B 663 -17.53 34.81 -56.30
C ILE B 663 -18.31 35.97 -56.90
N PRO B 664 -17.82 37.20 -56.81
CA PRO B 664 -18.48 38.32 -57.49
C PRO B 664 -18.62 38.04 -58.98
N VAL B 665 -19.85 38.17 -59.48
CA VAL B 665 -20.11 38.00 -60.90
C VAL B 665 -19.98 39.34 -61.63
N ILE B 666 -20.59 40.38 -61.08
CA ILE B 666 -20.52 41.73 -61.64
C ILE B 666 -20.36 42.73 -60.50
N PHE B 667 -19.63 43.79 -60.76
CA PHE B 667 -19.45 44.87 -59.80
C PHE B 667 -20.43 46.00 -60.09
N PRO B 668 -20.65 46.90 -59.13
CA PRO B 668 -21.48 48.08 -59.41
C PRO B 668 -20.94 48.88 -60.58
N GLY B 669 -21.86 49.33 -61.43
CA GLY B 669 -21.52 50.14 -62.59
C GLY B 669 -21.31 49.37 -63.87
N GLU B 670 -21.15 48.05 -63.81
CA GLU B 670 -20.95 47.26 -65.02
C GLU B 670 -22.30 46.95 -65.67
N LYS B 671 -22.25 46.65 -66.96
CA LYS B 671 -23.45 46.44 -67.76
C LYS B 671 -23.35 45.12 -68.52
N ILE B 672 -24.47 44.41 -68.58
CA ILE B 672 -24.57 43.16 -69.34
C ILE B 672 -24.97 43.49 -70.76
N THR B 673 -24.37 42.77 -71.72
CA THR B 673 -24.75 42.90 -73.13
C THR B 673 -24.92 41.51 -73.72
N GLU B 674 -25.07 41.44 -75.06
CA GLU B 674 -25.03 40.15 -75.75
C GLU B 674 -23.76 39.39 -75.40
N GLU B 675 -22.61 40.08 -75.47
CA GLU B 675 -21.33 39.46 -75.15
C GLU B 675 -21.33 38.82 -73.77
N SER B 676 -21.92 39.49 -72.78
CA SER B 676 -21.92 39.01 -71.39
C SER B 676 -23.28 38.44 -70.99
N LYS B 677 -24.06 37.95 -71.95
CA LYS B 677 -25.33 37.29 -71.63
C LYS B 677 -25.13 36.08 -70.73
N VAL B 678 -24.02 35.36 -70.90
CA VAL B 678 -23.70 34.13 -70.17
C VAL B 678 -24.01 34.24 -68.67
N ILE B 679 -23.60 35.35 -68.07
CA ILE B 679 -23.74 35.51 -66.62
C ILE B 679 -25.20 35.60 -66.21
N LEU B 680 -26.02 36.30 -67.01
CA LEU B 680 -27.42 36.45 -66.65
C LEU B 680 -28.20 35.16 -66.87
N ASP B 681 -27.83 34.38 -67.89
CA ASP B 681 -28.39 33.05 -68.06
C ASP B 681 -28.10 32.18 -66.85
N PHE B 682 -26.84 32.15 -66.41
CA PHE B 682 -26.45 31.39 -65.23
C PHE B 682 -27.27 31.81 -64.01
N LEU B 683 -27.45 33.12 -63.82
CA LEU B 683 -28.24 33.63 -62.69
C LEU B 683 -29.67 33.11 -62.75
N LEU B 684 -30.37 33.38 -63.86
CA LEU B 684 -31.76 32.95 -63.99
C LEU B 684 -31.90 31.43 -63.82
N MET B 685 -30.88 30.67 -64.24
CA MET B 685 -30.89 29.23 -64.01
C MET B 685 -30.83 28.91 -62.52
N LEU B 686 -29.98 29.63 -61.78
CA LEU B 686 -29.86 29.41 -60.34
C LEU B 686 -31.20 29.54 -59.63
N GLU B 687 -32.11 30.37 -60.15
CA GLU B 687 -33.44 30.50 -59.57
C GLU B 687 -34.20 29.18 -59.66
N LYS B 688 -34.49 28.72 -60.88
CA LYS B 688 -35.22 27.48 -61.08
C LYS B 688 -34.60 26.31 -60.31
N ILE B 689 -33.27 26.18 -60.38
CA ILE B 689 -32.61 25.04 -59.75
C ILE B 689 -32.62 25.17 -58.23
N GLY B 690 -32.58 26.41 -57.72
CA GLY B 690 -32.55 26.59 -56.27
C GLY B 690 -33.86 26.27 -55.59
N SER B 691 -34.98 26.45 -56.30
CA SER B 691 -36.28 26.12 -55.75
C SER B 691 -36.46 24.61 -55.58
N MET B 692 -36.33 23.87 -56.68
CA MET B 692 -36.92 22.54 -56.85
C MET B 692 -36.78 21.60 -55.65
N LEU B 693 -35.55 21.22 -55.30
CA LEU B 693 -35.47 20.17 -54.28
C LEU B 693 -35.39 20.80 -52.89
N PRO B 694 -36.20 20.34 -51.94
CA PRO B 694 -36.21 20.96 -50.62
C PRO B 694 -34.94 20.63 -49.84
N GLY B 695 -34.44 21.62 -49.11
CA GLY B 695 -33.22 21.49 -48.35
C GLY B 695 -31.96 21.84 -49.09
N PHE B 696 -31.97 21.80 -50.42
CA PHE B 696 -30.86 22.25 -51.25
C PHE B 696 -31.27 23.57 -51.88
N ASP B 697 -30.59 24.64 -51.50
CA ASP B 697 -31.00 25.99 -51.88
C ASP B 697 -29.89 26.69 -52.65
N THR B 698 -30.23 27.86 -53.20
CA THR B 698 -29.29 28.73 -53.86
C THR B 698 -29.51 30.16 -53.36
N ASP B 699 -28.45 30.96 -53.41
CA ASP B 699 -28.50 32.35 -52.97
C ASP B 699 -27.74 33.24 -53.93
N ILE B 700 -28.27 34.44 -54.15
CA ILE B 700 -27.61 35.45 -54.96
C ILE B 700 -27.71 36.78 -54.23
N HIS B 701 -26.62 37.23 -53.62
CA HIS B 701 -26.62 38.50 -52.91
C HIS B 701 -26.65 39.66 -53.89
N GLY B 702 -27.52 40.64 -53.62
CA GLY B 702 -27.62 41.82 -54.44
C GLY B 702 -29.01 42.12 -54.97
N PRO B 703 -29.71 41.12 -55.48
CA PRO B 703 -31.12 41.30 -55.84
C PRO B 703 -32.01 41.27 -54.60
N GLU B 704 -33.31 41.42 -54.83
CA GLU B 704 -34.29 41.49 -53.75
C GLU B 704 -35.50 40.64 -54.09
N ARG B 705 -35.84 39.70 -53.22
CA ARG B 705 -37.04 38.90 -53.38
C ARG B 705 -38.24 39.71 -52.88
N ALA B 706 -39.18 39.99 -53.77
CA ALA B 706 -40.30 40.86 -53.45
C ALA B 706 -41.45 40.08 -52.84
N LYS B 707 -42.55 40.79 -52.57
CA LYS B 707 -43.83 40.16 -52.23
C LYS B 707 -44.17 39.03 -53.20
N ASP B 708 -44.27 39.36 -54.49
CA ASP B 708 -44.63 38.39 -55.52
C ASP B 708 -43.58 37.30 -55.72
N GLY B 709 -42.44 37.35 -55.04
CA GLY B 709 -41.38 36.37 -55.20
C GLY B 709 -40.32 36.75 -56.21
N LYS B 710 -40.74 37.35 -57.33
CA LYS B 710 -39.80 37.81 -58.35
C LYS B 710 -38.71 38.68 -57.74
N LEU B 711 -37.50 38.55 -58.29
CA LEU B 711 -36.31 39.20 -57.74
C LEU B 711 -35.91 40.34 -58.66
N TYR B 712 -36.07 41.58 -58.18
CA TYR B 712 -35.67 42.76 -58.93
C TYR B 712 -34.28 43.21 -58.52
N ILE B 713 -33.51 43.68 -59.51
CA ILE B 713 -32.25 44.37 -59.30
C ILE B 713 -32.45 45.85 -59.58
N LYS B 714 -31.75 46.69 -58.83
CA LYS B 714 -31.78 48.12 -59.04
C LYS B 714 -30.77 48.50 -60.13
N VAL B 715 -31.24 49.19 -61.16
CA VAL B 715 -30.40 49.62 -62.27
C VAL B 715 -30.37 51.15 -62.30
N ILE B 716 -29.34 51.68 -62.95
CA ILE B 716 -28.95 53.06 -62.71
C ILE B 716 -29.83 54.00 -63.54
N ASP B 717 -29.94 55.24 -63.05
CA ASP B 717 -30.70 56.31 -63.68
C ASP B 717 -32.10 55.87 -64.13
N GLU C 1 -1.31 -11.62 36.26
CA GLU C 1 -2.09 -10.45 36.61
C GLU C 1 -1.17 -9.24 36.81
N ASN C 2 -1.08 -8.40 35.79
CA ASN C 2 -0.38 -7.12 35.78
C ASN C 2 1.10 -7.23 36.16
N LEU C 3 1.65 -8.44 36.24
CA LEU C 3 3.06 -8.66 36.49
C LEU C 3 3.63 -9.38 35.29
N TYR C 4 4.49 -8.69 34.53
CA TYR C 4 4.99 -9.23 33.28
C TYR C 4 6.16 -8.40 32.79
N PHE C 5 6.79 -8.89 31.72
CA PHE C 5 7.89 -8.19 31.07
C PHE C 5 7.45 -6.82 30.58
N GLN C 6 8.43 -5.96 30.28
CA GLN C 6 8.11 -4.70 29.61
C GLN C 6 7.77 -4.95 28.14
N GLY C 7 8.70 -5.49 27.38
CA GLY C 7 8.42 -5.87 26.01
C GLY C 7 7.91 -7.29 25.91
N LYS C 8 6.67 -7.53 26.33
CA LYS C 8 6.07 -8.85 26.20
C LYS C 8 5.92 -9.17 24.72
N THR C 9 6.76 -10.04 24.20
CA THR C 9 6.66 -10.44 22.81
C THR C 9 6.27 -11.91 22.72
N VAL C 10 5.48 -12.23 21.69
CA VAL C 10 5.10 -13.59 21.38
C VAL C 10 5.54 -13.87 19.95
N VAL C 11 6.39 -14.87 19.77
CA VAL C 11 7.00 -15.15 18.48
C VAL C 11 6.11 -16.10 17.70
N PHE C 12 5.50 -15.58 16.63
CA PHE C 12 4.87 -16.41 15.62
C PHE C 12 5.92 -16.83 14.61
N VAL C 13 6.05 -18.13 14.38
CA VAL C 13 6.96 -18.66 13.38
C VAL C 13 6.21 -19.72 12.59
N TYR C 14 5.64 -19.32 11.44
CA TYR C 14 5.03 -20.25 10.51
C TYR C 14 5.75 -20.15 9.18
N LYS C 15 5.99 -21.29 8.56
CA LYS C 15 6.73 -21.33 7.30
C LYS C 15 6.04 -20.45 6.27
N ASP C 16 6.78 -19.48 5.73
CA ASP C 16 6.28 -18.69 4.61
C ASP C 16 5.77 -19.61 3.52
N THR C 17 4.78 -19.11 2.76
CA THR C 17 3.97 -19.93 1.85
C THR C 17 3.10 -20.93 2.63
N LEU C 18 2.47 -20.45 3.71
CA LEU C 18 1.43 -21.22 4.38
C LEU C 18 0.18 -21.30 3.50
N LYS C 19 -0.77 -22.12 3.95
CA LYS C 19 -2.08 -22.11 3.32
C LYS C 19 -2.83 -20.84 3.70
N SER C 20 -3.79 -20.47 2.86
CA SER C 20 -4.49 -19.19 3.03
C SER C 20 -5.24 -19.16 4.35
N TYR C 21 -6.00 -20.22 4.65
CA TYR C 21 -6.83 -20.21 5.86
C TYR C 21 -5.99 -20.35 7.13
N LYS C 22 -4.81 -20.97 7.02
CA LYS C 22 -3.93 -21.04 8.17
C LYS C 22 -3.23 -19.71 8.42
N GLU C 23 -2.95 -18.95 7.36
CA GLU C 23 -2.44 -17.59 7.53
C GLU C 23 -3.42 -16.73 8.31
N LYS C 24 -4.70 -16.72 7.89
CA LYS C 24 -5.70 -15.91 8.57
C LYS C 24 -5.89 -16.34 10.01
N PHE C 25 -5.76 -17.64 10.29
CA PHE C 25 -5.92 -18.13 11.67
C PHE C 25 -4.86 -17.53 12.58
N LEU C 26 -3.58 -17.71 12.23
CA LEU C 26 -2.50 -17.23 13.09
C LEU C 26 -2.49 -15.71 13.19
N LEU C 27 -2.96 -15.01 12.16
CA LEU C 27 -3.04 -13.56 12.24
C LEU C 27 -4.21 -13.08 13.07
N LYS C 28 -5.33 -13.82 13.06
CA LYS C 28 -6.47 -13.45 13.89
C LYS C 28 -6.12 -13.51 15.36
N ILE C 29 -5.33 -14.51 15.77
CA ILE C 29 -4.89 -14.61 17.15
C ILE C 29 -3.66 -13.77 17.43
N GLU C 30 -2.97 -13.29 16.39
CA GLU C 30 -1.91 -12.30 16.59
C GLU C 30 -2.50 -10.94 16.91
N LYS C 31 -3.46 -10.49 16.09
CA LYS C 31 -4.18 -9.26 16.39
C LYS C 31 -4.88 -9.35 17.73
N ASP C 32 -5.56 -10.48 17.99
CA ASP C 32 -6.23 -10.68 19.26
C ASP C 32 -5.26 -10.55 20.43
N LEU C 33 -4.05 -11.10 20.28
CA LEU C 33 -3.05 -10.98 21.34
C LEU C 33 -2.57 -9.54 21.50
N LYS C 34 -2.54 -8.77 20.40
CA LYS C 34 -2.11 -7.38 20.50
C LYS C 34 -3.18 -6.52 21.16
N ASN C 35 -4.40 -6.54 20.63
CA ASN C 35 -5.42 -5.57 21.02
C ASN C 35 -6.01 -5.86 22.39
N HIS C 36 -5.97 -7.10 22.85
CA HIS C 36 -6.25 -7.44 24.24
C HIS C 36 -4.93 -7.73 24.96
N HIS C 37 -4.78 -7.16 26.15
CA HIS C 37 -3.59 -7.32 27.00
C HIS C 37 -2.28 -7.09 26.24
N GLU C 38 -2.30 -6.13 25.32
CA GLU C 38 -1.11 -5.41 24.84
C GLU C 38 0.15 -6.26 24.66
N TYR C 39 0.14 -7.22 23.74
CA TYR C 39 1.33 -8.00 23.47
C TYR C 39 2.13 -7.41 22.31
N TYR C 40 3.37 -7.87 22.18
CA TYR C 40 4.22 -7.57 21.04
C TYR C 40 4.46 -8.85 20.26
N THR C 41 4.75 -8.73 18.97
CA THR C 41 4.79 -9.91 18.12
C THR C 41 5.99 -9.86 17.19
N LEU C 42 6.65 -11.01 17.05
CA LEU C 42 7.61 -11.27 15.99
C LEU C 42 7.04 -12.33 15.04
N LYS C 43 7.36 -12.19 13.75
CA LYS C 43 7.11 -13.23 12.78
C LYS C 43 8.45 -13.67 12.20
N LEU C 44 8.68 -14.99 12.16
CA LEU C 44 9.93 -15.55 11.69
C LEU C 44 9.64 -16.67 10.70
N ASP C 45 10.70 -17.14 10.04
CA ASP C 45 10.58 -18.16 9.01
C ASP C 45 10.90 -19.56 9.50
N ASP C 46 11.64 -19.71 10.60
CA ASP C 46 11.96 -21.03 11.13
C ASP C 46 12.36 -20.89 12.59
N LEU C 47 12.28 -22.01 13.31
CA LEU C 47 12.57 -22.01 14.74
C LEU C 47 14.05 -21.74 15.02
N SER C 48 14.92 -22.07 14.07
CA SER C 48 16.35 -21.83 14.24
C SER C 48 16.63 -20.37 14.60
N GLU C 49 15.85 -19.45 14.06
CA GLU C 49 16.00 -18.04 14.44
C GLU C 49 15.67 -17.82 15.91
N VAL C 50 14.69 -18.55 16.44
CA VAL C 50 14.24 -18.32 17.82
C VAL C 50 15.35 -18.64 18.81
N VAL C 51 16.01 -19.79 18.65
CA VAL C 51 17.10 -20.15 19.55
C VAL C 51 18.21 -19.10 19.49
N GLU C 52 18.43 -18.49 18.33
CA GLU C 52 19.33 -17.35 18.23
C GLU C 52 18.86 -16.21 19.13
N ILE C 53 17.58 -15.86 19.02
CA ILE C 53 17.05 -14.71 19.75
C ILE C 53 17.03 -14.98 21.25
N LEU C 54 16.64 -16.19 21.65
CA LEU C 54 16.53 -16.50 23.08
C LEU C 54 17.84 -16.32 23.82
N GLU C 55 18.97 -16.53 23.14
CA GLU C 55 20.27 -16.35 23.78
C GLU C 55 20.69 -14.90 23.84
N GLU C 56 19.86 -13.98 23.38
CA GLU C 56 20.10 -12.53 23.41
C GLU C 56 18.96 -11.77 24.06
N ASN C 57 17.71 -12.18 23.84
CA ASN C 57 16.54 -11.53 24.39
C ASN C 57 15.73 -12.57 25.13
N SER C 58 15.42 -12.30 26.41
CA SER C 58 14.65 -13.21 27.23
C SER C 58 13.28 -12.65 27.58
N ARG C 59 12.86 -11.57 26.91
CA ARG C 59 11.51 -11.05 27.06
C ARG C 59 10.54 -11.57 26.00
N ILE C 60 10.95 -12.56 25.22
CA ILE C 60 9.98 -13.35 24.47
C ILE C 60 9.36 -14.34 25.45
N CYS C 61 8.03 -14.45 25.43
CA CYS C 61 7.34 -15.18 26.48
C CYS C 61 6.35 -16.22 25.94
N CYS C 62 6.43 -16.54 24.65
CA CYS C 62 5.63 -17.60 24.04
C CYS C 62 6.05 -17.81 22.59
N ILE C 63 5.93 -19.05 22.12
CA ILE C 63 6.20 -19.40 20.73
C ILE C 63 5.00 -20.16 20.20
N VAL C 64 4.30 -19.59 19.23
CA VAL C 64 3.22 -20.26 18.53
C VAL C 64 3.66 -20.46 17.09
N LEU C 65 3.77 -21.73 16.68
CA LEU C 65 4.31 -22.08 15.38
C LEU C 65 3.36 -23.02 14.65
N ASP C 66 3.27 -22.85 13.33
CA ASP C 66 2.60 -23.84 12.51
C ASP C 66 3.43 -25.12 12.47
N ARG C 67 2.74 -26.25 12.32
CA ARG C 67 3.42 -27.54 12.45
C ARG C 67 4.48 -27.75 11.38
N ALA C 68 4.34 -27.10 10.22
CA ALA C 68 5.38 -27.15 9.20
C ALA C 68 6.73 -26.74 9.75
N SER C 69 6.76 -25.67 10.55
CA SER C 69 8.01 -25.11 11.06
C SER C 69 8.54 -25.87 12.27
N PHE C 70 7.92 -26.99 12.64
CA PHE C 70 8.39 -27.81 13.75
C PHE C 70 9.79 -28.30 13.44
N ASN C 71 10.70 -28.19 14.42
CA ASN C 71 12.09 -28.56 14.24
C ASN C 71 12.57 -29.34 15.46
N ILE C 72 13.12 -30.53 15.22
CA ILE C 72 13.59 -31.38 16.30
C ILE C 72 14.73 -30.70 17.06
N GLU C 73 15.68 -30.10 16.33
CA GLU C 73 16.85 -29.51 16.95
C GLU C 73 16.49 -28.34 17.86
N ALA C 74 15.79 -27.35 17.30
CA ALA C 74 15.42 -26.16 18.06
C ALA C 74 14.71 -26.51 19.37
N PHE C 75 13.87 -27.54 19.35
CA PHE C 75 13.15 -27.92 20.56
C PHE C 75 14.09 -28.52 21.61
N HIS C 76 15.13 -29.23 21.17
CA HIS C 76 16.16 -29.66 22.12
C HIS C 76 16.90 -28.47 22.71
N ASN C 77 17.22 -27.48 21.88
CA ASN C 77 17.95 -26.31 22.36
C ASN C 77 17.07 -25.44 23.25
N ILE C 78 15.82 -25.22 22.85
CA ILE C 78 14.89 -24.47 23.69
C ILE C 78 14.69 -25.16 25.03
N ALA C 79 14.69 -26.50 25.03
CA ALA C 79 14.62 -27.26 26.27
C ALA C 79 15.74 -26.87 27.23
N HIS C 80 16.97 -26.83 26.71
CA HIS C 80 18.12 -26.50 27.54
C HIS C 80 18.25 -25.01 27.83
N LEU C 81 17.35 -24.19 27.31
CA LEU C 81 17.33 -22.76 27.61
C LEU C 81 16.20 -22.37 28.55
N ASN C 82 14.98 -22.85 28.31
CA ASN C 82 13.84 -22.48 29.15
C ASN C 82 12.78 -23.58 29.00
N THR C 83 12.69 -24.43 30.03
CA THR C 83 11.68 -25.49 30.00
C THR C 83 10.28 -24.94 30.22
N LYS C 84 10.15 -23.85 30.99
CA LYS C 84 8.85 -23.28 31.32
C LYS C 84 8.27 -22.41 30.20
N LEU C 85 9.03 -22.10 29.16
CA LEU C 85 8.58 -21.18 28.13
C LEU C 85 7.39 -21.75 27.37
N PRO C 86 6.25 -21.06 27.34
CA PRO C 86 5.08 -21.58 26.61
C PRO C 86 5.35 -21.77 25.13
N ILE C 87 5.01 -22.94 24.62
CA ILE C 87 5.12 -23.27 23.20
C ILE C 87 3.75 -23.74 22.70
N PHE C 88 3.38 -23.34 21.49
CA PHE C 88 2.11 -23.71 20.88
C PHE C 88 2.35 -24.17 19.45
N VAL C 89 1.84 -25.35 19.10
CA VAL C 89 1.97 -25.91 17.77
C VAL C 89 0.58 -25.98 17.15
N ALA C 90 0.34 -25.18 16.12
CA ALA C 90 -0.92 -25.19 15.41
C ALA C 90 -0.84 -26.16 14.23
N SER C 91 -1.77 -27.11 14.17
CA SER C 91 -1.78 -28.09 13.12
C SER C 91 -3.22 -28.50 12.80
N ASP C 92 -3.43 -28.94 11.57
CA ASP C 92 -4.73 -29.48 11.17
C ASP C 92 -4.82 -30.95 11.57
N TYR C 93 -5.90 -31.61 11.16
CA TYR C 93 -6.15 -33.02 11.45
C TYR C 93 -5.34 -33.95 10.52
N SER C 94 -4.02 -33.85 10.59
CA SER C 94 -3.20 -34.61 9.65
C SER C 94 -1.96 -35.30 10.22
N GLN C 95 -1.38 -34.86 11.34
CA GLN C 95 -0.02 -35.27 11.66
C GLN C 95 0.17 -35.52 13.15
N SER C 96 0.83 -36.63 13.48
CA SER C 96 1.16 -37.01 14.84
C SER C 96 2.59 -36.61 15.19
N ILE C 97 2.98 -36.87 16.43
CA ILE C 97 4.10 -36.16 17.05
C ILE C 97 5.44 -36.75 16.58
N LYS C 98 6.49 -35.93 16.72
CA LYS C 98 7.86 -36.39 16.62
C LYS C 98 8.33 -36.92 17.97
N LEU C 99 9.01 -38.07 17.94
CA LEU C 99 9.26 -38.83 19.17
C LEU C 99 10.26 -38.18 20.10
N ASN C 100 11.13 -37.28 19.58
CA ASN C 100 12.09 -36.59 20.45
C ASN C 100 11.45 -35.98 21.68
N LEU C 101 10.20 -35.52 21.56
CA LEU C 101 9.57 -34.72 22.60
C LEU C 101 9.01 -35.56 23.74
N ARG C 102 8.79 -36.86 23.50
CA ARG C 102 8.50 -37.79 24.58
C ARG C 102 9.34 -37.52 25.82
N ASP C 103 10.67 -37.43 25.64
CA ASP C 103 11.55 -37.16 26.76
C ASP C 103 11.60 -35.68 27.09
N PHE C 104 11.64 -34.82 26.09
CA PHE C 104 11.84 -33.39 26.33
C PHE C 104 10.65 -32.81 27.09
N ASN C 105 10.95 -31.97 28.08
CA ASN C 105 9.92 -31.35 28.91
C ASN C 105 9.87 -29.85 28.58
N LEU C 106 9.06 -29.51 27.60
CA LEU C 106 8.73 -28.12 27.29
C LEU C 106 7.33 -27.79 27.80
N ASN C 107 6.93 -26.54 27.63
CA ASN C 107 5.57 -26.11 27.93
C ASN C 107 4.74 -26.09 26.65
N ILE C 108 4.69 -27.23 25.99
CA ILE C 108 4.00 -27.33 24.70
C ILE C 108 2.53 -27.60 24.93
N ASN C 109 1.68 -26.81 24.27
CA ASN C 109 0.29 -27.15 24.04
C ASN C 109 0.06 -27.17 22.54
N PHE C 110 -1.07 -27.75 22.13
CA PHE C 110 -1.33 -27.93 20.72
C PHE C 110 -2.68 -27.32 20.36
N LEU C 111 -2.67 -26.48 19.33
CA LEU C 111 -3.88 -25.90 18.77
C LEU C 111 -4.23 -26.63 17.48
N GLN C 112 -5.52 -26.64 17.15
CA GLN C 112 -6.00 -27.19 15.90
C GLN C 112 -6.63 -26.09 15.07
N TYR C 113 -6.39 -26.09 13.77
CA TYR C 113 -6.99 -25.09 12.90
C TYR C 113 -8.49 -25.34 12.82
N ASP C 114 -9.26 -24.30 13.13
CA ASP C 114 -10.70 -24.45 13.33
C ASP C 114 -11.33 -23.06 13.36
N ALA C 115 -12.62 -23.01 13.68
CA ALA C 115 -13.30 -21.72 13.85
C ALA C 115 -12.73 -20.95 15.04
N LEU C 116 -12.63 -21.62 16.19
CA LEU C 116 -12.32 -20.95 17.45
C LEU C 116 -10.88 -20.44 17.41
N ALA C 117 -10.70 -19.16 17.11
CA ALA C 117 -9.39 -18.52 17.09
C ALA C 117 -9.16 -17.63 18.31
N GLY C 118 -10.08 -16.70 18.58
CA GLY C 118 -9.96 -15.87 19.76
C GLY C 118 -9.99 -16.66 21.05
N GLU C 119 -10.66 -17.82 21.04
CA GLU C 119 -10.58 -18.73 22.18
C GLU C 119 -9.14 -19.14 22.43
N ASP C 120 -8.44 -19.60 21.38
CA ASP C 120 -7.03 -19.93 21.51
C ASP C 120 -6.21 -18.73 21.96
N SER C 121 -6.53 -17.54 21.45
CA SER C 121 -5.86 -16.32 21.91
C SER C 121 -6.00 -16.14 23.41
N ASP C 122 -7.19 -16.44 23.96
CA ASP C 122 -7.37 -16.39 25.41
C ASP C 122 -6.62 -17.55 26.08
N PHE C 123 -6.63 -18.72 25.44
CA PHE C 123 -5.90 -19.86 25.98
C PHE C 123 -4.39 -19.57 26.02
N ILE C 124 -3.87 -18.91 24.99
CA ILE C 124 -2.45 -18.57 24.96
C ILE C 124 -2.13 -17.57 26.07
N HIS C 125 -2.96 -16.53 26.21
CA HIS C 125 -2.71 -15.51 27.22
C HIS C 125 -2.68 -16.11 28.62
N LYS C 126 -3.56 -17.09 28.90
CA LYS C 126 -3.58 -17.69 30.23
C LYS C 126 -2.29 -18.43 30.52
N THR C 127 -1.86 -19.31 29.61
CA THR C 127 -0.63 -20.05 29.83
C THR C 127 0.60 -19.16 29.86
N ILE C 128 0.50 -17.93 29.35
CA ILE C 128 1.59 -16.98 29.49
C ILE C 128 1.59 -16.36 30.88
N THR C 129 0.44 -15.88 31.33
CA THR C 129 0.37 -15.27 32.66
C THR C 129 0.69 -16.28 33.75
N ASN C 130 0.44 -17.56 33.50
CA ASN C 130 0.93 -18.61 34.38
C ASN C 130 2.45 -18.63 34.40
N TYR C 131 3.06 -18.59 33.22
CA TYR C 131 4.52 -18.53 33.11
C TYR C 131 5.09 -17.32 33.86
N PHE C 132 4.40 -16.18 33.79
CA PHE C 132 4.92 -14.98 34.45
C PHE C 132 4.86 -15.11 35.96
N ASN C 133 3.82 -15.77 36.48
CA ASN C 133 3.71 -15.97 37.92
C ASN C 133 4.71 -17.01 38.42
N ASP C 134 4.97 -18.04 37.61
CA ASP C 134 5.70 -19.22 38.05
C ASP C 134 7.21 -19.11 37.81
N ILE C 135 7.77 -17.91 37.74
CA ILE C 135 9.22 -17.75 37.57
C ILE C 135 9.87 -16.91 38.67
N LEU C 136 9.10 -16.19 39.47
CA LEU C 136 9.71 -15.49 40.58
C LEU C 136 9.89 -16.40 41.80
N PRO C 137 10.96 -16.21 42.56
CA PRO C 137 11.13 -16.97 43.81
C PRO C 137 10.13 -16.50 44.87
N PRO C 138 9.92 -17.29 45.93
CA PRO C 138 8.78 -17.03 46.84
C PRO C 138 8.72 -15.63 47.44
N LEU C 139 9.75 -15.20 48.16
CA LEU C 139 9.68 -13.90 48.85
C LEU C 139 9.59 -12.75 47.85
N THR C 140 10.39 -12.80 46.78
CA THR C 140 10.31 -11.76 45.75
C THR C 140 8.88 -11.65 45.21
N TYR C 141 8.28 -12.78 44.86
CA TYR C 141 6.90 -12.79 44.37
C TYR C 141 5.95 -12.20 45.39
N GLU C 142 6.04 -12.66 46.65
CA GLU C 142 5.21 -12.13 47.72
C GLU C 142 5.38 -10.63 47.85
N LEU C 143 6.64 -10.17 47.88
CA LEU C 143 6.92 -8.74 47.98
C LEU C 143 6.31 -7.99 46.81
N PHE C 144 6.51 -8.49 45.58
CA PHE C 144 5.97 -7.82 44.40
C PHE C 144 4.46 -7.73 44.45
N LYS C 145 3.80 -8.81 44.90
CA LYS C 145 2.35 -8.83 44.96
C LYS C 145 1.82 -7.78 45.94
N TYR C 146 2.42 -7.72 47.13
CA TYR C 146 2.01 -6.73 48.14
C TYR C 146 1.99 -5.32 47.57
N SER C 147 2.97 -4.98 46.73
CA SER C 147 3.04 -3.65 46.12
C SER C 147 1.72 -3.25 45.47
N LYS C 148 1.02 -4.22 44.88
CA LYS C 148 -0.22 -3.91 44.16
C LYS C 148 -1.40 -3.66 45.08
N SER C 149 -1.27 -3.96 46.37
CA SER C 149 -2.32 -3.64 47.32
C SER C 149 -2.32 -2.14 47.63
N PHE C 150 -3.42 -1.69 48.23
CA PHE C 150 -3.57 -0.31 48.70
C PHE C 150 -3.96 -0.38 50.18
N ASN C 151 -3.04 0.03 51.05
CA ASN C 151 -3.09 -0.38 52.45
C ASN C 151 -3.43 0.73 53.44
N SER C 152 -3.12 1.99 53.14
CA SER C 152 -3.45 3.10 54.02
C SER C 152 -2.85 2.90 55.42
N ALA C 153 -1.52 2.92 55.45
CA ALA C 153 -0.77 2.52 56.62
C ALA C 153 -0.44 3.70 57.53
N PHE C 154 -0.30 3.40 58.82
CA PHE C 154 0.10 4.39 59.83
C PHE C 154 1.34 3.90 60.56
N CYS C 155 2.35 3.47 59.82
CA CYS C 155 3.48 2.73 60.38
C CYS C 155 4.75 3.17 59.68
N THR C 156 5.85 2.40 59.90
CA THR C 156 7.15 2.59 59.29
C THR C 156 7.26 1.78 58.00
N PRO C 157 8.03 2.24 57.00
CA PRO C 157 8.81 3.49 56.96
C PRO C 157 7.94 4.75 56.86
N GLY C 158 8.54 5.89 57.21
CA GLY C 158 7.79 7.13 57.27
C GLY C 158 7.28 7.62 55.94
N HIS C 159 7.93 7.22 54.83
CA HIS C 159 7.42 7.60 53.52
C HIS C 159 6.12 6.88 53.19
N GLN C 160 5.82 5.78 53.87
CA GLN C 160 4.53 5.10 53.80
C GLN C 160 4.11 4.83 52.34
N GLY C 161 4.97 4.09 51.65
CA GLY C 161 4.68 3.70 50.28
C GLY C 161 4.84 4.79 49.25
N GLY C 162 5.57 5.86 49.57
CA GLY C 162 5.85 6.93 48.63
C GLY C 162 5.14 8.24 48.95
N TYR C 163 4.03 8.19 49.69
CA TYR C 163 3.22 9.39 49.92
C TYR C 163 4.01 10.52 50.56
N GLY C 164 5.11 10.21 51.25
CA GLY C 164 5.88 11.27 51.89
C GLY C 164 6.78 12.03 50.94
N PHE C 165 7.25 11.37 49.89
CA PHE C 165 8.06 12.05 48.87
C PHE C 165 7.25 13.03 48.04
N GLN C 166 5.93 12.88 47.99
CA GLN C 166 5.11 13.74 47.13
C GLN C 166 4.87 15.12 47.71
N ARG C 167 4.96 15.29 49.03
CA ARG C 167 4.64 16.56 49.65
C ARG C 167 5.66 17.65 49.34
N SER C 168 6.89 17.28 48.99
CA SER C 168 7.94 18.24 48.71
C SER C 168 8.44 18.07 47.28
N ALA C 169 9.12 19.11 46.78
CA ALA C 169 9.55 19.12 45.39
C ALA C 169 10.73 18.19 45.17
N VAL C 170 11.82 18.39 45.93
CA VAL C 170 12.98 17.51 45.83
C VAL C 170 12.59 16.05 46.07
N GLY C 171 11.66 15.82 47.00
CA GLY C 171 11.10 14.49 47.16
C GLY C 171 10.51 13.93 45.88
N ALA C 172 9.72 14.76 45.18
CA ALA C 172 9.07 14.30 43.96
C ALA C 172 10.09 13.96 42.88
N LEU C 173 11.16 14.76 42.76
CA LEU C 173 12.19 14.46 41.77
C LEU C 173 12.89 13.16 42.10
N PHE C 174 13.15 12.90 43.39
CA PHE C 174 13.73 11.63 43.79
C PHE C 174 12.77 10.48 43.52
N TYR C 175 11.49 10.66 43.87
CA TYR C 175 10.49 9.62 43.65
C TYR C 175 10.38 9.28 42.17
N ASP C 176 10.27 10.29 41.32
CA ASP C 176 10.11 10.06 39.88
C ASP C 176 11.33 9.38 39.29
N PHE C 177 12.53 9.84 39.65
CA PHE C 177 13.77 9.23 39.18
C PHE C 177 13.79 7.72 39.41
N TYR C 178 13.44 7.28 40.61
CA TYR C 178 13.66 5.89 40.98
C TYR C 178 12.47 4.99 40.69
N GLY C 179 11.25 5.52 40.72
CA GLY C 179 10.13 4.70 40.32
C GLY C 179 9.23 4.20 41.43
N GLU C 180 7.92 4.30 41.17
CA GLU C 180 6.86 3.88 42.09
C GLU C 180 7.17 2.61 42.88
N ASN C 181 7.62 1.57 42.19
CA ASN C 181 7.66 0.22 42.77
C ASN C 181 8.71 0.08 43.87
N ILE C 182 9.84 0.75 43.76
CA ILE C 182 10.89 0.62 44.78
C ILE C 182 10.40 1.12 46.14
N PHE C 183 9.46 2.07 46.15
CA PHE C 183 8.91 2.56 47.41
C PHE C 183 7.74 1.72 47.90
N LYS C 184 6.92 1.19 47.01
CA LYS C 184 5.81 0.34 47.43
C LYS C 184 6.28 -1.01 47.96
N THR C 185 7.51 -1.41 47.67
CA THR C 185 8.09 -2.63 48.20
C THR C 185 9.10 -2.34 49.31
N ASP C 186 9.07 -1.13 49.88
CA ASP C 186 9.92 -0.76 51.00
C ASP C 186 9.09 -0.96 52.27
N LEU C 187 9.08 -2.20 52.77
CA LEU C 187 8.21 -2.60 53.85
C LEU C 187 8.99 -2.74 55.15
N SER C 188 8.24 -3.02 56.21
CA SER C 188 8.77 -3.32 57.53
C SER C 188 8.06 -4.55 58.07
N ILE C 189 8.51 -5.03 59.23
CA ILE C 189 7.83 -6.14 59.89
C ILE C 189 6.41 -5.76 60.29
N SER C 190 6.09 -4.46 60.31
CA SER C 190 4.74 -4.02 60.66
C SER C 190 3.69 -4.49 59.66
N MET C 191 4.11 -4.92 58.47
CA MET C 191 3.23 -5.56 57.50
C MET C 191 3.47 -7.07 57.62
N LYS C 192 2.66 -7.71 58.45
CA LYS C 192 2.93 -9.06 58.94
C LYS C 192 2.85 -10.14 57.86
N GLU C 193 2.40 -9.80 56.64
CA GLU C 193 2.22 -10.84 55.62
C GLU C 193 3.55 -11.49 55.22
N LEU C 194 4.65 -10.77 55.36
CA LEU C 194 5.97 -11.30 55.01
C LEU C 194 6.77 -11.77 56.22
N GLY C 195 6.33 -11.45 57.44
CA GLY C 195 7.13 -11.76 58.61
C GLY C 195 8.41 -10.95 58.67
N SER C 196 9.42 -11.54 59.31
CA SER C 196 10.68 -10.85 59.59
C SER C 196 11.87 -11.61 59.03
N LEU C 197 12.94 -10.86 58.76
CA LEU C 197 14.21 -11.47 58.37
C LEU C 197 14.92 -12.10 59.56
N LEU C 198 15.07 -11.33 60.65
CA LEU C 198 15.79 -11.82 61.82
C LEU C 198 15.07 -12.97 62.49
N ASP C 199 13.77 -13.11 62.26
CA ASP C 199 13.03 -14.28 62.75
C ASP C 199 13.13 -15.47 61.81
N HIS C 200 13.45 -15.23 60.55
CA HIS C 200 13.40 -16.26 59.50
C HIS C 200 12.01 -16.90 59.47
N SER C 201 11.02 -16.04 59.25
CA SER C 201 9.61 -16.39 59.32
C SER C 201 9.03 -16.57 57.92
N GLU C 202 7.69 -16.62 57.85
CA GLU C 202 6.95 -17.27 56.77
C GLU C 202 7.53 -17.01 55.37
N ALA C 203 7.54 -15.76 54.93
CA ALA C 203 8.10 -15.46 53.61
C ALA C 203 9.61 -15.64 53.61
N HIS C 204 10.30 -15.01 54.56
CA HIS C 204 11.75 -15.06 54.63
C HIS C 204 12.26 -16.51 54.71
N LYS C 205 11.68 -17.30 55.61
CA LYS C 205 12.04 -18.71 55.73
C LYS C 205 12.04 -19.42 54.38
N ASP C 206 10.95 -19.26 53.61
CA ASP C 206 10.88 -19.88 52.30
C ASP C 206 12.01 -19.43 51.39
N ALA C 207 12.35 -18.14 51.44
CA ALA C 207 13.45 -17.62 50.61
C ALA C 207 14.79 -18.19 51.07
N GLU C 208 15.04 -18.17 52.39
CA GLU C 208 16.29 -18.71 52.91
C GLU C 208 16.47 -20.17 52.55
N GLU C 209 15.40 -20.96 52.66
CA GLU C 209 15.47 -22.38 52.29
C GLU C 209 15.72 -22.55 50.80
N TYR C 210 15.04 -21.76 49.97
CA TYR C 210 15.25 -21.79 48.53
C TYR C 210 16.71 -21.61 48.16
N ILE C 211 17.35 -20.58 48.71
CA ILE C 211 18.75 -20.30 48.40
C ILE C 211 19.64 -21.46 48.82
N SER C 212 19.45 -21.95 50.05
CA SER C 212 20.25 -23.08 50.54
C SER C 212 20.16 -24.27 49.59
N LYS C 213 18.95 -24.60 49.14
CA LYS C 213 18.79 -25.69 48.18
C LYS C 213 19.47 -25.38 46.86
N VAL C 214 19.50 -24.12 46.45
CA VAL C 214 20.04 -23.76 45.13
C VAL C 214 21.56 -23.90 45.11
N PHE C 215 22.23 -23.41 46.16
CA PHE C 215 23.68 -23.41 46.22
C PHE C 215 24.26 -24.68 46.84
N LYS C 216 23.45 -25.71 47.01
CA LYS C 216 23.90 -26.98 47.58
C LYS C 216 24.49 -26.77 48.97
N SER C 217 23.74 -26.07 49.81
CA SER C 217 24.17 -25.68 51.15
C SER C 217 23.28 -26.33 52.19
N ASP C 218 23.88 -26.70 53.32
CA ASP C 218 23.11 -27.24 54.44
C ASP C 218 22.13 -26.20 54.97
N ARG C 219 22.57 -24.95 55.09
CA ARG C 219 21.75 -23.86 55.59
C ARG C 219 22.32 -22.56 55.07
N SER C 220 21.45 -21.64 54.67
CA SER C 220 21.87 -20.38 54.09
C SER C 220 21.14 -19.21 54.73
N LEU C 221 21.86 -18.09 54.83
CA LEU C 221 21.37 -16.87 55.45
C LEU C 221 21.60 -15.71 54.49
N ILE C 222 20.65 -14.78 54.44
CA ILE C 222 20.74 -13.63 53.55
C ILE C 222 21.14 -12.42 54.37
N VAL C 223 22.02 -11.60 53.81
CA VAL C 223 22.66 -10.49 54.52
C VAL C 223 22.48 -9.22 53.69
N THR C 224 22.04 -8.15 54.34
CA THR C 224 21.70 -6.91 53.66
C THR C 224 22.69 -5.78 53.96
N ASN C 225 23.87 -6.12 54.47
CA ASN C 225 24.92 -5.12 54.67
C ASN C 225 26.27 -5.68 54.20
N GLY C 226 26.26 -6.31 53.03
CA GLY C 226 27.49 -6.75 52.41
C GLY C 226 28.07 -7.99 53.05
N THR C 227 29.02 -8.61 52.34
CA THR C 227 29.79 -9.72 52.90
C THR C 227 30.57 -9.29 54.13
N SER C 228 31.03 -8.02 54.16
CA SER C 228 31.68 -7.46 55.34
C SER C 228 30.91 -7.77 56.61
N THR C 229 29.57 -7.72 56.54
CA THR C 229 28.74 -8.09 57.69
C THR C 229 28.64 -9.60 57.83
N ALA C 230 28.49 -10.32 56.71
CA ALA C 230 28.43 -11.78 56.76
C ALA C 230 29.68 -12.36 57.40
N ASN C 231 30.86 -11.85 57.04
CA ASN C 231 32.10 -12.30 57.65
C ASN C 231 32.07 -12.13 59.17
N LYS C 232 31.56 -10.99 59.64
CA LYS C 232 31.53 -10.73 61.07
C LYS C 232 30.54 -11.65 61.79
N ILE C 233 29.42 -11.96 61.13
CA ILE C 233 28.48 -12.94 61.69
C ILE C 233 29.17 -14.29 61.91
N VAL C 234 29.87 -14.77 60.87
CA VAL C 234 30.56 -16.06 60.97
C VAL C 234 31.52 -16.08 62.15
N GLY C 235 32.43 -15.11 62.20
CA GLY C 235 33.38 -14.97 63.28
C GLY C 235 32.77 -15.02 64.67
N MET C 236 31.90 -14.04 64.98
CA MET C 236 31.32 -13.95 66.30
C MET C 236 30.48 -15.17 66.66
N TYR C 237 30.12 -16.00 65.69
CA TYR C 237 29.57 -17.31 65.99
C TYR C 237 30.67 -18.30 66.36
N SER C 238 31.75 -18.30 65.58
CA SER C 238 32.78 -19.33 65.73
C SER C 238 33.78 -19.02 66.84
N VAL C 239 33.91 -17.77 67.26
CA VAL C 239 35.05 -17.32 68.04
C VAL C 239 34.59 -16.63 69.32
N ALA C 240 35.14 -17.07 70.45
CA ALA C 240 35.00 -16.41 71.74
C ALA C 240 36.38 -15.90 72.17
N ASP C 241 36.41 -14.76 72.86
CA ASP C 241 37.68 -14.09 73.08
C ASP C 241 38.60 -14.93 73.94
N GLY C 242 39.81 -15.20 73.42
CA GLY C 242 40.75 -16.03 74.13
C GLY C 242 41.40 -17.08 73.26
N ASP C 243 40.66 -17.71 72.36
CA ASP C 243 41.24 -18.77 71.55
C ASP C 243 41.85 -18.17 70.30
N THR C 244 42.68 -18.96 69.63
CA THR C 244 43.48 -18.50 68.51
C THR C 244 42.71 -18.72 67.21
N ILE C 245 42.99 -17.86 66.22
CA ILE C 245 42.34 -17.95 64.91
C ILE C 245 43.40 -18.01 63.83
N LEU C 246 43.12 -18.80 62.78
CA LEU C 246 43.96 -18.88 61.60
C LEU C 246 43.44 -17.91 60.55
N VAL C 247 44.32 -17.02 60.08
CA VAL C 247 43.92 -15.95 59.18
C VAL C 247 44.73 -16.03 57.90
N ASP C 248 44.05 -15.86 56.77
CA ASP C 248 44.74 -15.57 55.52
C ASP C 248 45.39 -14.20 55.63
N ARG C 249 46.71 -14.14 55.44
CA ARG C 249 47.40 -12.85 55.52
C ARG C 249 46.81 -11.85 54.53
N ASN C 250 46.53 -12.31 53.31
CA ASN C 250 45.87 -11.49 52.29
C ASN C 250 44.35 -11.65 52.42
N CYS C 251 43.83 -11.15 53.53
CA CYS C 251 42.40 -11.19 53.81
C CYS C 251 41.76 -9.83 53.57
N HIS C 252 40.44 -9.82 53.65
CA HIS C 252 39.68 -8.58 53.46
C HIS C 252 39.84 -7.65 54.66
N LYS C 253 39.64 -6.36 54.40
CA LYS C 253 39.49 -5.32 55.42
C LYS C 253 38.55 -5.76 56.54
N SER C 254 37.51 -6.53 56.20
CA SER C 254 36.49 -6.88 57.19
C SER C 254 36.96 -7.96 58.15
N VAL C 255 37.83 -8.87 57.70
CA VAL C 255 38.38 -9.88 58.59
C VAL C 255 39.09 -9.22 59.77
N THR C 256 40.02 -8.31 59.47
CA THR C 256 40.66 -7.52 60.52
C THR C 256 39.63 -6.81 61.39
N HIS C 257 38.63 -6.19 60.75
CA HIS C 257 37.57 -5.52 61.50
C HIS C 257 36.94 -6.45 62.52
N LEU C 258 36.76 -7.72 62.17
CA LEU C 258 36.25 -8.70 63.12
C LEU C 258 37.22 -8.93 64.26
N MET C 259 38.50 -9.18 63.93
CA MET C 259 39.51 -9.39 64.96
C MET C 259 39.57 -8.23 65.95
N MET C 260 39.21 -7.03 65.51
CA MET C 260 39.29 -5.81 66.31
C MET C 260 38.16 -5.69 67.32
N MET C 261 37.20 -6.62 67.32
CA MET C 261 36.05 -6.53 68.21
C MET C 261 35.92 -7.74 69.13
N VAL C 262 36.83 -8.71 69.03
CA VAL C 262 36.91 -9.85 69.95
C VAL C 262 38.38 -10.06 70.28
N ASP C 263 38.69 -10.27 71.56
CA ASP C 263 40.08 -10.40 71.98
C ASP C 263 40.66 -11.73 71.52
N VAL C 264 41.19 -11.77 70.30
CA VAL C 264 41.60 -13.01 69.66
C VAL C 264 42.95 -12.81 68.99
N ASN C 265 43.77 -13.87 69.00
CA ASN C 265 45.12 -13.79 68.47
C ASN C 265 45.22 -14.53 67.15
N PRO C 266 45.72 -13.87 66.09
CA PRO C 266 45.85 -14.54 64.80
C PRO C 266 47.24 -15.07 64.51
N ILE C 267 47.34 -16.17 63.77
CA ILE C 267 48.53 -16.49 62.99
C ILE C 267 48.14 -16.41 61.52
N TYR C 268 48.94 -15.71 60.73
CA TYR C 268 48.63 -15.48 59.34
C TYR C 268 49.27 -16.53 58.46
N LEU C 269 48.56 -16.94 57.41
CA LEU C 269 49.07 -17.90 56.44
C LEU C 269 49.76 -17.13 55.32
N LYS C 270 51.09 -17.20 55.28
CA LYS C 270 51.90 -16.45 54.31
C LYS C 270 51.60 -16.88 52.88
N PRO C 271 50.97 -16.02 52.09
CA PRO C 271 50.71 -16.34 50.68
C PRO C 271 51.80 -15.80 49.77
N THR C 272 51.83 -16.34 48.56
CA THR C 272 52.81 -15.94 47.57
C THR C 272 52.30 -14.75 46.77
N ARG C 273 53.20 -14.18 45.97
CA ARG C 273 52.86 -13.09 45.04
C ARG C 273 54.02 -12.93 44.07
N ASN C 274 53.85 -12.02 43.12
CA ASN C 274 54.85 -11.70 42.11
C ASN C 274 55.15 -10.21 42.14
N ALA C 275 56.12 -9.79 41.31
CA ALA C 275 56.49 -8.39 41.23
C ALA C 275 55.32 -7.49 40.86
N TYR C 276 54.39 -7.99 40.04
CA TYR C 276 53.21 -7.21 39.66
C TYR C 276 52.38 -6.79 40.87
N GLY C 277 52.52 -7.47 42.00
CA GLY C 277 51.64 -7.27 43.11
C GLY C 277 50.31 -7.98 42.96
N ILE C 278 50.32 -9.17 42.38
CA ILE C 278 49.14 -10.01 42.25
C ILE C 278 49.10 -10.98 43.43
N ILE C 279 47.93 -11.08 44.07
CA ILE C 279 47.79 -11.96 45.22
C ILE C 279 47.89 -13.40 44.74
N GLY C 280 48.71 -14.20 45.43
CA GLY C 280 48.89 -15.60 45.10
C GLY C 280 48.19 -16.51 46.09
N GLY C 281 48.47 -17.81 45.93
CA GLY C 281 47.90 -18.81 46.80
C GLY C 281 48.77 -19.11 48.00
N ILE C 282 48.12 -19.53 49.08
CA ILE C 282 48.81 -20.03 50.26
C ILE C 282 49.27 -21.45 49.96
N PRO C 283 50.58 -21.73 49.94
CA PRO C 283 51.05 -23.07 49.62
C PRO C 283 50.53 -24.10 50.62
N LYS C 284 50.29 -25.32 50.12
CA LYS C 284 49.77 -26.41 50.93
C LYS C 284 50.55 -26.58 52.23
N LYS C 285 51.89 -26.44 52.17
CA LYS C 285 52.73 -26.56 53.36
C LYS C 285 52.19 -25.76 54.54
N GLU C 286 51.74 -24.53 54.30
CA GLU C 286 51.27 -23.68 55.38
C GLU C 286 50.07 -24.28 56.11
N PHE C 287 49.24 -25.07 55.41
CA PHE C 287 48.07 -25.68 56.02
C PHE C 287 48.40 -26.91 56.85
N LYS C 288 49.63 -27.43 56.76
CA LYS C 288 49.97 -28.67 57.42
C LYS C 288 49.95 -28.51 58.93
N ARG C 289 49.64 -29.63 59.61
CA ARG C 289 49.56 -29.62 61.07
C ARG C 289 50.84 -29.10 61.71
N GLU C 290 52.00 -29.53 61.20
CA GLU C 290 53.26 -29.14 61.82
C GLU C 290 53.53 -27.65 61.64
N THR C 291 53.22 -27.10 60.46
CA THR C 291 53.40 -25.67 60.24
C THR C 291 52.53 -24.85 61.19
N ILE C 292 51.31 -25.31 61.44
CA ILE C 292 50.40 -24.59 62.33
C ILE C 292 50.92 -24.65 63.77
N GLN C 293 51.17 -25.87 64.27
CA GLN C 293 51.68 -26.03 65.62
C GLN C 293 52.95 -25.21 65.85
N GLU C 294 53.83 -25.18 64.85
CA GLU C 294 55.07 -24.40 64.98
C GLU C 294 54.77 -22.91 65.04
N LYS C 295 53.94 -22.42 64.10
CA LYS C 295 53.58 -21.01 64.09
C LYS C 295 52.89 -20.59 65.38
N ILE C 296 52.17 -21.52 66.03
CA ILE C 296 51.57 -21.23 67.32
C ILE C 296 52.67 -20.98 68.36
N ASP C 297 53.61 -21.93 68.49
CA ASP C 297 54.74 -21.77 69.37
C ASP C 297 55.44 -20.42 69.19
N ASN C 298 55.52 -19.95 67.93
CA ASN C 298 56.28 -18.74 67.63
C ASN C 298 55.48 -17.46 67.86
N SER C 299 54.16 -17.53 67.84
CA SER C 299 53.34 -16.35 68.12
C SER C 299 53.53 -15.91 69.58
N ASN C 300 53.11 -14.68 69.87
CA ASN C 300 53.27 -14.14 71.22
C ASN C 300 52.22 -14.71 72.18
N ILE C 301 50.94 -14.52 71.87
CA ILE C 301 49.88 -14.99 72.75
C ILE C 301 49.59 -16.46 72.49
N ALA C 302 49.04 -16.77 71.31
CA ALA C 302 48.91 -18.13 70.79
C ALA C 302 48.39 -19.12 71.85
N ASP C 303 47.11 -18.94 72.19
CA ASP C 303 46.46 -19.84 73.14
C ASP C 303 46.71 -21.31 72.79
N LYS C 304 46.23 -21.77 71.65
CA LYS C 304 46.20 -23.19 71.31
C LYS C 304 45.90 -23.33 69.83
N TRP C 305 45.60 -24.55 69.39
CA TRP C 305 45.21 -24.79 68.02
C TRP C 305 44.02 -23.92 67.64
N PRO C 306 44.04 -23.27 66.47
CA PRO C 306 42.94 -22.35 66.12
C PRO C 306 41.61 -23.08 65.98
N GLU C 307 40.58 -22.51 66.63
CA GLU C 307 39.22 -22.97 66.43
C GLU C 307 38.61 -22.42 65.15
N TYR C 308 39.16 -21.34 64.62
CA TYR C 308 38.58 -20.61 63.50
C TYR C 308 39.62 -20.43 62.40
N ALA C 309 39.20 -20.66 61.16
CA ALA C 309 40.03 -20.43 60.00
C ALA C 309 39.30 -19.55 58.99
N VAL C 310 40.02 -18.61 58.40
CA VAL C 310 39.47 -17.73 57.38
C VAL C 310 40.49 -17.66 56.25
N VAL C 311 40.15 -18.20 55.09
CA VAL C 311 40.99 -18.13 53.90
C VAL C 311 40.16 -17.53 52.79
N THR C 312 40.74 -16.56 52.08
CA THR C 312 40.05 -15.89 50.99
C THR C 312 40.24 -16.69 49.70
N ASN C 313 39.13 -17.18 49.16
CA ASN C 313 39.15 -17.98 47.93
C ASN C 313 37.90 -17.64 47.14
N SER C 314 38.08 -17.10 45.93
CA SER C 314 39.39 -16.95 45.31
C SER C 314 40.11 -15.67 45.71
N THR C 315 41.32 -15.49 45.18
CA THR C 315 42.01 -14.23 45.31
C THR C 315 41.29 -13.16 44.50
N TYR C 316 41.62 -11.90 44.79
CA TYR C 316 41.09 -10.79 44.01
C TYR C 316 41.34 -11.01 42.52
N ASP C 317 42.54 -11.48 42.17
CA ASP C 317 42.93 -11.65 40.78
C ASP C 317 42.64 -13.06 40.24
N GLY C 318 41.83 -13.84 40.94
CA GLY C 318 41.27 -15.05 40.37
C GLY C 318 42.14 -16.30 40.41
N ILE C 319 42.79 -16.57 41.53
CA ILE C 319 43.43 -17.88 41.77
C ILE C 319 42.55 -18.66 42.73
N LEU C 320 42.34 -19.95 42.43
CA LEU C 320 41.40 -20.79 43.14
C LEU C 320 42.13 -21.89 43.88
N TYR C 321 41.75 -22.11 45.15
CA TYR C 321 42.24 -23.23 45.93
C TYR C 321 41.38 -24.48 45.69
N ASN C 322 42.02 -25.64 45.77
CA ASN C 322 41.30 -26.91 45.83
C ASN C 322 40.74 -27.05 47.24
N THR C 323 39.41 -26.94 47.38
CA THR C 323 38.79 -26.97 48.70
C THR C 323 38.88 -28.36 49.33
N ASP C 324 38.89 -29.41 48.51
CA ASP C 324 39.03 -30.77 49.05
C ASP C 324 40.42 -30.95 49.67
N THR C 325 41.46 -30.56 48.95
CA THR C 325 42.83 -30.68 49.46
C THR C 325 43.04 -29.86 50.73
N ILE C 326 42.33 -28.75 50.88
CA ILE C 326 42.50 -27.91 52.07
C ILE C 326 41.83 -28.56 53.28
N HIS C 327 40.56 -28.95 53.14
CA HIS C 327 39.84 -29.54 54.27
C HIS C 327 40.52 -30.81 54.74
N ARG C 328 41.11 -31.58 53.83
CA ARG C 328 41.87 -32.76 54.21
C ARG C 328 43.03 -32.40 55.13
N GLU C 329 43.62 -31.22 54.95
CA GLU C 329 44.84 -30.84 55.66
C GLU C 329 44.59 -29.96 56.88
N LEU C 330 43.47 -29.23 56.93
CA LEU C 330 43.21 -28.25 58.00
C LEU C 330 42.26 -28.88 59.01
N ASP C 331 42.79 -29.28 60.16
CA ASP C 331 41.99 -29.82 61.26
C ASP C 331 41.45 -28.71 62.16
N VAL C 332 40.77 -27.74 61.55
CA VAL C 332 40.10 -26.66 62.27
C VAL C 332 38.60 -26.83 62.04
N LYS C 333 37.83 -26.84 63.13
CA LYS C 333 36.42 -27.22 63.03
C LYS C 333 35.57 -26.12 62.40
N LYS C 334 35.88 -24.86 62.69
CA LYS C 334 35.16 -23.73 62.09
C LYS C 334 36.09 -23.07 61.07
N LEU C 335 36.03 -23.55 59.84
CA LEU C 335 36.85 -23.03 58.76
C LEU C 335 35.94 -22.36 57.74
N HIS C 336 36.35 -21.15 57.30
CA HIS C 336 35.44 -20.21 56.65
C HIS C 336 36.13 -19.66 55.40
N PHE C 337 35.65 -20.05 54.23
CA PHE C 337 36.10 -19.45 52.98
C PHE C 337 35.39 -18.12 52.75
N ASP C 338 36.18 -17.08 52.46
CA ASP C 338 35.63 -15.77 52.11
C ASP C 338 35.44 -15.70 50.60
N SER C 339 34.48 -16.48 50.11
CA SER C 339 34.24 -16.62 48.68
C SER C 339 33.42 -15.48 48.11
N ALA C 340 33.86 -14.23 48.34
CA ALA C 340 33.14 -13.09 47.80
C ALA C 340 33.23 -13.03 46.28
N TRP C 341 34.37 -13.44 45.73
CA TRP C 341 34.63 -13.30 44.30
C TRP C 341 34.19 -14.52 43.48
N ILE C 342 33.54 -15.50 44.09
CA ILE C 342 33.10 -16.70 43.37
C ILE C 342 31.76 -17.21 43.88
N PRO C 343 30.68 -16.41 43.87
CA PRO C 343 29.38 -16.99 44.20
C PRO C 343 28.88 -17.94 43.13
N TYR C 344 29.34 -17.78 41.90
CA TYR C 344 29.01 -18.64 40.77
C TYR C 344 29.74 -19.98 40.78
N ALA C 345 30.74 -20.13 41.66
CA ALA C 345 31.60 -21.31 41.65
C ALA C 345 30.83 -22.62 41.53
N ILE C 346 29.77 -22.78 42.33
CA ILE C 346 29.11 -24.07 42.46
C ILE C 346 28.31 -24.48 41.23
N PHE C 347 28.18 -23.60 40.24
CA PHE C 347 27.27 -23.84 39.12
C PHE C 347 27.98 -24.27 37.84
N HIS C 348 29.30 -24.27 37.79
CA HIS C 348 29.97 -24.70 36.57
C HIS C 348 30.94 -25.84 36.85
N PRO C 349 31.05 -26.80 35.92
CA PRO C 349 31.96 -27.93 36.15
C PRO C 349 33.42 -27.55 36.34
N ILE C 350 33.91 -26.49 35.67
CA ILE C 350 35.33 -26.17 35.74
C ILE C 350 35.77 -25.81 37.15
N TYR C 351 34.83 -25.49 38.04
CA TYR C 351 35.11 -25.18 39.43
C TYR C 351 34.93 -26.37 40.35
N LYS C 352 35.00 -27.59 39.80
CA LYS C 352 34.91 -28.81 40.61
C LYS C 352 35.91 -28.79 41.75
N HIS C 353 35.40 -28.87 42.97
CA HIS C 353 36.21 -28.91 44.19
C HIS C 353 37.01 -27.62 44.40
N LYS C 354 36.44 -26.49 43.98
CA LYS C 354 37.06 -25.18 44.20
C LYS C 354 36.13 -24.23 44.95
N SER C 355 34.99 -24.72 45.42
CA SER C 355 34.07 -23.95 46.26
C SER C 355 33.86 -24.69 47.57
N ALA C 356 33.59 -23.92 48.64
CA ALA C 356 33.42 -24.51 49.96
C ALA C 356 32.30 -25.53 50.00
N MET C 357 31.12 -25.16 49.50
CA MET C 357 29.93 -25.99 49.64
C MET C 357 30.06 -27.35 48.97
N GLN C 358 31.12 -27.59 48.20
CA GLN C 358 31.29 -28.86 47.50
C GLN C 358 31.84 -29.96 48.39
N ILE C 359 32.35 -29.63 49.57
CA ILE C 359 33.00 -30.60 50.44
C ILE C 359 32.03 -31.01 51.55
N GLU C 360 32.06 -32.29 51.91
CA GLU C 360 31.29 -32.76 53.05
C GLU C 360 31.97 -32.33 54.34
N PRO C 361 31.30 -31.56 55.20
CA PRO C 361 31.88 -31.25 56.52
C PRO C 361 32.38 -32.50 57.24
N ARG C 362 33.62 -32.43 57.69
CA ARG C 362 34.17 -33.50 58.52
C ARG C 362 33.38 -33.59 59.81
N PRO C 363 33.23 -34.80 60.39
CA PRO C 363 32.44 -34.94 61.63
C PRO C 363 32.62 -33.85 62.66
N GLU C 364 31.52 -33.21 63.02
CA GLU C 364 31.45 -32.12 64.00
C GLU C 364 32.28 -30.89 63.58
N HIS C 365 32.66 -30.78 62.32
CA HIS C 365 33.32 -29.60 61.80
C HIS C 365 32.33 -28.79 60.94
N ILE C 366 32.41 -27.48 61.05
CA ILE C 366 31.49 -26.56 60.38
C ILE C 366 32.24 -25.84 59.27
N ILE C 367 31.60 -25.74 58.10
CA ILE C 367 32.15 -25.02 56.96
C ILE C 367 31.34 -23.75 56.76
N PHE C 368 32.02 -22.66 56.41
CA PHE C 368 31.38 -21.39 56.12
C PHE C 368 31.84 -20.88 54.77
N GLU C 369 30.89 -20.52 53.92
CA GLU C 369 31.17 -19.79 52.69
C GLU C 369 30.38 -18.49 52.71
N THR C 370 31.10 -17.37 52.73
CA THR C 370 30.48 -16.06 52.61
C THR C 370 30.70 -15.56 51.19
N GLN C 371 29.61 -15.21 50.51
CA GLN C 371 29.65 -14.81 49.11
C GLN C 371 29.07 -13.42 48.96
N SER C 372 29.73 -12.58 48.17
CA SER C 372 29.21 -11.26 47.81
C SER C 372 28.40 -11.45 46.54
N THR C 373 27.08 -11.59 46.70
CA THR C 373 26.22 -11.89 45.56
C THR C 373 26.26 -10.77 44.53
N HIS C 374 26.35 -9.53 44.98
CA HIS C 374 26.37 -8.39 44.09
C HIS C 374 27.70 -8.26 43.34
N1 LLP C 375 35.44 -10.11 51.18
C2 LLP C 375 36.26 -10.21 50.12
C2' LLP C 375 37.26 -11.36 50.02
C3 LLP C 375 36.20 -9.26 49.10
O3 LLP C 375 37.04 -9.37 47.99
C4 LLP C 375 35.31 -8.24 49.17
C4' LLP C 375 35.25 -7.19 48.06
C5 LLP C 375 34.50 -8.14 50.25
C6 LLP C 375 34.56 -9.08 51.26
C5' LLP C 375 33.51 -6.99 50.35
OP4 LLP C 375 32.23 -7.48 50.65
P LLP C 375 31.01 -6.37 50.69
OP1 LLP C 375 30.80 -5.87 52.09
OP2 LLP C 375 29.74 -6.99 50.17
OP3 LLP C 375 31.40 -5.21 49.80
N LLP C 375 28.76 -8.82 43.90
CA LLP C 375 30.10 -8.63 43.36
CB LLP C 375 31.14 -9.18 44.35
CG LLP C 375 32.20 -8.10 44.62
CD LLP C 375 32.35 -7.84 46.13
CE LLP C 375 33.68 -8.40 46.68
NZ LLP C 375 34.55 -7.28 47.00
C LLP C 375 30.25 -9.29 41.98
O LLP C 375 30.90 -8.69 41.09
N LEU C 376 29.66 -10.47 41.77
CA LEU C 376 29.78 -11.13 40.48
C LEU C 376 28.53 -11.89 40.03
N LEU C 377 27.41 -11.66 40.70
CA LEU C 377 26.10 -12.05 40.18
C LEU C 377 25.25 -10.79 39.99
N ALA C 378 24.01 -10.98 39.54
CA ALA C 378 23.10 -9.87 39.29
C ALA C 378 22.29 -9.62 40.56
N ALA C 379 22.78 -8.68 41.38
CA ALA C 379 22.06 -8.31 42.58
C ALA C 379 22.46 -6.89 42.98
N PHE C 380 21.65 -6.29 43.84
CA PHE C 380 21.94 -4.97 44.36
C PHE C 380 23.16 -5.02 45.28
N SER C 381 23.89 -3.93 45.34
CA SER C 381 24.99 -3.82 46.30
C SER C 381 24.47 -4.01 47.72
N GLN C 382 25.40 -4.35 48.61
CA GLN C 382 25.16 -4.67 50.02
C GLN C 382 24.47 -6.01 50.21
N SER C 383 24.18 -6.74 49.13
CA SER C 383 23.48 -8.02 49.22
C SER C 383 24.50 -9.15 49.21
N SER C 384 24.38 -10.05 50.18
CA SER C 384 25.36 -11.10 50.37
C SER C 384 24.68 -12.34 50.93
N MET C 385 25.30 -13.49 50.68
CA MET C 385 24.82 -14.77 51.19
C MET C 385 25.80 -15.33 52.21
N LEU C 386 25.27 -16.09 53.16
CA LEU C 386 26.08 -16.82 54.13
C LEU C 386 25.66 -18.27 54.07
N HIS C 387 26.52 -19.12 53.51
CA HIS C 387 26.27 -20.55 53.40
C HIS C 387 27.09 -21.28 54.45
N ILE C 388 26.45 -22.19 55.18
CA ILE C 388 27.11 -22.98 56.21
C ILE C 388 26.87 -24.46 55.92
N LYS C 389 27.67 -25.31 56.56
CA LYS C 389 27.61 -26.74 56.30
C LYS C 389 27.98 -27.50 57.56
N GLY C 390 27.20 -28.53 57.87
CA GLY C 390 27.46 -29.40 58.99
C GLY C 390 26.58 -29.11 60.18
N ASP C 391 26.96 -29.72 61.31
CA ASP C 391 26.27 -29.48 62.57
C ASP C 391 26.51 -28.05 63.04
N TYR C 392 25.41 -27.35 63.34
CA TYR C 392 25.47 -25.97 63.79
C TYR C 392 24.38 -25.73 64.81
N ASN C 393 24.43 -24.57 65.45
CA ASN C 393 23.50 -24.20 66.51
C ASN C 393 22.74 -22.96 66.05
N GLU C 394 21.48 -23.17 65.61
CA GLU C 394 20.64 -22.06 65.21
C GLU C 394 20.41 -21.08 66.37
N GLU C 395 20.18 -21.62 67.57
CA GLU C 395 19.89 -20.79 68.74
C GLU C 395 20.95 -19.71 68.97
N VAL C 396 22.21 -19.98 68.65
CA VAL C 396 23.29 -19.05 68.91
C VAL C 396 23.66 -18.25 67.66
N LEU C 397 23.67 -18.88 66.47
CA LEU C 397 23.99 -18.12 65.27
C LEU C 397 22.90 -17.12 64.94
N ASN C 398 21.63 -17.45 65.26
CA ASN C 398 20.57 -16.47 65.11
C ASN C 398 20.87 -15.21 65.90
N GLU C 399 21.49 -15.35 67.07
CA GLU C 399 21.95 -14.19 67.82
C GLU C 399 23.13 -13.52 67.12
N ALA C 400 24.07 -14.32 66.60
CA ALA C 400 25.18 -13.76 65.84
C ALA C 400 24.68 -13.03 64.61
N PHE C 401 23.67 -13.59 63.94
CA PHE C 401 22.99 -12.89 62.85
C PHE C 401 22.39 -11.57 63.34
N MET C 402 21.64 -11.63 64.44
CA MET C 402 21.00 -10.44 64.99
C MET C 402 22.02 -9.40 65.47
N LEU C 403 23.23 -9.84 65.81
CA LEU C 403 24.26 -8.91 66.27
C LEU C 403 24.59 -7.86 65.22
N HIS C 404 24.53 -8.22 63.94
CA HIS C 404 24.93 -7.33 62.87
C HIS C 404 23.80 -6.92 61.94
N THR C 405 22.75 -7.73 61.81
CA THR C 405 21.65 -7.39 60.93
C THR C 405 20.77 -6.32 61.56
N SER C 406 20.38 -5.34 60.75
CA SER C 406 19.50 -4.28 61.24
C SER C 406 18.08 -4.81 61.44
N THR C 407 17.32 -4.11 62.29
CA THR C 407 15.95 -4.49 62.56
C THR C 407 14.98 -4.08 61.46
N SER C 408 15.40 -3.20 60.55
CA SER C 408 14.56 -2.72 59.45
C SER C 408 15.30 -2.95 58.14
N PRO C 409 15.42 -4.20 57.70
CA PRO C 409 16.15 -4.47 56.46
C PRO C 409 15.39 -3.95 55.26
N PHE C 410 16.14 -3.59 54.22
CA PHE C 410 15.57 -2.96 53.03
C PHE C 410 15.10 -4.08 52.11
N TYR C 411 13.79 -4.28 52.05
CA TYR C 411 13.24 -5.47 51.42
C TYR C 411 13.66 -5.68 49.96
N PRO C 412 13.76 -4.64 49.11
CA PRO C 412 14.26 -4.89 47.75
C PRO C 412 15.63 -5.58 47.70
N ILE C 413 16.51 -5.32 48.68
CA ILE C 413 17.79 -6.00 48.70
C ILE C 413 17.62 -7.46 49.09
N VAL C 414 16.79 -7.72 50.11
CA VAL C 414 16.40 -9.08 50.46
C VAL C 414 15.90 -9.83 49.23
N ALA C 415 14.95 -9.22 48.52
CA ALA C 415 14.44 -9.83 47.29
C ALA C 415 15.56 -10.03 46.27
N SER C 416 16.44 -9.04 46.12
CA SER C 416 17.44 -9.08 45.05
C SER C 416 18.36 -10.29 45.17
N VAL C 417 18.79 -10.62 46.39
CA VAL C 417 19.70 -11.74 46.56
C VAL C 417 18.99 -13.06 46.32
N GLU C 418 17.75 -13.18 46.81
CA GLU C 418 16.94 -14.35 46.50
C GLU C 418 16.73 -14.50 44.99
N THR C 419 16.43 -13.38 44.31
CA THR C 419 16.24 -13.41 42.87
C THR C 419 17.51 -13.86 42.17
N ALA C 420 18.67 -13.42 42.66
CA ALA C 420 19.94 -13.86 42.08
C ALA C 420 20.14 -15.36 42.23
N ALA C 421 19.66 -15.93 43.34
CA ALA C 421 19.62 -17.38 43.48
C ALA C 421 18.75 -18.01 42.40
N ALA C 422 17.56 -17.45 42.18
CA ALA C 422 16.66 -17.99 41.17
C ALA C 422 17.26 -17.89 39.77
N MET C 423 18.10 -16.87 39.53
CA MET C 423 18.78 -16.79 38.24
C MET C 423 19.71 -17.96 38.03
N MET C 424 20.37 -18.41 39.10
CA MET C 424 21.31 -19.51 39.02
C MET C 424 20.64 -20.88 39.11
N GLU C 425 19.41 -20.92 39.64
CA GLU C 425 18.68 -22.18 39.79
C GLU C 425 18.62 -22.96 38.48
N GLY C 426 18.89 -24.26 38.57
CA GLY C 426 18.78 -25.13 37.43
C GLY C 426 19.87 -24.88 36.40
N GLU C 427 19.69 -25.50 35.23
CA GLU C 427 20.68 -25.35 34.17
C GLU C 427 20.66 -23.95 33.55
N GLN C 428 19.64 -23.14 33.87
CA GLN C 428 19.73 -21.70 33.67
C GLN C 428 21.07 -21.14 34.13
N GLY C 429 21.43 -21.43 35.38
CA GLY C 429 22.67 -20.90 35.92
C GLY C 429 23.90 -21.38 35.17
N TYR C 430 23.94 -22.67 34.84
CA TYR C 430 25.07 -23.21 34.08
C TYR C 430 25.32 -22.41 32.80
N ASN C 431 24.28 -22.22 32.01
CA ASN C 431 24.42 -21.46 30.76
C ASN C 431 24.86 -20.03 31.03
N LEU C 432 24.37 -19.43 32.12
CA LEU C 432 24.73 -18.06 32.46
C LEU C 432 26.23 -17.94 32.71
N ILE C 433 26.80 -18.89 33.47
CA ILE C 433 28.24 -18.87 33.72
C ILE C 433 29.02 -19.31 32.50
N ASP C 434 28.53 -20.34 31.80
CA ASP C 434 29.19 -20.82 30.58
C ASP C 434 29.39 -19.69 29.58
N LYS C 435 28.41 -18.79 29.46
CA LYS C 435 28.54 -17.65 28.56
C LYS C 435 29.70 -16.76 28.96
N THR C 436 29.68 -16.27 30.20
CA THR C 436 30.75 -15.38 30.67
C THR C 436 32.11 -16.07 30.63
N ILE C 437 32.14 -17.39 30.79
CA ILE C 437 33.40 -18.13 30.69
C ILE C 437 33.88 -18.17 29.24
N ASN C 438 33.01 -18.60 28.32
CA ASN C 438 33.38 -18.66 26.91
C ASN C 438 33.78 -17.28 26.38
N LEU C 439 33.09 -16.23 26.82
CA LEU C 439 33.43 -14.88 26.39
C LEU C 439 34.82 -14.50 26.87
N ALA C 440 35.11 -14.72 28.16
CA ALA C 440 36.43 -14.41 28.71
C ALA C 440 37.53 -15.12 27.94
N ILE C 441 37.40 -16.44 27.75
CA ILE C 441 38.40 -17.21 27.04
C ILE C 441 38.61 -16.67 25.63
N ASP C 442 37.51 -16.30 24.96
CA ASP C 442 37.62 -15.71 23.62
C ASP C 442 38.45 -14.43 23.66
N PHE C 443 38.18 -13.56 24.63
CA PHE C 443 38.95 -12.33 24.76
C PHE C 443 40.42 -12.61 24.99
N ARG C 444 40.73 -13.59 25.84
CA ARG C 444 42.12 -13.97 26.09
C ARG C 444 42.81 -14.41 24.80
N ARG C 445 42.23 -15.37 24.07
CA ARG C 445 42.86 -15.87 22.86
C ARG C 445 42.96 -14.80 21.79
N GLU C 446 41.90 -13.99 21.63
CA GLU C 446 41.94 -12.94 20.62
C GLU C 446 42.97 -11.86 20.95
N LEU C 447 43.34 -11.71 22.23
CA LEU C 447 44.31 -10.70 22.59
C LEU C 447 45.73 -11.18 22.33
N ILE C 448 46.02 -12.46 22.60
CA ILE C 448 47.33 -13.00 22.26
C ILE C 448 47.45 -13.19 20.75
N LYS C 449 46.33 -13.47 20.08
CA LYS C 449 46.34 -13.50 18.62
C LYS C 449 46.67 -12.12 18.04
N LEU C 450 46.29 -11.06 18.75
CA LEU C 450 46.68 -9.71 18.35
C LEU C 450 48.14 -9.44 18.70
N ARG C 451 48.62 -9.98 19.82
CA ARG C 451 50.03 -9.84 20.18
C ARG C 451 50.94 -10.46 19.12
N SER C 452 50.54 -11.60 18.55
CA SER C 452 51.30 -12.22 17.48
C SER C 452 51.44 -11.27 16.29
N GLU C 453 50.32 -10.77 15.78
CA GLU C 453 50.35 -9.86 14.66
C GLU C 453 51.02 -8.53 14.99
N ALA C 454 50.98 -8.13 16.27
CA ALA C 454 51.38 -6.79 16.65
C ALA C 454 52.83 -6.49 16.30
N ASN C 455 53.07 -5.28 15.81
CA ASN C 455 54.43 -4.81 15.56
C ASN C 455 55.05 -4.27 16.85
N GLY C 456 56.29 -4.64 17.09
CA GLY C 456 56.97 -4.19 18.30
C GLY C 456 56.26 -4.67 19.55
N TRP C 457 56.13 -3.77 20.52
CA TRP C 457 55.50 -4.12 21.79
C TRP C 457 54.00 -4.28 21.64
N PHE C 458 53.40 -4.91 22.65
CA PHE C 458 51.95 -5.04 22.75
C PHE C 458 51.63 -5.50 24.18
N PHE C 459 50.35 -5.41 24.53
CA PHE C 459 49.90 -5.89 25.83
C PHE C 459 50.08 -7.40 25.91
N ASP C 460 49.88 -7.92 27.12
CA ASP C 460 49.89 -9.36 27.34
C ASP C 460 48.82 -9.73 28.36
N VAL C 461 48.60 -11.03 28.51
CA VAL C 461 47.61 -11.56 29.44
C VAL C 461 48.33 -12.40 30.48
N TRP C 462 47.90 -12.28 31.74
CA TRP C 462 48.44 -13.08 32.84
C TRP C 462 47.76 -14.43 32.80
N GLN C 463 48.31 -15.35 32.02
CA GLN C 463 47.70 -16.65 31.79
C GLN C 463 48.78 -17.60 31.28
N PRO C 464 48.52 -18.91 31.31
CA PRO C 464 49.42 -19.86 30.65
C PRO C 464 49.54 -19.57 29.17
N ASP C 465 50.51 -20.22 28.53
CA ASP C 465 50.68 -20.11 27.08
C ASP C 465 49.60 -20.89 26.35
N ASN C 466 49.54 -22.20 26.58
CA ASN C 466 48.53 -23.04 25.93
C ASN C 466 47.25 -23.01 26.75
N ILE C 467 46.21 -22.39 26.19
CA ILE C 467 44.89 -22.33 26.81
C ILE C 467 43.87 -22.95 25.86
N SER C 468 44.30 -23.96 25.09
CA SER C 468 43.45 -24.55 24.07
C SER C 468 42.15 -25.09 24.66
N ASN C 469 42.25 -25.89 25.72
CA ASN C 469 41.06 -26.48 26.31
C ASN C 469 40.51 -25.56 27.40
N LYS C 470 39.19 -25.58 27.55
CA LYS C 470 38.48 -24.61 28.38
C LYS C 470 38.36 -25.14 29.81
N GLU C 471 39.37 -24.83 30.62
CA GLU C 471 39.40 -25.26 32.01
C GLU C 471 39.90 -24.11 32.87
N ALA C 472 39.67 -24.22 34.18
CA ALA C 472 40.37 -23.39 35.14
C ALA C 472 41.80 -23.87 35.22
N TRP C 473 42.68 -23.20 34.48
CA TRP C 473 44.03 -23.74 34.24
C TRP C 473 44.81 -23.82 35.54
N LEU C 474 45.58 -24.89 35.67
CA LEU C 474 46.30 -25.18 36.91
C LEU C 474 47.71 -24.59 36.85
N LEU C 475 48.09 -23.89 37.90
CA LEU C 475 49.43 -23.33 37.99
C LEU C 475 50.45 -24.45 38.20
N ARG C 476 51.64 -24.25 37.64
CA ARG C 476 52.70 -25.24 37.67
C ARG C 476 54.01 -24.59 38.06
N ASN C 477 54.77 -25.28 38.92
CA ASN C 477 56.12 -24.84 39.29
C ASN C 477 56.94 -24.47 38.07
N ALA C 478 56.99 -25.37 37.08
CA ALA C 478 57.75 -25.18 35.86
C ALA C 478 57.58 -23.80 35.23
N ASP C 479 56.35 -23.41 34.93
CA ASP C 479 56.10 -22.25 34.09
C ASP C 479 56.28 -20.95 34.87
N LYS C 480 57.03 -20.02 34.27
CA LYS C 480 57.34 -18.73 34.88
C LYS C 480 56.28 -17.66 34.60
N TRP C 481 55.10 -18.06 34.13
CA TRP C 481 54.09 -17.05 33.75
C TRP C 481 53.47 -16.42 34.99
N HIS C 482 53.18 -17.21 36.02
CA HIS C 482 52.52 -16.68 37.21
C HIS C 482 53.51 -16.00 38.16
N GLY C 483 54.80 -16.30 38.03
CA GLY C 483 55.81 -15.64 38.87
C GLY C 483 55.68 -15.91 40.34
N PHE C 484 55.11 -17.05 40.72
CA PHE C 484 54.94 -17.42 42.12
C PHE C 484 56.00 -18.45 42.50
N LYS C 485 56.36 -18.45 43.78
CA LYS C 485 57.30 -19.40 44.34
C LYS C 485 56.56 -20.55 45.03
N ASN C 486 57.10 -21.76 44.89
CA ASN C 486 56.64 -22.96 45.58
C ASN C 486 55.12 -23.13 45.50
N VAL C 487 54.65 -23.39 44.27
CA VAL C 487 53.26 -23.76 44.04
C VAL C 487 53.16 -25.27 43.95
N ASP C 488 52.12 -25.83 44.55
CA ASP C 488 51.96 -27.28 44.64
C ASP C 488 51.29 -27.83 43.39
N GLY C 489 51.56 -29.10 43.10
CA GLY C 489 50.93 -29.77 41.98
C GLY C 489 49.44 -29.91 42.21
N ASP C 490 48.63 -29.40 41.28
CA ASP C 490 47.17 -29.42 41.36
C ASP C 490 46.69 -28.82 42.68
N PHE C 491 47.03 -27.55 42.88
CA PHE C 491 46.45 -26.83 44.01
C PHE C 491 45.87 -25.48 43.62
N LEU C 492 46.52 -24.75 42.71
CA LEU C 492 46.10 -23.42 42.31
C LEU C 492 45.57 -23.45 40.89
N SER C 493 44.36 -22.92 40.71
CA SER C 493 43.76 -22.75 39.39
C SER C 493 43.56 -21.26 39.11
N LEU C 494 43.50 -20.93 37.82
CA LEU C 494 43.23 -19.57 37.37
C LEU C 494 41.79 -19.45 36.90
N ASP C 495 41.06 -18.51 37.47
CA ASP C 495 39.67 -18.26 37.08
C ASP C 495 39.63 -17.56 35.72
N PRO C 496 39.14 -18.21 34.66
CA PRO C 496 39.18 -17.58 33.33
C PRO C 496 38.56 -16.20 33.25
N ILE C 497 37.42 -15.98 33.92
CA ILE C 497 36.64 -14.77 33.73
C ILE C 497 37.30 -13.52 34.30
N LYS C 498 38.36 -13.66 35.08
CA LYS C 498 39.06 -12.51 35.65
C LYS C 498 40.33 -12.28 34.84
N ILE C 499 40.29 -11.28 33.97
CA ILE C 499 41.35 -11.02 33.00
C ILE C 499 42.29 -9.96 33.58
N THR C 500 43.56 -10.32 33.75
CA THR C 500 44.60 -9.38 34.14
C THR C 500 45.45 -9.07 32.92
N ILE C 501 45.39 -7.82 32.46
CA ILE C 501 46.19 -7.37 31.32
C ILE C 501 47.52 -6.84 31.83
N LEU C 502 48.59 -7.13 31.10
CA LEU C 502 49.93 -6.77 31.51
C LEU C 502 50.58 -5.87 30.46
N THR C 503 51.12 -4.74 30.91
CA THR C 503 51.84 -3.77 30.09
C THR C 503 53.34 -3.97 30.25
N PRO C 504 54.09 -3.82 29.15
CA PRO C 504 55.54 -4.00 29.20
C PRO C 504 56.19 -3.24 30.36
N GLY C 505 57.18 -3.87 30.99
CA GLY C 505 57.85 -3.26 32.12
C GLY C 505 58.31 -4.23 33.20
N ILE C 506 57.91 -5.49 33.09
CA ILE C 506 58.33 -6.53 34.03
C ILE C 506 58.87 -7.70 33.24
N LYS C 507 60.19 -7.92 33.32
CA LYS C 507 60.87 -8.97 32.55
C LYS C 507 60.82 -10.32 33.27
N ASP C 508 61.50 -10.40 34.42
CA ASP C 508 61.71 -11.60 35.21
C ASP C 508 61.31 -11.35 36.66
N ASN C 509 60.06 -10.89 36.84
CA ASN C 509 59.53 -10.33 38.07
C ASN C 509 60.55 -9.42 38.76
N ASP C 510 61.03 -8.45 37.98
CA ASP C 510 61.84 -7.35 38.48
C ASP C 510 61.72 -6.19 37.49
N VAL C 511 62.49 -5.12 37.74
CA VAL C 511 62.42 -3.90 36.96
C VAL C 511 62.82 -4.15 35.51
N GLN C 512 62.51 -3.19 34.63
CA GLN C 512 62.86 -3.29 33.21
C GLN C 512 63.44 -1.98 32.71
N ASP C 513 64.28 -2.10 31.68
CA ASP C 513 64.92 -0.94 31.06
C ASP C 513 63.87 0.01 30.49
N TRP C 514 63.13 -0.46 29.48
CA TRP C 514 62.03 0.30 28.89
C TRP C 514 60.70 -0.34 29.28
N GLY C 515 59.69 0.50 29.46
CA GLY C 515 58.36 0.02 29.75
C GLY C 515 57.32 1.08 29.48
N VAL C 516 56.08 0.75 29.80
CA VAL C 516 54.95 1.66 29.66
C VAL C 516 54.01 1.42 30.84
N PRO C 517 54.08 2.26 31.88
CA PRO C 517 53.31 2.00 33.10
C PRO C 517 51.81 1.90 32.83
N ALA C 518 51.15 1.06 33.64
CA ALA C 518 49.72 0.82 33.45
C ALA C 518 48.89 2.08 33.69
N ASP C 519 49.38 2.99 34.53
CA ASP C 519 48.60 4.19 34.85
C ASP C 519 48.29 5.01 33.60
N VAL C 520 49.24 5.09 32.65
CA VAL C 520 49.00 5.84 31.43
C VAL C 520 48.08 5.08 30.47
N VAL C 521 47.82 3.82 30.73
CA VAL C 521 46.82 3.07 29.98
C VAL C 521 45.44 3.20 30.61
N ALA C 522 45.38 3.03 31.93
CA ALA C 522 44.14 3.24 32.67
C ALA C 522 43.52 4.60 32.35
N LYS C 523 44.32 5.67 32.38
CA LYS C 523 43.82 6.99 32.05
C LYS C 523 43.28 7.04 30.63
N PHE C 524 43.94 6.33 29.70
CA PHE C 524 43.47 6.35 28.32
C PHE C 524 42.19 5.53 28.18
N LEU C 525 42.09 4.43 28.91
CA LEU C 525 40.81 3.70 28.98
C LEU C 525 39.74 4.56 29.62
N ASP C 526 40.12 5.38 30.60
CA ASP C 526 39.14 6.25 31.27
C ASP C 526 38.68 7.36 30.35
N GLU C 527 39.62 7.98 29.62
CA GLU C 527 39.27 8.99 28.62
C GLU C 527 38.24 8.45 27.63
N HIS C 528 38.38 7.18 27.24
CA HIS C 528 37.47 6.56 26.29
C HIS C 528 36.32 5.82 26.97
N ASP C 529 35.95 6.21 28.19
CA ASP C 529 34.79 5.69 28.89
C ASP C 529 34.86 4.17 29.04
N ILE C 530 35.82 3.73 29.86
CA ILE C 530 35.96 2.33 30.24
C ILE C 530 36.41 2.27 31.69
N VAL C 531 35.65 1.57 32.53
CA VAL C 531 35.90 1.48 33.96
C VAL C 531 36.62 0.17 34.25
N VAL C 532 37.79 0.26 34.88
CA VAL C 532 38.59 -0.89 35.25
C VAL C 532 38.33 -1.24 36.71
N GLU C 533 38.35 -2.55 37.01
CA GLU C 533 38.17 -3.01 38.38
C GLU C 533 39.36 -2.63 39.26
N LYS C 534 40.58 -2.83 38.75
CA LYS C 534 41.78 -2.62 39.54
C LYS C 534 42.93 -2.33 38.59
N SER C 535 43.85 -1.48 39.05
CA SER C 535 45.00 -1.07 38.25
C SER C 535 46.26 -1.26 39.06
N GLY C 536 47.16 -2.12 38.58
CA GLY C 536 48.46 -2.28 39.18
C GLY C 536 49.46 -1.32 38.58
N PRO C 537 50.72 -1.40 39.04
CA PRO C 537 51.76 -0.57 38.42
C PRO C 537 52.07 -0.96 36.99
N TYR C 538 51.89 -2.25 36.65
CA TYR C 538 52.05 -2.70 35.27
C TYR C 538 50.97 -3.69 34.86
N SER C 539 49.91 -3.84 35.65
CA SER C 539 48.81 -4.75 35.34
C SER C 539 47.49 -3.99 35.35
N LEU C 540 46.44 -4.69 34.90
CA LEU C 540 45.11 -4.12 34.78
C LEU C 540 44.10 -5.25 34.85
N LEU C 541 43.13 -5.14 35.73
CA LEU C 541 42.18 -6.22 36.00
C LEU C 541 40.79 -5.86 35.45
N PHE C 542 40.34 -6.64 34.48
CA PHE C 542 38.97 -6.61 33.99
C PHE C 542 38.28 -7.90 34.41
N ILE C 543 37.09 -7.79 34.99
CA ILE C 543 36.33 -8.95 35.44
C ILE C 543 35.12 -9.12 34.53
N PHE C 544 35.15 -10.16 33.71
CA PHE C 544 34.04 -10.50 32.82
C PHE C 544 32.96 -11.21 33.62
N SER C 545 31.86 -10.52 33.89
CA SER C 545 30.73 -11.07 34.62
C SER C 545 29.60 -11.39 33.67
N LEU C 546 28.48 -11.89 34.23
CA LEU C 546 27.26 -12.08 33.46
C LEU C 546 26.65 -10.76 33.00
N GLY C 547 27.25 -9.63 33.33
CA GLY C 547 26.79 -8.35 32.84
C GLY C 547 27.73 -7.80 31.79
N THR C 548 28.44 -8.69 31.10
CA THR C 548 29.47 -8.31 30.13
C THR C 548 29.15 -8.97 28.80
N THR C 549 28.66 -8.19 27.85
CA THR C 549 28.40 -8.69 26.51
C THR C 549 29.68 -8.68 25.68
N LYS C 550 29.66 -9.45 24.58
CA LYS C 550 30.80 -9.46 23.68
C LYS C 550 31.09 -8.07 23.12
N ALA C 551 30.04 -7.26 22.91
CA ALA C 551 30.22 -5.90 22.40
C ALA C 551 31.14 -5.10 23.31
N LYS C 552 30.94 -5.20 24.62
CA LYS C 552 31.84 -4.56 25.58
C LYS C 552 33.29 -4.97 25.32
N SER C 553 33.53 -6.26 25.15
CA SER C 553 34.90 -6.73 24.97
C SER C 553 35.48 -6.28 23.62
N VAL C 554 34.65 -6.18 22.59
CA VAL C 554 35.12 -5.61 21.33
C VAL C 554 35.47 -4.14 21.50
N ARG C 555 34.64 -3.41 22.25
CA ARG C 555 34.98 -2.04 22.61
C ARG C 555 36.32 -1.99 23.35
N LEU C 556 36.53 -2.90 24.30
CA LEU C 556 37.79 -2.94 25.04
C LEU C 556 38.96 -3.27 24.11
N ILE C 557 38.78 -4.24 23.21
CA ILE C 557 39.83 -4.56 22.24
C ILE C 557 40.17 -3.34 21.40
N SER C 558 39.14 -2.69 20.84
CA SER C 558 39.38 -1.62 19.87
C SER C 558 40.09 -0.43 20.50
N VAL C 559 39.72 -0.07 21.72
CA VAL C 559 40.41 1.02 22.41
C VAL C 559 41.81 0.61 22.83
N LEU C 560 42.03 -0.68 23.12
CA LEU C 560 43.33 -1.13 23.61
C LEU C 560 44.40 -0.96 22.54
N ASN C 561 44.25 -1.62 21.40
CA ASN C 561 45.23 -1.47 20.33
C ASN C 561 45.21 -0.07 19.74
N LYS C 562 44.17 0.73 19.99
CA LYS C 562 44.23 2.14 19.65
C LYS C 562 45.22 2.88 20.54
N PHE C 563 45.26 2.52 21.83
CA PHE C 563 46.27 3.12 22.71
C PHE C 563 47.67 2.87 22.18
N LYS C 564 47.95 1.64 21.73
CA LYS C 564 49.23 1.35 21.10
C LYS C 564 49.43 2.22 19.86
N GLN C 565 48.40 2.31 19.02
CA GLN C 565 48.46 3.19 17.85
C GLN C 565 48.84 4.61 18.25
N MET C 566 48.14 5.19 19.23
CA MET C 566 48.43 6.56 19.62
C MET C 566 49.70 6.68 20.45
N TYR C 567 50.17 5.59 21.06
CA TYR C 567 51.44 5.62 21.77
C TYR C 567 52.61 5.49 20.82
N ASP C 568 52.52 4.58 19.85
CA ASP C 568 53.51 4.54 18.78
C ASP C 568 53.44 5.80 17.93
N GLU C 569 52.26 6.41 17.82
CA GLU C 569 52.14 7.70 17.16
C GLU C 569 52.88 8.79 17.92
N ASN C 570 52.99 8.65 19.25
CA ASN C 570 53.56 9.67 20.13
C ASN C 570 52.77 10.98 20.02
N THR C 571 51.45 10.87 20.17
CA THR C 571 50.60 12.05 20.15
C THR C 571 50.78 12.86 21.42
N LEU C 572 50.45 14.15 21.32
CA LEU C 572 50.55 15.05 22.46
C LEU C 572 49.68 14.57 23.61
N VAL C 573 50.16 14.80 24.83
CA VAL C 573 49.38 14.49 26.03
C VAL C 573 48.08 15.28 26.01
N GLU C 574 48.12 16.49 25.44
CA GLU C 574 46.90 17.29 25.27
C GLU C 574 45.85 16.53 24.45
N LYS C 575 46.21 16.14 23.23
CA LYS C 575 45.25 15.51 22.33
C LYS C 575 44.91 14.08 22.73
N MET C 576 45.78 13.41 23.48
CA MET C 576 45.56 12.01 23.82
C MET C 576 44.96 11.80 25.21
N LEU C 577 45.43 12.55 26.21
CA LEU C 577 44.93 12.45 27.58
C LEU C 577 44.52 13.83 28.07
N PRO C 578 43.47 14.42 27.49
CA PRO C 578 43.09 15.80 27.85
C PRO C 578 42.87 16.03 29.34
N THR C 579 42.30 15.05 30.05
CA THR C 579 42.08 15.22 31.48
C THR C 579 43.39 15.36 32.23
N LEU C 580 44.34 14.46 31.97
CA LEU C 580 45.67 14.59 32.55
C LEU C 580 46.31 15.92 32.15
N TYR C 581 46.21 16.29 30.87
CA TYR C 581 46.74 17.56 30.41
C TYR C 581 46.11 18.74 31.14
N ALA C 582 44.79 18.67 31.38
CA ALA C 582 44.10 19.80 32.00
C ALA C 582 44.49 19.97 33.45
N GLU C 583 44.86 18.89 34.13
CA GLU C 583 45.30 18.96 35.52
C GLU C 583 46.45 19.95 35.70
N ASP C 584 47.36 20.00 34.72
CA ASP C 584 48.45 20.97 34.75
C ASP C 584 48.95 21.22 33.34
N PRO C 585 48.32 22.12 32.59
CA PRO C 585 48.80 22.41 31.23
C PRO C 585 50.15 23.11 31.20
N LYS C 586 50.47 23.89 32.24
CA LYS C 586 51.80 24.47 32.37
C LYS C 586 52.88 23.40 32.33
N PHE C 587 52.64 22.25 32.96
CA PHE C 587 53.64 21.19 33.02
C PHE C 587 53.67 20.37 31.74
N TYR C 588 52.49 20.05 31.19
CA TYR C 588 52.38 19.24 29.98
C TYR C 588 52.32 20.12 28.73
N GLU C 589 53.01 21.25 28.74
CA GLU C 589 52.88 22.30 27.73
C GLU C 589 52.90 21.73 26.31
N ASP C 590 54.02 21.12 25.93
CA ASP C 590 54.14 20.47 24.64
C ASP C 590 54.52 19.00 24.78
N MET C 591 54.32 18.44 25.96
CA MET C 591 54.70 17.06 26.23
C MET C 591 53.89 16.08 25.39
N ARG C 592 54.56 15.02 24.94
CA ARG C 592 53.91 13.94 24.21
C ARG C 592 53.81 12.71 25.10
N ILE C 593 52.96 11.76 24.68
CA ILE C 593 52.60 10.62 25.52
C ILE C 593 53.84 9.81 25.91
N GLN C 594 54.79 9.64 24.98
CA GLN C 594 55.95 8.82 25.29
C GLN C 594 56.81 9.44 26.39
N GLU C 595 56.98 10.77 26.35
CA GLU C 595 57.74 11.44 27.42
C GLU C 595 57.09 11.22 28.77
N VAL C 596 55.77 11.44 28.86
CA VAL C 596 55.06 11.26 30.12
C VAL C 596 55.20 9.83 30.63
N SER C 597 54.96 8.85 29.76
CA SER C 597 55.03 7.45 30.15
C SER C 597 56.45 7.07 30.57
N GLU C 598 57.43 7.34 29.71
CA GLU C 598 58.80 6.92 30.00
C GLU C 598 59.35 7.59 31.25
N ARG C 599 58.96 8.83 31.52
CA ARG C 599 59.40 9.48 32.76
C ARG C 599 58.83 8.77 33.98
N LEU C 600 57.59 8.29 33.88
CA LEU C 600 57.00 7.52 34.98
C LEU C 600 57.71 6.18 35.13
N HIS C 601 57.95 5.48 34.01
CA HIS C 601 58.70 4.23 34.05
C HIS C 601 60.10 4.44 34.60
N GLN C 602 60.74 5.57 34.26
CA GLN C 602 62.07 5.86 34.76
C GLN C 602 62.06 6.02 36.27
N TYR C 603 61.04 6.71 36.81
CA TYR C 603 61.00 6.93 38.26
C TYR C 603 60.70 5.65 39.02
N MET C 604 60.01 4.69 38.40
CA MET C 604 59.83 3.40 39.05
C MET C 604 61.11 2.57 38.96
N LYS C 605 61.80 2.63 37.82
CA LYS C 605 63.11 1.99 37.72
C LYS C 605 64.10 2.63 38.70
N GLU C 606 63.99 3.94 38.91
CA GLU C 606 64.89 4.61 39.84
C GLU C 606 64.56 4.25 41.28
N ALA C 607 63.28 4.23 41.63
CA ALA C 607 62.86 3.80 42.96
C ALA C 607 63.01 2.31 43.17
N ASN C 608 63.16 1.53 42.10
CA ASN C 608 63.26 0.07 42.18
C ASN C 608 62.00 -0.52 42.80
N LEU C 609 60.84 0.01 42.38
CA LEU C 609 59.58 -0.27 43.05
C LEU C 609 59.14 -1.74 42.98
N PRO C 610 59.15 -2.42 41.81
CA PRO C 610 58.55 -3.76 41.74
C PRO C 610 59.07 -4.76 42.77
N ASN C 611 60.38 -4.99 42.80
CA ASN C 611 60.92 -5.91 43.80
C ASN C 611 60.89 -5.33 45.21
N LEU C 612 60.77 -4.00 45.34
CA LEU C 612 60.49 -3.42 46.65
C LEU C 612 59.12 -3.86 47.15
N MET C 613 58.09 -3.74 46.31
CA MET C 613 56.78 -4.24 46.67
C MET C 613 56.80 -5.75 46.89
N TYR C 614 57.66 -6.46 46.16
CA TYR C 614 57.82 -7.90 46.33
C TYR C 614 58.26 -8.24 47.76
N HIS C 615 59.45 -7.80 48.14
CA HIS C 615 60.00 -8.14 49.44
C HIS C 615 59.25 -7.48 50.59
N ALA C 616 58.45 -6.44 50.31
CA ALA C 616 57.67 -5.82 51.37
C ALA C 616 56.60 -6.77 51.90
N PHE C 617 55.75 -7.28 51.02
CA PHE C 617 54.64 -8.13 51.44
C PHE C 617 55.07 -9.58 51.65
N ASN C 618 56.31 -9.95 51.32
CA ASN C 618 56.79 -11.30 51.56
C ASN C 618 57.41 -11.48 52.94
N VAL C 619 57.57 -10.41 53.71
CA VAL C 619 57.96 -10.50 55.10
C VAL C 619 56.73 -10.21 55.96
N LEU C 620 56.75 -10.75 57.17
CA LEU C 620 55.64 -10.62 58.10
C LEU C 620 56.17 -10.01 59.40
N PRO C 621 55.66 -8.87 59.82
CA PRO C 621 56.30 -8.15 60.93
C PRO C 621 55.92 -8.75 62.28
N GLU C 622 56.88 -8.67 63.21
CA GLU C 622 56.69 -9.14 64.58
C GLU C 622 55.40 -8.57 65.16
N GLN C 623 54.44 -9.46 65.46
CA GLN C 623 53.16 -9.03 66.03
C GLN C 623 53.34 -8.82 67.53
N GLN C 624 53.26 -7.55 67.95
CA GLN C 624 53.46 -7.17 69.35
C GLN C 624 52.20 -7.30 70.18
N LEU C 625 51.04 -6.96 69.62
CA LEU C 625 49.81 -6.90 70.40
C LEU C 625 48.64 -7.26 69.52
N ASN C 626 47.65 -7.92 70.13
CA ASN C 626 46.35 -8.24 69.56
C ASN C 626 45.80 -7.06 68.77
N PRO C 627 45.32 -7.28 67.54
CA PRO C 627 44.63 -6.19 66.82
C PRO C 627 43.49 -5.59 67.63
N HIS C 628 42.72 -6.43 68.31
CA HIS C 628 41.67 -5.96 69.21
C HIS C 628 42.23 -4.99 70.25
N ARG C 629 43.26 -5.43 70.98
CA ARG C 629 43.80 -4.60 72.07
C ARG C 629 44.50 -3.36 71.55
N ALA C 630 45.08 -3.43 70.35
CA ALA C 630 45.66 -2.24 69.74
C ALA C 630 44.60 -1.17 69.52
N PHE C 631 43.47 -1.55 68.93
CA PHE C 631 42.36 -0.62 68.76
C PHE C 631 41.85 -0.12 70.10
N GLN C 632 41.75 -1.00 71.10
CA GLN C 632 41.34 -0.59 72.43
C GLN C 632 42.23 0.51 72.99
N LYS C 633 43.52 0.48 72.67
CA LYS C 633 44.42 1.53 73.14
C LYS C 633 44.09 2.88 72.50
N LEU C 634 43.55 2.88 71.28
CA LEU C 634 43.08 4.13 70.68
C LEU C 634 41.95 4.73 71.49
N LEU C 635 40.96 3.91 71.82
CA LEU C 635 39.86 4.32 72.68
C LEU C 635 40.37 4.84 74.02
N LYS C 636 41.09 3.99 74.76
CA LYS C 636 41.62 4.37 76.06
C LYS C 636 42.55 5.57 76.00
N GLY C 637 43.16 5.84 74.85
CA GLY C 637 43.93 7.04 74.64
C GLY C 637 45.44 6.85 74.60
N LYS C 638 45.94 5.73 75.12
CA LYS C 638 47.38 5.54 75.23
C LYS C 638 48.00 5.30 73.86
N VAL C 639 48.33 6.40 73.17
CA VAL C 639 48.88 6.33 71.82
C VAL C 639 49.45 7.71 71.47
N LYS C 640 50.58 7.75 70.77
CA LYS C 640 51.22 8.98 70.36
C LYS C 640 51.52 8.96 68.87
N LYS C 641 51.52 10.15 68.27
CA LYS C 641 51.67 10.30 66.83
C LYS C 641 53.11 10.68 66.50
N VAL C 642 53.78 9.85 65.70
CA VAL C 642 55.17 10.05 65.30
C VAL C 642 55.27 9.88 63.80
N PRO C 643 56.23 10.50 63.12
CA PRO C 643 56.28 10.44 61.65
C PRO C 643 56.55 9.03 61.13
N LEU C 644 56.28 8.86 59.83
CA LEU C 644 56.39 7.55 59.19
C LEU C 644 57.78 6.96 59.35
N ALA C 645 58.82 7.77 59.12
CA ALA C 645 60.19 7.34 59.39
C ALA C 645 60.33 6.72 60.77
N GLU C 646 59.78 7.38 61.79
CA GLU C 646 59.92 6.95 63.18
C GLU C 646 58.99 5.80 63.54
N LEU C 647 58.29 5.22 62.57
CA LEU C 647 57.53 4.00 62.83
C LEU C 647 58.46 2.82 63.15
N TYR C 648 59.69 2.88 62.65
CA TYR C 648 60.70 1.87 62.95
C TYR C 648 60.77 1.60 64.45
N GLU C 649 60.85 0.31 64.81
CA GLU C 649 60.99 -0.17 66.17
C GLU C 649 59.80 0.16 67.06
N HIS C 650 58.71 0.65 66.49
CA HIS C 650 57.51 0.97 67.25
C HIS C 650 56.35 0.07 66.84
N THR C 651 55.30 0.09 67.66
CA THR C 651 54.13 -0.76 67.47
C THR C 651 53.02 0.07 66.87
N SER C 652 52.56 -0.32 65.68
CA SER C 652 51.53 0.45 64.99
C SER C 652 50.18 0.33 65.70
N ALA C 653 49.50 1.45 65.81
CA ALA C 653 48.19 1.49 66.45
C ALA C 653 47.03 1.28 65.47
N VAL C 654 47.28 1.46 64.17
CA VAL C 654 46.24 1.36 63.15
C VAL C 654 46.77 0.59 61.95
N MET C 655 45.86 0.15 61.10
CA MET C 655 46.23 -0.58 59.90
C MET C 655 46.85 0.37 58.86
N ILE C 656 47.89 -0.10 58.19
CA ILE C 656 48.51 0.61 57.09
C ILE C 656 48.11 -0.09 55.79
N LEU C 657 47.69 0.70 54.81
CA LEU C 657 47.08 0.17 53.59
C LEU C 657 47.57 0.98 52.39
N PRO C 658 48.66 0.56 51.76
CA PRO C 658 49.19 1.32 50.62
C PRO C 658 48.48 0.98 49.31
N TYR C 659 48.25 2.01 48.51
CA TYR C 659 47.80 1.86 47.12
C TYR C 659 48.84 2.47 46.20
N PRO C 660 49.54 1.68 45.37
CA PRO C 660 49.44 0.23 45.16
C PRO C 660 50.02 -0.58 46.32
N PRO C 661 49.74 -1.89 46.38
CA PRO C 661 48.92 -2.70 45.48
C PRO C 661 47.48 -2.85 45.97
N GLY C 662 47.11 -2.11 46.99
CA GLY C 662 45.79 -2.26 47.59
C GLY C 662 45.70 -3.49 48.47
N ILE C 663 46.67 -3.63 49.37
CA ILE C 663 46.78 -4.79 50.25
C ILE C 663 47.23 -4.32 51.63
N PRO C 664 46.64 -4.82 52.71
CA PRO C 664 47.16 -4.50 54.05
C PRO C 664 48.62 -4.88 54.18
N VAL C 665 49.44 -3.91 54.59
CA VAL C 665 50.86 -4.16 54.83
C VAL C 665 51.09 -4.61 56.27
N ILE C 666 50.50 -3.91 57.22
CA ILE C 666 50.59 -4.24 58.64
C ILE C 666 49.22 -4.03 59.29
N PHE C 667 48.92 -4.85 60.27
CA PHE C 667 47.70 -4.75 61.04
C PHE C 667 47.95 -3.99 62.34
N PRO C 668 46.89 -3.50 62.99
CA PRO C 668 47.07 -2.87 64.30
C PRO C 668 47.74 -3.81 65.29
N GLY C 669 48.68 -3.27 66.06
CA GLY C 669 49.38 -4.02 67.07
C GLY C 669 50.69 -4.63 66.64
N GLU C 670 50.96 -4.69 65.34
CA GLU C 670 52.22 -5.25 64.86
C GLU C 670 53.32 -4.19 64.91
N LYS C 671 54.57 -4.68 64.96
CA LYS C 671 55.73 -3.81 65.12
C LYS C 671 56.76 -4.10 64.05
N ILE C 672 57.38 -3.04 63.53
CA ILE C 672 58.45 -3.15 62.55
C ILE C 672 59.78 -3.30 63.27
N THR C 673 60.64 -4.18 62.76
CA THR C 673 61.98 -4.37 63.28
C THR C 673 62.99 -4.39 62.14
N GLU C 674 64.23 -4.78 62.44
CA GLU C 674 65.22 -5.03 61.38
C GLU C 674 64.67 -6.01 60.35
N GLU C 675 64.11 -7.12 60.82
CA GLU C 675 63.54 -8.13 59.93
C GLU C 675 62.51 -7.56 58.97
N SER C 676 61.63 -6.69 59.47
CA SER C 676 60.54 -6.14 58.66
C SER C 676 60.81 -4.70 58.23
N LYS C 677 62.08 -4.30 58.14
CA LYS C 677 62.42 -2.98 57.63
C LYS C 677 61.91 -2.78 56.20
N VAL C 678 61.90 -3.83 55.39
CA VAL C 678 61.52 -3.81 53.99
C VAL C 678 60.24 -3.01 53.76
N ILE C 679 59.23 -3.25 54.59
CA ILE C 679 57.92 -2.63 54.39
C ILE C 679 58.00 -1.12 54.59
N LEU C 680 58.78 -0.67 55.58
CA LEU C 680 58.86 0.77 55.84
C LEU C 680 59.68 1.48 54.77
N ASP C 681 60.70 0.80 54.21
CA ASP C 681 61.40 1.34 53.06
C ASP C 681 60.45 1.53 51.89
N PHE C 682 59.66 0.51 51.57
CA PHE C 682 58.66 0.61 50.51
C PHE C 682 57.70 1.76 50.76
N LEU C 683 57.24 1.93 52.00
CA LEU C 683 56.33 3.02 52.33
C LEU C 683 56.97 4.38 52.07
N LEU C 684 58.13 4.63 52.68
CA LEU C 684 58.80 5.92 52.50
C LEU C 684 59.11 6.20 51.03
N MET C 685 59.38 5.15 50.25
CA MET C 685 59.56 5.31 48.81
C MET C 685 58.27 5.79 48.15
N LEU C 686 57.13 5.19 48.53
CA LEU C 686 55.85 5.60 47.97
C LEU C 686 55.59 7.09 48.15
N GLU C 687 56.11 7.69 49.21
CA GLU C 687 55.98 9.12 49.41
C GLU C 687 56.68 9.91 48.30
N LYS C 688 58.01 9.76 48.21
CA LYS C 688 58.77 10.47 47.19
C LYS C 688 58.20 10.25 45.80
N ILE C 689 57.92 8.99 45.44
CA ILE C 689 57.49 8.67 44.08
C ILE C 689 56.10 9.20 43.80
N GLY C 690 55.24 9.30 44.82
CA GLY C 690 53.88 9.78 44.59
C GLY C 690 53.81 11.25 44.27
N SER C 691 54.78 12.04 44.74
CA SER C 691 54.82 13.47 44.46
C SER C 691 55.10 13.76 42.98
N MET C 692 56.25 13.30 42.47
CA MET C 692 56.89 13.92 41.31
C MET C 692 55.96 14.24 40.16
N LEU C 693 55.37 13.22 39.53
CA LEU C 693 54.69 13.54 38.29
C LEU C 693 53.23 13.89 38.55
N PRO C 694 52.72 14.99 38.01
CA PRO C 694 51.34 15.40 38.30
C PRO C 694 50.35 14.47 37.61
N GLY C 695 49.26 14.19 38.32
CA GLY C 695 48.24 13.29 37.84
C GLY C 695 48.46 11.83 38.18
N PHE C 696 49.70 11.43 38.46
CA PHE C 696 50.02 10.10 38.94
C PHE C 696 50.37 10.22 40.42
N ASP C 697 49.52 9.65 41.28
CA ASP C 697 49.61 9.83 42.71
C ASP C 697 49.77 8.49 43.42
N THR C 698 50.04 8.57 44.71
CA THR C 698 50.08 7.41 45.59
C THR C 698 49.28 7.71 46.85
N ASP C 699 48.75 6.66 47.47
CA ASP C 699 47.95 6.80 48.68
C ASP C 699 48.33 5.69 49.66
N ILE C 700 48.35 6.05 50.95
CA ILE C 700 48.60 5.09 52.02
C ILE C 700 47.61 5.35 53.14
N HIS C 701 46.60 4.49 53.27
CA HIS C 701 45.61 4.63 54.32
C HIS C 701 46.22 4.27 55.68
N GLY C 702 45.97 5.12 56.68
CA GLY C 702 46.45 4.86 58.02
C GLY C 702 47.28 5.98 58.63
N PRO C 703 48.22 6.54 57.88
CA PRO C 703 48.93 7.73 58.35
C PRO C 703 48.08 8.99 58.15
N GLU C 704 48.65 10.12 58.53
CA GLU C 704 47.94 11.40 58.47
C GLU C 704 48.86 12.47 57.92
N ARG C 705 48.44 13.14 56.85
CA ARG C 705 49.18 14.26 56.28
C ARG C 705 48.90 15.52 57.09
N ALA C 706 49.95 16.10 57.67
CA ALA C 706 49.80 17.22 58.58
C ALA C 706 49.79 18.54 57.81
N LYS C 707 49.72 19.64 58.57
CA LYS C 707 49.97 20.97 58.02
C LYS C 707 51.25 21.00 57.19
N ASP C 708 52.38 20.67 57.81
CA ASP C 708 53.67 20.68 57.13
C ASP C 708 53.79 19.64 56.01
N GLY C 709 52.78 18.79 55.82
CA GLY C 709 52.84 17.75 54.81
C GLY C 709 53.34 16.41 55.32
N LYS C 710 54.33 16.41 56.21
CA LYS C 710 54.85 15.19 56.80
C LYS C 710 53.72 14.33 57.36
N LEU C 711 53.88 13.02 57.24
CA LEU C 711 52.84 12.05 57.57
C LEU C 711 53.22 11.31 58.84
N TYR C 712 52.48 11.55 59.93
CA TYR C 712 52.70 10.83 61.17
C TYR C 712 51.77 9.63 61.28
N ILE C 713 52.29 8.54 61.85
CA ILE C 713 51.49 7.40 62.26
C ILE C 713 51.39 7.44 63.78
N LYS C 714 50.24 7.03 64.29
CA LYS C 714 50.03 6.92 65.73
C LYS C 714 50.55 5.57 66.22
N VAL C 715 51.44 5.60 67.21
CA VAL C 715 52.02 4.40 67.77
C VAL C 715 51.60 4.27 69.23
N ILE C 716 51.68 3.04 69.74
CA ILE C 716 50.94 2.67 70.94
C ILE C 716 51.68 3.12 72.19
N ASP C 717 50.90 3.30 73.27
CA ASP C 717 51.40 3.69 74.59
C ASP C 717 52.39 4.84 74.56
N GLU D 1 -29.08 14.21 -19.95
CA GLU D 1 -29.58 14.94 -18.79
C GLU D 1 -30.40 14.04 -17.87
N ASN D 2 -29.74 13.57 -16.81
CA ASN D 2 -30.33 12.81 -15.69
C ASN D 2 -31.12 11.58 -16.13
N LEU D 3 -30.94 11.13 -17.36
CA LEU D 3 -31.55 9.90 -17.86
C LEU D 3 -30.43 9.00 -18.34
N TYR D 4 -30.21 7.89 -17.63
CA TYR D 4 -29.06 7.03 -17.90
C TYR D 4 -29.23 5.72 -17.15
N PHE D 5 -28.31 4.80 -17.44
CA PHE D 5 -28.28 3.50 -16.79
C PHE D 5 -28.06 3.66 -15.29
N GLN D 6 -28.33 2.59 -14.54
CA GLN D 6 -27.98 2.59 -13.12
C GLN D 6 -26.47 2.41 -12.95
N GLY D 7 -25.94 1.29 -13.40
CA GLY D 7 -24.51 1.08 -13.38
C GLY D 7 -23.85 1.60 -14.65
N LYS D 8 -23.78 2.92 -14.81
CA LYS D 8 -23.09 3.48 -15.96
C LYS D 8 -21.61 3.14 -15.90
N THR D 9 -21.17 2.20 -16.72
CA THR D 9 -19.76 1.85 -16.78
C THR D 9 -19.18 2.25 -18.13
N VAL D 10 -17.91 2.65 -18.10
CA VAL D 10 -17.17 3.00 -19.30
C VAL D 10 -15.89 2.17 -19.29
N VAL D 11 -15.72 1.34 -20.32
CA VAL D 11 -14.62 0.38 -20.37
C VAL D 11 -13.38 1.05 -20.91
N PHE D 12 -12.36 1.19 -20.07
CA PHE D 12 -11.02 1.51 -20.52
C PHE D 12 -10.30 0.21 -20.84
N VAL D 13 -9.79 0.09 -22.07
CA VAL D 13 -9.03 -1.08 -22.48
C VAL D 13 -7.78 -0.58 -23.20
N TYR D 14 -6.68 -0.47 -22.46
CA TYR D 14 -5.37 -0.16 -23.03
C TYR D 14 -4.43 -1.31 -22.71
N LYS D 15 -3.65 -1.71 -23.71
CA LYS D 15 -2.73 -2.84 -23.56
C LYS D 15 -1.79 -2.58 -22.39
N ASP D 16 -1.75 -3.52 -21.45
CA ASP D 16 -0.80 -3.46 -20.35
C ASP D 16 0.60 -3.27 -20.91
N THR D 17 1.46 -2.60 -20.11
CA THR D 17 2.76 -2.09 -20.55
C THR D 17 2.60 -0.96 -21.56
N LEU D 18 1.69 -0.02 -21.27
CA LEU D 18 1.59 1.22 -22.02
C LEU D 18 2.81 2.10 -21.72
N LYS D 19 2.87 3.23 -22.42
CA LYS D 19 3.83 4.26 -22.06
C LYS D 19 3.34 5.04 -20.84
N SER D 20 4.29 5.58 -20.08
CA SER D 20 3.97 6.19 -18.79
C SER D 20 3.01 7.36 -18.95
N TYR D 21 3.28 8.24 -19.92
CA TYR D 21 2.43 9.42 -20.07
C TYR D 21 1.06 9.07 -20.66
N LYS D 22 0.99 7.99 -21.44
CA LYS D 22 -0.31 7.53 -21.92
C LYS D 22 -1.12 6.89 -20.81
N GLU D 23 -0.44 6.18 -19.91
CA GLU D 23 -1.12 5.66 -18.72
C GLU D 23 -1.75 6.79 -17.91
N LYS D 24 -0.97 7.83 -17.61
CA LYS D 24 -1.48 8.94 -16.81
C LYS D 24 -2.62 9.67 -17.51
N PHE D 25 -2.60 9.71 -18.84
CA PHE D 25 -3.66 10.37 -19.58
C PHE D 25 -4.98 9.64 -19.39
N LEU D 26 -5.02 8.35 -19.70
CA LEU D 26 -6.26 7.59 -19.61
C LEU D 26 -6.79 7.54 -18.18
N LEU D 27 -5.89 7.54 -17.20
CA LEU D 27 -6.32 7.54 -15.80
C LEU D 27 -6.84 8.90 -15.37
N LYS D 28 -6.25 9.99 -15.90
CA LYS D 28 -6.73 11.33 -15.56
C LYS D 28 -8.16 11.52 -16.02
N ILE D 29 -8.52 10.97 -17.20
CA ILE D 29 -9.89 11.05 -17.68
C ILE D 29 -10.77 9.92 -17.14
N GLU D 30 -10.17 8.88 -16.56
CA GLU D 30 -10.96 7.91 -15.81
C GLU D 30 -11.43 8.50 -14.49
N LYS D 31 -10.51 9.10 -13.73
CA LYS D 31 -10.88 9.81 -12.51
C LYS D 31 -11.87 10.93 -12.81
N ASP D 32 -11.58 11.72 -13.84
CA ASP D 32 -12.49 12.80 -14.23
C ASP D 32 -13.88 12.27 -14.55
N LEU D 33 -13.96 11.13 -15.23
CA LEU D 33 -15.26 10.52 -15.54
C LEU D 33 -15.96 10.04 -14.28
N LYS D 34 -15.20 9.59 -13.27
CA LYS D 34 -15.81 9.14 -12.03
C LYS D 34 -16.33 10.33 -11.22
N ASN D 35 -15.45 11.29 -10.92
CA ASN D 35 -15.76 12.33 -9.94
C ASN D 35 -16.73 13.37 -10.49
N HIS D 36 -16.79 13.54 -11.80
CA HIS D 36 -17.84 14.30 -12.45
C HIS D 36 -18.83 13.33 -13.08
N HIS D 37 -20.13 13.58 -12.85
CA HIS D 37 -21.23 12.77 -13.38
C HIS D 37 -21.03 11.26 -13.17
N GLU D 38 -20.47 10.91 -12.01
CA GLU D 38 -20.62 9.59 -11.38
C GLU D 38 -20.62 8.38 -12.32
N TYR D 39 -19.51 8.12 -13.01
CA TYR D 39 -19.41 6.95 -13.86
C TYR D 39 -18.76 5.78 -13.12
N TYR D 40 -18.89 4.60 -13.71
CA TYR D 40 -18.20 3.40 -13.26
C TYR D 40 -17.22 2.98 -14.35
N THR D 41 -16.16 2.26 -13.96
CA THR D 41 -15.09 1.98 -14.90
C THR D 41 -14.62 0.54 -14.81
N LEU D 42 -14.38 -0.06 -15.98
CA LEU D 42 -13.63 -1.29 -16.12
C LEU D 42 -12.31 -1.00 -16.81
N LYS D 43 -11.26 -1.74 -16.42
CA LYS D 43 -10.01 -1.77 -17.15
C LYS D 43 -9.78 -3.19 -17.64
N LEU D 44 -9.45 -3.33 -18.92
CA LEU D 44 -9.25 -4.63 -19.54
C LEU D 44 -7.95 -4.63 -20.34
N ASP D 45 -7.55 -5.82 -20.78
CA ASP D 45 -6.30 -6.00 -21.50
C ASP D 45 -6.45 -6.06 -23.01
N ASP D 46 -7.64 -6.36 -23.52
CA ASP D 46 -7.86 -6.41 -24.95
C ASP D 46 -9.35 -6.30 -25.24
N LEU D 47 -9.66 -5.92 -26.48
CA LEU D 47 -11.05 -5.70 -26.88
C LEU D 47 -11.84 -7.00 -26.90
N SER D 48 -11.17 -8.14 -27.12
CA SER D 48 -11.86 -9.43 -27.12
C SER D 48 -12.66 -9.64 -25.85
N GLU D 49 -12.16 -9.15 -24.71
CA GLU D 49 -12.93 -9.22 -23.48
C GLU D 49 -14.23 -8.42 -23.57
N VAL D 50 -14.20 -7.28 -24.26
CA VAL D 50 -15.35 -6.39 -24.30
C VAL D 50 -16.53 -7.07 -25.00
N VAL D 51 -16.28 -7.67 -26.16
CA VAL D 51 -17.36 -8.36 -26.88
C VAL D 51 -17.92 -9.49 -26.03
N GLU D 52 -17.08 -10.13 -25.22
CA GLU D 52 -17.57 -11.09 -24.25
C GLU D 52 -18.55 -10.44 -23.28
N ILE D 53 -18.17 -9.29 -22.72
CA ILE D 53 -18.98 -8.64 -21.70
C ILE D 53 -20.28 -8.10 -22.31
N LEU D 54 -20.19 -7.51 -23.50
CA LEU D 54 -21.34 -6.88 -24.12
C LEU D 54 -22.50 -7.85 -24.34
N GLU D 55 -22.19 -9.13 -24.55
CA GLU D 55 -23.24 -10.13 -24.75
C GLU D 55 -23.88 -10.59 -23.45
N GLU D 56 -23.47 -10.03 -22.33
CA GLU D 56 -24.02 -10.33 -21.00
C GLU D 56 -24.46 -9.08 -20.27
N ASN D 57 -23.73 -7.98 -20.39
CA ASN D 57 -24.03 -6.73 -19.71
C ASN D 57 -24.15 -5.64 -20.76
N SER D 58 -25.27 -4.93 -20.76
CA SER D 58 -25.51 -3.86 -21.71
C SER D 58 -25.57 -2.49 -21.03
N ARG D 59 -25.16 -2.40 -19.77
CA ARG D 59 -25.01 -1.11 -19.10
C ARG D 59 -23.61 -0.54 -19.21
N ILE D 60 -22.73 -1.14 -20.02
CA ILE D 60 -21.53 -0.44 -20.44
C ILE D 60 -21.93 0.54 -21.53
N CYS D 61 -21.45 1.78 -21.43
CA CYS D 61 -21.98 2.84 -22.29
C CYS D 61 -20.89 3.64 -22.98
N CYS D 62 -19.66 3.13 -23.01
CA CYS D 62 -18.56 3.75 -23.74
C CYS D 62 -17.35 2.83 -23.69
N ILE D 63 -16.55 2.88 -24.75
CA ILE D 63 -15.30 2.16 -24.83
C ILE D 63 -14.23 3.15 -25.25
N VAL D 64 -13.28 3.43 -24.37
CA VAL D 64 -12.12 4.26 -24.68
C VAL D 64 -10.89 3.36 -24.61
N LEU D 65 -10.21 3.20 -25.74
CA LEU D 65 -9.09 2.28 -25.85
C LEU D 65 -7.87 3.00 -26.42
N ASP D 66 -6.69 2.63 -25.92
CA ASP D 66 -5.46 3.05 -26.57
C ASP D 66 -5.33 2.35 -27.92
N ARG D 67 -4.66 3.02 -28.85
CA ARG D 67 -4.61 2.52 -30.22
C ARG D 67 -3.90 1.18 -30.33
N ALA D 68 -2.98 0.88 -29.40
CA ALA D 68 -2.35 -0.43 -29.38
C ALA D 68 -3.38 -1.56 -29.32
N SER D 69 -4.41 -1.40 -28.49
CA SER D 69 -5.41 -2.43 -28.28
C SER D 69 -6.47 -2.48 -29.38
N PHE D 70 -6.31 -1.69 -30.44
CA PHE D 70 -7.23 -1.72 -31.57
C PHE D 70 -7.24 -3.11 -32.19
N ASN D 71 -8.45 -3.64 -32.43
CA ASN D 71 -8.61 -4.97 -33.02
C ASN D 71 -9.70 -4.90 -34.06
N ILE D 72 -9.36 -5.30 -35.30
CA ILE D 72 -10.31 -5.24 -36.40
C ILE D 72 -11.50 -6.16 -36.13
N GLU D 73 -11.23 -7.38 -35.66
CA GLU D 73 -12.29 -8.36 -35.45
C GLU D 73 -13.30 -7.88 -34.42
N ALA D 74 -12.81 -7.52 -33.22
CA ALA D 74 -13.69 -7.06 -32.16
C ALA D 74 -14.59 -5.92 -32.62
N PHE D 75 -14.06 -5.03 -33.48
CA PHE D 75 -14.86 -3.93 -33.98
C PHE D 75 -15.95 -4.41 -34.93
N HIS D 76 -15.67 -5.48 -35.69
CA HIS D 76 -16.72 -6.11 -36.48
C HIS D 76 -17.79 -6.71 -35.60
N ASN D 77 -17.38 -7.35 -34.49
CA ASN D 77 -18.35 -7.95 -33.58
C ASN D 77 -19.12 -6.89 -32.81
N ILE D 78 -18.43 -5.85 -32.34
CA ILE D 78 -19.10 -4.74 -31.68
C ILE D 78 -20.11 -4.08 -32.63
N ALA D 79 -19.75 -4.00 -33.91
CA ALA D 79 -20.67 -3.48 -34.92
C ALA D 79 -21.99 -4.24 -34.91
N HIS D 80 -21.91 -5.57 -34.93
CA HIS D 80 -23.11 -6.40 -34.99
C HIS D 80 -23.82 -6.50 -33.64
N LEU D 81 -23.30 -5.86 -32.60
CA LEU D 81 -23.95 -5.82 -31.30
C LEU D 81 -24.57 -4.47 -30.99
N ASN D 82 -23.85 -3.37 -31.22
CA ASN D 82 -24.35 -2.04 -30.89
C ASN D 82 -23.62 -1.04 -31.77
N THR D 83 -24.29 -0.56 -32.82
CA THR D 83 -23.68 0.44 -33.70
C THR D 83 -23.59 1.81 -33.02
N LYS D 84 -24.54 2.14 -32.15
CA LYS D 84 -24.59 3.44 -31.50
C LYS D 84 -23.64 3.58 -30.32
N LEU D 85 -23.02 2.49 -29.87
CA LEU D 85 -22.21 2.53 -28.66
C LEU D 85 -20.99 3.42 -28.86
N PRO D 86 -20.80 4.44 -28.02
CA PRO D 86 -19.64 5.33 -28.18
C PRO D 86 -18.32 4.59 -28.03
N ILE D 87 -17.42 4.82 -28.98
CA ILE D 87 -16.07 4.26 -28.96
C ILE D 87 -15.08 5.41 -29.10
N PHE D 88 -13.97 5.32 -28.36
CA PHE D 88 -12.93 6.34 -28.38
C PHE D 88 -11.57 5.67 -28.50
N VAL D 89 -10.78 6.10 -29.47
CA VAL D 89 -9.44 5.57 -29.71
C VAL D 89 -8.44 6.67 -29.40
N ALA D 90 -7.66 6.50 -28.33
CA ALA D 90 -6.63 7.45 -27.96
C ALA D 90 -5.32 7.04 -28.62
N SER D 91 -4.73 7.94 -29.38
CA SER D 91 -3.48 7.66 -30.07
C SER D 91 -2.64 8.92 -30.17
N ASP D 92 -1.33 8.73 -30.26
CA ASP D 92 -0.43 9.86 -30.49
C ASP D 92 -0.36 10.16 -31.99
N TYR D 93 0.51 11.10 -32.34
CA TYR D 93 0.72 11.51 -33.73
C TYR D 93 1.59 10.51 -34.50
N SER D 94 1.10 9.27 -34.62
CA SER D 94 1.93 8.24 -35.23
C SER D 94 1.24 7.30 -36.21
N GLN D 95 -0.07 7.07 -36.14
CA GLN D 95 -0.67 5.91 -36.80
C GLN D 95 -2.02 6.25 -37.42
N SER D 96 -2.22 5.80 -38.67
CA SER D 96 -3.46 5.98 -39.41
C SER D 96 -4.34 4.73 -39.32
N ILE D 97 -5.52 4.81 -39.93
CA ILE D 97 -6.64 3.93 -39.59
C ILE D 97 -6.50 2.57 -40.25
N LYS D 98 -7.19 1.58 -39.67
CA LYS D 98 -7.42 0.30 -40.31
C LYS D 98 -8.63 0.37 -41.23
N LEU D 99 -8.49 -0.21 -42.42
CA LEU D 99 -9.45 0.04 -43.50
C LEU D 99 -10.81 -0.61 -43.26
N ASN D 100 -10.88 -1.67 -42.43
CA ASN D 100 -12.16 -2.32 -42.14
C ASN D 100 -13.25 -1.32 -41.76
N LEU D 101 -12.88 -0.22 -41.09
CA LEU D 101 -13.85 0.67 -40.47
C LEU D 101 -14.45 1.66 -41.46
N ARG D 102 -13.80 1.87 -42.61
CA ARG D 102 -14.42 2.58 -43.72
C ARG D 102 -15.88 2.21 -43.90
N ASP D 103 -16.16 0.90 -43.98
CA ASP D 103 -17.54 0.44 -44.14
C ASP D 103 -18.27 0.40 -42.80
N PHE D 104 -17.61 -0.07 -41.75
CA PHE D 104 -18.29 -0.28 -40.47
C PHE D 104 -18.74 1.06 -39.90
N ASN D 105 -19.96 1.08 -39.38
CA ASN D 105 -20.55 2.29 -38.79
C ASN D 105 -20.66 2.08 -37.28
N LEU D 106 -19.60 2.47 -36.57
CA LEU D 106 -19.61 2.56 -35.12
C LEU D 106 -19.73 4.01 -34.71
N ASN D 107 -19.79 4.25 -33.41
CA ASN D 107 -19.77 5.62 -32.87
C ASN D 107 -18.36 5.98 -32.43
N ILE D 108 -17.43 5.86 -33.38
CA ILE D 108 -16.02 6.08 -33.08
C ILE D 108 -15.69 7.56 -33.17
N ASN D 109 -15.04 8.07 -32.14
CA ASN D 109 -14.29 9.32 -32.19
C ASN D 109 -12.85 9.02 -31.82
N PHE D 110 -11.96 9.96 -32.08
CA PHE D 110 -10.54 9.76 -31.87
C PHE D 110 -9.98 10.85 -30.98
N LEU D 111 -9.28 10.43 -29.93
CA LEU D 111 -8.58 11.34 -29.04
C LEU D 111 -7.09 11.30 -29.35
N GLN D 112 -6.40 12.40 -29.08
CA GLN D 112 -4.96 12.47 -29.23
C GLN D 112 -4.33 12.73 -27.87
N TYR D 113 -3.21 12.05 -27.61
CA TYR D 113 -2.50 12.26 -26.35
C TYR D 113 -1.90 13.65 -26.33
N ASP D 114 -2.23 14.41 -25.29
CA ASP D 114 -1.92 15.85 -25.26
C ASP D 114 -2.14 16.35 -23.84
N ALA D 115 -2.04 17.67 -23.68
CA ALA D 115 -2.35 18.29 -22.40
C ALA D 115 -3.82 18.12 -22.04
N LEU D 116 -4.71 18.47 -22.96
CA LEU D 116 -6.13 18.57 -22.67
C LEU D 116 -6.71 17.18 -22.42
N ALA D 117 -6.85 16.82 -21.14
CA ALA D 117 -7.43 15.54 -20.73
C ALA D 117 -8.85 15.69 -20.21
N GLY D 118 -9.07 16.59 -19.25
CA GLY D 118 -10.41 16.85 -18.76
C GLY D 118 -11.34 17.35 -19.84
N GLU D 119 -10.79 18.05 -20.84
CA GLU D 119 -11.58 18.40 -22.02
C GLU D 119 -12.16 17.15 -22.67
N ASP D 120 -11.30 16.16 -22.95
CA ASP D 120 -11.78 14.90 -23.50
C ASP D 120 -12.79 14.23 -22.58
N SER D 121 -12.55 14.29 -21.27
CA SER D 121 -13.52 13.75 -20.31
C SER D 121 -14.89 14.38 -20.49
N ASP D 122 -14.93 15.69 -20.74
CA ASP D 122 -16.20 16.35 -21.02
C ASP D 122 -16.72 15.96 -22.40
N PHE D 123 -15.83 15.82 -23.37
CA PHE D 123 -16.23 15.39 -24.71
C PHE D 123 -16.81 13.98 -24.67
N ILE D 124 -16.20 13.09 -23.88
CA ILE D 124 -16.72 11.74 -23.75
C ILE D 124 -18.09 11.74 -23.09
N HIS D 125 -18.24 12.52 -22.02
CA HIS D 125 -19.51 12.58 -21.30
C HIS D 125 -20.66 13.03 -22.21
N LYS D 126 -20.38 13.99 -23.09
CA LYS D 126 -21.43 14.48 -24.00
C LYS D 126 -21.87 13.38 -24.96
N THR D 127 -20.92 12.76 -25.65
CA THR D 127 -21.27 11.71 -26.61
C THR D 127 -21.92 10.50 -25.94
N ILE D 128 -21.76 10.36 -24.62
CA ILE D 128 -22.49 9.31 -23.90
C ILE D 128 -23.92 9.74 -23.67
N THR D 129 -24.12 10.95 -23.16
CA THR D 129 -25.47 11.44 -22.90
C THR D 129 -26.28 11.55 -24.19
N ASN D 130 -25.60 11.77 -25.32
CA ASN D 130 -26.27 11.67 -26.61
C ASN D 130 -26.73 10.23 -26.86
N TYR D 131 -25.85 9.27 -26.61
CA TYR D 131 -26.23 7.86 -26.73
C TYR D 131 -27.42 7.51 -25.83
N PHE D 132 -27.46 8.09 -24.63
CA PHE D 132 -28.55 7.79 -23.72
C PHE D 132 -29.86 8.38 -24.21
N ASN D 133 -29.80 9.55 -24.83
CA ASN D 133 -31.02 10.16 -25.36
C ASN D 133 -31.49 9.45 -26.63
N ASP D 134 -30.56 8.98 -27.46
CA ASP D 134 -30.87 8.50 -28.79
C ASP D 134 -31.13 6.99 -28.85
N ILE D 135 -31.57 6.38 -27.76
CA ILE D 135 -31.91 4.95 -27.76
C ILE D 135 -33.33 4.67 -27.32
N LEU D 136 -34.03 5.63 -26.72
CA LEU D 136 -35.44 5.41 -26.40
C LEU D 136 -36.31 5.71 -27.61
N PRO D 137 -37.41 4.97 -27.78
CA PRO D 137 -38.36 5.27 -28.85
C PRO D 137 -39.12 6.55 -28.53
N PRO D 138 -39.78 7.17 -29.55
CA PRO D 138 -40.29 8.53 -29.38
C PRO D 138 -41.23 8.74 -28.19
N LEU D 139 -42.35 8.01 -28.12
CA LEU D 139 -43.31 8.26 -27.06
C LEU D 139 -42.73 7.96 -25.68
N THR D 140 -42.00 6.84 -25.56
CA THR D 140 -41.36 6.52 -24.28
C THR D 140 -40.45 7.66 -23.83
N TYR D 141 -39.59 8.15 -24.73
CA TYR D 141 -38.72 9.27 -24.41
C TYR D 141 -39.52 10.49 -24.00
N GLU D 142 -40.55 10.83 -24.78
CA GLU D 142 -41.41 11.96 -24.45
C GLU D 142 -42.02 11.79 -23.06
N LEU D 143 -42.58 10.60 -22.79
CA LEU D 143 -43.15 10.32 -21.48
C LEU D 143 -42.12 10.46 -20.37
N PHE D 144 -40.95 9.87 -20.57
CA PHE D 144 -39.89 9.94 -19.56
C PHE D 144 -39.47 11.38 -19.30
N LYS D 145 -39.37 12.18 -20.35
CA LYS D 145 -38.96 13.57 -20.21
C LYS D 145 -39.95 14.36 -19.36
N TYR D 146 -41.25 14.22 -19.67
CA TYR D 146 -42.30 14.90 -18.91
C TYR D 146 -42.17 14.65 -17.42
N SER D 147 -41.81 13.43 -17.02
CA SER D 147 -41.67 13.09 -15.60
C SER D 147 -40.78 14.08 -14.86
N LYS D 148 -39.75 14.60 -15.53
CA LYS D 148 -38.79 15.47 -14.86
C LYS D 148 -39.32 16.89 -14.66
N SER D 149 -40.44 17.24 -15.29
CA SER D 149 -41.05 18.54 -15.08
C SER D 149 -41.75 18.60 -13.71
N PHE D 150 -42.07 19.82 -13.30
CA PHE D 150 -42.84 20.08 -12.08
C PHE D 150 -44.02 20.94 -12.48
N ASN D 151 -45.22 20.37 -12.43
CA ASN D 151 -46.35 20.89 -13.17
C ASN D 151 -47.46 21.51 -12.33
N SER D 152 -47.64 21.08 -11.08
CA SER D 152 -48.64 21.67 -10.19
C SER D 152 -50.04 21.58 -10.79
N ALA D 153 -50.51 20.35 -10.94
CA ALA D 153 -51.71 20.07 -11.69
C ALA D 153 -52.94 20.01 -10.79
N PHE D 154 -54.09 20.33 -11.38
CA PHE D 154 -55.39 20.25 -10.72
C PHE D 154 -56.29 19.37 -11.57
N CYS D 155 -55.77 18.19 -11.91
CA CYS D 155 -56.32 17.37 -12.98
C CYS D 155 -56.27 15.91 -12.56
N THR D 156 -56.56 15.00 -13.54
CA THR D 156 -56.51 13.55 -13.45
C THR D 156 -55.15 13.02 -13.88
N PRO D 157 -54.67 11.91 -13.31
CA PRO D 157 -55.30 11.11 -12.25
C PRO D 157 -55.30 11.83 -10.90
N GLY D 158 -56.16 11.38 -9.98
CA GLY D 158 -56.34 12.06 -8.72
C GLY D 158 -55.10 12.06 -7.84
N HIS D 159 -54.21 11.09 -8.03
CA HIS D 159 -52.97 11.09 -7.27
C HIS D 159 -52.03 12.22 -7.69
N GLN D 160 -52.25 12.79 -8.87
CA GLN D 160 -51.56 14.00 -9.33
C GLN D 160 -50.04 13.89 -9.16
N GLY D 161 -49.49 12.88 -9.82
CA GLY D 161 -48.05 12.68 -9.82
C GLY D 161 -47.48 12.10 -8.54
N GLY D 162 -48.31 11.50 -7.69
CA GLY D 162 -47.86 10.87 -6.48
C GLY D 162 -48.24 11.60 -5.20
N TYR D 163 -48.52 12.91 -5.30
CA TYR D 163 -48.78 13.71 -4.12
C TYR D 163 -49.94 13.19 -3.28
N GLY D 164 -50.85 12.43 -3.88
CA GLY D 164 -51.99 11.90 -3.13
C GLY D 164 -51.65 10.69 -2.29
N PHE D 165 -50.68 9.89 -2.73
CA PHE D 165 -50.23 8.75 -1.94
C PHE D 165 -49.50 9.16 -0.67
N GLN D 166 -48.96 10.38 -0.62
CA GLN D 166 -48.15 10.79 0.52
C GLN D 166 -48.98 11.15 1.75
N ARG D 167 -50.24 11.53 1.55
CA ARG D 167 -51.06 12.01 2.67
C ARG D 167 -51.43 10.91 3.64
N SER D 168 -51.39 9.65 3.21
CA SER D 168 -51.74 8.52 4.06
C SER D 168 -50.57 7.56 4.20
N ALA D 169 -50.62 6.73 5.23
CA ALA D 169 -49.50 5.84 5.54
C ALA D 169 -49.41 4.69 4.55
N VAL D 170 -50.49 3.93 4.41
CA VAL D 170 -50.52 2.83 3.43
C VAL D 170 -50.21 3.35 2.03
N GLY D 171 -50.71 4.54 1.71
CA GLY D 171 -50.32 5.17 0.45
C GLY D 171 -48.83 5.33 0.31
N ALA D 172 -48.17 5.81 1.37
CA ALA D 172 -46.73 6.03 1.31
C ALA D 172 -45.98 4.72 1.13
N LEU D 173 -46.42 3.65 1.81
CA LEU D 173 -45.77 2.35 1.65
C LEU D 173 -45.93 1.83 0.23
N PHE D 174 -47.10 2.05 -0.38
CA PHE D 174 -47.30 1.68 -1.77
C PHE D 174 -46.42 2.53 -2.68
N TYR D 175 -46.39 3.84 -2.43
CA TYR D 175 -45.58 4.75 -3.24
C TYR D 175 -44.10 4.37 -3.18
N ASP D 176 -43.58 4.15 -1.98
CA ASP D 176 -42.16 3.83 -1.83
C ASP D 176 -41.81 2.50 -2.49
N PHE D 177 -42.66 1.48 -2.30
CA PHE D 177 -42.43 0.18 -2.92
C PHE D 177 -42.19 0.28 -4.42
N TYR D 178 -43.04 1.03 -5.12
CA TYR D 178 -43.06 0.97 -6.58
C TYR D 178 -42.16 2.01 -7.23
N GLY D 179 -41.93 3.15 -6.58
CA GLY D 179 -40.97 4.09 -7.12
C GLY D 179 -41.56 5.32 -7.78
N GLU D 180 -40.95 6.46 -7.45
CA GLU D 180 -41.34 7.79 -7.94
C GLU D 180 -41.81 7.82 -9.39
N ASN D 181 -41.02 7.22 -10.29
CA ASN D 181 -41.19 7.45 -11.72
C ASN D 181 -42.48 6.85 -12.27
N ILE D 182 -42.93 5.71 -11.75
CA ILE D 182 -44.16 5.09 -12.27
C ILE D 182 -45.36 6.00 -12.05
N PHE D 183 -45.32 6.84 -11.02
CA PHE D 183 -46.40 7.79 -10.77
C PHE D 183 -46.23 9.09 -11.56
N LYS D 184 -44.99 9.55 -11.75
CA LYS D 184 -44.75 10.76 -12.52
C LYS D 184 -45.00 10.56 -14.00
N THR D 185 -45.04 9.32 -14.48
CA THR D 185 -45.37 9.02 -15.86
C THR D 185 -46.78 8.48 -16.02
N ASP D 186 -47.63 8.68 -15.00
CA ASP D 186 -49.04 8.28 -15.05
C ASP D 186 -49.84 9.51 -15.46
N LEU D 187 -49.94 9.73 -16.77
CA LEU D 187 -50.54 10.95 -17.31
C LEU D 187 -51.94 10.68 -17.85
N SER D 188 -52.58 11.74 -18.30
CA SER D 188 -53.88 11.68 -18.97
C SER D 188 -53.83 12.54 -20.22
N ILE D 189 -54.89 12.46 -21.02
CA ILE D 189 -54.99 13.32 -22.20
C ILE D 189 -55.05 14.79 -21.82
N SER D 190 -55.40 15.10 -20.57
CA SER D 190 -55.47 16.48 -20.11
C SER D 190 -54.09 17.14 -20.07
N MET D 191 -53.02 16.37 -20.14
CA MET D 191 -51.67 16.91 -20.32
C MET D 191 -51.37 16.76 -21.81
N LYS D 192 -51.68 17.82 -22.57
CA LYS D 192 -51.78 17.75 -24.01
C LYS D 192 -50.45 17.48 -24.72
N GLU D 193 -49.33 17.44 -23.98
CA GLU D 193 -48.04 17.30 -24.64
C GLU D 193 -47.91 15.99 -25.41
N LEU D 194 -48.63 14.95 -24.97
CA LEU D 194 -48.59 13.66 -25.64
C LEU D 194 -49.82 13.39 -26.50
N GLY D 195 -50.86 14.22 -26.39
CA GLY D 195 -52.09 13.91 -27.08
C GLY D 195 -52.78 12.68 -26.50
N SER D 196 -53.52 11.96 -27.36
CA SER D 196 -54.34 10.85 -26.92
C SER D 196 -53.98 9.57 -27.67
N LEU D 197 -54.27 8.44 -27.02
CA LEU D 197 -54.12 7.14 -27.66
C LEU D 197 -55.26 6.88 -28.65
N LEU D 198 -56.51 7.07 -28.20
CA LEU D 198 -57.67 6.80 -29.04
C LEU D 198 -57.73 7.73 -30.24
N ASP D 199 -57.08 8.88 -30.17
CA ASP D 199 -56.99 9.78 -31.33
C ASP D 199 -55.83 9.41 -32.25
N HIS D 200 -54.83 8.68 -31.76
CA HIS D 200 -53.58 8.44 -32.48
C HIS D 200 -52.95 9.77 -32.89
N SER D 201 -52.67 10.57 -31.88
CA SER D 201 -52.20 11.93 -31.98
C SER D 201 -50.70 12.02 -31.73
N GLU D 202 -50.21 13.24 -31.53
CA GLU D 202 -48.82 13.65 -31.75
C GLU D 202 -47.78 12.63 -31.31
N ALA D 203 -47.72 12.34 -30.01
CA ALA D 203 -46.76 11.34 -29.53
C ALA D 203 -47.19 9.94 -29.93
N HIS D 204 -48.45 9.58 -29.64
CA HIS D 204 -48.96 8.24 -29.91
C HIS D 204 -48.79 7.88 -31.38
N LYS D 205 -49.20 8.77 -32.28
CA LYS D 205 -49.03 8.54 -33.71
C LYS D 205 -47.59 8.13 -34.05
N ASP D 206 -46.62 8.89 -33.55
CA ASP D 206 -45.22 8.55 -33.80
C ASP D 206 -44.88 7.15 -33.28
N ALA D 207 -45.40 6.79 -32.10
CA ALA D 207 -45.15 5.46 -31.56
C ALA D 207 -45.84 4.39 -32.39
N GLU D 208 -47.11 4.60 -32.73
CA GLU D 208 -47.83 3.63 -33.54
C GLU D 208 -47.15 3.40 -34.89
N GLU D 209 -46.68 4.48 -35.53
CA GLU D 209 -45.99 4.35 -36.80
C GLU D 209 -44.66 3.61 -36.63
N TYR D 210 -43.91 3.95 -35.57
CA TYR D 210 -42.66 3.26 -35.29
C TYR D 210 -42.85 1.75 -35.20
N ILE D 211 -43.83 1.31 -34.42
CA ILE D 211 -44.08 -0.12 -34.25
C ILE D 211 -44.43 -0.78 -35.58
N SER D 212 -45.33 -0.16 -36.34
CA SER D 212 -45.72 -0.71 -37.63
C SER D 212 -44.51 -0.91 -38.53
N LYS D 213 -43.62 0.10 -38.58
CA LYS D 213 -42.39 -0.04 -39.36
C LYS D 213 -41.49 -1.15 -38.82
N VAL D 214 -41.49 -1.36 -37.50
CA VAL D 214 -40.56 -2.32 -36.91
C VAL D 214 -40.99 -3.75 -37.23
N PHE D 215 -42.28 -4.05 -37.12
CA PHE D 215 -42.80 -5.39 -37.33
C PHE D 215 -43.18 -5.67 -38.79
N LYS D 216 -42.78 -4.79 -39.72
CA LYS D 216 -43.08 -4.96 -41.14
C LYS D 216 -44.59 -5.04 -41.37
N SER D 217 -45.30 -4.08 -40.80
CA SER D 217 -46.76 -4.06 -40.82
C SER D 217 -47.24 -2.83 -41.58
N ASP D 218 -48.35 -3.00 -42.31
CA ASP D 218 -48.97 -1.86 -42.99
C ASP D 218 -49.44 -0.81 -41.99
N ARG D 219 -50.02 -1.27 -40.87
CA ARG D 219 -50.53 -0.37 -39.84
C ARG D 219 -50.58 -1.15 -38.54
N SER D 220 -50.17 -0.52 -37.45
CA SER D 220 -50.13 -1.18 -36.16
C SER D 220 -50.81 -0.31 -35.10
N LEU D 221 -51.46 -0.99 -34.15
CA LEU D 221 -52.22 -0.36 -33.09
C LEU D 221 -51.79 -0.97 -31.76
N ILE D 222 -51.68 -0.13 -30.72
CA ILE D 222 -51.25 -0.61 -29.41
C ILE D 222 -52.47 -0.75 -28.50
N VAL D 223 -52.48 -1.82 -27.71
CA VAL D 223 -53.63 -2.20 -26.92
C VAL D 223 -53.18 -2.41 -25.49
N THR D 224 -53.90 -1.82 -24.54
CA THR D 224 -53.51 -1.80 -23.14
C THR D 224 -54.40 -2.66 -22.25
N ASN D 225 -55.18 -3.57 -22.84
CA ASN D 225 -55.97 -4.52 -22.06
C ASN D 225 -55.82 -5.91 -22.67
N GLY D 226 -54.59 -6.29 -23.00
CA GLY D 226 -54.30 -7.63 -23.44
C GLY D 226 -54.73 -7.90 -24.87
N THR D 227 -54.21 -9.00 -25.42
CA THR D 227 -54.67 -9.47 -26.72
C THR D 227 -56.17 -9.79 -26.70
N SER D 228 -56.66 -10.26 -25.56
CA SER D 228 -58.10 -10.50 -25.39
C SER D 228 -58.92 -9.31 -25.89
N THR D 229 -58.45 -8.09 -25.62
CA THR D 229 -59.12 -6.90 -26.15
C THR D 229 -58.81 -6.68 -27.62
N ALA D 230 -57.55 -6.89 -28.03
CA ALA D 230 -57.17 -6.75 -29.43
C ALA D 230 -57.99 -7.69 -30.33
N ASN D 231 -58.16 -8.94 -29.89
CA ASN D 231 -58.99 -9.88 -30.64
C ASN D 231 -60.39 -9.34 -30.87
N LYS D 232 -60.99 -8.75 -29.82
CA LYS D 232 -62.35 -8.24 -29.94
C LYS D 232 -62.41 -7.02 -30.86
N ILE D 233 -61.37 -6.19 -30.84
CA ILE D 233 -61.29 -5.08 -31.79
C ILE D 233 -61.33 -5.60 -33.22
N VAL D 234 -60.49 -6.58 -33.53
CA VAL D 234 -60.45 -7.14 -34.87
C VAL D 234 -61.83 -7.64 -35.30
N GLY D 235 -62.43 -8.51 -34.49
CA GLY D 235 -63.76 -9.02 -34.74
C GLY D 235 -64.81 -7.97 -35.04
N MET D 236 -65.05 -7.09 -34.08
CA MET D 236 -66.08 -6.07 -34.25
C MET D 236 -65.81 -5.14 -35.42
N TYR D 237 -64.58 -5.13 -35.93
CA TYR D 237 -64.30 -4.47 -37.20
C TYR D 237 -64.73 -5.35 -38.38
N SER D 238 -64.37 -6.63 -38.33
CA SER D 238 -64.56 -7.51 -39.48
C SER D 238 -65.95 -8.09 -39.58
N VAL D 239 -66.72 -8.12 -38.49
CA VAL D 239 -67.91 -8.95 -38.41
C VAL D 239 -69.12 -8.11 -38.01
N ALA D 240 -70.19 -8.23 -38.79
CA ALA D 240 -71.50 -7.67 -38.49
C ALA D 240 -72.47 -8.81 -38.27
N ASP D 241 -73.41 -8.65 -37.34
CA ASP D 241 -74.21 -9.80 -36.91
C ASP D 241 -75.06 -10.33 -38.06
N GLY D 242 -74.92 -11.62 -38.34
CA GLY D 242 -75.66 -12.22 -39.42
C GLY D 242 -74.81 -13.10 -40.33
N ASP D 243 -73.60 -12.67 -40.66
CA ASP D 243 -72.79 -13.47 -41.56
C ASP D 243 -71.98 -14.48 -40.75
N THR D 244 -71.44 -15.47 -41.46
CA THR D 244 -70.78 -16.60 -40.84
C THR D 244 -69.30 -16.30 -40.63
N ILE D 245 -68.72 -16.93 -39.61
CA ILE D 245 -67.30 -16.75 -39.29
C ILE D 245 -66.61 -18.11 -39.23
N LEU D 246 -65.37 -18.15 -39.69
CA LEU D 246 -64.52 -19.34 -39.60
C LEU D 246 -63.68 -19.24 -38.34
N VAL D 247 -63.77 -20.26 -37.48
CA VAL D 247 -63.13 -20.23 -36.17
C VAL D 247 -62.20 -21.43 -36.04
N ASP D 248 -61.02 -21.19 -35.50
CA ASP D 248 -60.18 -22.28 -34.99
C ASP D 248 -60.88 -22.90 -33.78
N ARG D 249 -61.17 -24.20 -33.85
CA ARG D 249 -61.81 -24.86 -32.71
C ARG D 249 -60.98 -24.67 -31.45
N ASN D 250 -59.66 -24.81 -31.55
CA ASN D 250 -58.76 -24.56 -30.44
C ASN D 250 -58.34 -23.09 -30.44
N CYS D 251 -59.32 -22.23 -30.16
CA CYS D 251 -59.11 -20.80 -30.10
C CYS D 251 -59.07 -20.33 -28.65
N HIS D 252 -58.72 -19.06 -28.47
CA HIS D 252 -58.67 -18.48 -27.14
C HIS D 252 -60.07 -18.28 -26.56
N LYS D 253 -60.12 -18.26 -25.23
CA LYS D 253 -61.29 -17.83 -24.46
C LYS D 253 -61.91 -16.55 -25.02
N SER D 254 -61.06 -15.64 -25.52
CA SER D 254 -61.53 -14.34 -25.96
C SER D 254 -62.25 -14.39 -27.30
N VAL D 255 -61.87 -15.31 -28.19
CA VAL D 255 -62.58 -15.47 -29.45
C VAL D 255 -64.05 -15.75 -29.20
N THR D 256 -64.34 -16.78 -28.39
CA THR D 256 -65.71 -17.07 -27.97
C THR D 256 -66.36 -15.83 -27.35
N HIS D 257 -65.64 -15.15 -26.45
CA HIS D 257 -66.16 -13.93 -25.83
C HIS D 257 -66.63 -12.93 -26.88
N LEU D 258 -65.88 -12.83 -27.99
CA LEU D 258 -66.29 -11.96 -29.09
C LEU D 258 -67.58 -12.46 -29.73
N MET D 259 -67.62 -13.76 -30.07
CA MET D 259 -68.82 -14.34 -30.65
C MET D 259 -70.05 -14.10 -29.79
N MET D 260 -69.86 -13.94 -28.48
CA MET D 260 -70.94 -13.81 -27.52
C MET D 260 -71.55 -12.41 -27.50
N MET D 261 -71.01 -11.46 -28.27
CA MET D 261 -71.52 -10.10 -28.28
C MET D 261 -72.00 -9.67 -29.66
N VAL D 262 -71.91 -10.53 -30.66
CA VAL D 262 -72.47 -10.27 -31.98
C VAL D 262 -73.16 -11.54 -32.48
N ASP D 263 -74.36 -11.37 -33.06
CA ASP D 263 -75.16 -12.52 -33.48
C ASP D 263 -74.54 -13.14 -34.72
N VAL D 264 -73.59 -14.04 -34.51
CA VAL D 264 -72.76 -14.59 -35.58
C VAL D 264 -72.63 -16.09 -35.40
N ASN D 265 -72.48 -16.76 -36.53
CA ASN D 265 -72.51 -18.20 -36.68
C ASN D 265 -71.12 -18.75 -36.92
N PRO D 266 -70.62 -19.66 -36.08
CA PRO D 266 -69.28 -20.20 -36.35
C PRO D 266 -69.32 -21.57 -37.04
N ILE D 267 -68.35 -21.82 -37.90
CA ILE D 267 -67.93 -23.18 -38.23
C ILE D 267 -66.50 -23.33 -37.73
N TYR D 268 -66.26 -24.40 -36.97
CA TYR D 268 -64.95 -24.60 -36.38
C TYR D 268 -64.07 -25.47 -37.27
N LEU D 269 -62.78 -25.15 -37.29
CA LEU D 269 -61.80 -25.91 -38.05
C LEU D 269 -61.21 -26.98 -37.13
N LYS D 270 -61.57 -28.24 -37.38
CA LYS D 270 -61.15 -29.36 -36.55
C LYS D 270 -59.63 -29.55 -36.55
N PRO D 271 -58.96 -29.27 -35.44
CA PRO D 271 -57.51 -29.50 -35.38
C PRO D 271 -57.18 -30.86 -34.78
N THR D 272 -55.94 -31.27 -35.00
CA THR D 272 -55.46 -32.54 -34.50
C THR D 272 -54.89 -32.38 -33.08
N ARG D 273 -54.60 -33.51 -32.46
CA ARG D 273 -53.95 -33.55 -31.15
C ARG D 273 -53.47 -34.98 -30.91
N ASN D 274 -52.79 -35.18 -29.79
CA ASN D 274 -52.28 -36.48 -29.39
C ASN D 274 -52.80 -36.83 -28.00
N ALA D 275 -52.46 -38.05 -27.54
CA ALA D 275 -52.88 -38.51 -26.23
C ALA D 275 -52.43 -37.58 -25.12
N TYR D 276 -51.25 -36.96 -25.27
CA TYR D 276 -50.76 -36.02 -24.27
C TYR D 276 -51.71 -34.85 -24.05
N GLY D 277 -52.59 -34.58 -25.00
CA GLY D 277 -53.39 -33.38 -24.95
C GLY D 277 -52.63 -32.16 -25.42
N ILE D 278 -51.78 -32.31 -26.43
CA ILE D 278 -51.06 -31.18 -27.03
C ILE D 278 -51.85 -30.71 -28.24
N ILE D 279 -52.05 -29.40 -28.33
CA ILE D 279 -52.81 -28.85 -29.45
C ILE D 279 -52.02 -29.01 -30.73
N GLY D 280 -52.69 -29.51 -31.78
CA GLY D 280 -52.06 -29.71 -33.05
C GLY D 280 -52.49 -28.68 -34.09
N GLY D 281 -52.09 -28.93 -35.32
CA GLY D 281 -52.42 -28.06 -36.42
C GLY D 281 -53.72 -28.44 -37.11
N ILE D 282 -54.37 -27.45 -37.70
CA ILE D 282 -55.54 -27.67 -38.56
C ILE D 282 -55.02 -28.16 -39.90
N PRO D 283 -55.36 -29.38 -40.33
CA PRO D 283 -54.85 -29.89 -41.60
C PRO D 283 -55.29 -29.02 -42.78
N LYS D 284 -54.41 -28.94 -43.78
CA LYS D 284 -54.67 -28.13 -44.97
C LYS D 284 -56.05 -28.40 -45.57
N LYS D 285 -56.46 -29.67 -45.59
CA LYS D 285 -57.78 -30.04 -46.11
C LYS D 285 -58.89 -29.15 -45.56
N GLU D 286 -58.86 -28.86 -44.26
CA GLU D 286 -59.92 -28.07 -43.64
C GLU D 286 -60.02 -26.67 -44.25
N PHE D 287 -58.91 -26.11 -44.72
CA PHE D 287 -58.91 -24.77 -45.31
C PHE D 287 -59.42 -24.74 -46.74
N LYS D 288 -59.58 -25.90 -47.38
CA LYS D 288 -59.94 -25.94 -48.79
C LYS D 288 -61.34 -25.39 -49.02
N ARG D 289 -61.54 -24.82 -50.21
CA ARG D 289 -62.84 -24.24 -50.56
C ARG D 289 -63.97 -25.25 -50.42
N GLU D 290 -63.74 -26.50 -50.83
CA GLU D 290 -64.80 -27.50 -50.80
C GLU D 290 -65.17 -27.88 -49.37
N THR D 291 -64.16 -28.03 -48.49
CA THR D 291 -64.45 -28.34 -47.10
C THR D 291 -65.26 -27.24 -46.43
N ILE D 292 -64.96 -25.98 -46.76
CA ILE D 292 -65.68 -24.85 -46.17
C ILE D 292 -67.12 -24.82 -46.67
N GLN D 293 -67.30 -24.80 -47.99
CA GLN D 293 -68.63 -24.79 -48.57
C GLN D 293 -69.49 -25.94 -48.04
N GLU D 294 -68.89 -27.13 -47.89
CA GLU D 294 -69.64 -28.27 -47.39
C GLU D 294 -70.04 -28.07 -45.93
N LYS D 295 -69.07 -27.68 -45.09
CA LYS D 295 -69.36 -27.44 -43.68
C LYS D 295 -70.42 -26.35 -43.50
N ILE D 296 -70.49 -25.40 -44.43
CA ILE D 296 -71.55 -24.39 -44.38
C ILE D 296 -72.91 -25.04 -44.59
N ASP D 297 -73.06 -25.81 -45.67
CA ASP D 297 -74.30 -26.54 -45.91
C ASP D 297 -74.74 -27.35 -44.70
N ASN D 298 -73.78 -27.93 -43.96
CA ASN D 298 -74.08 -28.83 -42.87
C ASN D 298 -74.34 -28.11 -41.55
N SER D 299 -73.84 -26.89 -41.38
CA SER D 299 -74.10 -26.14 -40.16
C SER D 299 -75.60 -25.82 -40.05
N ASN D 300 -76.00 -25.43 -38.84
CA ASN D 300 -77.41 -25.12 -38.61
C ASN D 300 -77.79 -23.76 -39.19
N ILE D 301 -77.13 -22.69 -38.76
CA ILE D 301 -77.49 -21.36 -39.22
C ILE D 301 -76.79 -21.05 -40.54
N ALA D 302 -75.46 -20.94 -40.51
CA ALA D 302 -74.61 -20.89 -41.70
C ALA D 302 -75.09 -19.97 -42.82
N ASP D 303 -75.06 -18.65 -42.60
CA ASP D 303 -75.48 -17.69 -43.62
C ASP D 303 -74.85 -18.00 -44.99
N LYS D 304 -73.54 -17.90 -45.09
CA LYS D 304 -72.84 -17.91 -46.37
C LYS D 304 -71.35 -18.11 -46.12
N TRP D 305 -70.54 -17.89 -47.16
CA TRP D 305 -69.10 -17.98 -47.01
C TRP D 305 -68.62 -17.03 -45.91
N PRO D 306 -67.74 -17.47 -45.02
CA PRO D 306 -67.32 -16.61 -43.90
C PRO D 306 -66.58 -15.38 -44.37
N GLU D 307 -66.98 -14.22 -43.83
CA GLU D 307 -66.24 -13.00 -44.03
C GLU D 307 -65.03 -12.90 -43.10
N TYR D 308 -65.03 -13.67 -42.02
CA TYR D 308 -64.03 -13.56 -40.98
C TYR D 308 -63.41 -14.92 -40.70
N ALA D 309 -62.09 -14.96 -40.55
CA ALA D 309 -61.37 -16.16 -40.17
C ALA D 309 -60.47 -15.85 -38.98
N VAL D 310 -60.43 -16.78 -38.03
CA VAL D 310 -59.58 -16.65 -36.84
C VAL D 310 -58.91 -18.01 -36.64
N VAL D 311 -57.60 -18.06 -36.84
CA VAL D 311 -56.80 -19.25 -36.59
C VAL D 311 -55.69 -18.87 -35.61
N THR D 312 -55.51 -19.70 -34.58
CA THR D 312 -54.49 -19.44 -33.59
C THR D 312 -53.17 -20.01 -34.06
N ASN D 313 -52.18 -19.13 -34.26
CA ASN D 313 -50.85 -19.53 -34.71
C ASN D 313 -49.83 -18.63 -34.03
N SER D 314 -48.94 -19.22 -33.23
CA SER D 314 -48.82 -20.67 -33.12
C SER D 314 -49.76 -21.26 -32.08
N THR D 315 -49.71 -22.58 -31.93
CA THR D 315 -50.39 -23.24 -30.83
C THR D 315 -49.72 -22.89 -29.51
N TYR D 316 -50.44 -23.15 -28.41
CA TYR D 316 -49.86 -22.96 -27.09
C TYR D 316 -48.54 -23.70 -26.97
N ASP D 317 -48.47 -24.92 -27.49
CA ASP D 317 -47.30 -25.78 -27.38
C ASP D 317 -46.34 -25.63 -28.56
N GLY D 318 -46.50 -24.60 -29.38
CA GLY D 318 -45.48 -24.23 -30.34
C GLY D 318 -45.44 -24.97 -31.65
N ILE D 319 -46.60 -25.19 -32.27
CA ILE D 319 -46.66 -25.65 -33.66
C ILE D 319 -47.05 -24.48 -34.54
N LEU D 320 -46.35 -24.32 -35.66
CA LEU D 320 -46.48 -23.16 -36.53
C LEU D 320 -47.09 -23.55 -37.87
N TYR D 321 -48.04 -22.75 -38.34
CA TYR D 321 -48.59 -22.88 -39.68
C TYR D 321 -47.74 -22.12 -40.68
N ASN D 322 -47.69 -22.64 -41.90
CA ASN D 322 -47.15 -21.88 -43.03
C ASN D 322 -48.21 -20.87 -43.45
N THR D 323 -47.95 -19.58 -43.18
CA THR D 323 -48.94 -18.55 -43.46
C THR D 323 -49.16 -18.35 -44.96
N ASP D 324 -48.14 -18.60 -45.77
CA ASP D 324 -48.30 -18.50 -47.22
C ASP D 324 -49.26 -19.58 -47.73
N THR D 325 -49.05 -20.82 -47.31
CA THR D 325 -49.92 -21.92 -47.73
C THR D 325 -51.36 -21.71 -47.29
N ILE D 326 -51.59 -21.02 -46.16
CA ILE D 326 -52.94 -20.81 -45.69
C ILE D 326 -53.65 -19.75 -46.51
N HIS D 327 -53.01 -18.59 -46.68
CA HIS D 327 -53.63 -17.51 -47.46
C HIS D 327 -53.91 -17.94 -48.89
N ARG D 328 -53.04 -18.79 -49.45
CA ARG D 328 -53.27 -19.32 -50.79
C ARG D 328 -54.59 -20.08 -50.87
N GLU D 329 -54.99 -20.75 -49.79
CA GLU D 329 -56.16 -21.63 -49.80
C GLU D 329 -57.42 -20.99 -49.22
N LEU D 330 -57.29 -19.99 -48.36
CA LEU D 330 -58.43 -19.41 -47.64
C LEU D 330 -58.86 -18.12 -48.34
N ASP D 331 -59.97 -18.20 -49.09
CA ASP D 331 -60.55 -17.03 -49.75
C ASP D 331 -61.50 -16.27 -48.83
N VAL D 332 -61.00 -15.92 -47.64
CA VAL D 332 -61.74 -15.09 -46.68
C VAL D 332 -60.99 -13.76 -46.57
N LYS D 333 -61.71 -12.65 -46.78
CA LYS D 333 -61.04 -11.37 -46.92
C LYS D 333 -60.51 -10.85 -45.58
N LYS D 334 -61.23 -11.12 -44.50
CA LYS D 334 -60.81 -10.71 -43.15
C LYS D 334 -60.36 -11.96 -42.41
N LEU D 335 -59.09 -12.31 -42.54
CA LEU D 335 -58.51 -13.47 -41.88
C LEU D 335 -57.49 -12.99 -40.84
N HIS D 336 -57.57 -13.56 -39.64
CA HIS D 336 -56.97 -12.98 -38.45
C HIS D 336 -56.20 -14.08 -37.70
N PHE D 337 -54.87 -14.01 -37.73
CA PHE D 337 -54.05 -14.88 -36.91
C PHE D 337 -53.98 -14.35 -35.48
N ASP D 338 -54.25 -15.23 -34.51
CA ASP D 338 -54.11 -14.89 -33.09
C ASP D 338 -52.69 -15.23 -32.63
N SER D 339 -51.74 -14.45 -33.14
CA SER D 339 -50.33 -14.73 -32.90
C SER D 339 -49.86 -14.20 -31.55
N ALA D 340 -50.55 -14.58 -30.48
CA ALA D 340 -50.14 -14.14 -29.15
C ALA D 340 -48.81 -14.75 -28.75
N TRP D 341 -48.56 -15.99 -29.15
CA TRP D 341 -47.39 -16.74 -28.70
C TRP D 341 -46.17 -16.55 -29.60
N ILE D 342 -46.24 -15.68 -30.61
CA ILE D 342 -45.11 -15.46 -31.51
C ILE D 342 -45.01 -14.00 -31.93
N PRO D 343 -44.87 -13.05 -31.01
CA PRO D 343 -44.59 -11.67 -31.44
C PRO D 343 -43.20 -11.51 -32.03
N TYR D 344 -42.28 -12.39 -31.65
CA TYR D 344 -40.91 -12.42 -32.15
C TYR D 344 -40.79 -13.04 -33.54
N ALA D 345 -41.87 -13.66 -34.03
CA ALA D 345 -41.83 -14.43 -35.28
C ALA D 345 -41.12 -13.68 -36.41
N ILE D 346 -41.46 -12.41 -36.61
CA ILE D 346 -41.01 -11.70 -37.80
C ILE D 346 -39.54 -11.35 -37.78
N PHE D 347 -38.84 -11.59 -36.67
CA PHE D 347 -37.48 -11.10 -36.49
C PHE D 347 -36.41 -12.17 -36.69
N HIS D 348 -36.78 -13.44 -36.90
CA HIS D 348 -35.77 -14.45 -37.10
C HIS D 348 -36.01 -15.21 -38.41
N PRO D 349 -34.96 -15.56 -39.14
CA PRO D 349 -35.13 -16.28 -40.42
C PRO D 349 -35.86 -17.60 -40.31
N ILE D 350 -35.68 -18.35 -39.21
CA ILE D 350 -36.26 -19.69 -39.11
C ILE D 350 -37.78 -19.66 -39.17
N TYR D 351 -38.39 -18.49 -38.95
CA TYR D 351 -39.84 -18.34 -39.01
C TYR D 351 -40.30 -17.80 -40.36
N LYS D 352 -39.51 -18.00 -41.41
CA LYS D 352 -39.88 -17.60 -42.76
C LYS D 352 -41.23 -18.17 -43.15
N HIS D 353 -42.18 -17.26 -43.45
CA HIS D 353 -43.53 -17.62 -43.88
C HIS D 353 -44.31 -18.33 -42.79
N LYS D 354 -44.06 -17.97 -41.53
CA LYS D 354 -44.79 -18.52 -40.40
C LYS D 354 -45.43 -17.44 -39.55
N SER D 355 -45.38 -16.19 -39.99
CA SER D 355 -46.05 -15.07 -39.34
C SER D 355 -46.99 -14.40 -40.33
N ALA D 356 -48.05 -13.80 -39.80
CA ALA D 356 -49.06 -13.17 -40.66
C ALA D 356 -48.45 -12.06 -41.52
N MET D 357 -47.72 -11.14 -40.89
CA MET D 357 -47.25 -9.94 -41.56
C MET D 357 -46.30 -10.23 -42.73
N GLN D 358 -45.88 -11.48 -42.92
CA GLN D 358 -44.96 -11.81 -44.00
C GLN D 358 -45.64 -11.98 -45.34
N ILE D 359 -46.96 -12.08 -45.39
CA ILE D 359 -47.69 -12.35 -46.63
C ILE D 359 -48.28 -11.05 -47.16
N GLU D 360 -48.26 -10.91 -48.48
CA GLU D 360 -48.91 -9.77 -49.10
C GLU D 360 -50.43 -9.98 -49.09
N PRO D 361 -51.20 -9.09 -48.46
CA PRO D 361 -52.66 -9.19 -48.56
C PRO D 361 -53.13 -9.33 -49.99
N ARG D 362 -53.95 -10.35 -50.24
CA ARG D 362 -54.56 -10.54 -51.53
C ARG D 362 -55.47 -9.34 -51.83
N PRO D 363 -55.62 -8.95 -53.11
CA PRO D 363 -56.45 -7.78 -53.45
C PRO D 363 -57.75 -7.65 -52.67
N GLU D 364 -57.89 -6.51 -52.00
CA GLU D 364 -59.06 -6.16 -51.18
C GLU D 364 -59.27 -7.13 -50.01
N HIS D 365 -58.27 -7.91 -49.64
CA HIS D 365 -58.32 -8.76 -48.45
C HIS D 365 -57.46 -8.16 -47.35
N ILE D 366 -57.95 -8.27 -46.11
CA ILE D 366 -57.31 -7.68 -44.94
C ILE D 366 -56.72 -8.80 -44.08
N ILE D 367 -55.50 -8.62 -43.62
CA ILE D 367 -54.83 -9.56 -42.72
C ILE D 367 -54.74 -8.93 -41.34
N PHE D 368 -54.94 -9.75 -40.30
CA PHE D 368 -54.83 -9.30 -38.92
C PHE D 368 -53.88 -10.23 -38.17
N GLU D 369 -52.90 -9.64 -37.48
CA GLU D 369 -52.08 -10.36 -36.51
C GLU D 369 -52.21 -9.67 -35.16
N THR D 370 -52.77 -10.38 -34.20
CA THR D 370 -52.84 -9.90 -32.82
C THR D 370 -51.77 -10.63 -32.02
N GLN D 371 -50.90 -9.86 -31.37
CA GLN D 371 -49.77 -10.39 -30.62
C GLN D 371 -49.83 -9.93 -29.18
N SER D 372 -49.56 -10.86 -28.27
CA SER D 372 -49.43 -10.53 -26.85
C SER D 372 -47.97 -10.21 -26.59
N THR D 373 -47.64 -8.92 -26.61
CA THR D 373 -46.24 -8.51 -26.50
C THR D 373 -45.64 -8.93 -25.17
N HIS D 374 -46.44 -8.91 -24.10
CA HIS D 374 -45.96 -9.30 -22.79
C HIS D 374 -45.72 -10.80 -22.67
N1 LLP D 375 -54.82 -15.29 -27.45
C2 LLP D 375 -54.07 -16.41 -27.38
C2' LLP D 375 -53.98 -17.33 -28.60
C3 LLP D 375 -53.40 -16.73 -26.22
O3 LLP D 375 -52.63 -17.91 -26.17
C4 LLP D 375 -53.46 -15.92 -25.14
C4' LLP D 375 -52.72 -16.29 -23.85
C5 LLP D 375 -54.22 -14.80 -25.21
C6 LLP D 375 -54.90 -14.48 -26.37
C5' LLP D 375 -54.31 -13.88 -23.99
OP4 LLP D 375 -54.05 -12.56 -24.34
P LLP D 375 -53.97 -11.48 -23.10
OP1 LLP D 375 -55.32 -10.82 -22.90
OP2 LLP D 375 -52.91 -10.44 -23.40
OP3 LLP D 375 -53.60 -12.23 -21.84
N LLP D 375 -46.44 -11.58 -23.49
CA LLP D 375 -46.42 -13.03 -23.36
CB LLP D 375 -47.50 -13.64 -24.27
CG LLP D 375 -48.38 -14.57 -23.44
CD LLP D 375 -49.87 -14.22 -23.59
CE LLP D 375 -50.64 -15.24 -24.44
NZ LLP D 375 -51.53 -16.00 -23.57
C LLP D 375 -45.04 -13.60 -23.68
O LLP D 375 -44.58 -14.54 -22.98
N LEU D 376 -44.34 -13.06 -24.69
CA LEU D 376 -43.02 -13.58 -25.04
C LEU D 376 -42.01 -12.52 -25.50
N LEU D 377 -42.32 -11.24 -25.28
CA LEU D 377 -41.32 -10.18 -25.33
C LEU D 377 -41.22 -9.52 -23.96
N ALA D 378 -40.37 -8.50 -23.88
CA ALA D 378 -40.15 -7.77 -22.63
C ALA D 378 -41.11 -6.61 -22.59
N ALA D 379 -42.26 -6.82 -21.95
CA ALA D 379 -43.24 -5.75 -21.78
C ALA D 379 -44.10 -6.03 -20.57
N PHE D 380 -44.79 -5.00 -20.10
CA PHE D 380 -45.71 -5.13 -18.98
C PHE D 380 -46.92 -5.97 -19.39
N SER D 381 -47.52 -6.65 -18.43
CA SER D 381 -48.76 -7.37 -18.68
C SER D 381 -49.82 -6.42 -19.20
N GLN D 382 -50.83 -6.99 -19.86
CA GLN D 382 -51.94 -6.30 -20.51
C GLN D 382 -51.52 -5.56 -21.76
N SER D 383 -50.26 -5.62 -22.16
CA SER D 383 -49.76 -4.89 -23.32
C SER D 383 -49.77 -5.80 -24.54
N SER D 384 -50.36 -5.33 -25.63
CA SER D 384 -50.55 -6.15 -26.83
C SER D 384 -50.49 -5.26 -28.05
N MET D 385 -50.15 -5.87 -29.19
CA MET D 385 -50.12 -5.18 -30.46
C MET D 385 -51.19 -5.75 -31.39
N LEU D 386 -51.69 -4.89 -32.28
CA LEU D 386 -52.62 -5.28 -33.33
C LEU D 386 -52.03 -4.83 -34.65
N HIS D 387 -51.51 -5.78 -35.44
CA HIS D 387 -50.95 -5.51 -36.74
C HIS D 387 -51.94 -5.88 -37.83
N ILE D 388 -52.15 -4.97 -38.78
CA ILE D 388 -53.06 -5.19 -39.90
C ILE D 388 -52.30 -4.98 -41.19
N LYS D 389 -52.89 -5.45 -42.29
CA LYS D 389 -52.22 -5.42 -43.58
C LYS D 389 -53.24 -5.28 -44.70
N GLY D 390 -52.97 -4.40 -45.65
CA GLY D 390 -53.80 -4.24 -46.82
C GLY D 390 -54.71 -3.04 -46.74
N ASP D 391 -55.67 -3.01 -47.67
CA ASP D 391 -56.69 -1.97 -47.64
C ASP D 391 -57.58 -2.15 -46.42
N TYR D 392 -57.72 -1.09 -45.65
CA TYR D 392 -58.53 -1.10 -44.44
C TYR D 392 -59.21 0.25 -44.29
N ASN D 393 -60.13 0.32 -43.34
CA ASN D 393 -60.93 1.52 -43.13
C ASN D 393 -60.62 2.05 -41.73
N GLU D 394 -59.80 3.11 -41.67
CA GLU D 394 -59.51 3.76 -40.40
C GLU D 394 -60.78 4.31 -39.76
N GLU D 395 -61.66 4.90 -40.57
CA GLU D 395 -62.88 5.51 -40.07
C GLU D 395 -63.70 4.57 -39.20
N VAL D 396 -63.68 3.27 -39.50
CA VAL D 396 -64.48 2.30 -38.76
C VAL D 396 -63.64 1.55 -37.72
N LEU D 397 -62.40 1.19 -38.02
CA LEU D 397 -61.59 0.48 -37.01
C LEU D 397 -61.24 1.39 -35.85
N ASN D 398 -61.04 2.70 -36.11
CA ASN D 398 -60.85 3.64 -35.02
C ASN D 398 -62.00 3.57 -34.04
N GLU D 399 -63.22 3.38 -34.53
CA GLU D 399 -64.36 3.15 -33.65
C GLU D 399 -64.27 1.78 -32.99
N ALA D 400 -63.86 0.76 -33.74
CA ALA D 400 -63.68 -0.57 -33.15
C ALA D 400 -62.61 -0.54 -32.06
N PHE D 401 -61.52 0.19 -32.31
CA PHE D 401 -60.52 0.41 -31.26
C PHE D 401 -61.14 1.13 -30.06
N MET D 402 -61.85 2.24 -30.32
CA MET D 402 -62.46 3.00 -29.24
C MET D 402 -63.55 2.20 -28.52
N LEU D 403 -64.15 1.21 -29.19
CA LEU D 403 -65.17 0.38 -28.55
C LEU D 403 -64.63 -0.33 -27.32
N HIS D 404 -63.36 -0.71 -27.33
CA HIS D 404 -62.77 -1.48 -26.24
C HIS D 404 -61.68 -0.77 -25.48
N THR D 405 -61.00 0.22 -26.07
CA THR D 405 -59.95 0.93 -25.36
C THR D 405 -60.55 1.90 -24.35
N SER D 406 -59.94 1.93 -23.16
CA SER D 406 -60.40 2.84 -22.13
C SER D 406 -60.02 4.28 -22.49
N THR D 407 -60.75 5.23 -21.91
CA THR D 407 -60.49 6.64 -22.16
C THR D 407 -59.29 7.15 -21.37
N SER D 408 -58.85 6.41 -20.37
CA SER D 408 -57.70 6.80 -19.54
C SER D 408 -56.69 5.67 -19.55
N PRO D 409 -55.99 5.47 -20.67
CA PRO D 409 -55.03 4.37 -20.74
C PRO D 409 -53.84 4.65 -19.86
N PHE D 410 -53.23 3.57 -19.35
CA PHE D 410 -52.15 3.67 -18.38
C PHE D 410 -50.85 3.85 -19.17
N TYR D 411 -50.32 5.06 -19.16
CA TYR D 411 -49.23 5.42 -20.07
C TYR D 411 -47.99 4.54 -19.96
N PRO D 412 -47.53 4.12 -18.77
CA PRO D 412 -46.38 3.21 -18.72
C PRO D 412 -46.55 1.94 -19.55
N ILE D 413 -47.77 1.42 -19.66
CA ILE D 413 -47.98 0.22 -20.48
C ILE D 413 -47.89 0.58 -21.96
N VAL D 414 -48.50 1.71 -22.36
CA VAL D 414 -48.32 2.24 -23.71
C VAL D 414 -46.84 2.34 -24.06
N ALA D 415 -46.07 2.99 -23.18
CA ALA D 415 -44.63 3.09 -23.40
C ALA D 415 -43.98 1.71 -23.50
N SER D 416 -44.39 0.78 -22.62
CA SER D 416 -43.74 -0.52 -22.53
C SER D 416 -43.81 -1.28 -23.85
N VAL D 417 -44.96 -1.25 -24.53
CA VAL D 417 -45.09 -2.00 -25.77
C VAL D 417 -44.28 -1.34 -26.89
N GLU D 418 -44.29 -0.01 -26.96
CA GLU D 418 -43.43 0.69 -27.89
C GLU D 418 -41.95 0.38 -27.62
N THR D 419 -41.55 0.39 -26.35
CA THR D 419 -40.16 0.06 -26.00
C THR D 419 -39.82 -1.35 -26.43
N ALA D 420 -40.77 -2.28 -26.30
CA ALA D 420 -40.52 -3.65 -26.76
C ALA D 420 -40.29 -3.72 -28.26
N ALA D 421 -40.98 -2.86 -29.01
CA ALA D 421 -40.68 -2.72 -30.43
C ALA D 421 -39.24 -2.24 -30.64
N ALA D 422 -38.84 -1.22 -29.87
CA ALA D 422 -37.48 -0.69 -30.00
C ALA D 422 -36.43 -1.73 -29.63
N MET D 423 -36.77 -2.66 -28.74
CA MET D 423 -35.85 -3.74 -28.42
C MET D 423 -35.63 -4.64 -29.63
N MET D 424 -36.68 -4.86 -30.41
CA MET D 424 -36.61 -5.72 -31.58
C MET D 424 -36.08 -4.99 -32.82
N GLU D 425 -36.13 -3.67 -32.82
CA GLU D 425 -35.67 -2.87 -33.96
C GLU D 425 -34.26 -3.26 -34.38
N GLY D 426 -34.08 -3.41 -35.69
CA GLY D 426 -32.76 -3.68 -36.23
C GLY D 426 -32.26 -5.07 -35.87
N GLU D 427 -30.97 -5.28 -36.17
CA GLU D 427 -30.35 -6.58 -35.91
C GLU D 427 -30.17 -6.86 -34.42
N GLN D 428 -30.33 -5.85 -33.56
CA GLN D 428 -30.55 -6.08 -32.14
C GLN D 428 -31.59 -7.17 -31.92
N GLY D 429 -32.76 -7.02 -32.54
CA GLY D 429 -33.83 -8.00 -32.35
C GLY D 429 -33.44 -9.39 -32.80
N TYR D 430 -32.78 -9.49 -33.96
CA TYR D 430 -32.32 -10.78 -34.45
C TYR D 430 -31.46 -11.49 -33.40
N ASN D 431 -30.45 -10.80 -32.88
CA ASN D 431 -29.57 -11.40 -31.88
C ASN D 431 -30.36 -11.77 -30.62
N LEU D 432 -31.34 -10.94 -30.25
CA LEU D 432 -32.13 -11.22 -29.05
C LEU D 432 -32.88 -12.54 -29.19
N ILE D 433 -33.50 -12.78 -30.34
CA ILE D 433 -34.19 -14.04 -30.57
C ILE D 433 -33.20 -15.18 -30.80
N ASP D 434 -32.14 -14.90 -31.56
CA ASP D 434 -31.11 -15.90 -31.83
C ASP D 434 -30.57 -16.50 -30.53
N LYS D 435 -30.39 -15.68 -29.51
CA LYS D 435 -29.91 -16.16 -28.21
C LYS D 435 -30.89 -17.17 -27.61
N THR D 436 -32.15 -16.75 -27.43
CA THR D 436 -33.16 -17.63 -26.85
C THR D 436 -33.37 -18.89 -27.69
N ILE D 437 -33.16 -18.80 -29.01
CA ILE D 437 -33.27 -19.98 -29.86
C ILE D 437 -32.10 -20.92 -29.61
N ASN D 438 -30.87 -20.39 -29.70
CA ASN D 438 -29.69 -21.22 -29.47
C ASN D 438 -29.71 -21.85 -28.08
N LEU D 439 -30.19 -21.09 -27.09
CA LEU D 439 -30.29 -21.62 -25.73
C LEU D 439 -31.27 -22.79 -25.67
N ALA D 440 -32.45 -22.62 -26.26
CA ALA D 440 -33.45 -23.68 -26.29
C ALA D 440 -32.90 -24.96 -26.91
N ILE D 441 -32.32 -24.85 -28.11
CA ILE D 441 -31.78 -26.02 -28.78
C ILE D 441 -30.71 -26.69 -27.92
N ASP D 442 -29.86 -25.90 -27.28
CA ASP D 442 -28.86 -26.46 -26.39
C ASP D 442 -29.50 -27.27 -25.27
N PHE D 443 -30.54 -26.71 -24.64
CA PHE D 443 -31.25 -27.43 -23.59
C PHE D 443 -31.86 -28.72 -24.13
N ARG D 444 -32.46 -28.67 -25.31
CA ARG D 444 -33.01 -29.87 -25.95
C ARG D 444 -31.92 -30.91 -26.16
N ARG D 445 -30.82 -30.52 -26.81
CA ARG D 445 -29.75 -31.47 -27.12
C ARG D 445 -29.10 -31.99 -25.85
N GLU D 446 -28.87 -31.12 -24.87
CA GLU D 446 -28.25 -31.55 -23.62
C GLU D 446 -29.16 -32.48 -22.82
N LEU D 447 -30.47 -32.41 -23.04
CA LEU D 447 -31.38 -33.26 -22.28
C LEU D 447 -31.45 -34.66 -22.86
N ILE D 448 -31.44 -34.79 -24.19
CA ILE D 448 -31.39 -36.11 -24.79
C ILE D 448 -30.01 -36.72 -24.62
N LYS D 449 -28.96 -35.89 -24.58
CA LYS D 449 -27.63 -36.39 -24.26
C LYS D 449 -27.60 -36.95 -22.83
N LEU D 450 -28.41 -36.40 -21.94
CA LEU D 450 -28.55 -36.97 -20.60
C LEU D 450 -29.40 -38.23 -20.63
N ARG D 451 -30.43 -38.26 -21.49
CA ARG D 451 -31.24 -39.47 -21.65
C ARG D 451 -30.41 -40.64 -22.11
N SER D 452 -29.46 -40.39 -23.02
CA SER D 452 -28.58 -41.46 -23.49
C SER D 452 -27.81 -42.08 -22.33
N GLU D 453 -27.09 -41.26 -21.56
CA GLU D 453 -26.33 -41.76 -20.42
C GLU D 453 -27.24 -42.30 -19.31
N ALA D 454 -28.47 -41.82 -19.23
CA ALA D 454 -29.32 -42.09 -18.07
C ALA D 454 -29.57 -43.58 -17.88
N ASN D 455 -29.55 -44.00 -16.62
CA ASN D 455 -29.88 -45.37 -16.26
C ASN D 455 -31.39 -45.52 -16.13
N GLY D 456 -31.92 -46.62 -16.69
CA GLY D 456 -33.35 -46.85 -16.64
C GLY D 456 -34.13 -45.75 -17.32
N TRP D 457 -35.22 -45.32 -16.68
CA TRP D 457 -36.08 -44.30 -17.24
C TRP D 457 -35.41 -42.93 -17.17
N PHE D 458 -35.97 -41.99 -17.94
CA PHE D 458 -35.57 -40.60 -17.89
C PHE D 458 -36.63 -39.79 -18.64
N PHE D 459 -36.58 -38.48 -18.47
CA PHE D 459 -37.49 -37.59 -19.19
C PHE D 459 -37.21 -37.67 -20.69
N ASP D 460 -38.09 -37.04 -21.46
CA ASP D 460 -37.91 -36.91 -22.89
C ASP D 460 -38.39 -35.55 -23.35
N VAL D 461 -38.11 -35.23 -24.61
CA VAL D 461 -38.49 -33.96 -25.22
C VAL D 461 -39.44 -34.26 -26.37
N TRP D 462 -40.48 -33.44 -26.49
CA TRP D 462 -41.43 -33.53 -27.60
C TRP D 462 -40.82 -32.83 -28.80
N GLN D 463 -40.04 -33.57 -29.57
CA GLN D 463 -39.28 -33.02 -30.68
C GLN D 463 -38.92 -34.14 -31.64
N PRO D 464 -38.53 -33.81 -32.87
CA PRO D 464 -37.98 -34.83 -33.78
C PRO D 464 -36.73 -35.48 -33.21
N ASP D 465 -36.31 -36.56 -33.88
CA ASP D 465 -35.06 -37.21 -33.50
C ASP D 465 -33.86 -36.39 -33.95
N ASN D 466 -33.76 -36.12 -35.25
CA ASN D 466 -32.66 -35.33 -35.79
C ASN D 466 -33.00 -33.84 -35.66
N ILE D 467 -32.31 -33.15 -34.76
CA ILE D 467 -32.45 -31.70 -34.61
C ILE D 467 -31.08 -31.07 -34.76
N SER D 468 -30.23 -31.68 -35.60
CA SER D 468 -28.85 -31.23 -35.74
C SER D 468 -28.79 -29.79 -36.23
N ASN D 469 -29.52 -29.48 -37.29
CA ASN D 469 -29.49 -28.14 -37.88
C ASN D 469 -30.54 -27.25 -37.23
N LYS D 470 -30.23 -25.96 -37.19
CA LYS D 470 -30.97 -24.99 -36.38
C LYS D 470 -32.11 -24.42 -37.23
N GLU D 471 -33.26 -25.10 -37.20
CA GLU D 471 -34.44 -24.68 -37.93
C GLU D 471 -35.67 -24.90 -37.08
N ALA D 472 -36.77 -24.26 -37.49
CA ALA D 472 -38.10 -24.62 -36.99
C ALA D 472 -38.50 -25.93 -37.66
N TRP D 473 -38.30 -27.04 -36.96
CA TRP D 473 -38.38 -28.36 -37.59
C TRP D 473 -39.79 -28.63 -38.09
N LEU D 474 -39.87 -29.26 -39.26
CA LEU D 474 -41.15 -29.49 -39.92
C LEU D 474 -41.69 -30.88 -39.55
N LEU D 475 -42.96 -30.93 -39.18
CA LEU D 475 -43.60 -32.20 -38.86
C LEU D 475 -43.82 -33.03 -40.12
N ARG D 476 -43.73 -34.35 -39.97
CA ARG D 476 -43.85 -35.27 -41.08
C ARG D 476 -44.77 -36.42 -40.71
N ASN D 477 -45.61 -36.83 -41.66
CA ASN D 477 -46.45 -38.01 -41.49
C ASN D 477 -45.64 -39.20 -40.96
N ALA D 478 -44.52 -39.50 -41.62
CA ALA D 478 -43.65 -40.62 -41.25
C ALA D 478 -43.39 -40.73 -39.76
N ASP D 479 -42.86 -39.67 -39.15
CA ASP D 479 -42.31 -39.77 -37.80
C ASP D 479 -43.43 -39.77 -36.76
N LYS D 480 -43.35 -40.73 -35.84
CA LYS D 480 -44.37 -40.92 -34.81
C LYS D 480 -44.11 -40.08 -33.55
N TRP D 481 -43.23 -39.09 -33.61
CA TRP D 481 -42.88 -38.34 -32.41
C TRP D 481 -44.00 -37.38 -32.00
N HIS D 482 -44.64 -36.72 -32.97
CA HIS D 482 -45.68 -35.75 -32.66
C HIS D 482 -47.03 -36.39 -32.36
N GLY D 483 -47.25 -37.63 -32.80
CA GLY D 483 -48.49 -38.32 -32.49
C GLY D 483 -49.73 -37.69 -33.08
N PHE D 484 -49.60 -36.98 -34.19
CA PHE D 484 -50.73 -36.36 -34.86
C PHE D 484 -51.15 -37.20 -36.06
N LYS D 485 -52.43 -37.13 -36.40
CA LYS D 485 -52.96 -37.82 -37.56
C LYS D 485 -53.05 -36.90 -38.76
N ASN D 486 -52.71 -37.43 -39.93
CA ASN D 486 -52.88 -36.76 -41.23
C ASN D 486 -52.34 -35.31 -41.20
N VAL D 487 -51.03 -35.20 -41.07
CA VAL D 487 -50.33 -33.93 -41.18
C VAL D 487 -49.78 -33.79 -42.60
N ASP D 488 -49.88 -32.59 -43.15
CA ASP D 488 -49.50 -32.36 -44.53
C ASP D 488 -48.01 -32.08 -44.68
N GLY D 489 -47.49 -32.41 -45.86
CA GLY D 489 -46.10 -32.09 -46.18
C GLY D 489 -45.87 -30.60 -46.24
N ASP D 490 -44.89 -30.13 -45.47
CA ASP D 490 -44.56 -28.71 -45.37
C ASP D 490 -45.77 -27.87 -44.96
N PHE D 491 -46.32 -28.19 -43.80
CA PHE D 491 -47.35 -27.31 -43.25
C PHE D 491 -47.12 -26.95 -41.79
N LEU D 492 -46.65 -27.89 -40.96
CA LEU D 492 -46.51 -27.69 -39.53
C LEU D 492 -45.03 -27.66 -39.14
N SER D 493 -44.63 -26.61 -38.42
CA SER D 493 -43.30 -26.49 -37.86
C SER D 493 -43.36 -26.48 -36.34
N LEU D 494 -42.27 -26.87 -35.71
CA LEU D 494 -42.13 -26.83 -34.25
C LEU D 494 -41.28 -25.65 -33.83
N ASP D 495 -41.82 -24.82 -32.96
CA ASP D 495 -41.09 -23.66 -32.43
C ASP D 495 -40.04 -24.12 -31.42
N PRO D 496 -38.74 -23.97 -31.72
CA PRO D 496 -37.71 -24.49 -30.79
C PRO D 496 -37.82 -23.98 -29.37
N ILE D 497 -38.14 -22.70 -29.17
CA ILE D 497 -38.03 -22.09 -27.86
C ILE D 497 -39.09 -22.56 -26.87
N LYS D 498 -40.10 -23.29 -27.33
CA LYS D 498 -41.16 -23.81 -26.46
C LYS D 498 -40.90 -25.28 -26.21
N ILE D 499 -40.35 -25.59 -25.04
CA ILE D 499 -39.89 -26.93 -24.69
C ILE D 499 -41.00 -27.66 -23.94
N THR D 500 -41.48 -28.77 -24.51
CA THR D 500 -42.43 -29.65 -23.83
C THR D 500 -41.68 -30.88 -23.36
N ILE D 501 -41.57 -31.05 -22.05
CA ILE D 501 -40.91 -32.21 -21.45
C ILE D 501 -41.96 -33.30 -21.26
N LEU D 502 -41.56 -34.54 -21.49
CA LEU D 502 -42.47 -35.69 -21.42
C LEU D 502 -41.96 -36.67 -20.37
N THR D 503 -42.85 -37.07 -19.47
CA THR D 503 -42.59 -38.06 -18.43
C THR D 503 -43.15 -39.41 -18.85
N PRO D 504 -42.43 -40.49 -18.53
CA PRO D 504 -42.89 -41.83 -18.90
C PRO D 504 -44.35 -42.08 -18.52
N GLY D 505 -45.06 -42.77 -19.40
CA GLY D 505 -46.46 -43.04 -19.18
C GLY D 505 -47.31 -43.06 -20.43
N ILE D 506 -46.73 -42.68 -21.57
CA ILE D 506 -47.43 -42.70 -22.85
C ILE D 506 -46.54 -43.41 -23.86
N LYS D 507 -46.95 -44.61 -24.27
CA LYS D 507 -46.13 -45.43 -25.18
C LYS D 507 -46.35 -45.06 -26.64
N ASP D 508 -47.57 -45.30 -27.14
CA ASP D 508 -47.95 -45.14 -28.54
C ASP D 508 -49.21 -44.30 -28.63
N ASN D 509 -49.17 -43.12 -28.01
CA ASN D 509 -50.33 -42.27 -27.73
C ASN D 509 -51.51 -43.09 -27.21
N ASP D 510 -51.23 -43.84 -26.14
CA ASP D 510 -52.25 -44.50 -25.34
C ASP D 510 -51.66 -44.74 -23.95
N VAL D 511 -52.43 -45.41 -23.10
CA VAL D 511 -52.05 -45.64 -21.70
C VAL D 511 -50.80 -46.49 -21.61
N GLN D 512 -50.18 -46.54 -20.43
CA GLN D 512 -48.98 -47.34 -20.21
C GLN D 512 -49.08 -48.11 -18.91
N ASP D 513 -48.38 -49.25 -18.88
CA ASP D 513 -48.34 -50.11 -17.69
C ASP D 513 -47.75 -49.36 -16.50
N TRP D 514 -46.48 -48.97 -16.60
CA TRP D 514 -45.82 -48.17 -15.58
C TRP D 514 -45.59 -46.75 -16.12
N GLY D 515 -45.67 -45.78 -15.21
CA GLY D 515 -45.39 -44.41 -15.57
C GLY D 515 -45.10 -43.57 -14.35
N VAL D 516 -44.92 -42.28 -14.59
CA VAL D 516 -44.68 -41.30 -13.54
C VAL D 516 -45.40 -40.01 -13.91
N PRO D 517 -46.58 -39.77 -13.35
CA PRO D 517 -47.38 -38.62 -13.78
C PRO D 517 -46.64 -37.30 -13.64
N ALA D 518 -46.95 -36.37 -14.54
CA ALA D 518 -46.27 -35.08 -14.54
C ALA D 518 -46.56 -34.28 -13.29
N ASP D 519 -47.72 -34.49 -12.67
CA ASP D 519 -48.09 -33.71 -11.48
C ASP D 519 -47.08 -33.88 -10.36
N VAL D 520 -46.54 -35.10 -10.19
CA VAL D 520 -45.56 -35.33 -9.14
C VAL D 520 -44.19 -34.77 -9.51
N VAL D 521 -44.00 -34.37 -10.76
CA VAL D 521 -42.79 -33.65 -11.16
C VAL D 521 -42.97 -32.16 -10.99
N ALA D 522 -44.10 -31.64 -11.47
CA ALA D 522 -44.45 -30.23 -11.30
C ALA D 522 -44.31 -29.80 -9.84
N LYS D 523 -44.88 -30.59 -8.92
CA LYS D 523 -44.76 -30.27 -7.50
C LYS D 523 -43.30 -30.26 -7.05
N PHE D 524 -42.49 -31.16 -7.60
CA PHE D 524 -41.08 -31.19 -7.21
C PHE D 524 -40.32 -29.99 -7.79
N LEU D 525 -40.67 -29.60 -9.02
CA LEU D 525 -40.14 -28.35 -9.56
C LEU D 525 -40.60 -27.15 -8.74
N ASP D 526 -41.83 -27.20 -8.22
CA ASP D 526 -42.35 -26.11 -7.41
C ASP D 526 -41.66 -26.05 -6.05
N GLU D 527 -41.47 -27.21 -5.41
CA GLU D 527 -40.71 -27.26 -4.17
C GLU D 527 -39.33 -26.62 -4.33
N HIS D 528 -38.70 -26.83 -5.48
CA HIS D 528 -37.38 -26.28 -5.76
C HIS D 528 -37.44 -24.95 -6.48
N ASP D 529 -38.54 -24.20 -6.33
CA ASP D 529 -38.68 -22.84 -6.85
C ASP D 529 -38.43 -22.79 -8.36
N ILE D 530 -39.36 -23.40 -9.10
CA ILE D 530 -39.38 -23.33 -10.56
C ILE D 530 -40.83 -23.24 -11.02
N VAL D 531 -41.14 -22.21 -11.80
CA VAL D 531 -42.49 -21.94 -12.26
C VAL D 531 -42.63 -22.48 -13.68
N VAL D 532 -43.59 -23.37 -13.88
CA VAL D 532 -43.87 -23.97 -15.18
C VAL D 532 -45.01 -23.21 -15.85
N GLU D 533 -44.94 -23.09 -17.18
CA GLU D 533 -46.01 -22.43 -17.93
C GLU D 533 -47.28 -23.27 -17.90
N LYS D 534 -47.16 -24.57 -18.12
CA LYS D 534 -48.33 -25.44 -18.23
C LYS D 534 -47.88 -26.86 -17.89
N SER D 535 -48.79 -27.62 -17.29
CA SER D 535 -48.52 -28.99 -16.89
C SER D 535 -49.62 -29.89 -17.43
N GLY D 536 -49.25 -30.85 -18.27
CA GLY D 536 -50.18 -31.84 -18.74
C GLY D 536 -50.22 -33.04 -17.81
N PRO D 537 -51.01 -34.05 -18.17
CA PRO D 537 -51.02 -35.28 -17.36
C PRO D 537 -49.71 -36.05 -17.45
N TYR D 538 -49.01 -35.93 -18.57
CA TYR D 538 -47.69 -36.55 -18.71
C TYR D 538 -46.69 -35.64 -19.42
N SER D 539 -47.02 -34.36 -19.60
CA SER D 539 -46.15 -33.40 -20.24
C SER D 539 -45.92 -32.20 -19.33
N LEU D 540 -44.99 -31.34 -19.74
CA LEU D 540 -44.61 -30.15 -18.98
C LEU D 540 -44.03 -29.14 -19.96
N LEU D 541 -44.56 -27.92 -19.93
CA LEU D 541 -44.21 -26.89 -20.91
C LEU D 541 -43.36 -25.81 -20.25
N PHE D 542 -42.12 -25.67 -20.70
CA PHE D 542 -41.27 -24.55 -20.35
C PHE D 542 -41.07 -23.70 -21.59
N ILE D 543 -41.25 -22.39 -21.45
CA ILE D 543 -41.13 -21.46 -22.57
C ILE D 543 -39.86 -20.64 -22.37
N PHE D 544 -38.85 -20.90 -23.20
CA PHE D 544 -37.60 -20.16 -23.18
C PHE D 544 -37.80 -18.82 -23.90
N SER D 545 -37.85 -17.74 -23.14
CA SER D 545 -38.00 -16.40 -23.68
C SER D 545 -36.68 -15.66 -23.61
N LEU D 546 -36.70 -14.40 -24.06
CA LEU D 546 -35.55 -13.51 -23.90
C LEU D 546 -35.28 -13.16 -22.44
N GLY D 547 -36.09 -13.66 -21.51
CA GLY D 547 -35.83 -13.46 -20.09
C GLY D 547 -35.33 -14.73 -19.43
N THR D 548 -34.70 -15.60 -20.22
CA THR D 548 -34.24 -16.90 -19.74
C THR D 548 -32.74 -17.01 -20.02
N THR D 549 -31.93 -16.88 -18.97
CA THR D 549 -30.49 -17.06 -19.10
C THR D 549 -30.13 -18.54 -19.06
N LYS D 550 -28.93 -18.86 -19.55
CA LYS D 550 -28.46 -20.24 -19.49
C LYS D 550 -28.42 -20.76 -18.07
N ALA D 551 -28.10 -19.88 -17.10
CA ALA D 551 -28.07 -20.29 -15.70
C ALA D 551 -29.41 -20.86 -15.26
N LYS D 552 -30.50 -20.19 -15.64
CA LYS D 552 -31.84 -20.72 -15.37
C LYS D 552 -31.99 -22.13 -15.91
N SER D 553 -31.57 -22.37 -17.15
CA SER D 553 -31.72 -23.68 -17.76
C SER D 553 -30.83 -24.72 -17.10
N VAL D 554 -29.65 -24.33 -16.63
CA VAL D 554 -28.82 -25.26 -15.86
C VAL D 554 -29.49 -25.59 -14.53
N ARG D 555 -30.11 -24.59 -13.90
CA ARG D 555 -30.93 -24.84 -12.72
C ARG D 555 -32.02 -25.86 -13.02
N LEU D 556 -32.70 -25.69 -14.16
CA LEU D 556 -33.75 -26.63 -14.55
C LEU D 556 -33.19 -28.02 -14.79
N ILE D 557 -32.05 -28.12 -15.49
CA ILE D 557 -31.41 -29.41 -15.70
C ILE D 557 -31.08 -30.07 -14.37
N SER D 558 -30.43 -29.32 -13.46
CA SER D 558 -29.92 -29.92 -12.24
C SER D 558 -31.04 -30.43 -11.35
N VAL D 559 -32.15 -29.68 -11.25
CA VAL D 559 -33.28 -30.15 -10.47
C VAL D 559 -33.98 -31.32 -11.16
N LEU D 560 -33.95 -31.37 -12.49
CA LEU D 560 -34.66 -32.42 -13.22
C LEU D 560 -34.08 -33.78 -12.93
N ASN D 561 -32.80 -33.99 -13.26
CA ASN D 561 -32.19 -35.28 -12.97
C ASN D 561 -32.04 -35.52 -11.47
N LYS D 562 -32.17 -34.47 -10.65
CA LYS D 562 -32.28 -34.70 -9.21
C LYS D 562 -33.61 -35.35 -8.86
N PHE D 563 -34.69 -34.94 -9.54
CA PHE D 563 -35.97 -35.61 -9.33
C PHE D 563 -35.86 -37.11 -9.63
N LYS D 564 -35.19 -37.46 -10.72
CA LYS D 564 -34.92 -38.86 -11.01
C LYS D 564 -34.09 -39.49 -9.89
N GLN D 565 -33.04 -38.80 -9.45
CA GLN D 565 -32.26 -39.27 -8.32
C GLN D 565 -33.13 -39.58 -7.11
N MET D 566 -33.99 -38.64 -6.71
CA MET D 566 -34.82 -38.84 -5.53
C MET D 566 -36.00 -39.77 -5.80
N TYR D 567 -36.39 -39.95 -7.07
CA TYR D 567 -37.45 -40.90 -7.37
C TYR D 567 -36.91 -42.33 -7.42
N ASP D 568 -35.76 -42.53 -8.04
CA ASP D 568 -35.08 -43.81 -7.94
C ASP D 568 -34.63 -44.09 -6.51
N GLU D 569 -34.35 -43.03 -5.75
CA GLU D 569 -34.07 -43.19 -4.33
C GLU D 569 -35.29 -43.70 -3.57
N ASN D 570 -36.49 -43.35 -4.05
CA ASN D 570 -37.75 -43.63 -3.36
C ASN D 570 -37.77 -42.98 -1.98
N THR D 571 -37.48 -41.68 -1.96
CA THR D 571 -37.51 -40.93 -0.72
C THR D 571 -38.95 -40.71 -0.26
N LEU D 572 -39.10 -40.47 1.04
CA LEU D 572 -40.42 -40.22 1.62
C LEU D 572 -41.05 -38.99 0.98
N VAL D 573 -42.38 -39.04 0.85
CA VAL D 573 -43.12 -37.87 0.37
C VAL D 573 -42.89 -36.68 1.29
N GLU D 574 -42.71 -36.95 2.58
CA GLU D 574 -42.38 -35.90 3.54
C GLU D 574 -41.10 -35.17 3.14
N LYS D 575 -40.00 -35.93 3.01
CA LYS D 575 -38.70 -35.30 2.74
C LYS D 575 -38.57 -34.80 1.31
N MET D 576 -39.36 -35.33 0.37
CA MET D 576 -39.23 -34.95 -1.03
C MET D 576 -40.25 -33.91 -1.47
N LEU D 577 -41.50 -34.03 -1.05
CA LEU D 577 -42.57 -33.10 -1.42
C LEU D 577 -43.26 -32.59 -0.15
N PRO D 578 -42.55 -31.83 0.68
CA PRO D 578 -43.14 -31.40 1.97
C PRO D 578 -44.48 -30.69 1.85
N THR D 579 -44.68 -29.89 0.79
CA THR D 579 -45.96 -29.20 0.64
C THR D 579 -47.10 -30.19 0.44
N LEU D 580 -46.92 -31.14 -0.48
CA LEU D 580 -47.91 -32.21 -0.65
C LEU D 580 -48.12 -32.98 0.65
N TYR D 581 -47.01 -33.33 1.32
CA TYR D 581 -47.10 -34.03 2.59
C TYR D 581 -47.88 -33.23 3.63
N ALA D 582 -47.69 -31.91 3.66
CA ALA D 582 -48.33 -31.08 4.67
C ALA D 582 -49.84 -30.98 4.45
N GLU D 583 -50.29 -31.04 3.19
CA GLU D 583 -51.71 -30.99 2.91
C GLU D 583 -52.48 -32.06 3.67
N ASP D 584 -51.89 -33.25 3.82
CA ASP D 584 -52.52 -34.30 4.62
C ASP D 584 -51.44 -35.25 5.13
N PRO D 585 -50.80 -34.93 6.25
CA PRO D 585 -49.78 -35.85 6.79
C PRO D 585 -50.35 -37.15 7.31
N LYS D 586 -51.60 -37.14 7.79
CA LYS D 586 -52.27 -38.38 8.15
C LYS D 586 -52.28 -39.37 7.00
N PHE D 587 -52.48 -38.88 5.77
CA PHE D 587 -52.56 -39.77 4.62
C PHE D 587 -51.18 -40.19 4.12
N TYR D 588 -50.24 -39.24 4.09
CA TYR D 588 -48.88 -39.51 3.61
C TYR D 588 -47.94 -39.89 4.75
N GLU D 589 -48.45 -40.56 5.78
CA GLU D 589 -47.74 -40.78 7.03
C GLU D 589 -46.31 -41.28 6.79
N ASP D 590 -46.17 -42.44 6.17
CA ASP D 590 -44.87 -42.99 5.83
C ASP D 590 -44.76 -43.28 4.33
N MET D 591 -45.63 -42.67 3.53
CA MET D 591 -45.65 -42.91 2.10
C MET D 591 -44.36 -42.38 1.45
N ARG D 592 -43.89 -43.12 0.45
CA ARG D 592 -42.73 -42.71 -0.33
C ARG D 592 -43.18 -42.25 -1.72
N ILE D 593 -42.27 -41.57 -2.42
CA ILE D 593 -42.63 -40.91 -3.67
C ILE D 593 -43.15 -41.91 -4.71
N GLN D 594 -42.56 -43.10 -4.77
CA GLN D 594 -42.96 -44.07 -5.77
C GLN D 594 -44.40 -44.52 -5.56
N GLU D 595 -44.79 -44.76 -4.30
CA GLU D 595 -46.17 -45.14 -4.01
C GLU D 595 -47.15 -44.06 -4.47
N VAL D 596 -46.88 -42.81 -4.10
CA VAL D 596 -47.76 -41.70 -4.47
C VAL D 596 -47.86 -41.59 -5.99
N SER D 597 -46.73 -41.62 -6.68
CA SER D 597 -46.73 -41.50 -8.14
C SER D 597 -47.45 -42.66 -8.79
N GLU D 598 -47.07 -43.89 -8.45
CA GLU D 598 -47.65 -45.07 -9.10
C GLU D 598 -49.15 -45.17 -8.84
N ARG D 599 -49.62 -44.77 -7.66
CA ARG D 599 -51.05 -44.78 -7.39
C ARG D 599 -51.79 -43.80 -8.28
N LEU D 600 -51.18 -42.64 -8.55
CA LEU D 600 -51.78 -41.68 -9.48
C LEU D 600 -51.77 -42.23 -10.90
N HIS D 601 -50.65 -42.80 -11.32
CA HIS D 601 -50.58 -43.44 -12.63
C HIS D 601 -51.59 -44.57 -12.76
N GLN D 602 -51.79 -45.33 -11.68
CA GLN D 602 -52.76 -46.42 -11.71
C GLN D 602 -54.18 -45.91 -11.93
N TYR D 603 -54.54 -44.82 -11.26
CA TYR D 603 -55.90 -44.30 -11.41
C TYR D 603 -56.14 -43.68 -12.76
N MET D 604 -55.09 -43.18 -13.42
CA MET D 604 -55.25 -42.71 -14.79
C MET D 604 -55.34 -43.89 -15.75
N LYS D 605 -54.55 -44.94 -15.52
CA LYS D 605 -54.69 -46.15 -16.32
C LYS D 605 -56.05 -46.80 -16.10
N GLU D 606 -56.58 -46.73 -14.88
CA GLU D 606 -57.89 -47.31 -14.61
C GLU D 606 -59.00 -46.47 -15.24
N ALA D 607 -58.92 -45.14 -15.12
CA ALA D 607 -59.87 -44.27 -15.78
C ALA D 607 -59.70 -44.27 -17.30
N ASN D 608 -58.56 -44.74 -17.80
CA ASN D 608 -58.26 -44.74 -19.23
C ASN D 608 -58.26 -43.32 -19.77
N LEU D 609 -57.64 -42.40 -19.01
CA LEU D 609 -57.78 -40.98 -19.27
C LEU D 609 -57.18 -40.51 -20.59
N PRO D 610 -55.93 -40.89 -20.98
CA PRO D 610 -55.32 -40.29 -22.18
C PRO D 610 -56.16 -40.39 -23.44
N ASN D 611 -56.56 -41.59 -23.85
CA ASN D 611 -57.39 -41.73 -25.03
C ASN D 611 -58.82 -41.23 -24.80
N LEU D 612 -59.25 -41.12 -23.54
CA LEU D 612 -60.50 -40.44 -23.24
C LEU D 612 -60.40 -38.96 -23.61
N MET D 613 -59.33 -38.29 -23.16
CA MET D 613 -59.08 -36.92 -23.57
C MET D 613 -58.89 -36.80 -25.07
N TYR D 614 -58.32 -37.84 -25.70
CA TYR D 614 -58.15 -37.85 -27.14
C TYR D 614 -59.49 -37.76 -27.87
N HIS D 615 -60.35 -38.76 -27.69
CA HIS D 615 -61.62 -38.79 -28.41
C HIS D 615 -62.58 -37.71 -27.94
N ALA D 616 -62.34 -37.11 -26.78
CA ALA D 616 -63.21 -36.03 -26.32
C ALA D 616 -63.07 -34.81 -27.22
N PHE D 617 -61.86 -34.30 -27.39
CA PHE D 617 -61.65 -33.09 -28.16
C PHE D 617 -61.59 -33.33 -29.67
N ASN D 618 -61.59 -34.59 -30.11
CA ASN D 618 -61.61 -34.89 -31.53
C ASN D 618 -63.00 -34.99 -32.12
N VAL D 619 -64.05 -34.92 -31.30
CA VAL D 619 -65.40 -34.82 -31.79
C VAL D 619 -65.89 -33.40 -31.57
N LEU D 620 -66.86 -33.00 -32.38
CA LEU D 620 -67.41 -31.64 -32.34
C LEU D 620 -68.91 -31.73 -32.11
N PRO D 621 -69.43 -31.16 -31.03
CA PRO D 621 -70.82 -31.42 -30.66
C PRO D 621 -71.81 -30.59 -31.47
N GLU D 622 -72.98 -31.19 -31.69
CA GLU D 622 -74.08 -30.54 -32.38
C GLU D 622 -74.34 -29.15 -31.82
N GLN D 623 -74.10 -28.11 -32.62
CA GLN D 623 -74.34 -26.74 -32.17
C GLN D 623 -75.83 -26.43 -32.34
N GLN D 624 -76.52 -26.26 -31.21
CA GLN D 624 -77.95 -26.02 -31.21
C GLN D 624 -78.28 -24.54 -31.40
N LEU D 625 -77.49 -23.66 -30.80
CA LEU D 625 -77.80 -22.24 -30.80
C LEU D 625 -76.51 -21.43 -30.81
N ASN D 626 -76.55 -20.28 -31.47
CA ASN D 626 -75.51 -19.27 -31.50
C ASN D 626 -74.93 -19.05 -30.11
N PRO D 627 -73.59 -19.05 -29.97
CA PRO D 627 -73.00 -18.69 -28.67
C PRO D 627 -73.51 -17.37 -28.14
N HIS D 628 -73.67 -16.37 -29.04
CA HIS D 628 -74.25 -15.10 -28.67
C HIS D 628 -75.64 -15.29 -28.06
N ARG D 629 -76.52 -15.98 -28.77
CA ARG D 629 -77.90 -16.12 -28.31
C ARG D 629 -78.01 -17.00 -27.07
N ALA D 630 -77.09 -17.96 -26.90
CA ALA D 630 -77.06 -18.75 -25.68
C ALA D 630 -76.82 -17.87 -24.46
N PHE D 631 -75.81 -17.00 -24.54
CA PHE D 631 -75.55 -16.05 -23.46
C PHE D 631 -76.75 -15.14 -23.23
N GLN D 632 -77.38 -14.69 -24.33
CA GLN D 632 -78.59 -13.87 -24.23
C GLN D 632 -79.67 -14.53 -23.40
N LYS D 633 -79.77 -15.87 -23.46
CA LYS D 633 -80.75 -16.58 -22.67
C LYS D 633 -80.44 -16.54 -21.18
N LEU D 634 -79.16 -16.45 -20.82
CA LEU D 634 -78.79 -16.26 -19.42
C LEU D 634 -79.33 -14.94 -18.89
N LEU D 635 -79.08 -13.87 -19.64
CA LEU D 635 -79.62 -12.56 -19.30
C LEU D 635 -81.13 -12.60 -19.18
N LYS D 636 -81.82 -13.00 -20.26
CA LYS D 636 -83.27 -13.05 -20.26
C LYS D 636 -83.82 -14.01 -19.20
N GLY D 637 -83.04 -14.98 -18.75
CA GLY D 637 -83.40 -15.82 -17.63
C GLY D 637 -83.82 -17.24 -17.98
N LYS D 638 -84.18 -17.49 -19.24
CA LYS D 638 -84.72 -18.80 -19.60
C LYS D 638 -83.63 -19.87 -19.59
N VAL D 639 -83.37 -20.43 -18.41
CA VAL D 639 -82.31 -21.43 -18.22
C VAL D 639 -82.52 -22.11 -16.87
N LYS D 640 -82.27 -23.42 -16.80
CA LYS D 640 -82.42 -24.17 -15.56
C LYS D 640 -81.15 -24.99 -15.31
N LYS D 641 -80.88 -25.24 -14.03
CA LYS D 641 -79.65 -25.90 -13.59
C LYS D 641 -79.92 -27.38 -13.33
N VAL D 642 -79.22 -28.24 -14.05
CA VAL D 642 -79.36 -29.70 -13.94
C VAL D 642 -77.96 -30.30 -13.79
N PRO D 643 -77.81 -31.48 -13.19
CA PRO D 643 -76.46 -32.00 -12.92
C PRO D 643 -75.69 -32.35 -14.19
N LEU D 644 -74.38 -32.48 -14.01
CA LEU D 644 -73.47 -32.73 -15.13
C LEU D 644 -73.85 -33.99 -15.90
N ALA D 645 -74.15 -35.07 -15.17
CA ALA D 645 -74.70 -36.27 -15.81
C ALA D 645 -75.85 -35.94 -16.76
N GLU D 646 -76.80 -35.14 -16.29
CA GLU D 646 -78.00 -34.82 -17.04
C GLU D 646 -77.76 -33.77 -18.14
N LEU D 647 -76.51 -33.38 -18.38
CA LEU D 647 -76.21 -32.51 -19.51
C LEU D 647 -76.46 -33.20 -20.84
N TYR D 648 -76.37 -34.54 -20.85
CA TYR D 648 -76.66 -35.33 -22.04
C TYR D 648 -77.98 -34.94 -22.69
N GLU D 649 -77.95 -34.79 -24.01
CA GLU D 649 -79.10 -34.46 -24.86
C GLU D 649 -79.69 -33.08 -24.57
N HIS D 650 -79.01 -32.26 -23.77
CA HIS D 650 -79.45 -30.91 -23.47
C HIS D 650 -78.47 -29.90 -24.06
N THR D 651 -78.90 -28.64 -24.09
CA THR D 651 -78.13 -27.57 -24.70
C THR D 651 -77.44 -26.76 -23.61
N SER D 652 -76.11 -26.74 -23.64
CA SER D 652 -75.34 -26.04 -22.62
C SER D 652 -75.53 -24.53 -22.74
N ALA D 653 -75.71 -23.88 -21.60
CA ALA D 653 -75.88 -22.44 -21.56
C ALA D 653 -74.56 -21.68 -21.39
N VAL D 654 -73.50 -22.36 -20.94
CA VAL D 654 -72.22 -21.72 -20.65
C VAL D 654 -71.09 -22.58 -21.19
N MET D 655 -69.91 -21.99 -21.29
CA MET D 655 -68.73 -22.70 -21.75
C MET D 655 -68.23 -23.66 -20.68
N ILE D 656 -67.81 -24.86 -21.09
CA ILE D 656 -67.20 -25.84 -20.22
C ILE D 656 -65.70 -25.86 -20.52
N LEU D 657 -64.89 -25.83 -19.47
CA LEU D 657 -63.43 -25.65 -19.61
C LEU D 657 -62.72 -26.53 -18.60
N PRO D 658 -62.38 -27.76 -18.99
CA PRO D 658 -61.72 -28.66 -18.05
C PRO D 658 -60.21 -28.43 -17.98
N TYR D 659 -59.68 -28.53 -16.76
CA TYR D 659 -58.25 -28.57 -16.51
C TYR D 659 -57.91 -29.89 -15.83
N PRO D 660 -57.15 -30.79 -16.48
CA PRO D 660 -56.55 -30.72 -17.82
C PRO D 660 -57.57 -30.84 -18.94
N PRO D 661 -57.20 -30.51 -20.19
CA PRO D 661 -55.89 -29.99 -20.64
C PRO D 661 -55.84 -28.47 -20.72
N GLY D 662 -56.87 -27.80 -20.21
CA GLY D 662 -56.97 -26.37 -20.35
C GLY D 662 -57.41 -25.95 -21.73
N ILE D 663 -58.48 -26.55 -22.21
CA ILE D 663 -59.00 -26.32 -23.55
C ILE D 663 -60.52 -26.30 -23.49
N PRO D 664 -61.18 -25.36 -24.15
CA PRO D 664 -62.65 -25.40 -24.23
C PRO D 664 -63.13 -26.71 -24.81
N VAL D 665 -64.04 -27.37 -24.09
CA VAL D 665 -64.64 -28.61 -24.56
C VAL D 665 -65.90 -28.34 -25.37
N ILE D 666 -66.77 -27.47 -24.84
CA ILE D 666 -68.01 -27.07 -25.51
C ILE D 666 -68.21 -25.58 -25.29
N PHE D 667 -68.78 -24.93 -26.28
CA PHE D 667 -69.13 -23.52 -26.21
C PHE D 667 -70.60 -23.35 -25.82
N PRO D 668 -70.99 -22.16 -25.38
CA PRO D 668 -72.41 -21.91 -25.12
C PRO D 668 -73.26 -22.17 -26.34
N GLY D 669 -74.40 -22.81 -26.13
CA GLY D 669 -75.34 -23.09 -27.20
C GLY D 669 -75.19 -24.44 -27.85
N GLU D 670 -74.08 -25.13 -27.64
CA GLU D 670 -73.87 -26.45 -28.21
C GLU D 670 -74.54 -27.52 -27.35
N LYS D 671 -74.84 -28.66 -27.97
CA LYS D 671 -75.58 -29.73 -27.32
C LYS D 671 -74.83 -31.04 -27.47
N ILE D 672 -74.83 -31.84 -26.39
CA ILE D 672 -74.23 -33.16 -26.39
C ILE D 672 -75.27 -34.17 -26.84
N THR D 673 -74.86 -35.13 -27.67
CA THR D 673 -75.73 -36.22 -28.09
C THR D 673 -74.99 -37.55 -27.97
N GLU D 674 -75.58 -38.62 -28.51
CA GLU D 674 -74.86 -39.88 -28.66
C GLU D 674 -73.53 -39.67 -29.38
N GLU D 675 -73.58 -38.94 -30.49
CA GLU D 675 -72.38 -38.64 -31.27
C GLU D 675 -71.28 -38.02 -30.42
N SER D 676 -71.63 -37.07 -29.55
CA SER D 676 -70.67 -36.35 -28.73
C SER D 676 -70.69 -36.80 -27.27
N LYS D 677 -71.09 -38.05 -27.03
CA LYS D 677 -71.07 -38.60 -25.67
C LYS D 677 -69.67 -38.59 -25.07
N VAL D 678 -68.64 -38.81 -25.89
CA VAL D 678 -67.24 -38.89 -25.48
C VAL D 678 -66.88 -37.79 -24.49
N ILE D 679 -67.27 -36.55 -24.80
CA ILE D 679 -66.85 -35.42 -23.98
C ILE D 679 -67.50 -35.49 -22.60
N LEU D 680 -68.76 -35.92 -22.52
CA LEU D 680 -69.43 -35.97 -21.23
C LEU D 680 -68.90 -37.12 -20.37
N ASP D 681 -68.51 -38.23 -21.01
CA ASP D 681 -67.82 -39.30 -20.30
C ASP D 681 -66.52 -38.80 -19.68
N PHE D 682 -65.71 -38.10 -20.49
CA PHE D 682 -64.46 -37.53 -20.00
C PHE D 682 -64.71 -36.59 -18.82
N LEU D 683 -65.74 -35.75 -18.90
CA LEU D 683 -66.06 -34.84 -17.82
C LEU D 683 -66.40 -35.61 -16.54
N LEU D 684 -67.39 -36.50 -16.61
CA LEU D 684 -67.78 -37.27 -15.43
C LEU D 684 -66.61 -38.04 -14.84
N MET D 685 -65.68 -38.49 -15.68
CA MET D 685 -64.49 -39.17 -15.20
C MET D 685 -63.60 -38.22 -14.41
N LEU D 686 -63.43 -36.99 -14.90
CA LEU D 686 -62.60 -36.01 -14.20
C LEU D 686 -63.05 -35.79 -12.76
N GLU D 687 -64.34 -35.95 -12.48
CA GLU D 687 -64.83 -35.86 -11.11
C GLU D 687 -64.25 -36.95 -10.22
N LYS D 688 -64.56 -38.21 -10.53
CA LYS D 688 -64.07 -39.34 -9.74
C LYS D 688 -62.55 -39.28 -9.57
N ILE D 689 -61.83 -39.04 -10.67
CA ILE D 689 -60.37 -39.06 -10.60
C ILE D 689 -59.83 -37.84 -9.83
N GLY D 690 -60.53 -36.71 -9.89
CA GLY D 690 -60.05 -35.53 -9.21
C GLY D 690 -60.16 -35.61 -7.70
N SER D 691 -61.14 -36.37 -7.19
CA SER D 691 -61.29 -36.56 -5.76
C SER D 691 -60.14 -37.38 -5.17
N MET D 692 -59.94 -38.59 -5.69
CA MET D 692 -59.27 -39.67 -4.97
C MET D 692 -57.99 -39.26 -4.26
N LEU D 693 -56.96 -38.84 -5.00
CA LEU D 693 -55.70 -38.67 -4.28
C LEU D 693 -55.58 -37.24 -3.77
N PRO D 694 -55.24 -37.05 -2.49
CA PRO D 694 -55.17 -35.69 -1.94
C PRO D 694 -53.96 -34.94 -2.46
N GLY D 695 -54.17 -33.65 -2.72
CA GLY D 695 -53.15 -32.80 -3.29
C GLY D 695 -53.12 -32.77 -4.80
N PHE D 696 -53.66 -33.80 -5.45
CA PHE D 696 -53.82 -33.83 -6.90
C PHE D 696 -55.30 -33.64 -7.19
N ASP D 697 -55.63 -32.51 -7.81
CA ASP D 697 -57.02 -32.09 -8.00
C ASP D 697 -57.32 -31.93 -9.48
N THR D 698 -58.61 -31.75 -9.77
CA THR D 698 -59.09 -31.43 -11.11
C THR D 698 -60.07 -30.28 -11.03
N ASP D 699 -60.18 -29.52 -12.12
CA ASP D 699 -61.06 -28.38 -12.19
C ASP D 699 -61.79 -28.37 -13.53
N ILE D 700 -63.06 -27.97 -13.50
CA ILE D 700 -63.86 -27.80 -14.70
C ILE D 700 -64.63 -26.50 -14.57
N HIS D 701 -64.19 -25.46 -15.27
CA HIS D 701 -64.88 -24.17 -15.22
C HIS D 701 -66.19 -24.24 -15.99
N GLY D 702 -67.26 -23.72 -15.38
CA GLY D 702 -68.55 -23.68 -16.02
C GLY D 702 -69.68 -24.31 -15.21
N PRO D 703 -69.45 -25.49 -14.64
CA PRO D 703 -70.42 -26.07 -13.71
C PRO D 703 -70.32 -25.40 -12.35
N GLU D 704 -71.16 -25.88 -11.42
CA GLU D 704 -71.24 -25.30 -10.08
C GLU D 704 -71.31 -26.41 -9.05
N ARG D 705 -70.38 -26.39 -8.09
CA ARG D 705 -70.40 -27.34 -6.99
C ARG D 705 -71.40 -26.88 -5.94
N ALA D 706 -72.43 -27.69 -5.69
CA ALA D 706 -73.52 -27.31 -4.82
C ALA D 706 -73.23 -27.67 -3.37
N LYS D 707 -74.21 -27.42 -2.50
CA LYS D 707 -74.20 -27.93 -1.14
C LYS D 707 -73.86 -29.42 -1.10
N ASP D 708 -74.67 -30.24 -1.77
CA ASP D 708 -74.48 -31.69 -1.79
C ASP D 708 -73.19 -32.13 -2.48
N GLY D 709 -72.43 -31.21 -3.07
CA GLY D 709 -71.21 -31.55 -3.78
C GLY D 709 -71.39 -31.77 -5.27
N LYS D 710 -72.50 -32.41 -5.65
CA LYS D 710 -72.81 -32.63 -7.06
C LYS D 710 -72.74 -31.32 -7.84
N LEU D 711 -72.29 -31.41 -9.09
CA LEU D 711 -72.02 -30.25 -9.93
C LEU D 711 -73.10 -30.15 -11.00
N TYR D 712 -73.95 -29.14 -10.90
CA TYR D 712 -74.98 -28.89 -11.90
C TYR D 712 -74.51 -27.87 -12.93
N ILE D 713 -74.90 -28.10 -14.18
CA ILE D 713 -74.74 -27.14 -15.26
C ILE D 713 -76.11 -26.55 -15.57
N LYS D 714 -76.12 -25.28 -15.94
CA LYS D 714 -77.33 -24.60 -16.36
C LYS D 714 -77.56 -24.86 -17.84
N VAL D 715 -78.75 -25.37 -18.17
CA VAL D 715 -79.11 -25.67 -19.55
C VAL D 715 -80.27 -24.78 -19.97
N ILE D 716 -80.42 -24.63 -21.28
CA ILE D 716 -81.18 -23.52 -21.83
C ILE D 716 -82.68 -23.81 -21.79
N ASP D 717 -83.47 -22.73 -21.77
CA ASP D 717 -84.92 -22.77 -21.77
C ASP D 717 -85.51 -23.77 -20.78
N GLU E 1 23.43 19.59 22.84
CA GLU E 1 22.34 20.38 23.38
C GLU E 1 21.96 21.53 22.45
N ASN E 2 20.94 21.28 21.62
CA ASN E 2 20.30 22.25 20.73
C ASN E 2 21.26 22.91 19.74
N LEU E 3 22.49 22.40 19.62
CA LEU E 3 23.46 22.88 18.63
C LEU E 3 23.82 21.70 17.74
N TYR E 4 23.44 21.76 16.47
CA TYR E 4 23.59 20.63 15.57
C TYR E 4 23.33 21.09 14.14
N PHE E 5 23.59 20.17 13.20
CA PHE E 5 23.32 20.43 11.79
C PHE E 5 21.82 20.70 11.59
N GLN E 6 21.51 21.28 10.43
CA GLN E 6 20.11 21.43 10.07
C GLN E 6 19.52 20.10 9.61
N GLY E 7 20.08 19.53 8.55
CA GLY E 7 19.68 18.21 8.11
C GLY E 7 20.48 17.14 8.82
N LYS E 8 20.22 16.94 10.11
CA LYS E 8 20.89 15.88 10.86
C LYS E 8 20.44 14.54 10.30
N THR E 9 21.30 13.90 9.52
CA THR E 9 21.00 12.58 8.99
C THR E 9 21.92 11.54 9.63
N VAL E 10 21.34 10.39 9.93
CA VAL E 10 22.08 9.22 10.40
C VAL E 10 21.89 8.11 9.38
N VAL E 11 23.01 7.59 8.87
CA VAL E 11 22.98 6.64 7.77
C VAL E 11 22.94 5.23 8.34
N PHE E 12 21.79 4.56 8.19
CA PHE E 12 21.71 3.13 8.41
C PHE E 12 22.14 2.42 7.13
N VAL E 13 23.14 1.56 7.22
CA VAL E 13 23.59 0.77 6.08
C VAL E 13 23.71 -0.68 6.56
N TYR E 14 22.66 -1.45 6.34
CA TYR E 14 22.66 -2.88 6.63
C TYR E 14 22.38 -3.64 5.35
N LYS E 15 23.10 -4.74 5.15
CA LYS E 15 22.96 -5.51 3.93
C LYS E 15 21.52 -5.97 3.76
N ASP E 16 20.92 -5.59 2.62
CA ASP E 16 19.61 -6.08 2.27
C ASP E 16 19.61 -7.60 2.35
N THR E 17 18.43 -8.17 2.65
CA THR E 17 18.27 -9.57 3.04
C THR E 17 18.92 -9.84 4.40
N LEU E 18 18.67 -8.94 5.36
CA LEU E 18 19.04 -9.19 6.75
C LEU E 18 18.15 -10.26 7.35
N LYS E 19 18.45 -10.64 8.59
CA LYS E 19 17.52 -11.46 9.36
C LYS E 19 16.33 -10.63 9.80
N SER E 20 15.20 -11.29 10.03
CA SER E 20 13.97 -10.59 10.36
C SER E 20 14.12 -9.79 11.66
N TYR E 21 14.67 -10.41 12.70
CA TYR E 21 14.77 -9.73 13.98
C TYR E 21 15.84 -8.63 13.96
N LYS E 22 16.85 -8.77 13.09
CA LYS E 22 17.83 -7.69 12.94
C LYS E 22 17.24 -6.51 12.17
N GLU E 23 16.34 -6.78 11.22
CA GLU E 23 15.62 -5.71 10.55
C GLU E 23 14.79 -4.90 11.54
N LYS E 24 14.01 -5.59 12.38
CA LYS E 24 13.16 -4.90 13.35
C LYS E 24 13.99 -4.08 14.32
N PHE E 25 15.17 -4.59 14.69
CA PHE E 25 16.01 -3.89 15.66
C PHE E 25 16.48 -2.55 15.12
N LEU E 26 17.13 -2.55 13.95
CA LEU E 26 17.66 -1.32 13.38
C LEU E 26 16.54 -0.33 13.04
N LEU E 27 15.35 -0.83 12.72
CA LEU E 27 14.23 0.07 12.44
C LEU E 27 13.65 0.64 13.72
N LYS E 28 13.62 -0.14 14.80
CA LYS E 28 13.11 0.36 16.07
C LYS E 28 13.95 1.51 16.59
N ILE E 29 15.27 1.46 16.36
CA ILE E 29 16.14 2.57 16.74
C ILE E 29 16.21 3.64 15.66
N GLU E 30 15.76 3.35 14.44
CA GLU E 30 15.62 4.40 13.44
C GLU E 30 14.42 5.28 13.76
N LYS E 31 13.25 4.66 14.00
CA LYS E 31 12.08 5.41 14.42
C LYS E 31 12.36 6.18 15.71
N ASP E 32 12.96 5.52 16.70
CA ASP E 32 13.29 6.19 17.95
C ASP E 32 14.19 7.40 17.72
N LEU E 33 15.17 7.26 16.81
CA LEU E 33 16.03 8.40 16.49
C LEU E 33 15.26 9.50 15.78
N LYS E 34 14.27 9.14 14.97
CA LYS E 34 13.47 10.15 14.28
C LYS E 34 12.51 10.85 15.24
N ASN E 35 11.69 10.08 15.96
CA ASN E 35 10.61 10.67 16.73
C ASN E 35 11.08 11.35 18.01
N HIS E 36 12.25 10.96 18.53
CA HIS E 36 12.92 11.71 19.58
C HIS E 36 14.09 12.48 18.95
N HIS E 37 14.20 13.76 19.31
CA HIS E 37 15.26 14.67 18.84
C HIS E 37 15.44 14.61 17.31
N GLU E 38 14.32 14.48 16.60
CA GLU E 38 14.18 14.87 15.20
C GLU E 38 15.38 14.63 14.29
N TYR E 39 15.75 13.37 14.08
CA TYR E 39 16.83 13.04 13.15
C TYR E 39 16.29 12.75 11.76
N TYR E 40 17.19 12.74 10.78
CA TYR E 40 16.89 12.31 9.43
C TYR E 40 17.67 11.02 9.17
N THR E 41 17.18 10.20 8.24
CA THR E 41 17.74 8.87 8.07
C THR E 41 17.93 8.53 6.61
N LEU E 42 19.08 7.92 6.31
CA LEU E 42 19.34 7.23 5.04
C LEU E 42 19.44 5.73 5.29
N LYS E 43 18.96 4.95 4.33
CA LYS E 43 19.23 3.52 4.29
C LYS E 43 19.99 3.22 3.00
N LEU E 44 21.09 2.46 3.14
CA LEU E 44 21.94 2.13 2.00
C LEU E 44 22.24 0.63 2.02
N ASP E 45 22.84 0.17 0.92
CA ASP E 45 23.12 -1.26 0.75
C ASP E 45 24.56 -1.64 1.07
N ASP E 46 25.48 -0.69 1.05
CA ASP E 46 26.87 -0.98 1.38
C ASP E 46 27.58 0.32 1.75
N LEU E 47 28.70 0.16 2.46
CA LEU E 47 29.45 1.30 2.95
C LEU E 47 30.10 2.10 1.82
N SER E 48 30.39 1.45 0.69
CA SER E 48 30.97 2.14 -0.45
C SER E 48 30.14 3.36 -0.86
N GLU E 49 28.82 3.27 -0.73
CA GLU E 49 27.96 4.42 -1.01
C GLU E 49 28.24 5.55 -0.04
N VAL E 50 28.54 5.23 1.22
CA VAL E 50 28.69 6.27 2.25
C VAL E 50 29.88 7.16 1.93
N VAL E 51 31.02 6.56 1.59
CA VAL E 51 32.21 7.36 1.25
C VAL E 51 31.93 8.25 0.04
N GLU E 52 31.09 7.78 -0.89
CA GLU E 52 30.62 8.63 -1.98
C GLU E 52 29.88 9.84 -1.44
N ILE E 53 28.93 9.61 -0.53
CA ILE E 53 28.08 10.68 -0.02
C ILE E 53 28.89 11.65 0.84
N LEU E 54 29.79 11.11 1.66
CA LEU E 54 30.55 11.95 2.59
C LEU E 54 31.36 13.02 1.87
N GLU E 55 31.82 12.75 0.66
CA GLU E 55 32.59 13.74 -0.09
C GLU E 55 31.70 14.77 -0.78
N GLU E 56 30.40 14.70 -0.58
CA GLU E 56 29.44 15.65 -1.15
C GLU E 56 28.56 16.28 -0.08
N ASN E 57 28.14 15.50 0.92
CA ASN E 57 27.30 15.98 2.00
C ASN E 57 27.99 15.64 3.31
N SER E 58 28.19 16.66 4.16
CA SER E 58 28.86 16.48 5.44
C SER E 58 27.91 16.70 6.61
N ARG E 59 26.61 16.74 6.36
CA ARG E 59 25.61 16.79 7.41
C ARG E 59 25.11 15.42 7.80
N ILE E 60 25.73 14.34 7.32
CA ILE E 60 25.54 13.04 7.94
C ILE E 60 26.40 13.02 9.20
N CYS E 61 25.82 12.57 10.31
CA CYS E 61 26.47 12.74 11.59
C CYS E 61 26.56 11.45 12.40
N CYS E 62 26.32 10.31 11.76
CA CYS E 62 26.50 8.99 12.38
C CYS E 62 26.25 7.90 11.36
N ILE E 63 26.95 6.77 11.51
CA ILE E 63 26.78 5.60 10.64
C ILE E 63 26.56 4.40 11.55
N VAL E 64 25.38 3.82 11.50
CA VAL E 64 25.07 2.59 12.22
C VAL E 64 24.84 1.49 11.18
N LEU E 65 25.70 0.48 11.20
CA LEU E 65 25.69 -0.57 10.19
C LEU E 65 25.62 -1.94 10.83
N ASP E 66 24.89 -2.86 10.19
CA ASP E 66 24.97 -4.26 10.57
C ASP E 66 26.33 -4.81 10.19
N ARG E 67 26.79 -5.81 10.95
CA ARG E 67 28.15 -6.29 10.77
C ARG E 67 28.37 -6.91 9.39
N ALA E 68 27.31 -7.41 8.75
CA ALA E 68 27.44 -7.89 7.37
C ALA E 68 28.04 -6.83 6.45
N SER E 69 27.59 -5.59 6.57
CA SER E 69 28.01 -4.51 5.69
C SER E 69 29.36 -3.93 6.06
N PHE E 70 30.05 -4.50 7.04
CA PHE E 70 31.39 -4.05 7.42
C PHE E 70 32.31 -4.17 6.22
N ASN E 71 33.08 -3.11 5.95
CA ASN E 71 34.00 -3.06 4.83
C ASN E 71 35.30 -2.45 5.28
N ILE E 72 36.40 -3.18 5.08
CA ILE E 72 37.72 -2.72 5.51
C ILE E 72 38.10 -1.45 4.76
N GLU E 73 37.84 -1.41 3.45
CA GLU E 73 38.24 -0.28 2.63
C GLU E 73 37.54 1.00 3.07
N ALA E 74 36.21 0.97 3.11
CA ALA E 74 35.42 2.15 3.47
C ALA E 74 35.87 2.75 4.80
N PHE E 75 36.23 1.92 5.78
CA PHE E 75 36.67 2.44 7.06
C PHE E 75 38.03 3.14 6.96
N HIS E 76 38.91 2.67 6.08
CA HIS E 76 40.12 3.41 5.81
C HIS E 76 39.81 4.75 5.15
N ASN E 77 38.83 4.76 4.24
CA ASN E 77 38.46 6.01 3.57
C ASN E 77 37.72 6.95 4.53
N ILE E 78 36.80 6.40 5.33
CA ILE E 78 36.12 7.21 6.33
C ILE E 78 37.11 7.79 7.32
N ALA E 79 38.15 7.01 7.66
CA ALA E 79 39.21 7.51 8.53
C ALA E 79 39.84 8.78 7.96
N HIS E 80 40.19 8.76 6.69
CA HIS E 80 40.83 9.90 6.05
C HIS E 80 39.86 11.02 5.71
N LEU E 81 38.57 10.83 6.00
CA LEU E 81 37.57 11.87 5.80
C LEU E 81 37.09 12.50 7.11
N ASN E 82 36.78 11.69 8.12
CA ASN E 82 36.28 12.23 9.39
C ASN E 82 36.59 11.19 10.47
N THR E 83 37.62 11.45 11.27
CA THR E 83 37.95 10.53 12.36
C THR E 83 36.93 10.62 13.49
N LYS E 84 36.36 11.79 13.73
CA LYS E 84 35.43 12.00 14.83
C LYS E 84 34.02 11.51 14.53
N LEU E 85 33.72 11.13 13.30
CA LEU E 85 32.36 10.76 12.92
C LEU E 85 31.90 9.51 13.66
N PRO E 86 30.80 9.57 14.41
CA PRO E 86 30.33 8.38 15.14
C PRO E 86 29.98 7.22 14.20
N ILE E 87 30.50 6.04 14.51
CA ILE E 87 30.21 4.82 13.78
C ILE E 87 29.69 3.77 14.77
N PHE E 88 28.70 2.99 14.35
CA PHE E 88 28.10 1.96 15.17
C PHE E 88 27.97 0.68 14.36
N VAL E 89 28.48 -0.43 14.90
CA VAL E 89 28.40 -1.73 14.25
C VAL E 89 27.50 -2.63 15.10
N ALA E 90 26.34 -2.98 14.55
CA ALA E 90 25.40 -3.88 15.23
C ALA E 90 25.70 -5.32 14.81
N SER E 91 25.95 -6.18 15.78
CA SER E 91 26.25 -7.58 15.50
C SER E 91 25.72 -8.45 16.63
N ASP E 92 25.43 -9.71 16.31
CA ASP E 92 25.06 -10.67 17.32
C ASP E 92 26.30 -11.28 17.96
N TYR E 93 26.08 -12.25 18.84
CA TYR E 93 27.16 -12.95 19.56
C TYR E 93 27.85 -13.98 18.67
N SER E 94 28.45 -13.52 17.57
CA SER E 94 29.02 -14.47 16.62
C SER E 94 30.39 -14.14 16.04
N GLN E 95 30.83 -12.87 16.02
CA GLN E 95 31.95 -12.49 15.15
C GLN E 95 32.85 -11.48 15.84
N SER E 96 34.16 -11.71 15.76
CA SER E 96 35.17 -10.83 16.32
C SER E 96 35.73 -9.90 15.23
N ILE E 97 36.62 -9.00 15.65
CA ILE E 97 36.91 -7.79 14.87
C ILE E 97 37.87 -8.09 13.72
N LYS E 98 37.84 -7.20 12.73
CA LYS E 98 38.88 -7.16 11.70
C LYS E 98 40.06 -6.31 12.17
N LEU E 99 41.27 -6.80 11.90
CA LEU E 99 42.47 -6.26 12.53
C LEU E 99 42.85 -4.87 12.01
N ASN E 100 42.39 -4.49 10.81
CA ASN E 100 42.70 -3.18 10.26
C ASN E 100 42.42 -2.05 11.25
N LEU E 101 41.40 -2.22 12.10
CA LEU E 101 40.90 -1.13 12.93
C LEU E 101 41.73 -0.92 14.19
N ARG E 102 42.51 -1.92 14.60
CA ARG E 102 43.53 -1.72 15.63
C ARG E 102 44.26 -0.39 15.47
N ASP E 103 44.77 -0.13 14.26
CA ASP E 103 45.47 1.12 14.01
C ASP E 103 44.51 2.28 13.75
N PHE E 104 43.45 2.03 12.97
CA PHE E 104 42.56 3.10 12.57
C PHE E 104 41.84 3.67 13.78
N ASN E 105 41.75 5.00 13.84
CA ASN E 105 41.08 5.71 14.93
C ASN E 105 39.80 6.36 14.40
N LEU E 106 38.71 5.59 14.45
CA LEU E 106 37.38 6.11 14.19
C LEU E 106 36.64 6.30 15.52
N ASN E 107 35.42 6.80 15.43
CA ASN E 107 34.55 6.90 16.61
C ASN E 107 33.60 5.70 16.65
N ILE E 108 34.20 4.51 16.68
CA ILE E 108 33.43 3.28 16.61
C ILE E 108 32.95 2.88 17.99
N ASN E 109 31.67 2.59 18.11
CA ASN E 109 31.10 1.82 19.19
C ASN E 109 30.41 0.61 18.60
N PHE E 110 30.09 -0.37 19.45
CA PHE E 110 29.51 -1.61 18.98
C PHE E 110 28.22 -1.89 19.73
N LEU E 111 27.16 -2.16 18.98
CA LEU E 111 25.88 -2.58 19.52
C LEU E 111 25.71 -4.06 19.35
N GLN E 112 24.94 -4.68 20.24
CA GLN E 112 24.60 -6.09 20.15
C GLN E 112 23.10 -6.25 19.98
N TYR E 113 22.69 -7.18 19.12
CA TYR E 113 21.28 -7.42 18.91
C TYR E 113 20.69 -8.04 20.17
N ASP E 114 19.62 -7.43 20.68
CA ASP E 114 19.09 -7.77 22.00
C ASP E 114 17.73 -7.10 22.14
N ALA E 115 17.17 -7.19 23.35
CA ALA E 115 15.92 -6.50 23.65
C ALA E 115 16.12 -4.98 23.62
N LEU E 116 17.12 -4.49 24.34
CA LEU E 116 17.28 -3.06 24.58
C LEU E 116 17.63 -2.35 23.28
N ALA E 117 16.63 -1.75 22.64
CA ALA E 117 16.80 -0.99 21.41
C ALA E 117 16.75 0.51 21.64
N GLY E 118 15.70 0.99 22.32
CA GLY E 118 15.62 2.40 22.65
C GLY E 118 16.78 2.87 23.52
N GLU E 119 17.33 1.96 24.33
CA GLU E 119 18.57 2.25 25.03
C GLU E 119 19.67 2.65 24.06
N ASP E 120 19.92 1.81 23.05
CA ASP E 120 20.91 2.13 22.03
C ASP E 120 20.57 3.43 21.31
N SER E 121 19.28 3.66 21.04
CA SER E 121 18.87 4.91 20.42
C SER E 121 19.29 6.12 21.26
N ASP E 122 19.17 6.01 22.58
CA ASP E 122 19.66 7.08 23.44
C ASP E 122 21.19 7.12 23.46
N PHE E 123 21.82 5.95 23.45
CA PHE E 123 23.27 5.89 23.42
C PHE E 123 23.81 6.51 22.13
N ILE E 124 23.14 6.27 21.01
CA ILE E 124 23.55 6.86 19.75
C ILE E 124 23.39 8.38 19.79
N HIS E 125 22.26 8.86 20.29
CA HIS E 125 22.02 10.30 20.36
C HIS E 125 23.09 11.01 21.19
N LYS E 126 23.53 10.39 22.29
CA LYS E 126 24.53 11.02 23.13
C LYS E 126 25.86 11.17 22.39
N THR E 127 26.35 10.07 21.80
CA THR E 127 27.62 10.12 21.09
C THR E 127 27.56 11.01 19.86
N ILE E 128 26.35 11.33 19.37
CA ILE E 128 26.23 12.31 18.30
C ILE E 128 26.37 13.73 18.83
N THR E 129 25.62 14.04 19.90
CA THR E 129 25.70 15.38 20.47
C THR E 129 27.10 15.67 21.01
N ASN E 130 27.84 14.64 21.41
CA ASN E 130 29.26 14.82 21.72
C ASN E 130 30.02 15.24 20.48
N TYR E 131 29.80 14.54 19.37
CA TYR E 131 30.43 14.90 18.10
C TYR E 131 30.11 16.34 17.70
N PHE E 132 28.88 16.78 17.96
CA PHE E 132 28.49 18.14 17.57
C PHE E 132 29.20 19.19 18.42
N ASN E 133 29.42 18.89 19.70
CA ASN E 133 30.13 19.83 20.56
C ASN E 133 31.62 19.87 20.25
N ASP E 134 32.19 18.72 19.88
CA ASP E 134 33.63 18.55 19.77
C ASP E 134 34.17 18.85 18.37
N ILE E 135 33.48 19.67 17.58
CA ILE E 135 33.97 20.05 16.25
C ILE E 135 34.09 21.55 16.06
N LEU E 136 33.52 22.37 16.92
CA LEU E 136 33.74 23.80 16.82
C LEU E 136 35.04 24.20 17.51
N PRO E 137 35.74 25.20 16.98
CA PRO E 137 36.92 25.72 17.67
C PRO E 137 36.53 26.49 18.91
N PRO E 138 37.49 26.74 19.83
CA PRO E 138 37.12 27.23 21.18
C PRO E 138 36.28 28.49 21.22
N LEU E 139 36.77 29.59 20.65
CA LEU E 139 36.03 30.85 20.74
C LEU E 139 34.68 30.77 20.05
N THR E 140 34.64 30.20 18.85
CA THR E 140 33.37 30.02 18.14
C THR E 140 32.37 29.25 18.99
N TYR E 141 32.80 28.13 19.56
CA TYR E 141 31.93 27.36 20.45
C TYR E 141 31.46 28.20 21.64
N GLU E 142 32.41 28.89 22.29
CA GLU E 142 32.05 29.77 23.41
C GLU E 142 31.05 30.82 22.97
N LEU E 143 31.31 31.48 21.85
CA LEU E 143 30.39 32.49 21.32
C LEU E 143 29.02 31.90 21.07
N PHE E 144 28.97 30.74 20.39
CA PHE E 144 27.69 30.11 20.08
C PHE E 144 26.93 29.76 21.35
N LYS E 145 27.64 29.27 22.38
CA LYS E 145 26.99 28.90 23.63
C LYS E 145 26.33 30.11 24.29
N TYR E 146 27.06 31.23 24.37
CA TYR E 146 26.51 32.44 24.96
C TYR E 146 25.17 32.82 24.36
N SER E 147 25.03 32.66 23.04
CA SER E 147 23.77 33.00 22.36
C SER E 147 22.57 32.34 23.02
N LYS E 148 22.73 31.12 23.54
CA LYS E 148 21.61 30.39 24.11
C LYS E 148 21.22 30.89 25.50
N SER E 149 22.03 31.72 26.12
CA SER E 149 21.69 32.31 27.41
C SER E 149 20.65 33.42 27.23
N PHE E 150 20.06 33.81 28.36
CA PHE E 150 19.12 34.94 28.42
C PHE E 150 19.64 35.90 29.48
N ASN E 151 20.12 37.06 29.06
CA ASN E 151 21.01 37.86 29.89
C ASN E 151 20.41 39.17 30.40
N SER E 152 19.47 39.77 29.67
CA SER E 152 18.79 41.00 30.13
C SER E 152 19.82 42.10 30.42
N ALA E 153 20.48 42.53 29.35
CA ALA E 153 21.64 43.40 29.44
C ALA E 153 21.24 44.87 29.30
N PHE E 154 22.04 45.74 29.90
CA PHE E 154 21.87 47.19 29.81
C PHE E 154 23.15 47.83 29.30
N CYS E 155 23.69 47.29 28.22
CA CYS E 155 25.04 47.61 27.78
C CYS E 155 25.06 47.67 26.25
N THR E 156 26.28 47.70 25.67
CA THR E 156 26.48 47.71 24.22
C THR E 156 26.62 46.29 23.69
N PRO E 157 26.22 46.03 22.43
CA PRO E 157 25.63 46.96 21.46
C PRO E 157 24.21 47.39 21.81
N GLY E 158 23.76 48.51 21.22
CA GLY E 158 22.48 49.08 21.57
C GLY E 158 21.29 48.22 21.17
N HIS E 159 21.45 47.36 20.16
CA HIS E 159 20.36 46.46 19.80
C HIS E 159 20.15 45.39 20.86
N GLN E 160 21.13 45.16 21.73
CA GLN E 160 21.01 44.31 22.91
C GLN E 160 20.44 42.94 22.55
N GLY E 161 21.15 42.25 21.67
CA GLY E 161 20.78 40.91 21.27
C GLY E 161 19.61 40.82 20.32
N GLY E 162 19.26 41.92 19.65
CA GLY E 162 18.19 41.92 18.66
C GLY E 162 16.95 42.68 19.10
N TYR E 163 16.75 42.84 20.42
CA TYR E 163 15.53 43.43 20.94
C TYR E 163 15.28 44.84 20.40
N GLY E 164 16.33 45.53 19.95
CA GLY E 164 16.14 46.88 19.42
C GLY E 164 15.61 46.93 18.02
N PHE E 165 15.93 45.92 17.21
CA PHE E 165 15.39 45.83 15.85
C PHE E 165 13.89 45.57 15.83
N GLN E 166 13.32 45.02 16.91
CA GLN E 166 11.91 44.64 16.92
C GLN E 166 10.99 45.85 17.07
N ARG E 167 11.47 46.94 17.65
CA ARG E 167 10.60 48.07 17.95
C ARG E 167 10.13 48.80 16.70
N SER E 168 10.86 48.68 15.59
CA SER E 168 10.51 49.35 14.34
C SER E 168 10.28 48.32 13.25
N ALA E 169 9.59 48.76 12.19
CA ALA E 169 9.20 47.83 11.12
C ALA E 169 10.39 47.46 10.26
N VAL E 170 11.06 48.47 9.69
CA VAL E 170 12.25 48.21 8.87
C VAL E 170 13.29 47.43 9.67
N GLY E 171 13.42 47.73 10.95
CA GLY E 171 14.27 46.92 11.81
C GLY E 171 13.88 45.45 11.79
N ALA E 172 12.58 45.17 11.91
CA ALA E 172 12.11 43.79 11.94
C ALA E 172 12.40 43.07 10.63
N LEU E 173 12.22 43.77 9.50
CA LEU E 173 12.53 43.15 8.21
C LEU E 173 14.01 42.83 8.08
N PHE E 174 14.86 43.72 8.59
CA PHE E 174 16.29 43.45 8.62
C PHE E 174 16.60 42.28 9.54
N TYR E 175 16.00 42.29 10.73
CA TYR E 175 16.22 41.21 11.70
C TYR E 175 15.81 39.86 11.12
N ASP E 176 14.61 39.79 10.53
CA ASP E 176 14.11 38.52 10.00
C ASP E 176 14.97 38.03 8.84
N PHE E 177 15.34 38.92 7.93
CA PHE E 177 16.21 38.55 6.81
C PHE E 177 17.47 37.84 7.27
N TYR E 178 18.15 38.39 8.27
CA TYR E 178 19.49 37.91 8.60
C TYR E 178 19.50 36.82 9.66
N GLY E 179 18.52 36.80 10.56
CA GLY E 179 18.43 35.68 11.48
C GLY E 179 18.85 35.97 12.91
N GLU E 180 18.04 35.48 13.84
CA GLU E 180 18.23 35.61 15.28
C GLU E 180 19.68 35.53 15.74
N ASN E 181 20.40 34.50 15.28
CA ASN E 181 21.68 34.14 15.88
C ASN E 181 22.78 35.17 15.60
N ILE E 182 22.77 35.81 14.42
CA ILE E 182 23.81 36.79 14.12
C ILE E 182 23.75 37.96 15.10
N PHE E 183 22.58 38.24 15.65
CA PHE E 183 22.45 39.30 16.64
C PHE E 183 22.74 38.82 18.05
N LYS E 184 22.38 37.57 18.38
CA LYS E 184 22.66 37.04 19.70
C LYS E 184 24.14 36.78 19.92
N THR E 185 24.93 36.71 18.85
CA THR E 185 26.38 36.57 18.95
C THR E 185 27.11 37.87 18.64
N ASP E 186 26.39 38.99 18.68
CA ASP E 186 26.99 40.32 18.48
C ASP E 186 27.27 40.88 19.86
N LEU E 187 28.42 40.52 20.42
CA LEU E 187 28.75 40.84 21.79
C LEU E 187 29.76 41.98 21.85
N SER E 188 30.07 42.41 23.07
CA SER E 188 31.09 43.40 23.34
C SER E 188 31.96 42.92 24.50
N ILE E 189 33.02 43.67 24.79
CA ILE E 189 33.86 43.38 25.94
C ILE E 189 33.06 43.49 27.25
N SER E 190 31.91 44.16 27.21
CA SER E 190 31.07 44.28 28.41
C SER E 190 30.54 42.95 28.91
N MET E 191 30.56 41.91 28.06
CA MET E 191 30.25 40.54 28.49
C MET E 191 31.58 39.83 28.68
N LYS E 192 32.08 39.84 29.92
CA LYS E 192 33.45 39.50 30.23
C LYS E 192 33.79 38.03 30.02
N GLU E 193 32.80 37.19 29.71
CA GLU E 193 33.07 35.75 29.62
C GLU E 193 34.05 35.41 28.48
N LEU E 194 34.11 36.26 27.46
CA LEU E 194 34.98 36.00 26.32
C LEU E 194 36.28 36.81 26.35
N GLY E 195 36.42 37.75 27.28
CA GLY E 195 37.57 38.65 27.26
C GLY E 195 37.54 39.57 26.06
N SER E 196 38.73 40.00 25.63
CA SER E 196 38.85 41.00 24.59
C SER E 196 39.74 40.49 23.46
N LEU E 197 39.51 41.05 22.27
CA LEU E 197 40.40 40.78 21.14
C LEU E 197 41.71 41.54 21.29
N LEU E 198 41.63 42.86 21.53
CA LEU E 198 42.82 43.67 21.64
C LEU E 198 43.67 43.32 22.86
N ASP E 199 43.04 42.71 23.88
CA ASP E 199 43.78 42.20 25.03
C ASP E 199 44.31 40.79 24.82
N HIS E 200 43.72 40.04 23.88
CA HIS E 200 44.02 38.62 23.68
C HIS E 200 43.81 37.84 24.99
N SER E 201 42.55 37.85 25.45
CA SER E 201 42.15 37.30 26.72
C SER E 201 41.53 35.91 26.53
N GLU E 202 40.91 35.40 27.59
CA GLU E 202 40.66 33.98 27.80
C GLU E 202 40.19 33.24 26.55
N ALA E 203 39.03 33.63 26.01
CA ALA E 203 38.54 32.98 24.80
C ALA E 203 39.40 33.34 23.59
N HIS E 204 39.62 34.64 23.38
CA HIS E 204 40.38 35.11 22.21
C HIS E 204 41.77 34.48 22.16
N LYS E 205 42.51 34.52 23.27
CA LYS E 205 43.83 33.89 23.34
C LYS E 205 43.78 32.44 22.84
N ASP E 206 42.82 31.66 23.35
CA ASP E 206 42.68 30.28 22.92
C ASP E 206 42.50 30.17 21.41
N ALA E 207 41.71 31.07 20.82
CA ALA E 207 41.51 31.07 19.38
C ALA E 207 42.81 31.45 18.66
N GLU E 208 43.46 32.52 19.12
CA GLU E 208 44.71 32.96 18.50
C GLU E 208 45.77 31.86 18.54
N GLU E 209 45.89 31.17 19.68
CA GLU E 209 46.85 30.08 19.80
C GLU E 209 46.50 28.92 18.88
N TYR E 210 45.20 28.55 18.83
CA TYR E 210 44.75 27.50 17.93
C TYR E 210 45.19 27.77 16.49
N ILE E 211 44.94 28.99 16.01
CA ILE E 211 45.28 29.35 14.64
C ILE E 211 46.78 29.21 14.39
N SER E 212 47.60 29.77 15.30
CA SER E 212 49.05 29.70 15.13
C SER E 212 49.52 28.26 14.98
N LYS E 213 49.00 27.35 15.81
CA LYS E 213 49.33 25.94 15.69
C LYS E 213 48.85 25.36 14.36
N VAL E 214 47.71 25.84 13.85
CA VAL E 214 47.13 25.24 12.65
C VAL E 214 47.94 25.60 11.42
N PHE E 215 48.33 26.87 11.28
CA PHE E 215 49.05 27.33 10.10
C PHE E 215 50.56 27.20 10.24
N LYS E 216 51.03 26.49 11.25
CA LYS E 216 52.47 26.28 11.48
C LYS E 216 53.18 27.62 11.65
N SER E 217 52.62 28.46 12.53
CA SER E 217 53.09 29.82 12.75
C SER E 217 53.58 29.96 14.19
N ASP E 218 54.64 30.76 14.37
CA ASP E 218 55.13 31.06 15.70
C ASP E 218 54.07 31.80 16.52
N ARG E 219 53.37 32.75 15.90
CA ARG E 219 52.35 33.53 16.57
C ARG E 219 51.41 34.07 15.50
N SER E 220 50.11 34.05 15.79
CA SER E 220 49.12 34.48 14.82
C SER E 220 48.13 35.45 15.45
N LEU E 221 47.66 36.39 14.65
CA LEU E 221 46.74 37.44 15.06
C LEU E 221 45.57 37.47 14.10
N ILE E 222 44.36 37.69 14.62
CA ILE E 222 43.17 37.74 13.79
C ILE E 222 42.78 39.20 13.60
N VAL E 223 42.37 39.53 12.37
CA VAL E 223 42.15 40.91 11.96
C VAL E 223 40.76 40.99 11.37
N THR E 224 39.98 41.99 11.80
CA THR E 224 38.58 42.11 11.42
C THR E 224 38.33 43.31 10.50
N ASN E 225 39.37 43.85 9.88
CA ASN E 225 39.20 44.91 8.89
C ASN E 225 40.08 44.61 7.68
N GLY E 226 40.06 43.36 7.23
CA GLY E 226 40.72 42.99 6.00
C GLY E 226 42.23 42.88 6.14
N THR E 227 42.85 42.25 5.14
CA THR E 227 44.31 42.22 5.06
C THR E 227 44.87 43.64 4.92
N SER E 228 44.14 44.53 4.24
CA SER E 228 44.52 45.93 4.16
C SER E 228 44.90 46.48 5.53
N THR E 229 44.18 46.10 6.58
CA THR E 229 44.53 46.50 7.93
C THR E 229 45.69 45.68 8.47
N ALA E 230 45.71 44.37 8.21
CA ALA E 230 46.81 43.53 8.65
C ALA E 230 48.14 44.01 8.09
N ASN E 231 48.16 44.37 6.80
CA ASN E 231 49.38 44.92 6.19
C ASN E 231 49.87 46.15 6.95
N LYS E 232 48.94 47.05 7.31
CA LYS E 232 49.32 48.27 8.01
C LYS E 232 49.84 47.97 9.41
N ILE E 233 49.25 46.97 10.08
CA ILE E 233 49.78 46.53 11.36
C ILE E 233 51.23 46.09 11.23
N VAL E 234 51.51 45.24 10.25
CA VAL E 234 52.87 44.74 10.04
C VAL E 234 53.85 45.90 9.87
N GLY E 235 53.57 46.78 8.90
CA GLY E 235 54.38 47.95 8.64
C GLY E 235 54.71 48.78 9.86
N MET E 236 53.67 49.33 10.50
CA MET E 236 53.88 50.21 11.64
C MET E 236 54.58 49.52 12.81
N TYR E 237 54.63 48.19 12.81
CA TYR E 237 55.51 47.48 13.73
C TYR E 237 56.95 47.52 13.25
N SER E 238 57.18 47.24 11.98
CA SER E 238 58.52 47.05 11.45
C SER E 238 59.22 48.35 11.11
N VAL E 239 58.49 49.44 10.92
CA VAL E 239 59.01 50.62 10.25
C VAL E 239 58.80 51.85 11.12
N ALA E 240 59.87 52.62 11.33
CA ALA E 240 59.84 53.94 11.94
C ALA E 240 60.27 54.96 10.91
N ASP E 241 59.69 56.15 10.96
CA ASP E 241 59.87 57.09 9.86
C ASP E 241 61.33 57.52 9.73
N GLY E 242 61.88 57.34 8.54
CA GLY E 242 63.27 57.67 8.30
C GLY E 242 64.05 56.60 7.56
N ASP E 243 63.83 55.33 7.89
CA ASP E 243 64.60 54.28 7.23
C ASP E 243 63.90 53.84 5.95
N THR E 244 64.64 53.13 5.11
CA THR E 244 64.19 52.77 3.78
C THR E 244 63.46 51.43 3.82
N ILE E 245 62.52 51.24 2.89
CA ILE E 245 61.74 50.02 2.80
C ILE E 245 61.85 49.45 1.38
N LEU E 246 61.89 48.12 1.29
CA LEU E 246 61.87 47.41 0.01
C LEU E 246 60.44 47.05 -0.33
N VAL E 247 59.97 47.46 -1.51
CA VAL E 247 58.58 47.30 -1.90
C VAL E 247 58.51 46.52 -3.20
N ASP E 248 57.58 45.57 -3.24
CA ASP E 248 57.15 45.00 -4.52
C ASP E 248 56.46 46.08 -5.33
N ARG E 249 56.99 46.38 -6.52
CA ARG E 249 56.37 47.39 -7.36
C ARG E 249 54.91 47.07 -7.63
N ASN E 250 54.62 45.79 -7.90
CA ASN E 250 53.24 45.32 -8.06
C ASN E 250 52.69 44.89 -6.71
N CYS E 251 52.50 45.88 -5.84
CA CYS E 251 51.96 45.66 -4.50
C CYS E 251 50.51 46.09 -4.44
N HIS E 252 49.88 45.78 -3.31
CA HIS E 252 48.49 46.15 -3.09
C HIS E 252 48.34 47.65 -2.85
N LYS E 253 47.14 48.15 -3.13
CA LYS E 253 46.69 49.48 -2.75
C LYS E 253 47.05 49.82 -1.31
N SER E 254 47.01 48.81 -0.42
CA SER E 254 47.19 49.06 1.01
C SER E 254 48.65 49.28 1.38
N VAL E 255 49.60 48.67 0.65
CA VAL E 255 51.01 48.92 0.90
C VAL E 255 51.33 50.40 0.75
N THR E 256 50.96 51.00 -0.39
CA THR E 256 51.09 52.43 -0.58
C THR E 256 50.39 53.20 0.53
N HIS E 257 49.16 52.80 0.87
CA HIS E 257 48.42 53.43 1.96
C HIS E 257 49.25 53.50 3.23
N LEU E 258 49.99 52.43 3.51
CA LEU E 258 50.88 52.41 4.68
C LEU E 258 52.02 53.41 4.51
N MET E 259 52.70 53.37 3.36
CA MET E 259 53.78 54.31 3.09
C MET E 259 53.35 55.76 3.25
N MET E 260 52.07 56.03 3.03
CA MET E 260 51.52 57.38 3.07
C MET E 260 51.29 57.90 4.49
N MET E 261 51.53 57.07 5.50
CA MET E 261 51.28 57.44 6.88
C MET E 261 52.52 57.38 7.75
N VAL E 262 53.66 56.98 7.19
CA VAL E 262 54.96 57.03 7.87
C VAL E 262 55.97 57.58 6.88
N ASP E 263 56.82 58.50 7.34
CA ASP E 263 57.77 59.15 6.45
C ASP E 263 58.89 58.19 6.05
N VAL E 264 58.65 57.40 5.00
CA VAL E 264 59.54 56.30 4.63
C VAL E 264 59.76 56.31 3.12
N ASN E 265 60.96 55.92 2.71
CA ASN E 265 61.33 55.94 1.30
C ASN E 265 61.40 54.53 0.73
N PRO E 266 60.70 54.27 -0.37
CA PRO E 266 60.76 52.94 -0.99
C PRO E 266 61.72 52.83 -2.17
N ILE E 267 62.32 51.65 -2.35
CA ILE E 267 62.82 51.23 -3.66
C ILE E 267 61.97 50.06 -4.10
N TYR E 268 61.49 50.11 -5.33
CA TYR E 268 60.58 49.08 -5.83
C TYR E 268 61.37 47.99 -6.56
N LEU E 269 60.90 46.75 -6.41
CA LEU E 269 61.49 45.60 -7.08
C LEU E 269 60.75 45.39 -8.40
N LYS E 270 61.43 45.70 -9.51
CA LYS E 270 60.85 45.63 -10.85
C LYS E 270 60.43 44.21 -11.21
N PRO E 271 59.12 43.94 -11.29
CA PRO E 271 58.66 42.61 -11.70
C PRO E 271 58.38 42.55 -13.19
N THR E 272 58.31 41.32 -13.69
CA THR E 272 58.05 41.08 -15.10
C THR E 272 56.55 41.05 -15.38
N ARG E 273 56.21 41.03 -16.66
CA ARG E 273 54.83 40.88 -17.11
C ARG E 273 54.85 40.57 -18.60
N ASN E 274 53.67 40.34 -19.17
CA ASN E 274 53.50 40.06 -20.59
C ASN E 274 52.50 41.05 -21.19
N ALA E 275 52.33 40.96 -22.50
CA ALA E 275 51.39 41.83 -23.21
C ALA E 275 49.98 41.74 -22.65
N TYR E 276 49.57 40.56 -22.19
CA TYR E 276 48.25 40.39 -21.59
C TYR E 276 48.03 41.31 -20.39
N GLY E 277 49.10 41.79 -19.78
CA GLY E 277 48.98 42.50 -18.52
C GLY E 277 48.82 41.59 -17.33
N ILE E 278 49.50 40.45 -17.35
CA ILE E 278 49.52 39.52 -16.22
C ILE E 278 50.73 39.82 -15.37
N ILE E 279 50.52 39.92 -14.05
CA ILE E 279 51.62 40.23 -13.15
C ILE E 279 52.57 39.05 -13.09
N GLY E 280 53.86 39.32 -13.23
CA GLY E 280 54.89 38.30 -13.19
C GLY E 280 55.67 38.30 -11.89
N GLY E 281 56.73 37.50 -11.88
CA GLY E 281 57.58 37.41 -10.72
C GLY E 281 58.73 38.39 -10.76
N ILE E 282 59.20 38.77 -9.58
CA ILE E 282 60.41 39.57 -9.44
C ILE E 282 61.61 38.64 -9.64
N PRO E 283 62.44 38.86 -10.66
CA PRO E 283 63.57 37.96 -10.89
C PRO E 283 64.53 37.96 -9.71
N LYS E 284 65.16 36.78 -9.49
CA LYS E 284 66.09 36.60 -8.38
C LYS E 284 67.14 37.71 -8.33
N LYS E 285 67.64 38.13 -9.49
CA LYS E 285 68.63 39.20 -9.56
C LYS E 285 68.24 40.40 -8.69
N GLU E 286 66.97 40.81 -8.76
CA GLU E 286 66.54 41.98 -8.01
C GLU E 286 66.72 41.83 -6.51
N PHE E 287 66.63 40.60 -5.99
CA PHE E 287 66.78 40.35 -4.57
C PHE E 287 68.23 40.34 -4.11
N LYS E 288 69.19 40.33 -5.04
CA LYS E 288 70.59 40.18 -4.66
C LYS E 288 71.08 41.40 -3.89
N ARG E 289 72.05 41.16 -3.00
CA ARG E 289 72.61 42.22 -2.18
C ARG E 289 73.13 43.38 -3.02
N GLU E 290 73.79 43.07 -4.15
CA GLU E 290 74.39 44.13 -4.96
C GLU E 290 73.33 44.97 -5.66
N THR E 291 72.27 44.34 -6.15
CA THR E 291 71.17 45.10 -6.77
C THR E 291 70.53 46.05 -5.76
N ILE E 292 70.36 45.59 -4.52
CA ILE E 292 69.74 46.43 -3.50
C ILE E 292 70.63 47.61 -3.15
N GLN E 293 71.88 47.32 -2.77
CA GLN E 293 72.83 48.38 -2.43
C GLN E 293 72.95 49.42 -3.54
N GLU E 294 72.96 48.96 -4.80
CA GLU E 294 73.08 49.89 -5.92
C GLU E 294 71.83 50.75 -6.05
N LYS E 295 70.64 50.12 -6.04
CA LYS E 295 69.41 50.87 -6.14
C LYS E 295 69.24 51.85 -4.99
N ILE E 296 69.83 51.54 -3.83
CA ILE E 296 69.82 52.50 -2.73
C ILE E 296 70.60 53.75 -3.10
N ASP E 297 71.86 53.56 -3.54
CA ASP E 297 72.67 54.66 -4.02
C ASP E 297 71.93 55.52 -5.04
N ASN E 298 71.12 54.89 -5.89
CA ASN E 298 70.49 55.61 -6.99
C ASN E 298 69.18 56.29 -6.59
N SER E 299 68.53 55.84 -5.51
CA SER E 299 67.33 56.51 -5.05
C SER E 299 67.63 57.92 -4.56
N ASN E 300 66.58 58.72 -4.41
CA ASN E 300 66.77 60.11 -3.99
C ASN E 300 67.05 60.21 -2.50
N ILE E 301 66.15 59.72 -1.65
CA ILE E 301 66.34 59.80 -0.20
C ILE E 301 67.22 58.66 0.28
N ALA E 302 66.70 57.43 0.18
CA ALA E 302 67.49 56.22 0.40
C ALA E 302 68.39 56.24 1.63
N ASP E 303 67.81 56.24 2.83
CA ASP E 303 68.59 56.22 4.06
C ASP E 303 69.71 55.18 4.02
N LYS E 304 69.34 53.90 3.95
CA LYS E 304 70.29 52.80 4.14
C LYS E 304 69.61 51.52 3.68
N TRP E 305 70.22 50.38 4.02
CA TRP E 305 69.64 49.08 3.70
C TRP E 305 68.23 48.98 4.29
N PRO E 306 67.25 48.49 3.53
CA PRO E 306 65.88 48.46 4.03
C PRO E 306 65.73 47.56 5.25
N GLU E 307 65.07 48.08 6.28
CA GLU E 307 64.67 47.27 7.43
C GLU E 307 63.43 46.45 7.15
N TYR E 308 62.65 46.84 6.14
CA TYR E 308 61.34 46.24 5.86
C TYR E 308 61.28 45.81 4.41
N ALA E 309 60.73 44.62 4.18
CA ALA E 309 60.49 44.13 2.83
C ALA E 309 59.05 43.68 2.70
N VAL E 310 58.43 44.01 1.57
CA VAL E 310 57.06 43.62 1.27
C VAL E 310 57.04 43.11 -0.17
N VAL E 311 56.81 41.82 -0.33
CA VAL E 311 56.65 41.19 -1.64
C VAL E 311 55.32 40.46 -1.67
N THR E 312 54.55 40.68 -2.74
CA THR E 312 53.25 40.04 -2.88
C THR E 312 53.42 38.65 -3.47
N ASN E 313 53.04 37.63 -2.70
CA ASN E 313 53.14 36.24 -3.13
C ASN E 313 51.95 35.48 -2.58
N SER E 314 51.11 34.94 -3.45
CA SER E 314 51.37 34.92 -4.90
C SER E 314 50.91 36.19 -5.60
N THR E 315 51.13 36.24 -6.91
CA THR E 315 50.55 37.30 -7.71
C THR E 315 49.04 37.12 -7.80
N TYR E 316 48.36 38.19 -8.22
CA TYR E 316 46.92 38.11 -8.46
C TYR E 316 46.58 36.94 -9.38
N ASP E 317 47.39 36.73 -10.42
CA ASP E 317 47.14 35.71 -11.42
C ASP E 317 47.84 34.39 -11.12
N GLY E 318 48.33 34.21 -9.89
CA GLY E 318 48.75 32.89 -9.43
C GLY E 318 50.14 32.43 -9.82
N ILE E 319 51.13 33.30 -9.73
CA ILE E 319 52.53 32.90 -9.81
C ILE E 319 53.13 32.91 -8.42
N LEU E 320 53.87 31.86 -8.07
CA LEU E 320 54.38 31.64 -6.73
C LEU E 320 55.90 31.76 -6.69
N TYR E 321 56.41 32.47 -5.69
CA TYR E 321 57.83 32.53 -5.41
C TYR E 321 58.26 31.37 -4.53
N ASN E 322 59.50 30.92 -4.74
CA ASN E 322 60.14 30.00 -3.80
C ASN E 322 60.57 30.81 -2.59
N THR E 323 59.89 30.61 -1.46
CA THR E 323 60.19 31.41 -0.27
C THR E 323 61.54 31.08 0.32
N ASP E 324 62.02 29.84 0.14
CA ASP E 324 63.35 29.48 0.63
C ASP E 324 64.43 30.23 -0.15
N THR E 325 64.33 30.22 -1.48
CA THR E 325 65.31 30.92 -2.30
C THR E 325 65.34 32.42 -2.04
N ILE E 326 64.20 33.00 -1.64
CA ILE E 326 64.15 34.43 -1.38
C ILE E 326 64.82 34.78 -0.06
N HIS E 327 64.45 34.07 1.01
CA HIS E 327 65.01 34.37 2.32
C HIS E 327 66.52 34.19 2.34
N ARG E 328 67.04 33.22 1.58
CA ARG E 328 68.48 33.06 1.46
C ARG E 328 69.14 34.30 0.88
N GLU E 329 68.44 35.02 0.00
CA GLU E 329 69.03 36.14 -0.73
C GLU E 329 68.73 37.50 -0.13
N LEU E 330 67.64 37.64 0.61
CA LEU E 330 67.19 38.94 1.12
C LEU E 330 67.61 39.07 2.58
N ASP E 331 68.67 39.84 2.83
CA ASP E 331 69.14 40.11 4.19
C ASP E 331 68.40 41.30 4.79
N VAL E 332 67.08 41.20 4.83
CA VAL E 332 66.21 42.16 5.50
C VAL E 332 65.52 41.43 6.65
N LYS E 333 65.61 42.01 7.85
CA LYS E 333 65.16 41.29 9.04
C LYS E 333 63.64 41.24 9.14
N LYS E 334 62.95 42.31 8.73
CA LYS E 334 61.49 42.34 8.73
C LYS E 334 61.02 42.23 7.29
N LEU E 335 60.83 41.01 6.82
CA LEU E 335 60.38 40.74 5.47
C LEU E 335 58.98 40.12 5.53
N HIS E 336 58.08 40.63 4.69
CA HIS E 336 56.64 40.45 4.87
C HIS E 336 56.04 40.04 3.53
N PHE E 337 55.62 38.78 3.42
CA PHE E 337 54.86 38.32 2.26
C PHE E 337 53.40 38.73 2.41
N ASP E 338 52.86 39.35 1.37
CA ASP E 338 51.43 39.71 1.33
C ASP E 338 50.66 38.55 0.70
N SER E 339 50.60 37.45 1.45
CA SER E 339 50.01 36.22 0.95
C SER E 339 48.49 36.22 1.08
N ALA E 340 47.84 37.24 0.53
CA ALA E 340 46.39 37.30 0.58
C ALA E 340 45.76 36.20 -0.28
N TRP E 341 46.39 35.87 -1.41
CA TRP E 341 45.82 34.96 -2.38
C TRP E 341 46.20 33.50 -2.12
N ILE E 342 46.90 33.20 -1.03
CA ILE E 342 47.29 31.82 -0.74
C ILE E 342 47.24 31.53 0.75
N PRO E 343 46.10 31.71 1.43
CA PRO E 343 46.03 31.24 2.83
C PRO E 343 46.06 29.73 2.95
N TYR E 344 45.65 29.02 1.89
CA TYR E 344 45.66 27.57 1.81
C TYR E 344 47.05 26.99 1.54
N ALA E 345 48.02 27.83 1.19
CA ALA E 345 49.34 27.38 0.74
C ALA E 345 49.92 26.29 1.64
N ILE E 346 49.87 26.50 2.96
CA ILE E 346 50.62 25.64 3.88
C ILE E 346 50.01 24.25 4.03
N PHE E 347 48.84 24.00 3.43
CA PHE E 347 48.10 22.77 3.67
C PHE E 347 48.23 21.73 2.56
N HIS E 348 48.87 22.06 1.44
CA HIS E 348 49.01 21.09 0.37
C HIS E 348 50.48 20.91 0.00
N PRO E 349 50.90 19.67 -0.31
CA PRO E 349 52.30 19.43 -0.67
C PRO E 349 52.80 20.21 -1.87
N ILE E 350 51.95 20.46 -2.88
CA ILE E 350 52.42 21.10 -4.11
C ILE E 350 52.95 22.51 -3.85
N TYR E 351 52.62 23.10 -2.70
CA TYR E 351 53.10 24.43 -2.33
C TYR E 351 54.31 24.36 -1.41
N LYS E 352 55.05 23.25 -1.44
CA LYS E 352 56.28 23.11 -0.67
C LYS E 352 57.23 24.27 -0.94
N HIS E 353 57.56 25.00 0.12
CA HIS E 353 58.51 26.13 0.05
C HIS E 353 57.98 27.27 -0.81
N LYS E 354 56.66 27.48 -0.81
CA LYS E 354 56.04 28.58 -1.53
C LYS E 354 55.18 29.45 -0.62
N SER E 355 55.21 29.20 0.69
CA SER E 355 54.53 30.03 1.68
C SER E 355 55.54 30.52 2.70
N ALA E 356 55.26 31.68 3.28
CA ALA E 356 56.18 32.29 4.24
C ALA E 356 56.44 31.39 5.43
N MET E 357 55.36 30.90 6.07
CA MET E 357 55.47 30.17 7.33
C MET E 357 56.29 28.90 7.22
N GLN E 358 56.66 28.47 6.01
CA GLN E 358 57.41 27.23 5.85
C GLN E 358 58.90 27.38 6.12
N ILE E 359 59.41 28.60 6.21
CA ILE E 359 60.84 28.85 6.38
C ILE E 359 61.13 29.19 7.84
N GLU E 360 62.26 28.70 8.35
CA GLU E 360 62.70 29.09 9.68
C GLU E 360 63.27 30.50 9.63
N PRO E 361 62.71 31.44 10.40
CA PRO E 361 63.32 32.78 10.48
C PRO E 361 64.82 32.72 10.75
N ARG E 362 65.58 33.45 9.93
CA ARG E 362 67.00 33.59 10.15
C ARG E 362 67.24 34.29 11.49
N PRO E 363 68.33 33.97 12.19
CA PRO E 363 68.59 34.56 13.51
C PRO E 363 68.26 36.05 13.62
N GLU E 364 67.38 36.37 14.56
CA GLU E 364 66.92 37.73 14.86
C GLU E 364 66.21 38.39 13.67
N HIS E 365 65.77 37.60 12.69
CA HIS E 365 64.97 38.11 11.59
C HIS E 365 63.52 37.67 11.77
N ILE E 366 62.59 38.56 11.44
CA ILE E 366 61.16 38.35 11.64
C ILE E 366 60.50 38.15 10.28
N ILE E 367 59.63 37.14 10.18
CA ILE E 367 58.87 36.87 8.97
C ILE E 367 57.42 37.24 9.22
N PHE E 368 56.78 37.82 8.20
CA PHE E 368 55.37 38.18 8.26
C PHE E 368 54.64 37.57 7.07
N GLU E 369 53.54 36.88 7.34
CA GLU E 369 52.59 36.46 6.32
C GLU E 369 51.22 37.02 6.66
N THR E 370 50.71 37.88 5.80
CA THR E 370 49.36 38.41 5.93
C THR E 370 48.47 37.69 4.90
N GLN E 371 47.40 37.07 5.39
CA GLN E 371 46.52 36.26 4.55
C GLN E 371 45.10 36.80 4.63
N SER E 372 44.45 36.89 3.47
CA SER E 372 43.04 37.25 3.38
C SER E 372 42.22 35.96 3.41
N THR E 373 41.73 35.60 4.61
CA THR E 373 41.03 34.33 4.76
C THR E 373 39.76 34.28 3.93
N HIS E 374 39.07 35.39 3.82
CA HIS E 374 37.83 35.44 3.05
C HIS E 374 38.08 35.33 1.56
N1 LLP E 375 46.63 42.35 -0.34
C2 LLP E 375 46.66 41.69 -1.52
C2' LLP E 375 47.98 41.21 -2.10
C3 LLP E 375 45.47 41.46 -2.22
O3 LLP E 375 45.50 40.79 -3.45
C4 LLP E 375 44.29 41.87 -1.70
C4' LLP E 375 42.99 41.63 -2.46
C5 LLP E 375 44.28 42.53 -0.51
C6 LLP E 375 45.46 42.77 0.18
C5' LLP E 375 42.95 43.02 0.07
OP4 LLP E 375 42.84 42.60 1.41
P LLP E 375 41.40 42.87 2.16
OP1 LLP E 375 41.44 44.18 2.90
OP2 LLP E 375 41.09 41.74 3.11
OP3 LLP E 375 40.32 42.94 1.10
N LLP E 375 39.29 35.71 1.13
CA LLP E 375 39.60 35.78 -0.28
CB LLP E 375 40.95 36.49 -0.47
CG LLP E 375 40.76 37.65 -1.46
CD LLP E 375 41.27 38.98 -0.89
CE LLP E 375 42.57 39.43 -1.56
NZ LLP E 375 42.28 40.59 -2.40
C LLP E 375 39.62 34.38 -0.91
O LLP E 375 39.09 34.22 -2.04
N LEU E 376 40.16 33.38 -0.22
CA LEU E 376 40.19 32.03 -0.79
C LEU E 376 40.00 30.89 0.22
N LEU E 377 39.55 31.22 1.43
CA LEU E 377 39.00 30.22 2.34
C LEU E 377 37.54 30.57 2.63
N ALA E 378 36.91 29.76 3.49
CA ALA E 378 35.51 29.95 3.85
C ALA E 378 35.45 30.81 5.10
N ALA E 379 35.30 32.12 4.90
CA ALA E 379 35.14 33.05 6.00
C ALA E 379 34.42 34.30 5.50
N PHE E 380 33.91 35.07 6.46
CA PHE E 380 33.24 36.32 6.13
C PHE E 380 34.25 37.32 5.58
N SER E 381 33.76 38.22 4.73
CA SER E 381 34.60 39.33 4.27
C SER E 381 35.08 40.14 5.46
N GLN E 382 36.14 40.92 5.23
CA GLN E 382 36.82 41.73 6.23
C GLN E 382 37.65 40.90 7.19
N SER E 383 37.68 39.58 7.05
CA SER E 383 38.39 38.69 7.98
C SER E 383 39.75 38.32 7.40
N SER E 384 40.79 38.50 8.21
CA SER E 384 42.16 38.30 7.76
C SER E 384 43.00 37.82 8.94
N MET E 385 44.08 37.11 8.61
CA MET E 385 45.02 36.60 9.60
C MET E 385 46.36 37.29 9.44
N LEU E 386 47.10 37.41 10.54
CA LEU E 386 48.47 37.92 10.53
C LEU E 386 49.35 36.88 11.21
N HIS E 387 50.15 36.18 10.42
CA HIS E 387 51.08 35.18 10.93
C HIS E 387 52.49 35.75 10.96
N ILE E 388 53.17 35.59 12.09
CA ILE E 388 54.53 36.08 12.26
C ILE E 388 55.41 34.90 12.67
N LYS E 389 56.72 35.10 12.56
CA LYS E 389 57.67 34.02 12.82
C LYS E 389 58.96 34.60 13.37
N GLY E 390 59.49 33.97 14.41
CA GLY E 390 60.76 34.35 14.98
C GLY E 390 60.63 35.17 16.25
N ASP E 391 61.75 35.76 16.64
CA ASP E 391 61.76 36.66 17.79
C ASP E 391 60.99 37.92 17.46
N TYR E 392 60.05 38.28 18.33
CA TYR E 392 59.22 39.46 18.13
C TYR E 392 58.93 40.08 19.50
N ASN E 393 58.35 41.27 19.46
CA ASN E 393 58.08 42.05 20.67
C ASN E 393 56.57 42.23 20.78
N GLU E 394 55.95 41.46 21.68
CA GLU E 394 54.52 41.60 21.94
C GLU E 394 54.19 43.00 22.46
N GLU E 395 55.05 43.54 23.34
CA GLU E 395 54.81 44.85 23.94
C GLU E 395 54.55 45.93 22.90
N VAL E 396 55.19 45.84 21.74
CA VAL E 396 55.06 46.87 20.71
C VAL E 396 54.08 46.48 19.61
N LEU E 397 54.05 45.21 19.19
CA LEU E 397 53.08 44.83 18.16
C LEU E 397 51.66 44.89 18.68
N ASN E 398 51.46 44.61 19.98
CA ASN E 398 50.14 44.81 20.57
C ASN E 398 49.67 46.24 20.37
N GLU E 399 50.59 47.20 20.45
CA GLU E 399 50.26 48.58 20.12
C GLU E 399 49.98 48.75 18.63
N ALA E 400 50.80 48.12 17.78
CA ALA E 400 50.56 48.18 16.34
C ALA E 400 49.22 47.54 15.99
N PHE E 401 48.90 46.42 16.63
CA PHE E 401 47.57 45.83 16.49
C PHE E 401 46.49 46.81 16.94
N MET E 402 46.65 47.39 18.14
CA MET E 402 45.65 48.32 18.66
C MET E 402 45.54 49.59 17.82
N LEU E 403 46.60 49.94 17.08
CA LEU E 403 46.56 51.14 16.25
C LEU E 403 45.45 51.07 15.21
N HIS E 404 45.15 49.87 14.70
CA HIS E 404 44.19 49.72 13.61
C HIS E 404 42.94 48.93 13.98
N THR E 405 43.01 48.07 14.99
CA THR E 405 41.85 47.29 15.39
C THR E 405 40.87 48.14 16.18
N SER E 406 39.58 48.00 15.87
CA SER E 406 38.55 48.74 16.58
C SER E 406 38.36 48.18 17.98
N THR E 407 37.80 49.03 18.86
CA THR E 407 37.56 48.62 20.24
C THR E 407 36.32 47.75 20.38
N SER E 408 35.45 47.71 19.38
CA SER E 408 34.24 46.90 19.41
C SER E 408 34.21 46.00 18.18
N PRO E 409 35.05 44.97 18.15
CA PRO E 409 35.11 44.10 16.98
C PRO E 409 33.84 43.26 16.86
N PHE E 410 33.49 42.92 15.63
CA PHE E 410 32.26 42.22 15.33
C PHE E 410 32.51 40.73 15.53
N TYR E 411 32.00 40.18 16.63
CA TYR E 411 32.41 38.86 17.07
C TYR E 411 32.16 37.75 16.04
N PRO E 412 31.07 37.73 15.28
CA PRO E 412 30.93 36.71 14.23
C PRO E 412 32.10 36.66 13.25
N ILE E 413 32.73 37.79 12.95
CA ILE E 413 33.88 37.78 12.05
C ILE E 413 35.09 37.17 12.74
N VAL E 414 35.32 37.54 14.00
CA VAL E 414 36.33 36.88 14.82
C VAL E 414 36.14 35.36 14.79
N ALA E 415 34.92 34.91 15.08
CA ALA E 415 34.63 33.49 15.02
C ALA E 415 34.87 32.92 13.63
N SER E 416 34.46 33.65 12.59
CA SER E 416 34.51 33.13 11.23
C SER E 416 35.92 32.75 10.82
N VAL E 417 36.90 33.59 11.15
CA VAL E 417 38.28 33.31 10.73
C VAL E 417 38.84 32.15 11.53
N GLU E 418 38.54 32.10 12.83
CA GLU E 418 38.93 30.95 13.64
C GLU E 418 38.29 29.66 13.10
N THR E 419 37.01 29.73 12.73
CA THR E 419 36.35 28.56 12.16
C THR E 419 37.02 28.12 10.86
N ALA E 420 37.46 29.10 10.05
CA ALA E 420 38.16 28.76 8.82
C ALA E 420 39.48 28.06 9.10
N ALA E 421 40.16 28.43 10.19
CA ALA E 421 41.32 27.67 10.64
C ALA E 421 40.93 26.23 10.97
N ALA E 422 39.83 26.06 11.70
CA ALA E 422 39.38 24.72 12.06
C ALA E 422 39.01 23.90 10.83
N MET E 423 38.55 24.56 9.77
CA MET E 423 38.26 23.86 8.52
C MET E 423 39.52 23.27 7.92
N MET E 424 40.64 23.99 8.04
CA MET E 424 41.91 23.54 7.50
C MET E 424 42.63 22.60 8.46
N GLU E 425 42.26 22.61 9.73
CA GLU E 425 42.88 21.77 10.74
C GLU E 425 42.94 20.31 10.31
N GLY E 426 44.10 19.70 10.50
CA GLY E 426 44.26 18.30 10.20
C GLY E 426 44.21 18.00 8.71
N GLU E 427 44.11 16.71 8.41
CA GLU E 427 44.05 16.28 7.01
C GLU E 427 42.74 16.66 6.35
N GLN E 428 41.75 17.10 7.12
CA GLN E 428 40.60 17.83 6.58
C GLN E 428 41.05 18.86 5.54
N GLY E 429 41.97 19.74 5.94
CA GLY E 429 42.41 20.80 5.06
C GLY E 429 43.04 20.28 3.78
N TYR E 430 43.90 19.26 3.90
CA TYR E 430 44.51 18.68 2.71
C TYR E 430 43.47 18.26 1.69
N ASN E 431 42.47 17.49 2.12
CA ASN E 431 41.43 17.05 1.20
C ASN E 431 40.66 18.23 0.62
N LEU E 432 40.42 19.26 1.45
CA LEU E 432 39.69 20.43 0.97
C LEU E 432 40.41 21.12 -0.18
N ILE E 433 41.73 21.30 -0.05
CA ILE E 433 42.49 21.91 -1.12
C ILE E 433 42.69 20.94 -2.29
N ASP E 434 42.97 19.67 -1.99
CA ASP E 434 43.13 18.67 -3.03
C ASP E 434 41.94 18.62 -3.97
N LYS E 435 40.72 18.78 -3.42
CA LYS E 435 39.53 18.79 -4.26
C LYS E 435 39.55 19.96 -5.24
N THR E 436 39.69 21.18 -4.72
CA THR E 436 39.73 22.36 -5.59
C THR E 436 40.89 22.30 -6.57
N ILE E 437 41.99 21.66 -6.20
CA ILE E 437 43.12 21.51 -7.11
C ILE E 437 42.76 20.54 -8.23
N ASN E 438 42.29 19.34 -7.88
CA ASN E 438 41.92 18.35 -8.88
C ASN E 438 40.85 18.88 -9.81
N LEU E 439 39.89 19.64 -9.27
CA LEU E 439 38.84 20.23 -10.09
C LEU E 439 39.43 21.23 -11.10
N ALA E 440 40.31 22.11 -10.62
CA ALA E 440 40.95 23.09 -11.49
C ALA E 440 41.70 22.41 -12.65
N ILE E 441 42.56 21.46 -12.33
CA ILE E 441 43.32 20.76 -13.37
C ILE E 441 42.40 20.09 -14.37
N ASP E 442 41.31 19.49 -13.88
CA ASP E 442 40.33 18.89 -14.77
C ASP E 442 39.76 19.93 -15.73
N PHE E 443 39.36 21.09 -15.21
CA PHE E 443 38.84 22.16 -16.05
C PHE E 443 39.87 22.61 -17.08
N ARG E 444 41.12 22.76 -16.64
CA ARG E 444 42.20 23.11 -17.57
C ARG E 444 42.33 22.07 -18.66
N ARG E 445 42.46 20.79 -18.27
CA ARG E 445 42.65 19.72 -19.24
C ARG E 445 41.44 19.56 -20.14
N GLU E 446 40.24 19.67 -19.58
CA GLU E 446 39.03 19.54 -20.37
C GLU E 446 38.87 20.69 -21.36
N LEU E 447 39.49 21.84 -21.09
CA LEU E 447 39.34 22.99 -21.97
C LEU E 447 40.31 22.91 -23.15
N ILE E 448 41.53 22.44 -22.93
CA ILE E 448 42.45 22.24 -24.03
C ILE E 448 42.04 21.03 -24.86
N LYS E 449 41.43 20.03 -24.22
CA LYS E 449 40.85 18.92 -24.97
C LYS E 449 39.73 19.40 -25.90
N LEU E 450 39.01 20.45 -25.50
CA LEU E 450 38.03 21.04 -26.38
C LEU E 450 38.69 21.88 -27.47
N ARG E 451 39.79 22.56 -27.13
CA ARG E 451 40.53 23.32 -28.14
C ARG E 451 41.04 22.43 -29.25
N SER E 452 41.48 21.21 -28.91
CA SER E 452 41.94 20.27 -29.93
C SER E 452 40.83 19.97 -30.94
N GLU E 453 39.68 19.50 -30.45
CA GLU E 453 38.56 19.18 -31.33
C GLU E 453 38.00 20.42 -32.02
N ALA E 454 38.12 21.59 -31.39
CA ALA E 454 37.42 22.79 -31.85
C ALA E 454 37.79 23.15 -33.28
N ASN E 455 36.79 23.55 -34.06
CA ASN E 455 37.01 24.04 -35.40
C ASN E 455 37.38 25.52 -35.37
N GLY E 456 38.38 25.90 -36.17
CA GLY E 456 38.83 27.28 -36.20
C GLY E 456 39.36 27.74 -34.87
N TRP E 457 38.98 28.95 -34.48
CA TRP E 457 39.47 29.53 -33.24
C TRP E 457 38.79 28.87 -32.04
N PHE E 458 39.40 29.08 -30.86
CA PHE E 458 38.83 28.67 -29.59
C PHE E 458 39.62 29.36 -28.49
N PHE E 459 39.08 29.31 -27.27
CA PHE E 459 39.78 29.85 -26.12
C PHE E 459 41.05 29.06 -25.84
N ASP E 460 41.87 29.59 -24.94
CA ASP E 460 43.06 28.89 -24.48
C ASP E 460 43.25 29.15 -22.99
N VAL E 461 44.19 28.42 -22.40
CA VAL E 461 44.52 28.54 -20.99
C VAL E 461 45.95 29.02 -20.86
N TRP E 462 46.18 29.93 -19.91
CA TRP E 462 47.52 30.43 -19.62
C TRP E 462 48.22 29.40 -18.73
N GLN E 463 48.86 28.43 -19.37
CA GLN E 463 49.47 27.32 -18.66
C GLN E 463 50.52 26.69 -19.57
N PRO E 464 51.42 25.88 -19.01
CA PRO E 464 52.32 25.08 -19.86
C PRO E 464 51.56 24.16 -20.79
N ASP E 465 52.30 23.59 -21.74
CA ASP E 465 51.73 22.60 -22.64
C ASP E 465 51.51 21.27 -21.91
N ASN E 466 52.59 20.70 -21.38
CA ASN E 466 52.51 19.43 -20.65
C ASN E 466 52.10 19.72 -19.20
N ILE E 467 50.88 19.34 -18.85
CA ILE E 467 50.39 19.46 -17.48
C ILE E 467 49.95 18.08 -17.00
N SER E 468 50.62 17.04 -17.49
CA SER E 468 50.21 15.67 -17.18
C SER E 468 50.24 15.41 -15.68
N ASN E 469 51.35 15.75 -15.02
CA ASN E 469 51.49 15.48 -13.60
C ASN E 469 50.98 16.66 -12.78
N LYS E 470 50.48 16.33 -11.59
CA LYS E 470 49.71 17.27 -10.76
C LYS E 470 50.68 18.02 -9.85
N GLU E 471 51.21 19.13 -10.35
CA GLU E 471 52.14 19.96 -9.59
C GLU E 471 51.83 21.43 -9.84
N ALA E 472 52.36 22.29 -8.98
CA ALA E 472 52.45 23.71 -9.26
C ALA E 472 53.55 23.91 -10.29
N TRP E 473 53.17 24.02 -11.56
CA TRP E 473 54.13 23.92 -12.65
C TRP E 473 55.14 25.07 -12.60
N LEU E 474 56.39 24.76 -12.92
CA LEU E 474 57.47 25.72 -12.82
C LEU E 474 57.68 26.41 -14.16
N LEU E 475 57.78 27.75 -14.12
CA LEU E 475 58.04 28.51 -15.33
C LEU E 475 59.47 28.30 -15.79
N ARG E 476 59.67 28.33 -17.10
CA ARG E 476 60.96 28.07 -17.71
C ARG E 476 61.24 29.12 -18.78
N ASN E 477 62.49 29.59 -18.81
CA ASN E 477 62.93 30.49 -19.87
C ASN E 477 62.54 29.98 -21.26
N ALA E 478 62.86 28.71 -21.53
CA ALA E 478 62.57 28.08 -22.81
C ALA E 478 61.16 28.36 -23.34
N ASP E 479 60.15 28.03 -22.55
CA ASP E 479 58.78 28.00 -23.04
C ASP E 479 58.21 29.41 -23.14
N LYS E 480 57.60 29.71 -24.30
CA LYS E 480 57.04 31.02 -24.58
C LYS E 480 55.60 31.17 -24.12
N TRP E 481 55.11 30.26 -23.28
CA TRP E 481 53.70 30.32 -22.88
C TRP E 481 53.44 31.46 -21.90
N HIS E 482 54.34 31.68 -20.95
CA HIS E 482 54.13 32.73 -19.96
C HIS E 482 54.48 34.12 -20.46
N GLY E 483 55.27 34.22 -21.52
CA GLY E 483 55.59 35.52 -22.11
C GLY E 483 56.36 36.44 -21.18
N PHE E 484 57.12 35.88 -20.25
CA PHE E 484 57.93 36.68 -19.34
C PHE E 484 59.38 36.66 -19.78
N LYS E 485 60.09 37.74 -19.48
CA LYS E 485 61.51 37.86 -19.79
C LYS E 485 62.35 37.53 -18.56
N ASN E 486 63.47 36.84 -18.79
CA ASN E 486 64.48 36.54 -17.78
C ASN E 486 63.87 35.99 -16.49
N VAL E 487 63.31 34.79 -16.61
CA VAL E 487 62.82 34.03 -15.46
C VAL E 487 63.90 33.02 -15.05
N ASP E 488 64.08 32.86 -13.75
CA ASP E 488 65.14 32.00 -13.25
C ASP E 488 64.69 30.54 -13.19
N GLY E 489 65.66 29.64 -13.27
CA GLY E 489 65.39 28.22 -13.14
C GLY E 489 64.92 27.87 -11.74
N ASP E 490 63.75 27.24 -11.64
CA ASP E 490 63.12 26.87 -10.37
C ASP E 490 62.98 28.09 -9.45
N PHE E 491 62.24 29.07 -9.92
CA PHE E 491 61.87 30.18 -9.04
C PHE E 491 60.39 30.51 -9.07
N LEU E 492 59.74 30.43 -10.23
CA LEU E 492 58.34 30.80 -10.38
C LEU E 492 57.50 29.56 -10.65
N SER E 493 56.44 29.38 -9.86
CA SER E 493 55.47 28.32 -10.07
C SER E 493 54.11 28.91 -10.40
N LEU E 494 53.28 28.13 -11.09
CA LEU E 494 51.92 28.53 -11.44
C LEU E 494 50.93 27.81 -10.52
N ASP E 495 50.09 28.58 -9.85
CA ASP E 495 49.07 28.04 -8.97
C ASP E 495 47.94 27.43 -9.80
N PRO E 496 47.74 26.11 -9.77
CA PRO E 496 46.72 25.49 -10.63
C PRO E 496 45.33 26.08 -10.49
N ILE E 497 44.89 26.38 -9.27
CA ILE E 497 43.50 26.72 -9.02
C ILE E 497 43.09 28.08 -9.58
N LYS E 498 44.04 28.89 -10.03
CA LYS E 498 43.74 30.20 -10.59
C LYS E 498 43.83 30.10 -12.12
N ILE E 499 42.66 30.02 -12.76
CA ILE E 499 42.56 29.76 -14.19
C ILE E 499 42.44 31.09 -14.92
N THR E 500 43.40 31.37 -15.79
CA THR E 500 43.35 32.53 -16.68
C THR E 500 43.02 32.04 -18.09
N ILE E 501 41.85 32.40 -18.59
CA ILE E 501 41.43 32.05 -19.93
C ILE E 501 41.90 33.13 -20.89
N LEU E 502 42.33 32.72 -22.08
CA LEU E 502 42.89 33.63 -23.07
C LEU E 502 42.08 33.57 -24.35
N THR E 503 41.67 34.73 -24.84
CA THR E 503 40.93 34.90 -26.09
C THR E 503 41.88 35.33 -27.20
N PRO E 504 41.66 34.81 -28.41
CA PRO E 504 42.52 35.17 -29.54
C PRO E 504 42.71 36.68 -29.67
N GLY E 505 43.94 37.08 -30.02
CA GLY E 505 44.24 38.49 -30.16
C GLY E 505 45.65 38.86 -29.74
N ILE E 506 46.39 37.91 -29.16
CA ILE E 506 47.78 38.12 -28.77
C ILE E 506 48.60 36.97 -29.33
N LYS E 507 49.45 37.27 -30.32
CA LYS E 507 50.23 36.24 -31.00
C LYS E 507 51.51 35.90 -30.26
N ASP E 508 52.43 36.85 -30.18
CA ASP E 508 53.75 36.70 -29.60
C ASP E 508 54.01 37.82 -28.60
N ASN E 509 53.10 37.95 -27.65
CA ASN E 509 52.98 39.11 -26.74
C ASN E 509 53.12 40.42 -27.51
N ASP E 510 52.29 40.56 -28.55
CA ASP E 510 52.08 41.81 -29.26
C ASP E 510 50.71 41.74 -29.92
N VAL E 511 50.39 42.78 -30.68
CA VAL E 511 49.08 42.93 -31.30
C VAL E 511 48.84 41.80 -32.31
N GLN E 512 47.59 41.64 -32.73
CA GLN E 512 47.21 40.62 -33.69
C GLN E 512 46.29 41.19 -34.77
N ASP E 513 46.35 40.58 -35.94
CA ASP E 513 45.51 40.98 -37.07
C ASP E 513 44.03 40.82 -36.74
N TRP E 514 43.60 39.59 -36.50
CA TRP E 514 42.24 39.29 -36.08
C TRP E 514 42.24 38.85 -34.62
N GLY E 515 41.17 39.20 -33.90
CA GLY E 515 41.02 38.77 -32.54
C GLY E 515 39.59 38.90 -32.07
N VAL E 516 39.39 38.59 -30.79
CA VAL E 516 38.09 38.70 -30.14
C VAL E 516 38.32 39.18 -28.71
N PRO E 517 38.14 40.47 -28.45
CA PRO E 517 38.49 41.01 -27.13
C PRO E 517 37.74 40.32 -26.00
N ALA E 518 38.40 40.23 -24.85
CA ALA E 518 37.83 39.55 -23.70
C ALA E 518 36.57 40.25 -23.19
N ASP E 519 36.46 41.56 -23.40
CA ASP E 519 35.32 42.31 -22.89
C ASP E 519 34.00 41.79 -23.47
N VAL E 520 34.01 41.38 -24.74
CA VAL E 520 32.80 40.85 -25.35
C VAL E 520 32.50 39.43 -24.90
N VAL E 521 33.45 38.77 -24.24
CA VAL E 521 33.20 37.48 -23.60
C VAL E 521 32.69 37.67 -22.17
N ALA E 522 33.36 38.54 -21.41
CA ALA E 522 32.91 38.88 -20.06
C ALA E 522 31.43 39.25 -20.03
N LYS E 523 31.02 40.15 -20.94
CA LYS E 523 29.62 40.53 -21.01
C LYS E 523 28.72 39.34 -21.31
N PHE E 524 29.19 38.41 -22.14
CA PHE E 524 28.39 37.24 -22.46
C PHE E 524 28.32 36.29 -21.27
N LEU E 525 29.42 36.16 -20.53
CA LEU E 525 29.37 35.42 -19.27
C LEU E 525 28.45 36.09 -18.27
N ASP E 526 28.39 37.43 -18.28
CA ASP E 526 27.51 38.14 -17.37
C ASP E 526 26.05 37.96 -17.74
N GLU E 527 25.73 38.04 -19.04
CA GLU E 527 24.37 37.75 -19.50
C GLU E 527 23.91 36.39 -19.02
N HIS E 528 24.80 35.40 -19.02
CA HIS E 528 24.47 34.05 -18.59
C HIS E 528 24.79 33.82 -17.11
N ASP E 529 24.81 34.88 -16.30
CA ASP E 529 24.96 34.78 -14.85
C ASP E 529 26.21 33.97 -14.47
N ILE E 530 27.37 34.58 -14.76
CA ILE E 530 28.67 34.05 -14.33
C ILE E 530 29.55 35.23 -13.93
N VAL E 531 30.07 35.19 -12.71
CA VAL E 531 30.85 36.29 -12.16
C VAL E 531 32.34 35.96 -12.31
N VAL E 532 33.07 36.84 -12.98
CA VAL E 532 34.50 36.69 -13.19
C VAL E 532 35.25 37.50 -12.14
N GLU E 533 36.40 36.99 -11.72
CA GLU E 533 37.24 37.70 -10.75
C GLU E 533 37.85 38.96 -11.38
N LYS E 534 38.38 38.82 -12.60
CA LYS E 534 39.10 39.90 -13.24
C LYS E 534 39.08 39.66 -14.74
N SER E 535 39.03 40.76 -15.50
CA SER E 535 38.96 40.69 -16.95
C SER E 535 40.05 41.57 -17.55
N GLY E 536 40.95 40.95 -18.30
CA GLY E 536 41.97 41.68 -19.03
C GLY E 536 41.47 42.07 -20.41
N PRO E 537 42.33 42.72 -21.19
CA PRO E 537 41.94 43.05 -22.58
C PRO E 537 41.80 41.82 -23.45
N TYR E 538 42.54 40.75 -23.16
CA TYR E 538 42.38 39.50 -23.89
C TYR E 538 42.44 38.29 -22.97
N SER E 539 42.37 38.48 -21.65
CA SER E 539 42.40 37.41 -20.69
C SER E 539 41.17 37.48 -19.79
N LEU E 540 41.00 36.43 -18.98
CA LEU E 540 39.86 36.30 -18.08
C LEU E 540 40.26 35.39 -16.94
N LEU E 541 40.08 35.83 -15.71
CA LEU E 541 40.55 35.12 -14.53
C LEU E 541 39.38 34.52 -13.76
N PHE E 542 39.35 33.20 -13.68
CA PHE E 542 38.46 32.47 -12.81
C PHE E 542 39.27 31.82 -11.71
N ILE E 543 38.84 31.97 -10.46
CA ILE E 543 39.53 31.43 -9.31
C ILE E 543 38.71 30.28 -8.75
N PHE E 544 39.20 29.05 -8.93
CA PHE E 544 38.55 27.86 -8.39
C PHE E 544 38.91 27.75 -6.91
N SER E 545 37.95 28.04 -6.04
CA SER E 545 38.13 27.96 -4.60
C SER E 545 37.41 26.73 -4.05
N LEU E 546 37.48 26.57 -2.74
CA LEU E 546 36.71 25.54 -2.05
C LEU E 546 35.21 25.79 -2.11
N GLY E 547 34.77 26.88 -2.74
CA GLY E 547 33.35 27.12 -2.94
C GLY E 547 32.94 26.91 -4.38
N THR E 548 33.69 26.08 -5.10
CA THR E 548 33.49 25.86 -6.53
C THR E 548 33.30 24.37 -6.76
N THR E 549 32.05 23.97 -7.00
CA THR E 549 31.74 22.58 -7.32
C THR E 549 31.98 22.31 -8.81
N LYS E 550 32.06 21.02 -9.14
CA LYS E 550 32.21 20.62 -10.54
C LYS E 550 31.04 21.14 -11.39
N ALA E 551 29.84 21.21 -10.81
CA ALA E 551 28.68 21.71 -11.53
C ALA E 551 28.93 23.13 -12.05
N LYS E 552 29.49 23.99 -11.19
CA LYS E 552 29.88 25.33 -11.61
C LYS E 552 30.79 25.29 -12.84
N SER E 553 31.80 24.42 -12.80
CA SER E 553 32.75 24.37 -13.91
C SER E 553 32.12 23.82 -15.18
N VAL E 554 31.18 22.89 -15.06
CA VAL E 554 30.46 22.43 -16.24
C VAL E 554 29.59 23.55 -16.80
N ARG E 555 28.94 24.33 -15.92
CA ARG E 555 28.23 25.52 -16.34
C ARG E 555 29.16 26.48 -17.09
N LEU E 556 30.36 26.70 -16.55
CA LEU E 556 31.32 27.58 -17.21
C LEU E 556 31.75 27.03 -18.56
N ILE E 557 32.02 25.73 -18.64
CA ILE E 557 32.36 25.11 -19.92
C ILE E 557 31.24 25.31 -20.92
N SER E 558 30.00 25.00 -20.52
CA SER E 558 28.89 24.98 -21.47
C SER E 558 28.61 26.37 -22.02
N VAL E 559 28.68 27.40 -21.19
CA VAL E 559 28.47 28.76 -21.69
C VAL E 559 29.65 29.22 -22.54
N LEU E 560 30.85 28.74 -22.26
CA LEU E 560 32.03 29.20 -22.98
C LEU E 560 31.97 28.80 -24.44
N ASN E 561 31.91 27.50 -24.73
CA ASN E 561 31.82 27.06 -26.11
C ASN E 561 30.49 27.44 -26.73
N LYS E 562 29.48 27.82 -25.93
CA LYS E 562 28.29 28.42 -26.50
C LYS E 562 28.59 29.81 -27.06
N PHE E 563 29.44 30.58 -26.36
CA PHE E 563 29.85 31.88 -26.90
C PHE E 563 30.50 31.72 -28.27
N LYS E 564 31.36 30.72 -28.43
CA LYS E 564 31.92 30.43 -29.74
C LYS E 564 30.83 30.06 -30.73
N GLN E 565 29.89 29.21 -30.31
CA GLN E 565 28.75 28.87 -31.16
C GLN E 565 28.02 30.12 -31.64
N MET E 566 27.68 31.03 -30.71
CA MET E 566 26.94 32.22 -31.11
C MET E 566 27.83 33.26 -31.78
N TYR E 567 29.16 33.19 -31.59
CA TYR E 567 30.05 34.12 -32.29
C TYR E 567 30.32 33.65 -33.71
N ASP E 568 30.57 32.35 -33.90
CA ASP E 568 30.61 31.81 -35.25
C ASP E 568 29.25 31.90 -35.94
N GLU E 569 28.17 31.87 -35.14
CA GLU E 569 26.84 32.11 -35.69
C GLU E 569 26.70 33.54 -36.20
N ASN E 570 27.42 34.48 -35.59
CA ASN E 570 27.29 35.91 -35.87
C ASN E 570 25.87 36.39 -35.59
N THR E 571 25.38 36.07 -34.39
CA THR E 571 24.05 36.50 -33.99
C THR E 571 24.05 38.01 -33.69
N LEU E 572 22.86 38.59 -33.79
CA LEU E 572 22.68 40.01 -33.52
C LEU E 572 23.11 40.34 -32.10
N VAL E 573 23.67 41.53 -31.92
CA VAL E 573 24.03 42.01 -30.59
C VAL E 573 22.79 42.09 -29.71
N GLU E 574 21.63 42.39 -30.30
CA GLU E 574 20.37 42.37 -29.58
C GLU E 574 20.10 41.00 -28.96
N LYS E 575 20.07 39.95 -29.79
CA LYS E 575 19.73 38.62 -29.32
C LYS E 575 20.83 37.98 -28.49
N MET E 576 22.08 38.40 -28.66
CA MET E 576 23.20 37.78 -27.96
C MET E 576 23.64 38.53 -26.71
N LEU E 577 23.70 39.87 -26.77
CA LEU E 577 24.10 40.69 -25.63
C LEU E 577 23.04 41.76 -25.39
N PRO E 578 21.83 41.35 -24.97
CA PRO E 578 20.74 42.34 -24.82
C PRO E 578 21.07 43.52 -23.93
N THR E 579 21.83 43.31 -22.86
CA THR E 579 22.18 44.43 -21.97
C THR E 579 23.04 45.46 -22.71
N LEU E 580 24.09 44.99 -23.39
CA LEU E 580 24.88 45.88 -24.23
C LEU E 580 24.02 46.56 -25.28
N TYR E 581 23.15 45.79 -25.93
CA TYR E 581 22.23 46.35 -26.92
C TYR E 581 21.34 47.42 -26.30
N ALA E 582 20.88 47.21 -25.06
CA ALA E 582 19.97 48.15 -24.43
C ALA E 582 20.64 49.47 -24.09
N GLU E 583 21.96 49.44 -23.83
CA GLU E 583 22.70 50.67 -23.54
C GLU E 583 22.53 51.70 -24.66
N ASP E 584 22.49 51.24 -25.90
CA ASP E 584 22.27 52.14 -27.02
C ASP E 584 21.69 51.35 -28.19
N PRO E 585 20.38 51.13 -28.24
CA PRO E 585 19.81 50.39 -29.39
C PRO E 585 19.89 51.17 -30.69
N LYS E 586 19.89 52.51 -30.63
CA LYS E 586 20.14 53.32 -31.82
C LYS E 586 21.46 52.95 -32.47
N PHE E 587 22.49 52.68 -31.67
CA PHE E 587 23.81 52.38 -32.23
C PHE E 587 23.91 50.93 -32.68
N TYR E 588 23.38 49.99 -31.90
CA TYR E 588 23.44 48.57 -32.21
C TYR E 588 22.20 48.10 -32.97
N GLU E 589 21.63 48.97 -33.80
CA GLU E 589 20.32 48.75 -34.42
C GLU E 589 20.20 47.35 -35.02
N ASP E 590 21.03 47.03 -36.00
CA ASP E 590 21.09 45.70 -36.60
C ASP E 590 22.48 45.11 -36.52
N MET E 591 23.32 45.63 -35.63
CA MET E 591 24.69 45.16 -35.50
C MET E 591 24.72 43.72 -35.02
N ARG E 592 25.68 42.95 -35.53
CA ARG E 592 25.91 41.58 -35.11
C ARG E 592 27.17 41.51 -34.25
N ILE E 593 27.31 40.39 -33.54
CA ILE E 593 28.36 40.26 -32.53
C ILE E 593 29.75 40.43 -33.13
N GLN E 594 29.97 39.89 -34.34
CA GLN E 594 31.29 39.95 -34.94
C GLN E 594 31.70 41.40 -35.24
N GLU E 595 30.76 42.20 -35.74
CA GLU E 595 31.04 43.61 -35.99
C GLU E 595 31.46 44.33 -34.71
N VAL E 596 30.69 44.15 -33.64
CA VAL E 596 31.01 44.79 -32.37
C VAL E 596 32.38 44.36 -31.87
N SER E 597 32.64 43.05 -31.87
CA SER E 597 33.92 42.55 -31.38
C SER E 597 35.09 43.04 -32.23
N GLU E 598 35.01 42.84 -33.56
CA GLU E 598 36.11 43.19 -34.44
C GLU E 598 36.40 44.69 -34.42
N ARG E 599 35.37 45.53 -34.27
CA ARG E 599 35.60 46.96 -34.17
C ARG E 599 36.38 47.31 -32.90
N LEU E 600 36.10 46.61 -31.81
CA LEU E 600 36.88 46.81 -30.59
C LEU E 600 38.31 46.31 -30.77
N HIS E 601 38.47 45.12 -31.36
CA HIS E 601 39.80 44.60 -31.66
C HIS E 601 40.56 45.53 -32.59
N GLN E 602 39.87 46.11 -33.57
CA GLN E 602 40.53 47.04 -34.50
C GLN E 602 41.05 48.27 -33.77
N TYR E 603 40.27 48.81 -32.83
CA TYR E 603 40.68 50.02 -32.12
C TYR E 603 41.83 49.74 -31.16
N MET E 604 41.94 48.51 -30.65
CA MET E 604 43.11 48.17 -29.85
C MET E 604 44.34 47.96 -30.72
N LYS E 605 44.17 47.32 -31.88
CA LYS E 605 45.26 47.22 -32.84
C LYS E 605 45.69 48.60 -33.35
N GLU E 606 44.72 49.49 -33.53
CA GLU E 606 45.04 50.85 -33.98
C GLU E 606 45.72 51.65 -32.87
N ALA E 607 45.20 51.55 -31.65
CA ALA E 607 45.85 52.20 -30.52
C ALA E 607 47.16 51.52 -30.14
N ASN E 608 47.39 50.29 -30.60
CA ASN E 608 48.59 49.53 -30.27
C ASN E 608 48.68 49.28 -28.77
N LEU E 609 47.53 48.93 -28.17
CA LEU E 609 47.41 48.92 -26.71
C LEU E 609 48.28 47.88 -26.03
N PRO E 610 48.33 46.59 -26.45
CA PRO E 610 49.05 45.57 -25.67
C PRO E 610 50.49 45.92 -25.33
N ASN E 611 51.32 46.18 -26.35
CA ASN E 611 52.71 46.55 -26.07
C ASN E 611 52.82 47.96 -25.48
N LEU E 612 51.80 48.80 -25.64
CA LEU E 612 51.75 50.05 -24.90
C LEU E 612 51.65 49.78 -23.40
N MET E 613 50.70 48.91 -23.00
CA MET E 613 50.62 48.49 -21.61
C MET E 613 51.88 47.77 -21.16
N TYR E 614 52.55 47.06 -22.08
CA TYR E 614 53.81 46.40 -21.77
C TYR E 614 54.87 47.40 -21.33
N HIS E 615 55.26 48.30 -22.23
CA HIS E 615 56.33 49.24 -21.93
C HIS E 615 55.94 50.28 -20.89
N ALA E 616 54.64 50.44 -20.61
CA ALA E 616 54.22 51.38 -19.58
C ALA E 616 54.66 50.88 -18.20
N PHE E 617 54.27 49.67 -17.83
CA PHE E 617 54.59 49.15 -16.51
C PHE E 617 55.99 48.58 -16.39
N ASN E 618 56.73 48.49 -17.50
CA ASN E 618 58.11 48.02 -17.46
C ASN E 618 59.12 49.14 -17.22
N VAL E 619 58.68 50.39 -17.22
CA VAL E 619 59.52 51.51 -16.82
C VAL E 619 59.06 51.97 -15.45
N LEU E 620 59.99 52.59 -14.72
CA LEU E 620 59.73 53.06 -13.37
C LEU E 620 60.03 54.55 -13.30
N PRO E 621 59.07 55.39 -12.94
CA PRO E 621 59.25 56.83 -13.09
C PRO E 621 60.10 57.44 -11.98
N GLU E 622 60.83 58.49 -12.35
CA GLU E 622 61.65 59.25 -11.42
C GLU E 622 60.87 59.61 -10.18
N GLN E 623 61.27 59.05 -9.04
CA GLN E 623 60.60 59.32 -7.77
C GLN E 623 61.13 60.64 -7.20
N GLN E 624 60.27 61.66 -7.19
CA GLN E 624 60.63 63.00 -6.75
C GLN E 624 60.47 63.18 -5.25
N LEU E 625 59.42 62.61 -4.67
CA LEU E 625 59.11 62.87 -3.27
C LEU E 625 58.45 61.65 -2.65
N ASN E 626 58.75 61.44 -1.36
CA ASN E 626 58.13 60.44 -0.50
C ASN E 626 56.63 60.38 -0.72
N PRO E 627 56.05 59.19 -0.90
CA PRO E 627 54.58 59.08 -0.94
C PRO E 627 53.91 59.73 0.27
N HIS E 628 54.47 59.52 1.46
CA HIS E 628 53.98 60.18 2.66
C HIS E 628 53.93 61.70 2.49
N ARG E 629 55.07 62.30 2.10
CA ARG E 629 55.15 63.75 2.00
C ARG E 629 54.30 64.29 0.85
N ALA E 630 54.11 63.51 -0.21
CA ALA E 630 53.21 63.91 -1.28
C ALA E 630 51.78 64.08 -0.77
N PHE E 631 51.29 63.10 -0.02
CA PHE E 631 49.98 63.21 0.60
C PHE E 631 49.92 64.39 1.56
N GLN E 632 50.98 64.59 2.34
CA GLN E 632 51.04 65.74 3.25
C GLN E 632 50.85 67.06 2.50
N LYS E 633 51.33 67.15 1.27
CA LYS E 633 51.14 68.37 0.49
C LYS E 633 49.68 68.58 0.12
N LEU E 634 48.90 67.50 -0.02
CA LEU E 634 47.47 67.64 -0.24
C LEU E 634 46.81 68.30 0.96
N LEU E 635 47.11 67.80 2.15
CA LEU E 635 46.61 68.38 3.39
C LEU E 635 47.01 69.85 3.50
N LYS E 636 48.32 70.11 3.47
CA LYS E 636 48.81 71.48 3.59
C LYS E 636 48.30 72.39 2.48
N GLY E 637 47.90 71.83 1.33
CA GLY E 637 47.25 72.59 0.29
C GLY E 637 48.10 72.89 -0.92
N LYS E 638 49.43 72.79 -0.81
CA LYS E 638 50.31 73.20 -1.90
C LYS E 638 50.23 72.20 -3.06
N VAL E 639 49.25 72.39 -3.94
CA VAL E 639 49.02 71.50 -5.07
C VAL E 639 48.08 72.19 -6.04
N LYS E 640 48.31 72.00 -7.35
CA LYS E 640 47.48 72.62 -8.38
C LYS E 640 47.03 71.56 -9.38
N LYS E 641 45.86 71.78 -9.98
CA LYS E 641 45.22 70.82 -10.86
C LYS E 641 45.48 71.21 -12.31
N VAL E 642 46.12 70.31 -13.05
CA VAL E 642 46.47 70.52 -14.46
C VAL E 642 46.03 69.30 -15.25
N PRO E 643 45.75 69.42 -16.55
CA PRO E 643 45.20 68.27 -17.30
C PRO E 643 46.22 67.13 -17.43
N LEU E 644 45.69 65.97 -17.81
CA LEU E 644 46.50 64.75 -17.90
C LEU E 644 47.68 64.93 -18.85
N ALA E 645 47.43 65.52 -20.02
CA ALA E 645 48.52 65.88 -20.93
C ALA E 645 49.64 66.61 -20.21
N GLU E 646 49.30 67.61 -19.42
CA GLU E 646 50.28 68.45 -18.74
C GLU E 646 50.87 67.80 -17.49
N LEU E 647 50.57 66.52 -17.24
CA LEU E 647 51.24 65.79 -16.17
C LEU E 647 52.72 65.59 -16.46
N TYR E 648 53.08 65.57 -17.75
CA TYR E 648 54.48 65.48 -18.17
C TYR E 648 55.34 66.48 -17.42
N GLU E 649 56.51 66.01 -16.96
CA GLU E 649 57.53 66.80 -16.28
C GLU E 649 57.06 67.34 -14.93
N HIS E 650 55.89 66.92 -14.45
CA HIS E 650 55.38 67.36 -13.17
C HIS E 650 55.33 66.19 -12.19
N THR E 651 55.14 66.52 -10.92
CA THR E 651 55.16 65.55 -9.83
C THR E 651 53.72 65.25 -9.42
N SER E 652 53.32 63.98 -9.55
CA SER E 652 51.96 63.60 -9.24
C SER E 652 51.71 63.66 -7.73
N ALA E 653 50.55 64.19 -7.36
CA ALA E 653 50.16 64.30 -5.96
C ALA E 653 49.37 63.11 -5.45
N VAL E 654 48.81 62.30 -6.34
CA VAL E 654 47.96 61.17 -5.96
C VAL E 654 48.31 59.96 -6.82
N MET E 655 47.85 58.79 -6.40
CA MET E 655 48.09 57.57 -7.14
C MET E 655 47.23 57.51 -8.39
N ILE E 656 47.82 57.03 -9.48
CA ILE E 656 47.10 56.79 -10.73
C ILE E 656 46.92 55.28 -10.88
N LEU E 657 45.71 54.86 -11.22
CA LEU E 657 45.34 53.45 -11.21
C LEU E 657 44.45 53.16 -12.41
N PRO E 658 45.04 52.77 -13.54
CA PRO E 658 44.24 52.49 -14.74
C PRO E 658 43.64 51.09 -14.72
N TYR E 659 42.40 51.01 -15.20
CA TYR E 659 41.74 49.74 -15.50
C TYR E 659 41.39 49.71 -16.97
N PRO E 660 42.00 48.83 -17.79
CA PRO E 660 42.98 47.79 -17.46
C PRO E 660 44.38 48.38 -17.15
N PRO E 661 45.27 47.58 -16.56
CA PRO E 661 45.12 46.18 -16.13
C PRO E 661 44.74 46.05 -14.67
N GLY E 662 44.41 47.16 -14.02
CA GLY E 662 44.14 47.15 -12.59
C GLY E 662 45.41 47.07 -11.78
N ILE E 663 46.36 47.95 -12.09
CA ILE E 663 47.67 47.97 -11.45
C ILE E 663 48.09 49.42 -11.25
N PRO E 664 48.64 49.78 -10.09
CA PRO E 664 49.17 51.14 -9.92
C PRO E 664 50.22 51.44 -10.98
N VAL E 665 50.04 52.56 -11.67
CA VAL E 665 51.01 53.01 -12.66
C VAL E 665 52.06 53.91 -12.04
N ILE E 666 51.61 54.88 -11.23
CA ILE E 666 52.49 55.78 -10.50
C ILE E 666 51.93 56.01 -9.10
N PHE E 667 52.83 56.17 -8.15
CA PHE E 667 52.49 56.47 -6.77
C PHE E 667 52.55 57.96 -6.52
N PRO E 668 51.95 58.45 -5.43
CA PRO E 668 52.11 59.86 -5.08
C PRO E 668 53.57 60.25 -4.89
N GLY E 669 53.93 61.41 -5.42
CA GLY E 669 55.28 61.94 -5.31
C GLY E 669 56.19 61.62 -6.46
N GLU E 670 55.83 60.68 -7.33
CA GLU E 670 56.66 60.35 -8.47
C GLU E 670 56.42 61.32 -9.62
N LYS E 671 57.40 61.42 -10.51
CA LYS E 671 57.38 62.39 -11.61
C LYS E 671 57.63 61.68 -12.93
N ILE E 672 56.88 62.09 -13.96
CA ILE E 672 57.05 61.58 -15.32
C ILE E 672 58.09 62.44 -16.03
N THR E 673 58.97 61.77 -16.80
CA THR E 673 59.94 62.47 -17.63
C THR E 673 59.95 61.86 -19.03
N GLU E 674 60.92 62.25 -19.85
CA GLU E 674 61.14 61.55 -21.13
C GLU E 674 61.30 60.05 -20.92
N GLU E 675 62.12 59.68 -19.93
CA GLU E 675 62.35 58.27 -19.61
C GLU E 675 61.03 57.53 -19.38
N SER E 676 60.11 58.13 -18.62
CA SER E 676 58.85 57.52 -18.26
C SER E 676 57.67 58.08 -19.06
N LYS E 677 57.94 58.60 -20.27
CA LYS E 677 56.87 59.08 -21.13
C LYS E 677 55.88 57.98 -21.47
N VAL E 678 56.36 56.74 -21.61
CA VAL E 678 55.57 55.58 -22.00
C VAL E 678 54.25 55.52 -21.25
N ILE E 679 54.29 55.72 -19.93
CA ILE E 679 53.10 55.56 -19.11
C ILE E 679 52.05 56.63 -19.44
N LEU E 680 52.50 57.86 -19.70
CA LEU E 680 51.53 58.92 -20.00
C LEU E 680 50.93 58.74 -21.38
N ASP E 681 51.71 58.22 -22.33
CA ASP E 681 51.15 57.86 -23.64
C ASP E 681 50.05 56.82 -23.48
N PHE E 682 50.33 55.75 -22.72
CA PHE E 682 49.33 54.72 -22.45
C PHE E 682 48.07 55.31 -21.82
N LEU E 683 48.25 56.21 -20.84
CA LEU E 683 47.11 56.84 -20.18
C LEU E 683 46.25 57.63 -21.17
N LEU E 684 46.87 58.59 -21.88
CA LEU E 684 46.12 59.41 -22.83
C LEU E 684 45.45 58.56 -23.90
N MET E 685 46.06 57.43 -24.27
CA MET E 685 45.42 56.50 -25.19
C MET E 685 44.15 55.91 -24.60
N LEU E 686 44.19 55.53 -23.32
CA LEU E 686 43.03 54.96 -22.66
C LEU E 686 41.81 55.88 -22.74
N GLU E 687 42.05 57.20 -22.79
CA GLU E 687 40.94 58.14 -22.95
C GLU E 687 40.24 57.95 -24.29
N LYS E 688 40.97 58.19 -25.39
CA LYS E 688 40.40 58.05 -26.73
C LYS E 688 39.73 56.69 -26.91
N ILE E 689 40.41 55.61 -26.51
CA ILE E 689 39.86 54.27 -26.73
C ILE E 689 38.67 54.01 -25.83
N GLY E 690 38.65 54.60 -24.62
CA GLY E 690 37.55 54.35 -23.71
C GLY E 690 36.26 55.01 -24.13
N SER E 691 36.34 56.13 -24.84
CA SER E 691 35.14 56.80 -25.34
C SER E 691 34.45 55.97 -26.41
N MET E 692 35.16 55.66 -27.49
CA MET E 692 34.61 55.33 -28.81
C MET E 692 33.43 54.36 -28.80
N LEU E 693 33.63 53.13 -28.34
CA LEU E 693 32.54 52.17 -28.51
C LEU E 693 31.64 52.18 -27.28
N PRO E 694 30.32 52.27 -27.46
CA PRO E 694 29.42 52.35 -26.31
C PRO E 694 29.32 51.00 -25.61
N GLY E 695 29.26 51.06 -24.27
CA GLY E 695 29.22 49.87 -23.45
C GLY E 695 30.57 49.32 -23.07
N PHE E 696 31.61 49.64 -23.82
CA PHE E 696 32.99 49.28 -23.49
C PHE E 696 33.69 50.55 -23.04
N ASP E 697 34.06 50.60 -21.76
CA ASP E 697 34.58 51.80 -21.13
C ASP E 697 35.97 51.55 -20.57
N THR E 698 36.61 52.63 -20.14
CA THR E 698 37.90 52.57 -19.44
C THR E 698 37.81 53.45 -18.20
N ASP E 699 38.61 53.12 -17.19
CA ASP E 699 38.63 53.86 -15.95
C ASP E 699 40.07 54.05 -15.50
N ILE E 700 40.36 55.22 -14.93
CA ILE E 700 41.66 55.55 -14.38
C ILE E 700 41.43 56.27 -13.05
N HIS E 701 41.67 55.57 -11.95
CA HIS E 701 41.50 56.18 -10.62
C HIS E 701 42.62 57.18 -10.36
N GLY E 702 42.25 58.36 -9.87
CA GLY E 702 43.22 59.37 -9.50
C GLY E 702 43.03 60.73 -10.15
N PRO E 703 42.76 60.77 -11.45
CA PRO E 703 42.39 62.03 -12.09
C PRO E 703 40.94 62.37 -11.81
N GLU E 704 40.50 63.50 -12.37
CA GLU E 704 39.15 64.00 -12.14
C GLU E 704 38.54 64.47 -13.45
N ARG E 705 37.38 63.92 -13.80
CA ARG E 705 36.64 64.37 -14.98
C ARG E 705 35.87 65.64 -14.63
N ALA E 706 36.17 66.71 -15.34
CA ALA E 706 35.61 68.02 -15.02
C ALA E 706 34.28 68.22 -15.75
N LYS E 707 33.71 69.42 -15.57
CA LYS E 707 32.58 69.87 -16.38
C LYS E 707 32.83 69.63 -17.86
N ASP E 708 33.90 70.22 -18.39
CA ASP E 708 34.24 70.10 -19.80
C ASP E 708 34.61 68.68 -20.23
N GLY E 709 34.67 67.73 -19.29
CA GLY E 709 35.06 66.37 -19.60
C GLY E 709 36.53 66.07 -19.46
N LYS E 710 37.38 67.02 -19.84
CA LYS E 710 38.83 66.86 -19.69
C LYS E 710 39.19 66.49 -18.26
N LEU E 711 40.23 65.65 -18.13
CA LEU E 711 40.61 65.06 -16.86
C LEU E 711 41.90 65.71 -16.38
N TYR E 712 41.82 66.49 -15.31
CA TYR E 712 42.99 67.09 -14.71
C TYR E 712 43.52 66.24 -13.57
N ILE E 713 44.84 66.19 -13.44
CA ILE E 713 45.51 65.63 -12.27
C ILE E 713 46.05 66.79 -11.45
N LYS E 714 46.01 66.61 -10.13
CA LYS E 714 46.57 67.60 -9.21
C LYS E 714 48.07 67.32 -9.04
N VAL E 715 48.89 68.34 -9.30
CA VAL E 715 50.34 68.20 -9.19
C VAL E 715 50.84 69.11 -8.08
N ILE E 716 52.04 68.79 -7.60
CA ILE E 716 52.47 69.25 -6.28
C ILE E 716 53.02 70.68 -6.36
N ASP E 717 52.98 71.35 -5.22
CA ASP E 717 53.48 72.72 -5.04
C ASP E 717 53.06 73.68 -6.15
#